data_6POF
#
_entry.id   6POF
#
_entity_poly.entity_id   1
_entity_poly.type   'polypeptide(L)'
_entity_poly.pdbx_seq_one_letter_code
;MSAKAISEQTGKELLYKFICTTSAIQNRFKYARVTPDTDWARLLQDHPWLLSQNLVVKPDQLIKRRGKLGLVGVNLTLDG
VKSWLKPRLGQEATVGKATGFLKNFLIEPFVPHSQAEEFYVCIYATREGDYVLFHHEGGVDVGDVDAKAQKLLVGVDEKL
NPEDIKKHLLVHAPEDKKEILASFISGLFNFYEDLYFTYLEINPLVVTKDGVYVLDLAAKVDATADYICKVKWGDIEFPP
PFGREAYPEEAYIADLDAKSGASLKLTLLNPKGRIWTMVAGGGASVVYSDTICDLGGVNELANYGEYSGAPSEQQTYDYA
KTILSLMTREKHPDGKILIIGGSIANFTNVAATFKGIVRAIRDYQGPLKEHEVTIFVRRGGPNYQEGLRVMGEVGKTTGI
PIHVFGTETHMTAIVGMALGHRPIPNQPPTAAHTANFLLNASGSTSTPAPSRTASFSESRADEVAPAKKAKPAMPQDSVP
SPRSLQGKSTTLFSRHTKAIVWGMQTRAVQGMLDFDYVCSRDEPSVAAMVYPFTGDHKQKFYWGHKEILIPVFKNMADAM
RKHPEVDVLINFASLRSAYDSTMETMNYAQIRTIAIIAEGIPEALTRKLIKKADQKGVTIIGPATVGGIKPGCFKIGNTG
GMLDNILASKLYRPGSVAYVSRSGGMSNELNNIISRTTDGVYEGVAIGGDRYPGSTFMDHVLRYQDTPGVKMIVVLGEIG
GTEEYKICRGIKEGRLTKPIVCWCIGTCATMFSSEVQFGHAGACANQASETAVAKNQALKEAGVFVPRSFDELGEIIQSV
YEDLVANGVIVPAQEVPPPTVPMDYSWARELGLIRKPASFMTSICDERGQELIYAGMPITEVFKEEMGIGGVLGLLWFQK
RLPKYSCQFIEMCLMVTADHGPAVSGAHNTIICARAGKDLVSSLTSGLLTIGDRFGGALDAAAKMFSKAFDSGIIPMEFV
NKMKKEGKLIMGIGHRVKSINNPDMRVQILKDYVRQHFPATPLLDYALEVEKITTSKKPNLILNVDGLIGVAFVDMLRNC
GSFTREEADEYIDIGALNGIFVLGRSMGFIGHYLDQKRLKQGLYRHPWDDISYVLPEHMSM
;
_entity_poly.pdbx_strand_id   A,B,C,D
#
# COMPACT_ATOMS: atom_id res chain seq x y z
N SER A 2 -20.09 -27.59 -51.30
CA SER A 2 -20.61 -28.29 -52.47
C SER A 2 -20.09 -27.64 -53.75
N ALA A 3 -20.14 -28.39 -54.85
CA ALA A 3 -19.71 -27.88 -56.15
C ALA A 3 -20.76 -26.91 -56.68
N LYS A 4 -20.48 -25.62 -56.53
CA LYS A 4 -21.38 -24.57 -57.00
C LYS A 4 -21.02 -24.20 -58.42
N ALA A 5 -22.03 -24.10 -59.27
CA ALA A 5 -21.80 -23.76 -60.66
C ALA A 5 -21.40 -22.30 -60.80
N ILE A 6 -20.50 -22.05 -61.74
CA ILE A 6 -19.95 -20.72 -61.99
C ILE A 6 -20.75 -20.11 -63.13
N SER A 7 -21.02 -18.81 -63.02
CA SER A 7 -21.49 -18.04 -64.17
C SER A 7 -20.40 -18.05 -65.24
N GLU A 8 -20.81 -18.35 -66.49
CA GLU A 8 -19.87 -18.64 -67.56
C GLU A 8 -19.07 -17.43 -68.01
N GLN A 9 -19.51 -16.22 -67.64
CA GLN A 9 -18.77 -15.00 -67.96
C GLN A 9 -17.45 -14.94 -67.20
N THR A 10 -17.50 -15.04 -65.86
CA THR A 10 -16.29 -14.83 -65.06
C THR A 10 -15.39 -16.06 -65.06
N GLY A 11 -15.93 -17.25 -65.35
CA GLY A 11 -15.08 -18.40 -65.54
C GLY A 11 -14.26 -18.30 -66.82
N LYS A 12 -14.83 -17.63 -67.83
CA LYS A 12 -14.09 -17.36 -69.05
C LYS A 12 -13.03 -16.30 -68.83
N GLU A 13 -13.26 -15.37 -67.90
CA GLU A 13 -12.25 -14.38 -67.57
C GLU A 13 -11.04 -15.04 -66.90
N LEU A 14 -11.29 -15.92 -65.93
CA LEU A 14 -10.21 -16.61 -65.24
C LEU A 14 -9.59 -17.70 -66.10
N LEU A 15 -10.23 -18.08 -67.21
CA LEU A 15 -9.63 -19.05 -68.12
C LEU A 15 -8.38 -18.50 -68.77
N TYR A 16 -8.51 -17.39 -69.51
CA TYR A 16 -7.37 -16.79 -70.20
C TYR A 16 -6.41 -16.11 -69.23
N LYS A 17 -6.83 -15.89 -67.99
CA LYS A 17 -6.01 -15.17 -67.01
C LYS A 17 -4.91 -16.04 -66.41
N PHE A 18 -5.15 -17.34 -66.26
CA PHE A 18 -4.21 -18.20 -65.55
C PHE A 18 -3.70 -19.38 -66.36
N ILE A 19 -4.42 -19.82 -67.41
CA ILE A 19 -3.98 -21.01 -68.12
C ILE A 19 -2.72 -20.70 -68.91
N CYS A 20 -1.84 -21.69 -68.99
CA CYS A 20 -0.52 -21.50 -69.59
CA CYS A 20 -0.52 -21.49 -69.58
C CYS A 20 -0.16 -22.74 -70.38
N THR A 21 0.07 -22.57 -71.67
CA THR A 21 0.43 -23.67 -72.55
C THR A 21 1.43 -23.16 -73.57
N THR A 22 1.92 -24.08 -74.42
CA THR A 22 2.89 -23.69 -75.43
C THR A 22 2.22 -22.99 -76.60
N SER A 23 1.01 -23.42 -76.98
CA SER A 23 0.29 -22.82 -78.08
C SER A 23 -0.28 -21.47 -77.67
N ALA A 24 -0.63 -20.67 -78.67
CA ALA A 24 -1.13 -19.32 -78.42
C ALA A 24 -2.59 -19.37 -77.99
N ILE A 25 -2.87 -18.82 -76.81
CA ILE A 25 -4.25 -18.61 -76.37
C ILE A 25 -4.67 -17.19 -76.76
N GLN A 26 -5.57 -17.10 -77.74
CA GLN A 26 -6.01 -15.80 -78.20
C GLN A 26 -7.25 -15.35 -77.44
N ASN A 27 -7.78 -14.19 -77.86
CA ASN A 27 -8.96 -13.55 -77.28
C ASN A 27 -8.83 -13.34 -75.78
N ARG A 28 -7.69 -12.80 -75.37
CA ARG A 28 -7.49 -12.46 -73.96
C ARG A 28 -8.40 -11.31 -73.58
N PHE A 29 -9.24 -11.54 -72.56
CA PHE A 29 -10.18 -10.59 -71.98
C PHE A 29 -11.19 -10.05 -72.98
N LYS A 30 -11.55 -10.83 -74.01
CA LYS A 30 -12.58 -10.43 -74.96
C LYS A 30 -13.91 -10.95 -74.44
N TYR A 31 -14.44 -10.25 -73.44
CA TYR A 31 -15.67 -10.62 -72.76
C TYR A 31 -16.53 -9.37 -72.62
N ALA A 32 -17.84 -9.55 -72.65
CA ALA A 32 -18.77 -8.44 -72.52
C ALA A 32 -20.06 -8.93 -71.87
N ARG A 33 -20.74 -8.02 -71.17
CA ARG A 33 -21.91 -8.36 -70.36
C ARG A 33 -23.04 -7.39 -70.65
N VAL A 34 -24.27 -7.90 -70.67
CA VAL A 34 -25.46 -7.07 -70.79
C VAL A 34 -26.49 -7.52 -69.75
N THR A 35 -27.30 -6.56 -69.31
CA THR A 35 -28.37 -6.75 -68.35
C THR A 35 -29.38 -5.65 -68.62
N PRO A 36 -30.62 -5.79 -68.12
CA PRO A 36 -31.57 -4.66 -68.18
C PRO A 36 -31.13 -3.43 -67.40
N ASP A 37 -30.15 -3.52 -66.50
CA ASP A 37 -29.63 -2.36 -65.79
C ASP A 37 -28.21 -2.03 -66.24
N THR A 38 -27.95 -2.08 -67.54
CA THR A 38 -26.78 -1.42 -68.11
C THR A 38 -27.24 -0.57 -69.30
N ASP A 39 -26.54 0.53 -69.53
CA ASP A 39 -26.80 1.40 -70.67
C ASP A 39 -25.74 1.19 -71.73
N TRP A 40 -26.18 1.28 -72.99
CA TRP A 40 -25.35 0.86 -74.13
C TRP A 40 -24.21 1.81 -74.43
N ALA A 41 -24.19 3.01 -73.83
CA ALA A 41 -23.13 3.96 -74.14
C ALA A 41 -21.81 3.58 -73.47
N ARG A 42 -21.86 2.85 -72.36
CA ARG A 42 -20.65 2.56 -71.61
C ARG A 42 -19.86 1.39 -72.23
N LEU A 43 -20.55 0.29 -72.51
CA LEU A 43 -19.88 -0.91 -73.02
C LEU A 43 -19.48 -0.77 -74.49
N LEU A 44 -20.13 0.13 -75.24
CA LEU A 44 -19.79 0.32 -76.64
C LEU A 44 -18.43 0.99 -76.80
N GLN A 45 -18.06 1.85 -75.86
CA GLN A 45 -16.84 2.63 -75.93
C GLN A 45 -15.66 1.96 -75.25
N ASP A 46 -15.89 1.33 -74.10
CA ASP A 46 -14.80 0.70 -73.36
C ASP A 46 -14.33 -0.59 -74.01
N HIS A 47 -15.22 -1.30 -74.72
CA HIS A 47 -14.89 -2.56 -75.36
C HIS A 47 -14.97 -2.38 -76.88
N PRO A 48 -13.88 -1.94 -77.53
CA PRO A 48 -13.98 -1.56 -78.94
C PRO A 48 -13.96 -2.72 -79.92
N TRP A 49 -13.67 -3.94 -79.46
CA TRP A 49 -13.52 -5.09 -80.35
C TRP A 49 -14.85 -5.73 -80.72
N LEU A 50 -15.98 -5.17 -80.30
CA LEU A 50 -17.28 -5.67 -80.76
C LEU A 50 -17.57 -5.25 -82.20
N LEU A 51 -17.17 -4.03 -82.56
CA LEU A 51 -17.65 -3.34 -83.75
C LEU A 51 -16.79 -3.60 -84.98
N SER A 52 -16.02 -4.69 -85.00
CA SER A 52 -15.15 -4.97 -86.12
C SER A 52 -15.30 -6.36 -86.70
N GLN A 53 -15.88 -7.31 -85.96
CA GLN A 53 -16.13 -8.66 -86.47
C GLN A 53 -17.52 -9.09 -86.03
N ASN A 54 -17.88 -10.32 -86.40
CA ASN A 54 -19.16 -10.89 -86.03
C ASN A 54 -19.21 -11.15 -84.52
N LEU A 55 -20.44 -11.16 -83.98
CA LEU A 55 -20.66 -11.34 -82.56
C LEU A 55 -21.66 -12.48 -82.34
N VAL A 56 -21.47 -13.23 -81.26
CA VAL A 56 -22.43 -14.24 -80.82
C VAL A 56 -22.79 -13.97 -79.36
N VAL A 57 -24.07 -14.12 -79.04
CA VAL A 57 -24.61 -13.82 -77.72
C VAL A 57 -25.32 -15.06 -77.20
N LYS A 58 -25.04 -15.44 -75.94
CA LYS A 58 -25.56 -16.64 -75.32
C LYS A 58 -26.02 -16.33 -73.91
N PRO A 59 -27.04 -17.02 -73.39
CA PRO A 59 -27.53 -16.70 -72.04
C PRO A 59 -26.62 -17.24 -70.96
N ASP A 60 -26.02 -16.32 -70.19
CA ASP A 60 -25.22 -16.66 -69.02
C ASP A 60 -26.12 -16.64 -67.78
N GLN A 61 -26.99 -17.65 -67.72
CA GLN A 61 -27.90 -17.83 -66.59
C GLN A 61 -28.04 -19.29 -66.23
N LEU A 62 -27.07 -20.12 -66.63
CA LEU A 62 -26.97 -21.55 -66.33
C LEU A 62 -28.21 -22.30 -66.86
N ILE A 63 -28.28 -22.36 -68.19
CA ILE A 63 -29.23 -23.21 -68.90
C ILE A 63 -28.38 -24.07 -69.81
N LYS A 64 -28.69 -25.37 -69.90
CA LYS A 64 -27.88 -26.30 -70.66
C LYS A 64 -28.52 -26.63 -72.00
N ARG A 65 -27.66 -26.87 -73.00
CA ARG A 65 -28.02 -27.26 -74.37
C ARG A 65 -28.94 -26.22 -75.02
N ARG A 66 -28.46 -24.97 -75.01
CA ARG A 66 -29.29 -23.84 -75.42
C ARG A 66 -29.36 -23.66 -76.92
N GLY A 67 -28.41 -24.21 -77.68
CA GLY A 67 -28.52 -24.20 -79.12
C GLY A 67 -29.66 -25.09 -79.60
N LYS A 68 -29.92 -26.17 -78.87
CA LYS A 68 -31.07 -27.03 -79.15
C LYS A 68 -32.38 -26.44 -78.63
N LEU A 69 -32.32 -25.34 -77.86
CA LEU A 69 -33.52 -24.64 -77.40
C LEU A 69 -33.83 -23.39 -78.21
N GLY A 70 -32.86 -22.89 -78.99
CA GLY A 70 -33.12 -21.74 -79.83
C GLY A 70 -33.18 -20.41 -79.10
N LEU A 71 -32.46 -20.27 -77.99
CA LEU A 71 -32.37 -19.01 -77.27
C LEU A 71 -30.97 -18.42 -77.31
N VAL A 72 -30.18 -18.78 -78.32
CA VAL A 72 -28.82 -18.26 -78.49
C VAL A 72 -28.80 -17.36 -79.72
N GLY A 73 -28.02 -16.28 -79.65
CA GLY A 73 -27.87 -15.38 -80.77
C GLY A 73 -26.71 -15.80 -81.65
N VAL A 74 -27.02 -16.46 -82.77
CA VAL A 74 -26.01 -17.13 -83.58
C VAL A 74 -25.65 -16.26 -84.79
N ASN A 75 -24.37 -15.87 -84.83
CA ASN A 75 -23.67 -15.33 -86.00
C ASN A 75 -24.34 -14.04 -86.53
N LEU A 76 -24.24 -13.00 -85.71
CA LEU A 76 -24.88 -11.73 -86.02
C LEU A 76 -23.92 -10.57 -85.80
N THR A 77 -24.33 -9.40 -86.28
CA THR A 77 -23.54 -8.19 -86.26
C THR A 77 -23.83 -7.37 -85.01
N LEU A 78 -23.36 -6.12 -85.00
CA LEU A 78 -23.50 -5.22 -83.85
C LEU A 78 -24.96 -4.95 -83.53
N ASP A 79 -25.69 -4.33 -84.45
CA ASP A 79 -27.11 -4.08 -84.23
C ASP A 79 -27.97 -5.30 -84.54
N GLY A 80 -27.36 -6.40 -85.01
CA GLY A 80 -28.12 -7.62 -85.19
C GLY A 80 -28.52 -8.26 -83.87
N VAL A 81 -27.62 -8.22 -82.88
CA VAL A 81 -27.92 -8.84 -81.60
C VAL A 81 -28.74 -7.91 -80.71
N LYS A 82 -28.62 -6.60 -80.89
CA LYS A 82 -29.39 -5.66 -80.08
C LYS A 82 -30.88 -5.73 -80.38
N SER A 83 -31.22 -5.84 -81.67
CA SER A 83 -32.61 -6.12 -82.04
C SER A 83 -33.01 -7.53 -81.62
N TRP A 84 -32.06 -8.47 -81.65
CA TRP A 84 -32.32 -9.81 -81.12
C TRP A 84 -32.50 -9.79 -79.61
N LEU A 85 -31.88 -8.83 -78.93
CA LEU A 85 -32.03 -8.67 -77.49
C LEU A 85 -33.24 -7.80 -77.12
N LYS A 86 -34.20 -7.61 -78.02
CA LYS A 86 -35.45 -6.95 -77.62
C LYS A 86 -36.35 -7.89 -76.82
N PRO A 87 -36.81 -9.08 -77.35
CA PRO A 87 -37.80 -9.84 -76.57
C PRO A 87 -37.18 -10.85 -75.62
N ARG A 88 -35.87 -10.75 -75.37
CA ARG A 88 -35.18 -11.79 -74.60
C ARG A 88 -34.41 -11.22 -73.42
N LEU A 89 -33.98 -9.96 -73.51
CA LEU A 89 -33.21 -9.31 -72.46
C LEU A 89 -34.17 -8.77 -71.39
N GLY A 90 -34.49 -9.62 -70.41
CA GLY A 90 -35.32 -9.22 -69.29
C GLY A 90 -36.73 -9.74 -69.33
N GLN A 91 -37.21 -10.23 -70.45
CA GLN A 91 -38.60 -10.61 -70.61
C GLN A 91 -38.87 -12.02 -70.07
N GLU A 92 -40.15 -12.34 -69.96
CA GLU A 92 -40.57 -13.68 -69.55
C GLU A 92 -40.33 -14.66 -70.68
N ALA A 93 -39.77 -15.83 -70.33
CA ALA A 93 -39.57 -16.90 -71.29
C ALA A 93 -39.54 -18.23 -70.55
N THR A 94 -39.60 -19.31 -71.33
CA THR A 94 -39.66 -20.66 -70.78
C THR A 94 -38.61 -21.53 -71.44
N VAL A 95 -37.82 -22.23 -70.62
CA VAL A 95 -36.99 -23.35 -71.07
C VAL A 95 -37.29 -24.54 -70.18
N GLY A 96 -37.22 -25.74 -70.77
CA GLY A 96 -37.43 -26.99 -70.06
C GLY A 96 -38.78 -27.14 -69.40
N LYS A 97 -38.79 -27.10 -68.07
CA LYS A 97 -40.01 -27.18 -67.28
C LYS A 97 -40.21 -25.96 -66.38
N ALA A 98 -39.57 -24.84 -66.68
CA ALA A 98 -39.56 -23.67 -65.80
C ALA A 98 -39.63 -22.38 -66.61
N THR A 99 -40.44 -21.44 -66.13
CA THR A 99 -40.53 -20.11 -66.70
C THR A 99 -39.67 -19.14 -65.90
N GLY A 100 -39.65 -17.89 -66.33
CA GLY A 100 -38.99 -16.85 -65.57
C GLY A 100 -38.42 -15.77 -66.48
N PHE A 101 -37.72 -14.84 -65.85
CA PHE A 101 -37.06 -13.75 -66.54
C PHE A 101 -35.68 -14.18 -67.02
N LEU A 102 -35.10 -13.40 -67.93
CA LEU A 102 -33.79 -13.67 -68.51
C LEU A 102 -33.02 -12.36 -68.57
N LYS A 103 -32.25 -12.06 -67.52
CA LYS A 103 -31.66 -10.74 -67.33
C LYS A 103 -30.14 -10.72 -67.52
N ASN A 104 -29.54 -11.81 -68.02
CA ASN A 104 -28.09 -11.84 -68.15
C ASN A 104 -27.70 -12.61 -69.41
N PHE A 105 -26.83 -12.02 -70.23
CA PHE A 105 -26.38 -12.62 -71.47
C PHE A 105 -24.90 -12.28 -71.69
N LEU A 106 -24.18 -13.19 -72.34
CA LEU A 106 -22.73 -13.07 -72.51
C LEU A 106 -22.38 -12.86 -73.98
N ILE A 107 -21.45 -11.95 -74.25
CA ILE A 107 -21.11 -11.53 -75.61
C ILE A 107 -19.64 -11.81 -75.88
N GLU A 108 -19.37 -12.57 -76.94
CA GLU A 108 -18.02 -12.85 -77.39
C GLU A 108 -18.00 -12.77 -78.91
N PRO A 109 -16.90 -12.32 -79.52
CA PRO A 109 -16.85 -12.26 -80.99
C PRO A 109 -16.79 -13.63 -81.64
N PHE A 110 -17.59 -13.79 -82.70
CA PHE A 110 -17.51 -14.97 -83.55
C PHE A 110 -16.20 -14.99 -84.33
N VAL A 111 -15.51 -16.12 -84.28
CA VAL A 111 -14.36 -16.38 -85.12
C VAL A 111 -14.68 -17.63 -85.93
N PRO A 112 -14.57 -17.59 -87.26
CA PRO A 112 -14.99 -18.74 -88.07
C PRO A 112 -14.06 -19.94 -87.90
N HIS A 113 -14.55 -21.09 -88.34
CA HIS A 113 -13.85 -22.36 -88.17
C HIS A 113 -14.36 -23.37 -89.19
N SER A 114 -13.82 -24.57 -89.14
CA SER A 114 -14.31 -25.71 -89.89
C SER A 114 -14.89 -26.74 -88.93
N GLN A 115 -15.61 -27.71 -89.49
CA GLN A 115 -16.18 -28.77 -88.67
C GLN A 115 -15.12 -29.71 -88.14
N ALA A 116 -14.01 -29.88 -88.86
CA ALA A 116 -12.91 -30.72 -88.40
C ALA A 116 -12.03 -30.03 -87.37
N GLU A 117 -12.28 -28.74 -87.11
CA GLU A 117 -11.58 -28.00 -86.06
C GLU A 117 -12.44 -27.81 -84.82
N GLU A 118 -13.63 -28.40 -84.78
CA GLU A 118 -14.47 -28.37 -83.61
C GLU A 118 -14.19 -29.61 -82.76
N PHE A 119 -14.13 -29.42 -81.44
CA PHE A 119 -13.71 -30.48 -80.55
C PHE A 119 -14.62 -30.54 -79.32
N TYR A 120 -14.56 -31.68 -78.63
CA TYR A 120 -15.22 -31.89 -77.36
C TYR A 120 -14.18 -32.33 -76.35
N VAL A 121 -14.10 -31.64 -75.22
CA VAL A 121 -13.23 -32.02 -74.12
C VAL A 121 -14.01 -31.90 -72.82
N CYS A 122 -13.76 -32.83 -71.89
CA CYS A 122 -14.45 -32.84 -70.61
C CYS A 122 -13.54 -33.41 -69.54
N ILE A 123 -13.57 -32.81 -68.35
CA ILE A 123 -12.86 -33.32 -67.18
C ILE A 123 -13.80 -33.22 -66.00
N TYR A 124 -14.11 -34.36 -65.37
CA TYR A 124 -14.97 -34.34 -64.19
C TYR A 124 -14.34 -35.14 -63.07
N ALA A 125 -14.77 -34.85 -61.85
CA ALA A 125 -14.21 -35.43 -60.64
C ALA A 125 -15.05 -36.61 -60.16
N THR A 126 -14.39 -37.73 -59.91
CA THR A 126 -14.99 -38.88 -59.25
C THR A 126 -14.29 -39.08 -57.91
N ARG A 127 -14.77 -40.05 -57.14
CA ARG A 127 -14.14 -40.35 -55.86
C ARG A 127 -12.80 -41.06 -56.06
N GLU A 128 -12.74 -42.00 -57.01
CA GLU A 128 -11.55 -42.80 -57.25
C GLU A 128 -10.55 -42.14 -58.19
N GLY A 129 -10.86 -40.95 -58.69
CA GLY A 129 -9.93 -40.25 -59.58
C GLY A 129 -10.67 -39.22 -60.41
N ASP A 130 -10.07 -38.87 -61.54
CA ASP A 130 -10.67 -37.95 -62.49
C ASP A 130 -10.72 -38.61 -63.86
N TYR A 131 -11.78 -38.32 -64.61
CA TYR A 131 -11.86 -38.67 -66.02
C TYR A 131 -11.40 -37.47 -66.84
N VAL A 132 -10.56 -37.72 -67.85
CA VAL A 132 -10.42 -36.78 -68.96
C VAL A 132 -11.16 -37.41 -70.14
N LEU A 133 -12.12 -36.68 -70.69
CA LEU A 133 -13.07 -37.22 -71.66
C LEU A 133 -13.06 -36.32 -72.88
N PHE A 134 -12.65 -36.88 -74.01
CA PHE A 134 -12.35 -36.10 -75.22
C PHE A 134 -12.95 -36.77 -76.45
N HIS A 135 -13.52 -35.96 -77.33
CA HIS A 135 -13.90 -36.39 -78.67
C HIS A 135 -13.45 -35.33 -79.68
N HIS A 136 -13.08 -35.80 -80.87
CA HIS A 136 -12.53 -34.95 -81.92
C HIS A 136 -13.61 -34.18 -82.69
N GLU A 137 -14.88 -34.30 -82.32
CA GLU A 137 -15.93 -33.42 -82.81
C GLU A 137 -16.83 -33.06 -81.63
N GLY A 138 -17.15 -31.78 -81.50
CA GLY A 138 -17.91 -31.26 -80.38
C GLY A 138 -19.13 -30.48 -80.80
N GLY A 139 -19.38 -29.39 -80.07
CA GLY A 139 -20.57 -28.60 -80.29
C GLY A 139 -21.77 -29.18 -79.55
N VAL A 140 -22.94 -28.70 -79.94
CA VAL A 140 -24.19 -29.16 -79.34
C VAL A 140 -24.63 -30.51 -79.89
N ASP A 141 -23.93 -31.06 -80.88
CA ASP A 141 -24.31 -32.32 -81.51
C ASP A 141 -23.60 -33.53 -80.92
N VAL A 142 -23.22 -33.49 -79.65
CA VAL A 142 -22.58 -34.67 -79.06
C VAL A 142 -23.61 -35.76 -78.76
N GLY A 143 -24.81 -35.38 -78.32
CA GLY A 143 -25.84 -36.36 -78.02
C GLY A 143 -25.48 -37.21 -76.82
N ASP A 144 -25.66 -38.52 -76.98
CA ASP A 144 -25.17 -39.48 -75.99
C ASP A 144 -23.65 -39.57 -76.08
N VAL A 145 -22.96 -38.81 -75.23
CA VAL A 145 -21.53 -38.60 -75.43
C VAL A 145 -20.68 -39.47 -74.51
N ASP A 146 -21.20 -39.88 -73.35
CA ASP A 146 -20.43 -40.69 -72.41
C ASP A 146 -20.23 -42.12 -72.90
N ALA A 147 -20.95 -42.55 -73.93
CA ALA A 147 -20.78 -43.88 -74.49
C ALA A 147 -19.94 -43.90 -75.77
N LYS A 148 -19.35 -42.77 -76.17
CA LYS A 148 -18.58 -42.71 -77.41
C LYS A 148 -17.19 -42.10 -77.29
N ALA A 149 -16.96 -41.17 -76.34
CA ALA A 149 -15.72 -40.41 -76.35
C ALA A 149 -14.57 -41.19 -75.74
N GLN A 150 -13.36 -40.63 -75.87
CA GLN A 150 -12.15 -41.27 -75.38
C GLN A 150 -12.00 -41.10 -73.87
N LYS A 151 -11.58 -42.16 -73.21
CA LYS A 151 -11.43 -42.20 -71.76
C LYS A 151 -9.96 -42.32 -71.39
N LEU A 152 -9.59 -41.69 -70.27
CA LEU A 152 -8.30 -41.95 -69.64
C LEU A 152 -8.45 -41.59 -68.16
N LEU A 153 -8.28 -42.56 -67.28
CA LEU A 153 -8.39 -42.33 -65.84
C LEU A 153 -7.09 -41.71 -65.33
N VAL A 154 -7.19 -40.52 -64.75
CA VAL A 154 -6.11 -39.91 -63.99
C VAL A 154 -6.50 -39.92 -62.52
N GLY A 155 -5.50 -40.13 -61.65
CA GLY A 155 -5.76 -40.26 -60.23
C GLY A 155 -5.44 -38.99 -59.45
N VAL A 156 -5.83 -39.02 -58.17
CA VAL A 156 -5.51 -37.92 -57.27
C VAL A 156 -4.02 -37.96 -56.91
N ASP A 157 -3.46 -36.76 -56.66
CA ASP A 157 -2.03 -36.55 -56.41
C ASP A 157 -1.16 -37.07 -57.55
N GLU A 158 -1.68 -37.01 -58.76
CA GLU A 158 -1.01 -37.59 -59.92
C GLU A 158 -0.95 -36.58 -61.04
N LYS A 159 0.14 -36.64 -61.80
CA LYS A 159 0.35 -35.77 -62.96
C LYS A 159 0.02 -36.52 -64.24
N LEU A 160 -0.27 -35.76 -65.29
CA LEU A 160 -0.68 -36.33 -66.56
C LEU A 160 0.47 -36.28 -67.55
N ASN A 161 0.76 -37.41 -68.18
CA ASN A 161 1.84 -37.51 -69.15
C ASN A 161 1.29 -37.30 -70.54
N PRO A 162 2.03 -36.63 -71.44
CA PRO A 162 1.61 -36.57 -72.85
C PRO A 162 1.68 -37.91 -73.56
N GLU A 163 2.50 -38.85 -73.06
CA GLU A 163 2.70 -40.12 -73.75
C GLU A 163 1.47 -41.03 -73.65
N ASP A 164 0.64 -40.85 -72.63
CA ASP A 164 -0.62 -41.58 -72.58
C ASP A 164 -1.68 -40.86 -73.38
N ILE A 165 -1.53 -39.55 -73.57
CA ILE A 165 -2.44 -38.79 -74.41
C ILE A 165 -2.26 -39.17 -75.88
N LYS A 166 -1.01 -39.31 -76.32
CA LYS A 166 -0.74 -39.67 -77.71
C LYS A 166 -1.12 -41.12 -78.00
N LYS A 167 -1.00 -42.00 -77.01
CA LYS A 167 -1.27 -43.42 -77.24
C LYS A 167 -2.72 -43.79 -77.01
N HIS A 168 -3.35 -43.27 -75.96
CA HIS A 168 -4.73 -43.62 -75.62
C HIS A 168 -5.73 -42.54 -76.02
N LEU A 169 -5.43 -41.28 -75.72
CA LEU A 169 -6.43 -40.23 -75.93
C LEU A 169 -6.47 -39.79 -77.39
N LEU A 170 -5.30 -39.66 -78.03
CA LEU A 170 -5.21 -39.18 -79.40
C LEU A 170 -5.04 -40.30 -80.42
N VAL A 171 -5.66 -41.46 -80.19
CA VAL A 171 -5.56 -42.56 -81.16
C VAL A 171 -6.61 -42.45 -82.26
N HIS A 172 -7.70 -41.71 -82.02
CA HIS A 172 -8.70 -41.43 -83.04
C HIS A 172 -8.74 -39.95 -83.42
N ALA A 173 -7.71 -39.19 -83.03
CA ALA A 173 -7.60 -37.76 -83.20
C ALA A 173 -6.87 -37.43 -84.51
N PRO A 174 -6.99 -36.20 -85.00
CA PRO A 174 -6.13 -35.78 -86.12
C PRO A 174 -4.66 -35.81 -85.77
N GLU A 175 -3.87 -36.42 -86.66
CA GLU A 175 -2.43 -36.51 -86.46
C GLU A 175 -1.75 -35.16 -86.66
N ASP A 176 -2.29 -34.33 -87.56
CA ASP A 176 -1.74 -33.00 -87.79
C ASP A 176 -2.03 -32.04 -86.65
N LYS A 177 -3.03 -32.35 -85.82
CA LYS A 177 -3.37 -31.53 -84.67
C LYS A 177 -2.94 -32.16 -83.35
N LYS A 178 -2.02 -33.12 -83.39
CA LYS A 178 -1.68 -33.85 -82.17
C LYS A 178 -0.80 -33.04 -81.24
N GLU A 179 -0.13 -32.01 -81.74
CA GLU A 179 0.64 -31.14 -80.86
C GLU A 179 -0.26 -30.13 -80.17
N ILE A 180 -1.16 -29.51 -80.93
CA ILE A 180 -1.99 -28.43 -80.39
C ILE A 180 -3.09 -28.99 -79.50
N LEU A 181 -3.44 -30.27 -79.67
CA LEU A 181 -4.38 -30.91 -78.75
C LEU A 181 -3.71 -31.22 -77.42
N ALA A 182 -2.64 -32.03 -77.45
CA ALA A 182 -2.05 -32.57 -76.24
C ALA A 182 -1.36 -31.50 -75.40
N SER A 183 -0.80 -30.46 -76.02
CA SER A 183 -0.17 -29.39 -75.25
C SER A 183 -1.21 -28.51 -74.58
N PHE A 184 -2.36 -28.30 -75.23
CA PHE A 184 -3.47 -27.60 -74.59
C PHE A 184 -4.07 -28.43 -73.46
N ILE A 185 -4.00 -29.76 -73.56
CA ILE A 185 -4.49 -30.62 -72.50
C ILE A 185 -3.60 -30.51 -71.27
N SER A 186 -2.28 -30.41 -71.48
CA SER A 186 -1.35 -30.28 -70.36
C SER A 186 -1.47 -28.92 -69.69
N GLY A 187 -1.92 -27.89 -70.43
CA GLY A 187 -2.17 -26.61 -69.81
C GLY A 187 -3.46 -26.56 -69.03
N LEU A 188 -4.47 -27.31 -69.47
CA LEU A 188 -5.74 -27.37 -68.75
C LEU A 188 -5.67 -28.34 -67.57
N PHE A 189 -4.73 -29.29 -67.60
CA PHE A 189 -4.60 -30.25 -66.51
C PHE A 189 -4.09 -29.58 -65.25
N ASN A 190 -3.04 -28.75 -65.37
CA ASN A 190 -2.60 -27.97 -64.22
C ASN A 190 -3.59 -26.87 -63.89
N PHE A 191 -4.39 -26.43 -64.86
CA PHE A 191 -5.50 -25.53 -64.59
C PHE A 191 -6.58 -26.23 -63.77
N TYR A 192 -6.79 -27.53 -64.01
CA TYR A 192 -7.83 -28.29 -63.30
C TYR A 192 -7.37 -28.76 -61.93
N GLU A 193 -6.15 -29.31 -61.84
CA GLU A 193 -5.74 -30.03 -60.64
C GLU A 193 -5.45 -29.08 -59.48
N ASP A 194 -4.59 -28.10 -59.70
CA ASP A 194 -4.12 -27.24 -58.63
C ASP A 194 -5.16 -26.23 -58.17
N LEU A 195 -6.16 -25.93 -58.99
CA LEU A 195 -7.20 -24.98 -58.64
C LEU A 195 -8.48 -25.65 -58.15
N TYR A 196 -8.45 -26.97 -57.96
CA TYR A 196 -9.48 -27.74 -57.25
C TYR A 196 -10.85 -27.65 -57.95
N PHE A 197 -10.83 -27.76 -59.28
CA PHE A 197 -12.06 -27.82 -60.06
C PHE A 197 -12.70 -29.19 -59.94
N THR A 198 -14.01 -29.25 -60.20
CA THR A 198 -14.75 -30.50 -60.08
C THR A 198 -15.30 -31.02 -61.40
N TYR A 199 -15.96 -30.19 -62.19
CA TYR A 199 -16.59 -30.65 -63.43
C TYR A 199 -16.36 -29.61 -64.51
N LEU A 200 -15.49 -29.91 -65.46
CA LEU A 200 -15.16 -29.00 -66.55
C LEU A 200 -15.41 -29.66 -67.88
N GLU A 201 -16.05 -28.92 -68.79
CA GLU A 201 -16.36 -29.38 -70.13
C GLU A 201 -16.37 -28.17 -71.05
N ILE A 202 -15.87 -28.33 -72.28
CA ILE A 202 -15.81 -27.25 -73.25
C ILE A 202 -16.54 -27.71 -74.51
N ASN A 203 -17.53 -26.93 -74.94
CA ASN A 203 -18.20 -27.17 -76.21
C ASN A 203 -18.78 -25.89 -76.77
N PRO A 204 -18.46 -25.51 -78.02
CA PRO A 204 -17.47 -26.20 -78.85
C PRO A 204 -16.06 -25.67 -78.66
N LEU A 205 -15.11 -26.58 -78.45
CA LEU A 205 -13.70 -26.22 -78.38
C LEU A 205 -13.18 -26.09 -79.82
N VAL A 206 -12.92 -24.86 -80.24
CA VAL A 206 -12.48 -24.59 -81.60
C VAL A 206 -10.95 -24.55 -81.57
N VAL A 207 -10.32 -25.58 -82.13
CA VAL A 207 -8.88 -25.53 -82.32
C VAL A 207 -8.63 -25.37 -83.81
N THR A 208 -8.55 -24.13 -84.27
CA THR A 208 -8.38 -23.83 -85.67
C THR A 208 -6.89 -23.77 -85.99
N LYS A 209 -6.56 -23.35 -87.22
CA LYS A 209 -5.17 -23.16 -87.58
C LYS A 209 -4.62 -21.81 -87.16
N ASP A 210 -5.44 -20.97 -86.51
CA ASP A 210 -4.95 -19.79 -85.82
C ASP A 210 -4.47 -20.11 -84.40
N GLY A 211 -5.04 -21.14 -83.78
CA GLY A 211 -4.66 -21.52 -82.44
C GLY A 211 -5.74 -22.31 -81.72
N VAL A 212 -5.99 -21.97 -80.46
CA VAL A 212 -7.04 -22.60 -79.66
C VAL A 212 -8.07 -21.54 -79.27
N TYR A 213 -9.34 -21.94 -79.27
CA TYR A 213 -10.45 -21.02 -79.01
C TYR A 213 -11.56 -21.75 -78.29
N VAL A 214 -12.25 -21.06 -77.40
CA VAL A 214 -13.42 -21.58 -76.72
C VAL A 214 -14.61 -20.71 -77.09
N LEU A 215 -15.67 -21.33 -77.63
CA LEU A 215 -16.88 -20.60 -77.95
C LEU A 215 -17.89 -20.62 -76.80
N ASP A 216 -17.93 -21.72 -76.03
CA ASP A 216 -18.75 -21.81 -74.83
C ASP A 216 -18.12 -22.82 -73.87
N LEU A 217 -18.28 -22.57 -72.58
CA LEU A 217 -17.61 -23.28 -71.50
C LEU A 217 -18.65 -23.92 -70.59
N ALA A 218 -18.21 -24.88 -69.77
CA ALA A 218 -19.04 -25.43 -68.71
C ALA A 218 -18.14 -25.79 -67.54
N ALA A 219 -18.47 -25.29 -66.35
CA ALA A 219 -17.58 -25.45 -65.19
C ALA A 219 -18.35 -25.66 -63.91
N LYS A 220 -17.78 -26.49 -63.02
CA LYS A 220 -18.21 -26.62 -61.64
C LYS A 220 -16.98 -26.70 -60.76
N VAL A 221 -16.86 -25.82 -59.77
CA VAL A 221 -15.73 -25.80 -58.85
C VAL A 221 -16.27 -25.97 -57.42
N ASP A 222 -15.43 -26.52 -56.55
CA ASP A 222 -15.73 -26.62 -55.14
C ASP A 222 -15.80 -25.23 -54.51
N ALA A 223 -16.64 -25.10 -53.49
CA ALA A 223 -16.74 -23.86 -52.75
C ALA A 223 -16.10 -23.93 -51.36
N THR A 224 -15.70 -25.11 -50.92
CA THR A 224 -15.13 -25.26 -49.59
C THR A 224 -13.67 -24.83 -49.53
N ALA A 225 -12.97 -24.82 -50.66
CA ALA A 225 -11.55 -24.51 -50.70
C ALA A 225 -11.27 -23.01 -50.78
N ASP A 226 -12.23 -22.16 -50.40
CA ASP A 226 -12.06 -20.72 -50.51
CA ASP A 226 -12.03 -20.73 -50.53
C ASP A 226 -11.06 -20.18 -49.49
N TYR A 227 -10.82 -20.94 -48.41
CA TYR A 227 -9.82 -20.54 -47.42
C TYR A 227 -8.40 -20.59 -47.98
N ILE A 228 -8.17 -21.35 -49.05
CA ILE A 228 -6.93 -21.21 -49.80
C ILE A 228 -7.10 -20.31 -51.02
N CYS A 229 -8.28 -20.30 -51.63
CA CYS A 229 -8.48 -19.72 -52.96
C CYS A 229 -9.33 -18.44 -52.91
N LYS A 230 -9.35 -17.72 -51.80
CA LYS A 230 -9.98 -16.41 -51.83
C LYS A 230 -9.10 -15.38 -52.53
N VAL A 231 -7.79 -15.47 -52.31
CA VAL A 231 -6.87 -14.48 -52.86
C VAL A 231 -6.66 -14.67 -54.36
N LYS A 232 -6.74 -15.89 -54.87
CA LYS A 232 -6.57 -16.12 -56.30
C LYS A 232 -7.84 -15.89 -57.09
N TRP A 233 -9.00 -16.31 -56.58
CA TRP A 233 -10.25 -16.08 -57.28
C TRP A 233 -10.75 -14.64 -57.16
N GLY A 234 -10.11 -13.82 -56.34
CA GLY A 234 -10.58 -12.46 -56.13
C GLY A 234 -11.87 -12.46 -55.34
N ASP A 235 -12.84 -11.70 -55.82
CA ASP A 235 -14.21 -11.78 -55.31
C ASP A 235 -15.03 -12.58 -56.32
N ILE A 236 -14.90 -13.90 -56.24
CA ILE A 236 -15.63 -14.78 -57.14
C ILE A 236 -17.09 -14.83 -56.71
N GLU A 237 -18.00 -14.82 -57.67
CA GLU A 237 -19.43 -14.86 -57.40
C GLU A 237 -20.05 -16.06 -58.10
N PHE A 238 -20.78 -16.87 -57.34
CA PHE A 238 -21.56 -17.97 -57.90
C PHE A 238 -23.03 -17.59 -57.86
N PRO A 239 -23.64 -17.19 -58.98
CA PRO A 239 -25.07 -16.91 -58.97
C PRO A 239 -25.88 -18.19 -58.89
N PRO A 240 -27.11 -18.13 -58.40
CA PRO A 240 -27.96 -19.32 -58.37
C PRO A 240 -28.40 -19.73 -59.77
N PRO A 241 -28.89 -20.97 -59.94
CA PRO A 241 -29.42 -21.38 -61.25
C PRO A 241 -30.67 -20.61 -61.65
N PHE A 242 -31.10 -20.89 -62.88
CA PHE A 242 -32.22 -20.17 -63.49
C PHE A 242 -33.53 -20.51 -62.80
N GLY A 243 -34.38 -19.50 -62.60
CA GLY A 243 -35.70 -19.70 -62.04
C GLY A 243 -36.46 -18.41 -61.78
N ARG A 244 -37.42 -18.47 -60.87
CA ARG A 244 -38.27 -17.33 -60.55
C ARG A 244 -37.54 -16.35 -59.63
N GLU A 245 -38.21 -15.25 -59.31
CA GLU A 245 -37.67 -14.22 -58.45
C GLU A 245 -38.08 -14.44 -57.00
N ALA A 246 -37.35 -13.80 -56.10
CA ALA A 246 -37.46 -14.08 -54.67
C ALA A 246 -38.59 -13.29 -54.02
N TYR A 247 -39.29 -13.94 -53.09
CA TYR A 247 -40.25 -13.28 -52.22
C TYR A 247 -39.52 -12.33 -51.27
N PRO A 248 -40.19 -11.27 -50.77
CA PRO A 248 -39.47 -10.25 -49.99
C PRO A 248 -38.97 -10.71 -48.63
N GLU A 249 -39.81 -11.35 -47.81
CA GLU A 249 -39.36 -11.80 -46.49
C GLU A 249 -38.56 -13.09 -46.57
N GLU A 250 -38.65 -13.80 -47.68
CA GLU A 250 -38.05 -15.12 -47.79
C GLU A 250 -36.54 -15.04 -48.03
N ALA A 251 -36.11 -14.09 -48.86
CA ALA A 251 -34.67 -13.84 -48.98
C ALA A 251 -34.11 -13.08 -47.79
N TYR A 252 -34.98 -12.49 -46.96
CA TYR A 252 -34.52 -11.74 -45.79
C TYR A 252 -33.98 -12.68 -44.72
N ILE A 253 -34.51 -13.90 -44.64
CA ILE A 253 -34.02 -14.89 -43.69
C ILE A 253 -32.59 -15.31 -44.05
N ALA A 254 -32.27 -15.33 -45.35
CA ALA A 254 -30.91 -15.62 -45.79
C ALA A 254 -29.94 -14.52 -45.40
N ASP A 255 -30.41 -13.30 -45.14
CA ASP A 255 -29.54 -12.28 -44.59
C ASP A 255 -29.24 -12.53 -43.11
N LEU A 256 -30.17 -13.20 -42.42
CA LEU A 256 -29.84 -13.67 -41.06
C LEU A 256 -28.95 -14.89 -41.12
N ASP A 257 -29.04 -15.67 -42.19
CA ASP A 257 -28.19 -16.84 -42.38
C ASP A 257 -26.72 -16.45 -42.52
N ALA A 258 -26.45 -15.33 -43.17
CA ALA A 258 -25.10 -14.84 -43.33
C ALA A 258 -24.56 -14.14 -42.10
N LYS A 259 -25.37 -13.97 -41.04
CA LYS A 259 -24.91 -13.30 -39.84
C LYS A 259 -24.13 -14.24 -38.94
N SER A 260 -24.76 -15.31 -38.46
CA SER A 260 -24.18 -16.21 -37.49
C SER A 260 -23.84 -17.55 -38.15
N GLY A 261 -23.25 -18.44 -37.36
CA GLY A 261 -22.97 -19.79 -37.82
C GLY A 261 -24.20 -20.66 -37.96
N ALA A 262 -25.31 -20.25 -37.38
CA ALA A 262 -26.57 -20.98 -37.51
C ALA A 262 -27.06 -20.92 -38.96
N SER A 263 -27.47 -22.08 -39.47
CA SER A 263 -27.85 -22.25 -40.86
C SER A 263 -29.36 -22.41 -40.95
N LEU A 264 -30.03 -21.35 -41.38
CA LEU A 264 -31.49 -21.28 -41.39
C LEU A 264 -31.94 -21.16 -42.84
N LYS A 265 -32.80 -22.08 -43.28
CA LYS A 265 -33.19 -22.12 -44.69
C LYS A 265 -34.71 -22.15 -44.79
N LEU A 266 -35.23 -21.42 -45.78
CA LEU A 266 -36.68 -21.26 -45.95
C LEU A 266 -37.03 -21.36 -47.42
N THR A 267 -37.87 -22.33 -47.77
CA THR A 267 -38.24 -22.63 -49.15
C THR A 267 -39.70 -23.02 -49.21
N LEU A 268 -40.52 -22.18 -49.86
CA LEU A 268 -41.93 -22.50 -50.03
C LEU A 268 -42.12 -23.42 -51.23
N LEU A 269 -43.25 -24.14 -51.22
CA LEU A 269 -43.77 -24.79 -52.42
C LEU A 269 -45.12 -24.21 -52.85
N ASN A 270 -45.97 -23.88 -51.88
CA ASN A 270 -47.26 -23.25 -52.13
C ASN A 270 -47.37 -22.04 -51.21
N PRO A 271 -47.65 -20.85 -51.75
CA PRO A 271 -47.76 -19.66 -50.88
C PRO A 271 -49.01 -19.63 -50.01
N LYS A 272 -49.99 -20.48 -50.24
CA LYS A 272 -51.21 -20.50 -49.44
C LYS A 272 -51.67 -21.91 -49.09
N GLY A 273 -50.74 -22.76 -48.62
CA GLY A 273 -51.11 -24.09 -48.21
C GLY A 273 -51.80 -24.12 -46.85
N ARG A 274 -52.02 -25.35 -46.35
CA ARG A 274 -52.58 -25.52 -45.02
C ARG A 274 -51.64 -26.26 -44.07
N ILE A 275 -50.76 -27.13 -44.57
CA ILE A 275 -49.76 -27.79 -43.75
C ILE A 275 -48.55 -26.86 -43.70
N TRP A 276 -48.25 -26.33 -42.52
CA TRP A 276 -47.13 -25.42 -42.32
C TRP A 276 -46.11 -26.07 -41.39
N THR A 277 -44.85 -26.07 -41.81
CA THR A 277 -43.79 -26.81 -41.13
C THR A 277 -42.80 -25.84 -40.50
N MET A 278 -42.42 -26.13 -39.25
CA MET A 278 -41.35 -25.43 -38.54
C MET A 278 -40.54 -26.51 -37.83
N VAL A 279 -39.50 -27.00 -38.51
CA VAL A 279 -38.83 -28.23 -38.16
C VAL A 279 -37.40 -27.92 -37.73
N ALA A 280 -36.94 -28.60 -36.68
CA ALA A 280 -35.58 -28.44 -36.18
C ALA A 280 -34.74 -29.65 -36.56
N GLY A 281 -33.59 -29.40 -37.18
CA GLY A 281 -32.69 -30.47 -37.58
C GLY A 281 -32.45 -30.55 -39.07
N GLY A 282 -31.27 -31.06 -39.45
CA GLY A 282 -30.91 -31.19 -40.85
C GLY A 282 -31.69 -32.26 -41.57
N GLY A 283 -31.52 -33.51 -41.15
CA GLY A 283 -32.19 -34.63 -41.79
C GLY A 283 -33.65 -34.80 -41.39
N ALA A 284 -34.21 -33.87 -40.63
CA ALA A 284 -35.60 -34.00 -40.19
C ALA A 284 -36.57 -33.40 -41.19
N SER A 285 -36.14 -32.38 -41.94
CA SER A 285 -37.07 -31.62 -42.77
C SER A 285 -37.37 -32.31 -44.10
N VAL A 286 -36.40 -33.03 -44.66
CA VAL A 286 -36.65 -33.75 -45.91
C VAL A 286 -37.41 -35.04 -45.65
N VAL A 287 -37.49 -35.47 -44.39
CA VAL A 287 -38.14 -36.73 -44.07
C VAL A 287 -39.60 -36.50 -43.66
N TYR A 288 -39.89 -35.38 -42.98
CA TYR A 288 -41.28 -34.99 -42.74
C TYR A 288 -42.02 -34.70 -44.04
N SER A 289 -41.38 -33.95 -44.94
CA SER A 289 -41.98 -33.65 -46.24
C SER A 289 -42.09 -34.90 -47.10
N ASP A 290 -41.27 -35.93 -46.85
CA ASP A 290 -41.44 -37.21 -47.49
C ASP A 290 -42.74 -37.89 -47.06
N THR A 291 -43.15 -37.66 -45.81
CA THR A 291 -44.37 -38.29 -45.32
C THR A 291 -45.62 -37.48 -45.65
N ILE A 292 -45.46 -36.22 -46.06
CA ILE A 292 -46.61 -35.41 -46.42
C ILE A 292 -47.05 -35.72 -47.86
N CYS A 293 -46.10 -35.83 -48.79
CA CYS A 293 -46.44 -36.21 -50.15
C CYS A 293 -46.88 -37.67 -50.25
N ASP A 294 -46.46 -38.52 -49.31
CA ASP A 294 -46.90 -39.90 -49.27
C ASP A 294 -48.35 -40.01 -48.81
N LEU A 295 -48.81 -39.05 -48.00
CA LEU A 295 -50.20 -39.01 -47.54
C LEU A 295 -51.06 -38.07 -48.38
N GLY A 296 -50.61 -37.73 -49.59
CA GLY A 296 -51.40 -36.96 -50.53
C GLY A 296 -51.29 -35.46 -50.40
N GLY A 297 -50.53 -34.95 -49.45
CA GLY A 297 -50.47 -33.52 -49.21
C GLY A 297 -49.42 -32.78 -50.01
N VAL A 298 -49.19 -33.19 -51.26
CA VAL A 298 -48.22 -32.49 -52.10
C VAL A 298 -48.79 -31.15 -52.57
N ASN A 299 -50.12 -31.02 -52.61
CA ASN A 299 -50.74 -29.81 -53.14
C ASN A 299 -50.80 -28.70 -52.10
N GLU A 300 -51.19 -29.02 -50.87
CA GLU A 300 -51.43 -28.01 -49.84
C GLU A 300 -50.31 -27.94 -48.81
N LEU A 301 -49.17 -28.54 -49.08
CA LEU A 301 -47.98 -28.27 -48.29
C LEU A 301 -47.46 -26.88 -48.65
N ALA A 302 -47.29 -26.03 -47.64
CA ALA A 302 -46.92 -24.65 -47.91
C ALA A 302 -45.42 -24.43 -47.96
N ASN A 303 -44.69 -24.90 -46.94
CA ASN A 303 -43.27 -24.61 -46.82
C ASN A 303 -42.51 -25.87 -46.43
N TYR A 304 -41.22 -25.88 -46.76
CA TYR A 304 -40.28 -26.80 -46.15
C TYR A 304 -39.05 -26.00 -45.78
N GLY A 305 -38.57 -26.18 -44.55
CA GLY A 305 -37.43 -25.43 -44.09
C GLY A 305 -36.97 -25.95 -42.74
N GLU A 306 -35.88 -25.35 -42.27
CA GLU A 306 -35.27 -25.79 -41.02
C GLU A 306 -34.46 -24.66 -40.44
N TYR A 307 -33.92 -24.91 -39.25
CA TYR A 307 -32.98 -24.02 -38.58
C TYR A 307 -31.99 -24.90 -37.85
N SER A 308 -30.70 -24.70 -38.11
CA SER A 308 -29.68 -25.59 -37.57
C SER A 308 -28.54 -24.72 -37.05
N GLY A 309 -27.44 -25.36 -36.65
CA GLY A 309 -26.26 -24.64 -36.22
C GLY A 309 -26.39 -23.93 -34.89
N ALA A 310 -26.97 -24.60 -33.88
CA ALA A 310 -27.27 -24.09 -32.53
C ALA A 310 -28.08 -22.80 -32.60
N PRO A 311 -29.37 -22.88 -32.90
CA PRO A 311 -30.14 -21.65 -33.16
C PRO A 311 -30.45 -20.87 -31.89
N SER A 312 -30.25 -19.56 -31.97
CA SER A 312 -30.46 -18.69 -30.82
C SER A 312 -31.94 -18.37 -30.67
N GLU A 313 -32.26 -17.63 -29.60
CA GLU A 313 -33.63 -17.17 -29.42
C GLU A 313 -34.01 -16.13 -30.45
N GLN A 314 -33.20 -15.07 -30.58
CA GLN A 314 -33.53 -13.96 -31.46
C GLN A 314 -33.52 -14.38 -32.92
N GLN A 315 -32.70 -15.37 -33.26
CA GLN A 315 -32.72 -15.90 -34.62
C GLN A 315 -33.88 -16.87 -34.83
N THR A 316 -34.38 -17.51 -33.76
CA THR A 316 -35.61 -18.28 -33.93
C THR A 316 -36.83 -17.45 -33.57
N TYR A 317 -36.63 -16.27 -32.95
CA TYR A 317 -37.73 -15.31 -32.87
C TYR A 317 -38.05 -14.74 -34.24
N ASP A 318 -37.02 -14.56 -35.07
CA ASP A 318 -37.23 -13.99 -36.40
C ASP A 318 -37.76 -15.04 -37.37
N TYR A 319 -37.23 -16.26 -37.30
CA TYR A 319 -37.69 -17.36 -38.14
C TYR A 319 -39.13 -17.74 -37.83
N ALA A 320 -39.55 -17.56 -36.58
CA ALA A 320 -40.95 -17.82 -36.24
C ALA A 320 -41.85 -16.68 -36.67
N LYS A 321 -41.54 -15.45 -36.25
CA LYS A 321 -42.45 -14.33 -36.43
C LYS A 321 -42.62 -13.90 -37.89
N THR A 322 -41.70 -14.29 -38.76
CA THR A 322 -41.87 -13.99 -40.18
C THR A 322 -42.95 -14.85 -40.80
N ILE A 323 -42.90 -16.17 -40.54
CA ILE A 323 -43.77 -17.09 -41.27
C ILE A 323 -45.17 -17.12 -40.67
N LEU A 324 -45.32 -16.83 -39.37
CA LEU A 324 -46.66 -16.64 -38.85
C LEU A 324 -47.27 -15.32 -39.29
N SER A 325 -46.44 -14.34 -39.69
CA SER A 325 -46.96 -13.15 -40.33
C SER A 325 -47.22 -13.37 -41.81
N LEU A 326 -46.52 -14.32 -42.43
CA LEU A 326 -46.77 -14.62 -43.84
C LEU A 326 -47.98 -15.52 -44.03
N MET A 327 -48.32 -16.32 -43.02
CA MET A 327 -49.47 -17.22 -43.11
C MET A 327 -50.77 -16.57 -42.69
N THR A 328 -50.79 -15.25 -42.49
CA THR A 328 -52.02 -14.55 -42.15
C THR A 328 -52.37 -13.45 -43.14
N ARG A 329 -51.72 -13.40 -44.30
CA ARG A 329 -52.09 -12.44 -45.33
C ARG A 329 -53.44 -12.79 -45.95
N GLU A 330 -53.59 -14.04 -46.40
CA GLU A 330 -54.85 -14.54 -46.93
C GLU A 330 -55.36 -15.66 -46.05
N LYS A 331 -56.67 -15.85 -46.09
CA LYS A 331 -57.35 -16.86 -45.29
C LYS A 331 -57.64 -18.10 -46.14
N HIS A 332 -58.21 -19.11 -45.50
CA HIS A 332 -58.62 -20.33 -46.17
C HIS A 332 -59.73 -21.00 -45.37
N PRO A 333 -60.88 -21.29 -45.99
CA PRO A 333 -61.94 -22.02 -45.27
C PRO A 333 -61.60 -23.45 -44.91
N ASP A 334 -60.64 -24.06 -45.61
CA ASP A 334 -60.10 -25.35 -45.19
C ASP A 334 -59.06 -25.21 -44.09
N GLY A 335 -58.74 -23.99 -43.68
CA GLY A 335 -57.91 -23.76 -42.52
C GLY A 335 -56.43 -23.94 -42.78
N LYS A 336 -55.70 -24.01 -41.68
CA LYS A 336 -54.26 -24.27 -41.71
C LYS A 336 -53.90 -25.20 -40.56
N ILE A 337 -52.77 -25.87 -40.69
CA ILE A 337 -52.23 -26.74 -39.65
C ILE A 337 -50.73 -26.46 -39.54
N LEU A 338 -50.26 -26.16 -38.33
CA LEU A 338 -48.85 -25.86 -38.09
C LEU A 338 -48.18 -27.12 -37.54
N ILE A 339 -47.04 -27.47 -38.13
CA ILE A 339 -46.26 -28.64 -37.73
C ILE A 339 -44.96 -28.17 -37.13
N ILE A 340 -44.75 -28.48 -35.84
CA ILE A 340 -43.49 -28.18 -35.16
C ILE A 340 -42.89 -29.49 -34.66
N GLY A 341 -42.02 -30.11 -35.46
CA GLY A 341 -41.36 -31.33 -35.08
C GLY A 341 -39.97 -31.08 -34.53
N GLY A 342 -39.16 -32.14 -34.54
CA GLY A 342 -37.81 -32.02 -34.06
C GLY A 342 -37.15 -33.35 -33.76
N SER A 343 -35.83 -33.41 -33.90
CA SER A 343 -35.07 -34.60 -33.58
C SER A 343 -34.39 -34.43 -32.22
N ILE A 344 -33.58 -35.40 -31.84
CA ILE A 344 -32.80 -35.34 -30.61
C ILE A 344 -31.66 -34.35 -30.82
N ALA A 345 -31.74 -33.21 -30.16
CA ALA A 345 -30.63 -32.26 -30.19
C ALA A 345 -29.56 -32.68 -29.20
N ASN A 346 -28.30 -32.48 -29.59
CA ASN A 346 -27.21 -32.93 -28.73
C ASN A 346 -26.98 -31.98 -27.57
N PHE A 347 -26.71 -30.71 -27.85
CA PHE A 347 -26.26 -29.82 -26.80
C PHE A 347 -26.96 -28.46 -26.74
N THR A 348 -28.12 -28.28 -27.36
CA THR A 348 -28.86 -27.06 -27.12
C THR A 348 -30.09 -27.33 -26.27
N ASN A 349 -30.51 -26.31 -25.52
CA ASN A 349 -31.69 -26.44 -24.68
C ASN A 349 -32.95 -26.36 -25.53
N VAL A 350 -33.99 -27.09 -25.10
CA VAL A 350 -35.25 -27.10 -25.84
C VAL A 350 -36.02 -25.80 -25.65
N ALA A 351 -36.39 -25.49 -24.41
CA ALA A 351 -37.37 -24.43 -24.18
C ALA A 351 -36.79 -23.05 -24.41
N ALA A 352 -35.49 -22.87 -24.21
CA ALA A 352 -34.86 -21.60 -24.53
C ALA A 352 -34.81 -21.39 -26.04
N THR A 353 -34.71 -22.48 -26.80
CA THR A 353 -34.89 -22.40 -28.24
C THR A 353 -36.35 -22.32 -28.63
N PHE A 354 -37.26 -22.58 -27.67
CA PHE A 354 -38.68 -22.35 -27.88
C PHE A 354 -39.17 -21.10 -27.17
N LYS A 355 -38.27 -20.35 -26.51
CA LYS A 355 -38.66 -19.08 -25.91
C LYS A 355 -38.98 -18.03 -26.97
N GLY A 356 -38.34 -18.11 -28.14
CA GLY A 356 -38.67 -17.19 -29.21
C GLY A 356 -39.99 -17.51 -29.87
N ILE A 357 -40.32 -18.80 -29.96
CA ILE A 357 -41.54 -19.18 -30.66
C ILE A 357 -42.75 -19.02 -29.74
N VAL A 358 -42.54 -18.96 -28.42
CA VAL A 358 -43.65 -18.65 -27.52
C VAL A 358 -43.84 -17.14 -27.44
N ARG A 359 -42.85 -16.37 -27.89
CA ARG A 359 -42.98 -14.92 -27.96
C ARG A 359 -43.56 -14.48 -29.30
N ALA A 360 -43.17 -15.13 -30.39
CA ALA A 360 -43.65 -14.75 -31.71
C ALA A 360 -45.12 -15.10 -31.90
N ILE A 361 -45.64 -16.09 -31.18
CA ILE A 361 -47.07 -16.36 -31.21
C ILE A 361 -47.82 -15.30 -30.42
N ARG A 362 -47.17 -14.68 -29.43
CA ARG A 362 -47.81 -13.65 -28.63
C ARG A 362 -48.01 -12.36 -29.39
N ASP A 363 -47.22 -12.13 -30.45
CA ASP A 363 -47.36 -10.90 -31.24
C ASP A 363 -48.51 -10.99 -32.24
N TYR A 364 -48.80 -12.19 -32.76
CA TYR A 364 -49.88 -12.40 -33.70
C TYR A 364 -50.85 -13.48 -33.23
N GLN A 365 -51.16 -13.51 -31.94
CA GLN A 365 -52.15 -14.45 -31.41
C GLN A 365 -53.55 -14.14 -31.89
N GLY A 366 -53.82 -12.90 -32.30
CA GLY A 366 -55.12 -12.51 -32.80
C GLY A 366 -55.55 -13.23 -34.05
N PRO A 367 -54.87 -12.98 -35.18
CA PRO A 367 -55.27 -13.66 -36.43
C PRO A 367 -54.93 -15.15 -36.46
N LEU A 368 -54.07 -15.64 -35.58
CA LEU A 368 -53.83 -17.08 -35.51
C LEU A 368 -55.01 -17.82 -34.91
N LYS A 369 -55.82 -17.13 -34.10
CA LYS A 369 -57.10 -17.69 -33.69
C LYS A 369 -58.09 -17.70 -34.85
N GLU A 370 -58.05 -16.69 -35.70
CA GLU A 370 -59.06 -16.50 -36.73
C GLU A 370 -58.82 -17.35 -37.97
N HIS A 371 -57.57 -17.71 -38.25
CA HIS A 371 -57.29 -18.60 -39.38
C HIS A 371 -57.55 -20.07 -39.04
N GLU A 372 -57.94 -20.37 -37.80
CA GLU A 372 -58.40 -21.68 -37.33
C GLU A 372 -57.33 -22.75 -37.54
N VAL A 373 -56.22 -22.55 -36.84
CA VAL A 373 -55.05 -23.40 -36.97
C VAL A 373 -55.03 -24.38 -35.79
N THR A 374 -54.50 -25.58 -36.05
CA THR A 374 -54.29 -26.60 -35.04
C THR A 374 -52.82 -27.00 -35.05
N ILE A 375 -52.18 -26.93 -33.89
CA ILE A 375 -50.72 -27.02 -33.80
C ILE A 375 -50.36 -28.32 -33.08
N PHE A 376 -49.31 -28.98 -33.55
CA PHE A 376 -48.74 -30.16 -32.93
C PHE A 376 -47.27 -29.91 -32.64
N VAL A 377 -46.81 -30.35 -31.46
CA VAL A 377 -45.41 -30.21 -31.07
C VAL A 377 -44.88 -31.55 -30.60
N ARG A 378 -43.75 -31.97 -31.17
CA ARG A 378 -43.03 -33.15 -30.73
C ARG A 378 -41.55 -32.89 -30.88
N ARG A 379 -40.83 -32.87 -29.75
CA ARG A 379 -39.46 -32.39 -29.71
C ARG A 379 -38.72 -33.12 -28.62
N GLY A 380 -37.47 -33.51 -28.92
CA GLY A 380 -36.69 -34.30 -27.98
C GLY A 380 -35.29 -33.74 -27.84
N GLY A 381 -34.66 -34.10 -26.72
CA GLY A 381 -33.32 -33.67 -26.41
C GLY A 381 -33.11 -33.37 -24.95
N PRO A 382 -32.28 -32.37 -24.65
CA PRO A 382 -31.97 -32.04 -23.25
C PRO A 382 -33.13 -31.31 -22.59
N ASN A 383 -33.83 -32.03 -21.69
CA ASN A 383 -34.97 -31.54 -20.90
C ASN A 383 -36.09 -31.01 -21.79
N TYR A 384 -36.66 -31.95 -22.56
CA TYR A 384 -37.72 -31.61 -23.50
C TYR A 384 -39.05 -31.37 -22.80
N GLN A 385 -39.29 -32.04 -21.66
CA GLN A 385 -40.63 -32.07 -21.08
C GLN A 385 -41.04 -30.74 -20.46
N GLU A 386 -40.10 -29.95 -19.96
CA GLU A 386 -40.46 -28.61 -19.51
C GLU A 386 -40.73 -27.69 -20.70
N GLY A 387 -40.06 -27.94 -21.82
CA GLY A 387 -40.45 -27.27 -23.05
C GLY A 387 -41.79 -27.73 -23.56
N LEU A 388 -42.14 -28.98 -23.28
CA LEU A 388 -43.44 -29.48 -23.68
C LEU A 388 -44.54 -28.96 -22.77
N ARG A 389 -44.25 -28.80 -21.47
CA ARG A 389 -45.27 -28.43 -20.51
C ARG A 389 -45.71 -26.98 -20.69
N VAL A 390 -44.75 -26.07 -20.87
CA VAL A 390 -45.07 -24.66 -21.01
C VAL A 390 -45.75 -24.41 -22.36
N MET A 391 -45.31 -25.12 -23.41
CA MET A 391 -45.91 -24.94 -24.73
C MET A 391 -47.31 -25.53 -24.80
N GLY A 392 -47.57 -26.59 -24.04
CA GLY A 392 -48.94 -27.07 -23.91
C GLY A 392 -49.81 -26.14 -23.10
N GLU A 393 -49.21 -25.40 -22.17
CA GLU A 393 -49.97 -24.45 -21.37
C GLU A 393 -50.34 -23.22 -22.18
N VAL A 394 -49.43 -22.73 -23.02
CA VAL A 394 -49.66 -21.48 -23.74
C VAL A 394 -50.71 -21.64 -24.83
N GLY A 395 -51.00 -22.87 -25.25
CA GLY A 395 -52.12 -23.10 -26.15
C GLY A 395 -53.45 -22.81 -25.51
N LYS A 396 -53.60 -23.15 -24.23
CA LYS A 396 -54.85 -22.88 -23.53
C LYS A 396 -55.03 -21.41 -23.19
N THR A 397 -53.93 -20.64 -23.15
CA THR A 397 -54.03 -19.22 -22.88
C THR A 397 -54.58 -18.47 -24.09
N THR A 398 -54.05 -18.75 -25.28
CA THR A 398 -54.51 -18.10 -26.49
C THR A 398 -55.80 -18.70 -27.04
N GLY A 399 -56.22 -19.87 -26.54
CA GLY A 399 -57.47 -20.47 -26.94
C GLY A 399 -57.38 -21.51 -28.04
N ILE A 400 -56.22 -21.67 -28.66
CA ILE A 400 -56.08 -22.61 -29.77
C ILE A 400 -55.54 -23.95 -29.25
N PRO A 401 -56.11 -25.07 -29.67
CA PRO A 401 -55.67 -26.37 -29.14
C PRO A 401 -54.33 -26.82 -29.71
N ILE A 402 -53.27 -26.78 -28.89
CA ILE A 402 -51.98 -27.30 -29.27
C ILE A 402 -51.81 -28.65 -28.60
N HIS A 403 -51.72 -29.70 -29.41
CA HIS A 403 -51.63 -31.07 -28.91
C HIS A 403 -50.16 -31.48 -28.89
N VAL A 404 -49.66 -31.79 -27.73
CA VAL A 404 -48.25 -32.06 -27.53
C VAL A 404 -47.98 -33.54 -27.71
N PHE A 405 -46.70 -33.88 -27.88
CA PHE A 405 -46.26 -35.26 -28.00
C PHE A 405 -44.81 -35.36 -27.56
N GLY A 406 -44.49 -36.44 -26.83
CA GLY A 406 -43.18 -36.65 -26.30
C GLY A 406 -42.32 -37.52 -27.18
N THR A 407 -41.18 -37.94 -26.62
CA THR A 407 -40.29 -38.84 -27.34
C THR A 407 -40.80 -40.26 -27.38
N GLU A 408 -41.75 -40.60 -26.51
CA GLU A 408 -42.34 -41.93 -26.47
C GLU A 408 -43.17 -42.25 -27.71
N THR A 409 -43.67 -41.25 -28.41
CA THR A 409 -44.39 -41.49 -29.65
C THR A 409 -43.42 -41.43 -30.83
N HIS A 410 -43.92 -41.81 -32.00
CA HIS A 410 -43.07 -41.85 -33.18
C HIS A 410 -42.87 -40.45 -33.73
N MET A 411 -41.81 -40.29 -34.53
CA MET A 411 -41.34 -38.96 -34.93
C MET A 411 -42.30 -38.31 -35.92
N THR A 412 -42.62 -38.99 -37.02
CA THR A 412 -43.54 -38.46 -38.01
C THR A 412 -44.99 -38.81 -37.72
N ALA A 413 -45.30 -39.21 -36.50
CA ALA A 413 -46.66 -39.61 -36.16
C ALA A 413 -47.63 -38.44 -36.15
N ILE A 414 -47.13 -37.24 -35.88
CA ILE A 414 -48.03 -36.10 -35.77
C ILE A 414 -48.55 -35.62 -37.11
N VAL A 415 -47.87 -35.92 -38.22
CA VAL A 415 -48.43 -35.56 -39.52
C VAL A 415 -49.50 -36.54 -39.92
N GLY A 416 -49.48 -37.76 -39.35
CA GLY A 416 -50.63 -38.63 -39.45
C GLY A 416 -51.78 -38.13 -38.60
N MET A 417 -51.47 -37.43 -37.50
CA MET A 417 -52.50 -36.85 -36.66
C MET A 417 -52.81 -35.41 -37.03
N ALA A 418 -52.06 -34.81 -37.95
CA ALA A 418 -52.40 -33.47 -38.43
C ALA A 418 -53.62 -33.51 -39.35
N LEU A 419 -53.53 -34.28 -40.44
CA LEU A 419 -54.61 -34.40 -41.41
C LEU A 419 -55.62 -35.48 -41.04
N GLY A 420 -55.52 -36.05 -39.84
CA GLY A 420 -56.51 -37.00 -39.38
C GLY A 420 -56.40 -38.38 -39.97
N HIS A 421 -55.19 -38.82 -40.35
CA HIS A 421 -55.01 -40.20 -40.77
C HIS A 421 -55.12 -41.18 -39.62
N ARG A 422 -54.91 -40.72 -38.39
CA ARG A 422 -54.99 -41.54 -37.21
C ARG A 422 -55.49 -40.69 -36.05
N PRO A 423 -56.18 -41.27 -35.08
CA PRO A 423 -56.66 -40.47 -33.94
C PRO A 423 -55.52 -40.09 -33.00
N ILE A 424 -55.84 -39.20 -32.07
CA ILE A 424 -54.86 -38.53 -31.22
C ILE A 424 -54.95 -39.12 -29.82
N PRO A 425 -53.94 -39.88 -29.36
CA PRO A 425 -53.92 -40.34 -27.96
C PRO A 425 -53.55 -39.22 -26.99
N GLY A 487 -5.20 -54.47 -44.71
CA GLY A 487 -4.53 -54.63 -43.43
C GLY A 487 -5.24 -53.93 -42.28
N LYS A 488 -6.53 -54.19 -42.13
CA LYS A 488 -7.34 -53.58 -41.08
C LYS A 488 -7.59 -54.58 -39.97
N SER A 489 -8.03 -54.07 -38.82
CA SER A 489 -8.60 -54.91 -37.79
C SER A 489 -10.05 -55.24 -38.11
N THR A 490 -10.65 -56.10 -37.28
CA THR A 490 -12.06 -56.42 -37.41
C THR A 490 -12.89 -55.87 -36.26
N THR A 491 -12.42 -56.04 -35.03
CA THR A 491 -13.08 -55.48 -33.85
C THR A 491 -12.44 -54.14 -33.55
N LEU A 492 -13.17 -53.06 -33.83
CA LEU A 492 -12.58 -51.73 -33.73
C LEU A 492 -12.44 -51.25 -32.30
N PHE A 493 -13.45 -51.49 -31.47
CA PHE A 493 -13.46 -50.98 -30.10
C PHE A 493 -13.81 -52.10 -29.14
N SER A 494 -13.47 -51.89 -27.87
CA SER A 494 -13.66 -52.91 -26.84
C SER A 494 -13.67 -52.22 -25.48
N ARG A 495 -13.67 -53.04 -24.43
CA ARG A 495 -13.58 -52.56 -23.05
C ARG A 495 -12.16 -52.13 -22.67
N HIS A 496 -11.18 -52.30 -23.55
CA HIS A 496 -9.80 -51.97 -23.26
C HIS A 496 -9.24 -50.96 -24.26
N THR A 497 -10.12 -50.22 -24.92
CA THR A 497 -9.72 -49.29 -25.96
C THR A 497 -9.31 -47.97 -25.33
N LYS A 498 -8.23 -47.38 -25.84
CA LYS A 498 -7.79 -46.05 -25.43
C LYS A 498 -7.59 -45.16 -26.64
N ALA A 499 -7.93 -43.89 -26.51
CA ALA A 499 -7.90 -42.96 -27.63
C ALA A 499 -7.36 -41.60 -27.20
N ILE A 500 -6.93 -40.81 -28.17
CA ILE A 500 -6.34 -39.50 -27.93
C ILE A 500 -7.02 -38.49 -28.84
N VAL A 501 -7.51 -37.41 -28.26
CA VAL A 501 -8.23 -36.36 -28.97
C VAL A 501 -7.24 -35.25 -29.32
N TRP A 502 -7.47 -34.60 -30.46
CA TRP A 502 -6.69 -33.45 -30.90
C TRP A 502 -7.56 -32.20 -30.81
N GLY A 503 -7.05 -31.17 -30.16
CA GLY A 503 -7.80 -29.92 -30.03
C GLY A 503 -8.40 -29.77 -28.65
N MET A 504 -8.32 -28.55 -28.12
CA MET A 504 -8.81 -28.24 -26.77
C MET A 504 -10.33 -28.21 -26.80
N GLN A 505 -10.92 -29.38 -26.60
CA GLN A 505 -12.37 -29.57 -26.66
C GLN A 505 -12.82 -30.30 -25.40
N THR A 506 -12.42 -29.73 -24.26
CA THR A 506 -12.46 -30.43 -22.97
C THR A 506 -13.87 -30.85 -22.54
N ARG A 507 -14.90 -30.15 -23.03
CA ARG A 507 -16.27 -30.55 -22.74
C ARG A 507 -16.58 -31.90 -23.38
N ALA A 508 -16.17 -32.07 -24.64
CA ALA A 508 -16.39 -33.36 -25.29
C ALA A 508 -15.48 -34.44 -24.73
N VAL A 509 -14.31 -34.05 -24.19
CA VAL A 509 -13.51 -35.00 -23.44
C VAL A 509 -14.22 -35.40 -22.16
N GLN A 510 -14.84 -34.42 -21.49
CA GLN A 510 -15.70 -34.75 -20.37
C GLN A 510 -16.95 -35.47 -20.84
N GLY A 511 -17.44 -35.12 -22.03
CA GLY A 511 -18.57 -35.83 -22.60
C GLY A 511 -18.26 -37.25 -23.02
N MET A 512 -16.98 -37.56 -23.18
CA MET A 512 -16.59 -38.95 -23.43
C MET A 512 -16.33 -39.71 -22.14
N LEU A 513 -15.78 -39.03 -21.13
CA LEU A 513 -15.28 -39.70 -19.94
C LEU A 513 -16.40 -40.25 -19.07
N ASP A 514 -17.53 -39.54 -19.02
CA ASP A 514 -18.65 -39.97 -18.20
C ASP A 514 -19.33 -41.20 -18.76
N PHE A 515 -19.21 -41.41 -20.08
CA PHE A 515 -19.75 -42.62 -20.69
C PHE A 515 -19.00 -43.86 -20.23
N ASP A 516 -17.72 -43.72 -19.89
CA ASP A 516 -16.98 -44.82 -19.29
C ASP A 516 -17.47 -45.13 -17.90
N TYR A 517 -17.98 -44.13 -17.17
CA TYR A 517 -18.43 -44.35 -15.82
C TYR A 517 -19.76 -45.07 -15.75
N VAL A 518 -20.68 -44.76 -16.66
CA VAL A 518 -21.99 -45.41 -16.62
C VAL A 518 -21.92 -46.83 -17.15
N CYS A 519 -20.95 -47.15 -17.99
CA CYS A 519 -20.75 -48.53 -18.40
C CYS A 519 -19.83 -49.29 -17.45
N SER A 520 -19.32 -48.61 -16.41
CA SER A 520 -18.47 -49.19 -15.37
C SER A 520 -17.19 -49.80 -15.95
N ARG A 521 -16.62 -49.11 -16.93
CA ARG A 521 -15.34 -49.55 -17.47
C ARG A 521 -14.24 -49.30 -16.44
N ASP A 522 -13.27 -50.20 -16.42
CA ASP A 522 -12.27 -50.24 -15.36
C ASP A 522 -11.29 -49.07 -15.41
N GLU A 523 -10.94 -48.61 -16.59
CA GLU A 523 -9.94 -47.56 -16.76
C GLU A 523 -10.51 -46.48 -17.66
N PRO A 524 -10.06 -45.24 -17.51
CA PRO A 524 -10.45 -44.19 -18.47
C PRO A 524 -9.85 -44.46 -19.84
N SER A 525 -10.46 -43.85 -20.87
CA SER A 525 -10.08 -44.15 -22.24
C SER A 525 -9.28 -43.03 -22.90
N VAL A 526 -9.35 -41.80 -22.40
CA VAL A 526 -8.68 -40.68 -23.03
C VAL A 526 -7.29 -40.57 -22.44
N ALA A 527 -6.28 -40.91 -23.24
CA ALA A 527 -4.90 -40.99 -22.77
C ALA A 527 -4.23 -39.61 -22.74
N ALA A 528 -4.41 -38.82 -23.80
CA ALA A 528 -3.77 -37.53 -23.88
C ALA A 528 -4.58 -36.61 -24.77
N MET A 529 -4.31 -35.32 -24.65
CA MET A 529 -4.86 -34.31 -25.53
C MET A 529 -3.69 -33.61 -26.23
N VAL A 530 -3.67 -33.66 -27.55
CA VAL A 530 -2.56 -33.12 -28.34
C VAL A 530 -2.94 -31.72 -28.79
N TYR A 531 -2.27 -30.74 -28.23
CA TYR A 531 -2.46 -29.34 -28.63
C TYR A 531 -1.11 -28.64 -28.62
N PRO A 532 -0.63 -28.17 -29.78
CA PRO A 532 0.75 -27.67 -29.84
C PRO A 532 0.92 -26.24 -29.41
N PHE A 533 -0.14 -25.54 -29.02
CA PHE A 533 -0.06 -24.12 -28.70
C PHE A 533 -0.10 -23.85 -27.21
N THR A 534 -0.01 -24.89 -26.38
CA THR A 534 0.21 -24.76 -24.95
C THR A 534 1.50 -25.50 -24.59
N GLY A 535 1.77 -25.59 -23.29
CA GLY A 535 2.90 -26.34 -22.80
C GLY A 535 2.55 -27.80 -22.60
N ASP A 536 3.34 -28.48 -21.78
CA ASP A 536 3.08 -29.86 -21.36
C ASP A 536 2.67 -29.84 -19.89
N HIS A 537 1.39 -30.04 -19.62
CA HIS A 537 0.94 -30.17 -18.24
C HIS A 537 -0.21 -31.17 -18.20
N LYS A 538 -0.91 -31.20 -17.07
CA LYS A 538 -1.95 -32.19 -16.80
C LYS A 538 -3.28 -31.48 -16.54
N GLN A 539 -4.32 -31.88 -17.28
CA GLN A 539 -5.62 -31.24 -17.20
C GLN A 539 -6.52 -32.01 -16.24
N LYS A 540 -7.28 -31.27 -15.44
CA LYS A 540 -8.14 -31.87 -14.43
C LYS A 540 -9.49 -32.26 -15.04
N PHE A 541 -9.99 -33.44 -14.68
CA PHE A 541 -11.32 -33.87 -15.05
C PHE A 541 -11.93 -34.62 -13.87
N TYR A 542 -13.17 -35.08 -14.05
CA TYR A 542 -13.90 -35.71 -12.97
C TYR A 542 -14.38 -37.08 -13.42
N TRP A 543 -13.59 -38.10 -13.11
CA TRP A 543 -13.98 -39.49 -13.27
C TRP A 543 -14.89 -39.79 -12.07
N GLY A 544 -16.20 -39.70 -12.29
CA GLY A 544 -17.14 -39.90 -11.22
C GLY A 544 -17.19 -38.69 -10.30
N HIS A 545 -16.62 -38.83 -9.11
CA HIS A 545 -16.50 -37.71 -8.19
C HIS A 545 -15.06 -37.28 -7.97
N LYS A 546 -14.10 -38.17 -8.18
CA LYS A 546 -12.70 -37.85 -7.93
C LYS A 546 -12.15 -36.93 -9.00
N GLU A 547 -10.91 -36.51 -8.82
CA GLU A 547 -10.20 -35.72 -9.81
C GLU A 547 -9.18 -36.59 -10.50
N ILE A 548 -9.11 -36.49 -11.81
CA ILE A 548 -8.14 -37.25 -12.60
C ILE A 548 -7.32 -36.25 -13.39
N LEU A 549 -6.07 -36.62 -13.69
CA LEU A 549 -5.14 -35.74 -14.37
C LEU A 549 -4.77 -36.36 -15.70
N ILE A 550 -5.27 -35.79 -16.77
CA ILE A 550 -4.97 -36.23 -18.13
C ILE A 550 -3.92 -35.28 -18.69
N PRO A 551 -2.82 -35.79 -19.24
CA PRO A 551 -1.77 -34.90 -19.75
C PRO A 551 -2.17 -34.23 -21.06
N VAL A 552 -1.73 -32.99 -21.22
CA VAL A 552 -1.80 -32.30 -22.50
C VAL A 552 -0.40 -32.24 -23.09
N PHE A 553 -0.26 -32.71 -24.33
CA PHE A 553 1.03 -32.77 -24.99
C PHE A 553 1.11 -31.74 -26.10
N LYS A 554 2.33 -31.54 -26.61
CA LYS A 554 2.59 -30.52 -27.61
C LYS A 554 2.87 -31.10 -28.99
N ASN A 555 3.57 -32.22 -29.07
CA ASN A 555 3.87 -32.86 -30.34
C ASN A 555 3.32 -34.28 -30.36
N MET A 556 3.18 -34.83 -31.58
CA MET A 556 2.58 -36.14 -31.73
C MET A 556 3.54 -37.27 -31.41
N ALA A 557 4.85 -37.05 -31.53
CA ALA A 557 5.80 -38.11 -31.21
C ALA A 557 5.89 -38.37 -29.71
N ASP A 558 5.74 -37.31 -28.90
CA ASP A 558 5.73 -37.48 -27.46
C ASP A 558 4.43 -38.10 -26.96
N ALA A 559 3.39 -38.13 -27.79
CA ALA A 559 2.24 -38.97 -27.49
C ALA A 559 2.57 -40.44 -27.66
N MET A 560 3.55 -40.76 -28.50
CA MET A 560 3.90 -42.15 -28.77
C MET A 560 4.87 -42.73 -27.75
N ARG A 561 5.70 -41.88 -27.12
CA ARG A 561 6.85 -42.37 -26.38
C ARG A 561 6.45 -43.07 -25.08
N LYS A 562 5.82 -42.33 -24.16
CA LYS A 562 5.42 -42.94 -22.90
C LYS A 562 4.22 -43.86 -23.05
N HIS A 563 3.37 -43.63 -24.06
CA HIS A 563 2.14 -44.38 -24.22
C HIS A 563 1.97 -44.79 -25.68
N PRO A 564 2.53 -45.93 -26.07
CA PRO A 564 2.32 -46.44 -27.43
C PRO A 564 1.14 -47.38 -27.58
N GLU A 565 0.34 -47.59 -26.54
CA GLU A 565 -0.79 -48.50 -26.55
C GLU A 565 -2.05 -47.86 -27.10
N VAL A 566 -2.00 -46.59 -27.47
CA VAL A 566 -3.13 -45.90 -28.07
C VAL A 566 -3.24 -46.32 -29.53
N ASP A 567 -4.43 -46.72 -29.96
CA ASP A 567 -4.64 -47.20 -31.33
C ASP A 567 -5.69 -46.41 -32.09
N VAL A 568 -6.40 -45.49 -31.44
CA VAL A 568 -7.45 -44.70 -32.08
C VAL A 568 -7.12 -43.24 -31.89
N LEU A 569 -6.96 -42.51 -33.00
CA LEU A 569 -6.67 -41.08 -32.97
C LEU A 569 -7.76 -40.28 -33.63
N ILE A 570 -8.15 -39.20 -32.95
CA ILE A 570 -9.28 -38.37 -33.31
C ILE A 570 -8.77 -36.96 -33.54
N ASN A 571 -9.39 -36.23 -34.45
CA ASN A 571 -9.09 -34.82 -34.66
C ASN A 571 -10.37 -34.01 -34.52
N PHE A 572 -10.33 -32.97 -33.69
CA PHE A 572 -11.45 -32.04 -33.54
C PHE A 572 -11.09 -30.62 -33.96
N ALA A 573 -10.02 -30.46 -34.73
CA ALA A 573 -9.66 -29.13 -35.19
C ALA A 573 -10.60 -28.68 -36.30
N SER A 574 -10.53 -27.39 -36.63
CA SER A 574 -11.38 -26.83 -37.66
C SER A 574 -10.86 -27.20 -39.05
N LEU A 575 -11.51 -26.65 -40.08
CA LEU A 575 -11.16 -26.99 -41.45
C LEU A 575 -9.80 -26.45 -41.87
N ARG A 576 -9.32 -25.39 -41.21
CA ARG A 576 -8.13 -24.68 -41.64
C ARG A 576 -6.85 -25.40 -41.25
N SER A 577 -6.92 -26.43 -40.41
CA SER A 577 -5.73 -27.20 -40.06
C SER A 577 -6.02 -28.68 -40.00
N ALA A 578 -7.05 -29.17 -40.69
CA ALA A 578 -7.42 -30.57 -40.56
C ALA A 578 -6.48 -31.48 -41.34
N TYR A 579 -5.92 -31.00 -42.44
CA TYR A 579 -5.22 -31.89 -43.37
C TYR A 579 -3.82 -32.20 -42.86
N ASP A 580 -3.11 -31.20 -42.36
CA ASP A 580 -1.74 -31.42 -41.87
C ASP A 580 -1.73 -32.22 -40.58
N SER A 581 -2.81 -32.15 -39.79
CA SER A 581 -2.90 -32.94 -38.58
C SER A 581 -3.18 -34.41 -38.88
N THR A 582 -3.56 -34.74 -40.11
CA THR A 582 -3.90 -36.10 -40.49
C THR A 582 -2.78 -36.82 -41.25
N MET A 583 -2.10 -36.10 -42.15
CA MET A 583 -1.10 -36.75 -43.00
C MET A 583 0.13 -37.18 -42.22
N GLU A 584 0.57 -36.36 -41.26
CA GLU A 584 1.67 -36.78 -40.39
C GLU A 584 1.25 -37.88 -39.43
N THR A 585 -0.06 -38.00 -39.15
CA THR A 585 -0.54 -38.96 -38.16
C THR A 585 -0.42 -40.39 -38.66
N MET A 586 -0.82 -40.63 -39.91
CA MET A 586 -0.88 -42.00 -40.41
C MET A 586 0.50 -42.57 -40.75
N ASN A 587 1.55 -41.76 -40.69
CA ASN A 587 2.91 -42.30 -40.73
C ASN A 587 3.20 -43.19 -39.54
N TYR A 588 2.71 -42.87 -38.36
CA TYR A 588 2.82 -43.71 -37.19
C TYR A 588 1.78 -44.81 -37.34
N ALA A 589 2.24 -46.04 -37.56
CA ALA A 589 1.33 -47.12 -37.90
C ALA A 589 0.69 -47.79 -36.69
N GLN A 590 1.03 -47.36 -35.47
CA GLN A 590 0.43 -47.99 -34.29
C GLN A 590 -1.04 -47.60 -34.14
N ILE A 591 -1.46 -46.50 -34.76
CA ILE A 591 -2.85 -46.10 -34.74
C ILE A 591 -3.60 -46.94 -35.76
N ARG A 592 -4.75 -47.49 -35.36
CA ARG A 592 -5.51 -48.36 -36.24
C ARG A 592 -6.84 -47.75 -36.70
N THR A 593 -7.31 -46.67 -36.09
CA THR A 593 -8.58 -46.08 -36.47
C THR A 593 -8.48 -44.56 -36.35
N ILE A 594 -8.91 -43.86 -37.40
CA ILE A 594 -8.88 -42.40 -37.42
C ILE A 594 -10.24 -41.91 -37.91
N ALA A 595 -10.84 -40.97 -37.18
CA ALA A 595 -12.11 -40.37 -37.55
C ALA A 595 -11.96 -38.85 -37.54
N ILE A 596 -12.52 -38.20 -38.55
CA ILE A 596 -12.40 -36.76 -38.73
C ILE A 596 -13.78 -36.15 -38.62
N ILE A 597 -13.91 -35.10 -37.81
CA ILE A 597 -15.19 -34.48 -37.54
C ILE A 597 -15.41 -33.22 -38.38
N ALA A 598 -14.35 -32.52 -38.77
CA ALA A 598 -14.39 -31.15 -39.29
C ALA A 598 -15.21 -31.03 -40.58
N GLU A 599 -15.71 -29.82 -40.80
CA GLU A 599 -16.73 -29.55 -41.83
C GLU A 599 -16.28 -28.37 -42.68
N GLY A 600 -16.10 -28.60 -43.98
CA GLY A 600 -15.62 -27.57 -44.88
C GLY A 600 -14.39 -27.98 -45.64
N ILE A 601 -14.16 -29.28 -45.75
CA ILE A 601 -12.96 -29.84 -46.35
C ILE A 601 -13.15 -29.93 -47.87
N PRO A 602 -12.14 -29.53 -48.66
CA PRO A 602 -12.19 -29.75 -50.11
C PRO A 602 -12.27 -31.22 -50.48
N GLU A 603 -12.85 -31.48 -51.66
CA GLU A 603 -13.05 -32.85 -52.09
C GLU A 603 -11.76 -33.50 -52.55
N ALA A 604 -10.76 -32.71 -52.91
CA ALA A 604 -9.44 -33.28 -53.19
C ALA A 604 -8.74 -33.69 -51.90
N LEU A 605 -8.79 -32.82 -50.87
CA LEU A 605 -8.28 -33.19 -49.55
C LEU A 605 -9.08 -34.33 -48.94
N THR A 606 -10.36 -34.46 -49.33
CA THR A 606 -11.11 -35.67 -49.01
C THR A 606 -10.48 -36.89 -49.67
N ARG A 607 -10.16 -36.79 -50.96
CA ARG A 607 -9.61 -37.94 -51.67
C ARG A 607 -8.11 -38.07 -51.52
N LYS A 608 -7.44 -37.08 -50.92
CA LYS A 608 -6.02 -37.26 -50.65
C LYS A 608 -5.78 -38.25 -49.51
N LEU A 609 -6.72 -38.34 -48.58
CA LEU A 609 -6.49 -39.14 -47.39
C LEU A 609 -6.71 -40.63 -47.64
N ILE A 610 -7.52 -40.96 -48.64
CA ILE A 610 -8.00 -42.34 -48.76
C ILE A 610 -6.91 -43.25 -49.33
N LYS A 611 -5.95 -42.69 -50.06
CA LYS A 611 -4.90 -43.51 -50.66
C LYS A 611 -3.97 -44.06 -49.59
N LYS A 612 -3.71 -43.28 -48.55
CA LYS A 612 -2.70 -43.64 -47.57
C LYS A 612 -3.19 -44.74 -46.65
N ALA A 613 -4.46 -44.71 -46.23
CA ALA A 613 -4.98 -45.74 -45.35
C ALA A 613 -5.39 -47.00 -46.11
N ASP A 614 -5.50 -46.91 -47.43
CA ASP A 614 -5.82 -48.09 -48.24
C ASP A 614 -4.71 -49.12 -48.21
N GLN A 615 -3.45 -48.68 -48.32
CA GLN A 615 -2.33 -49.63 -48.33
C GLN A 615 -1.93 -50.01 -46.91
N LYS A 616 -2.30 -49.18 -45.93
CA LYS A 616 -1.90 -49.43 -44.55
C LYS A 616 -3.00 -50.11 -43.74
N GLY A 617 -4.26 -49.80 -43.98
CA GLY A 617 -5.34 -50.50 -43.32
C GLY A 617 -5.92 -49.83 -42.10
N VAL A 618 -6.27 -48.56 -42.17
CA VAL A 618 -6.92 -47.86 -41.08
C VAL A 618 -8.28 -47.36 -41.55
N THR A 619 -9.33 -47.72 -40.83
CA THR A 619 -10.69 -47.38 -41.21
C THR A 619 -10.97 -45.91 -40.94
N ILE A 620 -11.40 -45.20 -41.98
CA ILE A 620 -11.65 -43.76 -41.90
C ILE A 620 -13.15 -43.51 -41.84
N ILE A 621 -13.57 -42.75 -40.85
CA ILE A 621 -14.98 -42.48 -40.57
C ILE A 621 -15.09 -40.96 -40.67
N GLY A 622 -14.48 -40.40 -41.72
CA GLY A 622 -14.17 -38.99 -41.79
C GLY A 622 -15.35 -38.04 -41.97
N PRO A 623 -15.11 -36.95 -42.70
CA PRO A 623 -15.69 -35.64 -42.34
C PRO A 623 -17.20 -35.55 -42.43
N ALA A 624 -17.70 -34.45 -41.84
CA ALA A 624 -19.11 -34.15 -41.64
C ALA A 624 -19.81 -35.25 -40.85
N THR A 625 -19.14 -35.71 -39.80
CA THR A 625 -19.61 -36.83 -39.00
C THR A 625 -19.78 -36.38 -37.55
N VAL A 626 -20.86 -36.84 -36.93
CA VAL A 626 -21.12 -36.57 -35.52
C VAL A 626 -20.33 -37.60 -34.70
N GLY A 627 -20.30 -38.84 -35.18
CA GLY A 627 -19.47 -39.85 -34.57
C GLY A 627 -20.14 -41.21 -34.45
N GLY A 628 -19.56 -42.10 -33.66
CA GLY A 628 -20.08 -43.46 -33.56
C GLY A 628 -20.13 -43.90 -32.12
N ILE A 629 -20.90 -44.96 -31.89
CA ILE A 629 -21.19 -45.42 -30.54
C ILE A 629 -21.06 -46.94 -30.53
N LYS A 630 -20.34 -47.46 -29.55
CA LYS A 630 -20.40 -48.88 -29.22
C LYS A 630 -20.80 -49.00 -27.76
N PRO A 631 -22.09 -49.21 -27.45
CA PRO A 631 -22.56 -49.08 -26.07
C PRO A 631 -22.01 -50.16 -25.15
N GLY A 632 -21.76 -49.76 -23.91
CA GLY A 632 -21.06 -50.58 -22.96
C GLY A 632 -19.55 -50.49 -23.04
N CYS A 633 -19.02 -50.08 -24.19
CA CYS A 633 -17.58 -50.09 -24.43
C CYS A 633 -17.00 -48.70 -24.66
N PHE A 634 -17.53 -47.94 -25.63
CA PHE A 634 -16.78 -46.82 -26.16
C PHE A 634 -17.72 -45.90 -26.92
N LYS A 635 -17.38 -44.61 -26.94
CA LYS A 635 -18.24 -43.61 -27.57
C LYS A 635 -17.36 -42.48 -28.10
N ILE A 636 -17.65 -42.03 -29.31
CA ILE A 636 -16.93 -40.95 -29.95
C ILE A 636 -17.80 -39.70 -29.95
N GLY A 637 -17.22 -38.58 -29.51
CA GLY A 637 -17.84 -37.29 -29.77
C GLY A 637 -19.03 -37.03 -28.88
N ASN A 638 -19.83 -36.04 -29.25
CA ASN A 638 -21.04 -35.67 -28.53
C ASN A 638 -22.25 -36.43 -29.03
N THR A 639 -22.02 -37.63 -29.56
CA THR A 639 -23.10 -38.55 -29.90
C THR A 639 -23.94 -38.88 -28.68
N GLY A 640 -25.23 -38.60 -28.77
CA GLY A 640 -26.14 -38.73 -27.66
C GLY A 640 -26.35 -37.45 -26.87
N GLY A 641 -25.41 -36.51 -26.94
CA GLY A 641 -25.54 -35.27 -26.21
C GLY A 641 -25.22 -35.45 -24.74
N MET A 642 -26.02 -34.83 -23.88
CA MET A 642 -25.83 -35.01 -22.44
C MET A 642 -26.36 -36.37 -22.01
N LEU A 643 -26.21 -36.65 -20.72
CA LEU A 643 -26.46 -37.99 -20.21
C LEU A 643 -27.93 -38.35 -20.10
N ASP A 644 -28.84 -37.43 -20.41
CA ASP A 644 -30.26 -37.72 -20.34
C ASP A 644 -30.68 -38.72 -21.41
N ASN A 645 -30.10 -38.60 -22.62
CA ASN A 645 -30.42 -39.54 -23.68
C ASN A 645 -29.83 -40.91 -23.41
N ILE A 646 -28.67 -40.95 -22.75
CA ILE A 646 -27.98 -42.21 -22.51
C ILE A 646 -28.72 -43.01 -21.44
N LEU A 647 -29.46 -42.33 -20.57
CA LEU A 647 -30.36 -43.01 -19.67
C LEU A 647 -31.76 -43.20 -20.26
N ALA A 648 -32.09 -42.47 -21.33
CA ALA A 648 -33.39 -42.62 -21.96
C ALA A 648 -33.43 -43.77 -22.94
N SER A 649 -32.33 -44.06 -23.61
CA SER A 649 -32.28 -45.15 -24.57
C SER A 649 -31.28 -46.22 -24.16
N LYS A 650 -30.76 -46.14 -22.93
CA LYS A 650 -30.02 -47.22 -22.26
C LYS A 650 -28.78 -47.63 -23.03
N LEU A 651 -27.96 -46.65 -23.41
CA LEU A 651 -26.75 -46.94 -24.18
C LEU A 651 -25.54 -47.21 -23.31
N TYR A 652 -25.72 -47.63 -22.06
CA TYR A 652 -24.57 -47.99 -21.25
C TYR A 652 -24.26 -49.47 -21.30
N ARG A 653 -25.01 -50.24 -22.10
CA ARG A 653 -24.81 -51.67 -22.29
C ARG A 653 -25.16 -52.02 -23.72
N PRO A 654 -24.57 -53.07 -24.28
CA PRO A 654 -24.88 -53.43 -25.67
C PRO A 654 -26.28 -54.02 -25.81
N GLY A 655 -26.78 -53.98 -27.03
CA GLY A 655 -27.97 -54.71 -27.39
C GLY A 655 -27.64 -55.76 -28.42
N SER A 656 -28.39 -55.79 -29.52
CA SER A 656 -28.00 -56.66 -30.63
C SER A 656 -28.25 -56.03 -31.99
N VAL A 657 -28.38 -54.70 -32.07
CA VAL A 657 -28.84 -54.02 -33.28
C VAL A 657 -27.73 -53.11 -33.78
N ALA A 658 -27.43 -53.21 -35.08
CA ALA A 658 -26.42 -52.40 -35.74
C ALA A 658 -27.04 -51.53 -36.81
N TYR A 659 -26.50 -50.33 -36.98
CA TYR A 659 -27.02 -49.40 -37.98
C TYR A 659 -25.88 -48.56 -38.53
N VAL A 660 -26.06 -48.11 -39.78
CA VAL A 660 -25.12 -47.18 -40.43
C VAL A 660 -25.96 -46.12 -41.13
N SER A 661 -25.62 -44.85 -40.92
CA SER A 661 -26.31 -43.74 -41.57
C SER A 661 -25.30 -42.72 -42.07
N ARG A 662 -25.81 -41.61 -42.62
CA ARG A 662 -24.93 -40.52 -43.04
C ARG A 662 -24.80 -39.45 -41.96
N SER A 663 -25.92 -38.80 -41.61
CA SER A 663 -25.90 -37.64 -40.73
C SER A 663 -26.28 -38.02 -39.32
N GLY A 664 -26.41 -37.02 -38.45
CA GLY A 664 -26.52 -37.25 -37.01
C GLY A 664 -27.92 -37.24 -36.45
N GLY A 665 -28.79 -36.36 -36.95
CA GLY A 665 -30.14 -36.28 -36.43
C GLY A 665 -30.96 -37.53 -36.71
N MET A 666 -30.71 -38.16 -37.85
CA MET A 666 -31.28 -39.47 -38.13
C MET A 666 -30.69 -40.56 -37.24
N SER A 667 -29.44 -40.39 -36.80
CA SER A 667 -28.76 -41.43 -36.04
C SER A 667 -29.35 -41.58 -34.64
N ASN A 668 -29.65 -40.46 -33.98
CA ASN A 668 -30.23 -40.54 -32.65
C ASN A 668 -31.71 -40.92 -32.70
N GLU A 669 -32.37 -40.64 -33.83
CA GLU A 669 -33.78 -40.99 -33.97
C GLU A 669 -33.99 -42.50 -34.02
N LEU A 670 -33.03 -43.23 -34.60
CA LEU A 670 -33.06 -44.68 -34.53
C LEU A 670 -32.90 -45.15 -33.09
N ASN A 671 -32.01 -44.50 -32.34
CA ASN A 671 -31.74 -44.88 -30.96
C ASN A 671 -32.93 -44.60 -30.05
N ASN A 672 -33.80 -43.68 -30.43
CA ASN A 672 -35.09 -43.59 -29.75
C ASN A 672 -35.99 -44.76 -30.13
N ILE A 673 -35.98 -45.14 -31.41
CA ILE A 673 -36.91 -46.14 -31.91
C ILE A 673 -36.47 -47.54 -31.49
N ILE A 674 -35.19 -47.87 -31.70
CA ILE A 674 -34.71 -49.23 -31.51
C ILE A 674 -34.69 -49.62 -30.03
N SER A 675 -34.38 -48.67 -29.15
CA SER A 675 -34.33 -48.94 -27.73
C SER A 675 -35.70 -49.23 -27.10
N ARG A 676 -36.79 -48.97 -27.80
CA ARG A 676 -38.11 -49.34 -27.32
C ARG A 676 -38.67 -50.57 -28.00
N THR A 677 -37.92 -51.21 -28.89
CA THR A 677 -38.37 -52.42 -29.57
C THR A 677 -37.44 -53.61 -29.42
N THR A 678 -36.16 -53.41 -29.09
CA THR A 678 -35.19 -54.48 -28.94
C THR A 678 -34.54 -54.39 -27.56
N ASP A 679 -33.48 -55.19 -27.38
CA ASP A 679 -32.70 -55.14 -26.15
C ASP A 679 -31.84 -53.89 -26.05
N GLY A 680 -31.60 -53.20 -27.14
CA GLY A 680 -30.69 -52.08 -27.17
C GLY A 680 -29.94 -52.04 -28.48
N VAL A 681 -28.85 -51.29 -28.49
CA VAL A 681 -28.03 -51.12 -29.68
C VAL A 681 -26.71 -51.85 -29.48
N TYR A 682 -26.23 -52.54 -30.52
CA TYR A 682 -24.96 -53.24 -30.44
C TYR A 682 -23.81 -52.35 -30.89
N GLU A 683 -23.86 -51.86 -32.12
CA GLU A 683 -22.76 -51.09 -32.69
C GLU A 683 -23.29 -50.28 -33.86
N GLY A 684 -23.31 -48.96 -33.69
CA GLY A 684 -23.86 -48.11 -34.73
C GLY A 684 -23.03 -46.86 -34.92
N VAL A 685 -22.89 -46.43 -36.17
CA VAL A 685 -21.98 -45.34 -36.51
C VAL A 685 -22.45 -44.66 -37.79
N ALA A 686 -22.45 -43.33 -37.80
CA ALA A 686 -22.71 -42.56 -39.00
C ALA A 686 -21.41 -42.32 -39.74
N ILE A 687 -21.50 -42.15 -41.06
CA ILE A 687 -20.29 -41.93 -41.85
C ILE A 687 -20.07 -40.46 -42.21
N GLY A 688 -21.10 -39.74 -42.60
CA GLY A 688 -20.92 -38.35 -42.96
C GLY A 688 -21.89 -37.86 -44.01
N GLY A 689 -22.11 -36.54 -44.04
CA GLY A 689 -23.11 -35.96 -44.90
C GLY A 689 -22.52 -35.17 -46.06
N ASP A 690 -21.22 -35.36 -46.30
CA ASP A 690 -20.55 -34.70 -47.41
C ASP A 690 -20.93 -35.33 -48.75
N ARG A 691 -20.37 -34.78 -49.83
CA ARG A 691 -20.50 -35.43 -51.12
C ARG A 691 -19.65 -36.68 -51.23
N TYR A 692 -18.47 -36.69 -50.62
CA TYR A 692 -17.55 -37.83 -50.69
C TYR A 692 -17.38 -38.41 -49.28
N PRO A 693 -18.09 -39.49 -48.97
CA PRO A 693 -17.96 -40.10 -47.64
C PRO A 693 -16.60 -40.75 -47.45
N GLY A 694 -16.20 -40.87 -46.19
CA GLY A 694 -14.92 -41.47 -45.88
C GLY A 694 -14.88 -42.96 -46.13
N SER A 695 -16.01 -43.64 -45.99
CA SER A 695 -16.07 -45.08 -46.21
C SER A 695 -17.44 -45.42 -46.76
N THR A 696 -17.53 -46.53 -47.47
CA THR A 696 -18.80 -46.94 -48.04
C THR A 696 -19.68 -47.60 -46.99
N PHE A 697 -20.89 -47.97 -47.40
CA PHE A 697 -21.76 -48.75 -46.51
C PHE A 697 -21.26 -50.18 -46.38
N MET A 698 -20.59 -50.68 -47.43
CA MET A 698 -20.24 -52.09 -47.49
C MET A 698 -19.15 -52.46 -46.48
N ASP A 699 -18.23 -51.53 -46.21
CA ASP A 699 -17.06 -51.81 -45.39
C ASP A 699 -17.41 -52.18 -43.95
N HIS A 700 -18.49 -51.64 -43.41
CA HIS A 700 -18.91 -51.98 -42.06
C HIS A 700 -19.90 -53.12 -42.02
N VAL A 701 -20.73 -53.28 -43.05
CA VAL A 701 -21.74 -54.34 -42.99
C VAL A 701 -21.11 -55.69 -43.32
N LEU A 702 -19.99 -55.72 -44.05
CA LEU A 702 -19.21 -56.96 -44.09
C LEU A 702 -18.47 -57.15 -42.78
N ARG A 703 -18.04 -56.05 -42.16
CA ARG A 703 -17.44 -56.13 -40.83
C ARG A 703 -18.49 -56.48 -39.78
N TYR A 704 -19.73 -56.04 -39.99
CA TYR A 704 -20.85 -56.52 -39.19
C TYR A 704 -21.05 -58.03 -39.32
N GLN A 705 -20.87 -58.58 -40.52
CA GLN A 705 -20.94 -60.02 -40.72
C GLN A 705 -19.80 -60.74 -40.02
N ASP A 706 -18.63 -60.11 -39.94
CA ASP A 706 -17.48 -60.70 -39.28
C ASP A 706 -17.44 -60.42 -37.77
N THR A 707 -18.51 -59.83 -37.23
CA THR A 707 -18.62 -59.68 -35.78
C THR A 707 -19.63 -60.69 -35.26
N PRO A 708 -19.28 -61.48 -34.24
CA PRO A 708 -20.15 -62.58 -33.83
C PRO A 708 -21.34 -62.17 -32.98
N GLY A 709 -21.21 -61.15 -32.14
CA GLY A 709 -22.24 -60.89 -31.14
C GLY A 709 -23.49 -60.25 -31.71
N VAL A 710 -23.34 -59.41 -32.74
CA VAL A 710 -24.49 -58.82 -33.39
C VAL A 710 -25.24 -59.89 -34.18
N LYS A 711 -26.56 -59.76 -34.23
CA LYS A 711 -27.40 -60.75 -34.89
C LYS A 711 -28.12 -60.22 -36.13
N MET A 712 -28.25 -58.91 -36.30
CA MET A 712 -28.92 -58.37 -37.47
C MET A 712 -28.24 -57.08 -37.91
N ILE A 713 -28.63 -56.62 -39.09
CA ILE A 713 -28.09 -55.41 -39.70
C ILE A 713 -29.27 -54.54 -40.12
N VAL A 714 -29.27 -53.29 -39.66
CA VAL A 714 -30.20 -52.28 -40.13
C VAL A 714 -29.41 -51.27 -40.96
N VAL A 715 -29.98 -50.84 -42.08
CA VAL A 715 -29.34 -49.93 -43.01
C VAL A 715 -30.26 -48.73 -43.18
N LEU A 716 -29.68 -47.54 -43.27
CA LEU A 716 -30.40 -46.33 -43.64
C LEU A 716 -29.72 -45.69 -44.85
N GLY A 717 -30.38 -45.73 -46.01
CA GLY A 717 -29.82 -45.21 -47.23
C GLY A 717 -30.41 -43.86 -47.62
N GLU A 718 -29.71 -43.19 -48.53
CA GLU A 718 -30.05 -41.83 -48.94
C GLU A 718 -30.03 -41.72 -50.45
N ILE A 719 -30.66 -40.66 -50.96
CA ILE A 719 -30.73 -40.44 -52.40
C ILE A 719 -29.38 -39.95 -52.91
N GLY A 720 -28.97 -40.46 -54.07
CA GLY A 720 -27.70 -40.10 -54.65
C GLY A 720 -26.60 -41.09 -54.37
N GLY A 721 -25.80 -41.41 -55.37
CA GLY A 721 -24.72 -42.36 -55.21
C GLY A 721 -25.15 -43.79 -55.51
N THR A 722 -24.31 -44.53 -56.22
CA THR A 722 -24.61 -45.92 -56.58
C THR A 722 -24.06 -46.90 -55.54
N GLU A 723 -24.41 -46.67 -54.28
CA GLU A 723 -23.83 -47.48 -53.20
C GLU A 723 -24.74 -48.64 -52.81
N GLU A 724 -26.04 -48.39 -52.62
CA GLU A 724 -26.97 -49.42 -52.14
C GLU A 724 -27.17 -50.55 -53.13
N TYR A 725 -26.86 -50.33 -54.40
CA TYR A 725 -26.87 -51.43 -55.36
C TYR A 725 -25.75 -52.43 -55.08
N LYS A 726 -24.64 -51.99 -54.46
CA LYS A 726 -23.60 -52.94 -54.07
C LYS A 726 -24.06 -53.83 -52.93
N ILE A 727 -24.77 -53.25 -51.95
CA ILE A 727 -25.44 -54.03 -50.92
C ILE A 727 -26.50 -54.93 -51.55
N CYS A 728 -27.22 -54.40 -52.55
CA CYS A 728 -28.13 -55.23 -53.33
C CYS A 728 -27.39 -56.33 -54.06
N ARG A 729 -26.23 -56.01 -54.65
CA ARG A 729 -25.40 -57.05 -55.24
C ARG A 729 -24.69 -57.88 -54.17
N GLY A 730 -24.53 -57.32 -52.97
CA GLY A 730 -23.93 -58.09 -51.89
C GLY A 730 -24.84 -59.17 -51.34
N ILE A 731 -26.14 -58.91 -51.32
CA ILE A 731 -27.07 -59.96 -50.90
C ILE A 731 -27.40 -60.90 -52.06
N LYS A 732 -27.24 -60.44 -53.30
CA LYS A 732 -27.42 -61.33 -54.44
C LYS A 732 -26.23 -62.26 -54.62
N GLU A 733 -25.04 -61.86 -54.16
CA GLU A 733 -23.88 -62.74 -54.24
C GLU A 733 -23.75 -63.65 -53.03
N GLY A 734 -24.72 -63.63 -52.13
CA GLY A 734 -24.66 -64.48 -50.95
C GLY A 734 -23.72 -64.01 -49.87
N ARG A 735 -23.08 -62.84 -50.04
CA ARG A 735 -22.21 -62.32 -49.00
C ARG A 735 -23.00 -61.92 -47.76
N LEU A 736 -24.18 -61.34 -47.96
CA LEU A 736 -25.06 -60.97 -46.87
C LEU A 736 -25.88 -62.18 -46.46
N THR A 737 -25.58 -62.72 -45.27
CA THR A 737 -26.36 -63.81 -44.69
C THR A 737 -27.19 -63.39 -43.50
N LYS A 738 -26.77 -62.34 -42.78
CA LYS A 738 -27.49 -61.84 -41.62
C LYS A 738 -28.79 -61.15 -42.07
N PRO A 739 -29.73 -60.96 -41.15
CA PRO A 739 -30.92 -60.16 -41.47
C PRO A 739 -30.57 -58.73 -41.83
N ILE A 740 -31.02 -58.30 -43.01
CA ILE A 740 -30.78 -56.95 -43.51
C ILE A 740 -32.11 -56.22 -43.61
N VAL A 741 -32.15 -55.00 -43.08
CA VAL A 741 -33.30 -54.11 -43.21
C VAL A 741 -32.78 -52.77 -43.69
N CYS A 742 -33.29 -52.31 -44.83
CA CYS A 742 -32.85 -51.05 -45.41
C CYS A 742 -34.04 -50.17 -45.76
N TRP A 743 -33.73 -48.92 -46.05
CA TRP A 743 -34.71 -47.92 -46.46
C TRP A 743 -33.90 -46.80 -47.10
N CYS A 744 -34.47 -46.17 -48.12
CA CYS A 744 -33.88 -44.98 -48.71
C CYS A 744 -34.80 -43.81 -48.42
N ILE A 745 -34.22 -42.69 -48.03
CA ILE A 745 -35.01 -41.54 -47.64
C ILE A 745 -35.33 -40.71 -48.88
N GLY A 746 -36.45 -39.99 -48.82
CA GLY A 746 -36.73 -38.91 -49.75
C GLY A 746 -36.98 -39.28 -51.20
N THR A 747 -38.13 -39.89 -51.49
CA THR A 747 -38.53 -40.04 -52.89
C THR A 747 -38.79 -38.67 -53.52
N CYS A 748 -39.85 -37.99 -53.05
CA CYS A 748 -40.17 -36.57 -53.25
C CYS A 748 -40.07 -36.14 -54.71
N ALA A 749 -40.53 -37.00 -55.61
CA ALA A 749 -40.34 -36.79 -57.05
C ALA A 749 -41.50 -35.99 -57.63
N THR A 750 -41.72 -34.81 -57.05
CA THR A 750 -42.81 -33.94 -57.46
C THR A 750 -42.31 -32.54 -57.77
N GLN A 767 -29.94 -39.91 -65.35
CA GLN A 767 -30.01 -41.33 -65.08
C GLN A 767 -31.05 -41.63 -64.00
N ALA A 768 -31.65 -42.82 -64.05
CA ALA A 768 -32.60 -43.26 -63.04
C ALA A 768 -31.94 -44.07 -61.92
N SER A 769 -30.61 -44.18 -61.93
CA SER A 769 -29.89 -44.90 -60.89
C SER A 769 -29.56 -44.02 -59.69
N GLU A 770 -29.85 -42.73 -59.76
CA GLU A 770 -29.54 -41.81 -58.68
C GLU A 770 -30.77 -41.40 -57.87
N THR A 771 -31.97 -41.83 -58.27
CA THR A 771 -33.16 -41.45 -57.53
C THR A 771 -33.42 -42.43 -56.39
N ALA A 772 -34.35 -42.04 -55.51
CA ALA A 772 -34.78 -42.92 -54.45
C ALA A 772 -35.77 -43.97 -54.94
N VAL A 773 -36.32 -43.77 -56.14
CA VAL A 773 -37.41 -44.60 -56.63
C VAL A 773 -36.93 -46.02 -56.94
N ALA A 774 -35.93 -46.13 -57.82
CA ALA A 774 -35.38 -47.44 -58.15
C ALA A 774 -34.67 -48.07 -56.97
N LYS A 775 -34.09 -47.26 -56.09
CA LYS A 775 -33.45 -47.78 -54.89
C LYS A 775 -34.46 -48.34 -53.91
N ASN A 776 -35.68 -47.81 -53.92
CA ASN A 776 -36.75 -48.42 -53.13
C ASN A 776 -37.21 -49.73 -53.75
N GLN A 777 -37.10 -49.86 -55.07
CA GLN A 777 -37.61 -51.05 -55.73
C GLN A 777 -36.55 -52.11 -55.99
N ALA A 778 -35.33 -51.74 -56.40
CA ALA A 778 -34.33 -52.74 -56.76
C ALA A 778 -33.84 -53.49 -55.53
N LEU A 779 -33.72 -52.79 -54.41
CA LEU A 779 -33.40 -53.43 -53.14
C LEU A 779 -34.54 -54.31 -52.64
N LYS A 780 -35.77 -54.07 -53.09
CA LYS A 780 -36.93 -54.72 -52.48
C LYS A 780 -37.04 -56.19 -52.87
N GLU A 781 -36.91 -56.53 -54.16
CA GLU A 781 -37.00 -57.91 -54.59
C GLU A 781 -35.65 -58.62 -54.60
N ALA A 782 -34.67 -58.09 -53.88
CA ALA A 782 -33.48 -58.87 -53.57
C ALA A 782 -33.69 -59.76 -52.36
N GLY A 783 -34.73 -59.52 -51.58
CA GLY A 783 -35.00 -60.25 -50.36
C GLY A 783 -34.88 -59.43 -49.08
N VAL A 784 -35.15 -58.13 -49.14
CA VAL A 784 -34.91 -57.22 -48.03
C VAL A 784 -36.26 -56.82 -47.44
N PHE A 785 -36.38 -56.89 -46.12
CA PHE A 785 -37.48 -56.23 -45.43
C PHE A 785 -37.42 -54.73 -45.70
N VAL A 786 -38.42 -54.21 -46.39
CA VAL A 786 -38.39 -52.82 -46.81
C VAL A 786 -39.61 -52.08 -46.26
N PRO A 787 -39.42 -51.04 -45.45
CA PRO A 787 -40.53 -50.18 -45.07
C PRO A 787 -41.08 -49.38 -46.24
N ARG A 788 -42.40 -49.13 -46.17
CA ARG A 788 -43.06 -48.35 -47.21
C ARG A 788 -43.17 -46.89 -46.84
N SER A 789 -43.06 -46.57 -45.56
CA SER A 789 -43.08 -45.20 -45.07
C SER A 789 -42.07 -45.07 -43.95
N PHE A 790 -42.04 -43.90 -43.31
CA PHE A 790 -41.16 -43.71 -42.17
C PHE A 790 -41.86 -44.02 -40.86
N ASP A 791 -43.19 -43.85 -40.83
CA ASP A 791 -43.99 -44.22 -39.67
C ASP A 791 -44.01 -45.73 -39.46
N GLU A 792 -43.93 -46.51 -40.53
CA GLU A 792 -43.92 -47.96 -40.43
C GLU A 792 -42.54 -48.51 -40.12
N LEU A 793 -41.52 -47.66 -40.10
CA LEU A 793 -40.15 -48.12 -39.90
C LEU A 793 -39.95 -48.65 -38.49
N GLY A 794 -40.73 -48.14 -37.54
CA GLY A 794 -40.77 -48.74 -36.22
C GLY A 794 -41.36 -50.13 -36.20
N GLU A 795 -42.34 -50.42 -37.07
CA GLU A 795 -42.94 -51.75 -37.09
C GLU A 795 -42.10 -52.75 -37.86
N ILE A 796 -41.31 -52.28 -38.83
CA ILE A 796 -40.45 -53.17 -39.60
C ILE A 796 -39.39 -53.80 -38.70
N ILE A 797 -38.72 -52.98 -37.87
CA ILE A 797 -37.75 -53.51 -36.93
C ILE A 797 -38.44 -54.27 -35.81
N GLN A 798 -39.68 -53.88 -35.46
CA GLN A 798 -40.46 -54.62 -34.47
C GLN A 798 -40.82 -56.01 -34.98
N SER A 799 -41.21 -56.11 -36.24
CA SER A 799 -41.59 -57.41 -36.81
C SER A 799 -40.39 -58.33 -36.94
N VAL A 800 -39.27 -57.83 -37.43
CA VAL A 800 -38.12 -58.69 -37.68
C VAL A 800 -37.46 -59.09 -36.37
N TYR A 801 -37.61 -58.28 -35.31
CA TYR A 801 -37.07 -58.67 -34.01
C TYR A 801 -37.92 -59.77 -33.39
N GLU A 802 -39.22 -59.77 -33.65
CA GLU A 802 -40.07 -60.87 -33.19
C GLU A 802 -39.71 -62.18 -33.89
N ASP A 803 -39.31 -62.11 -35.16
CA ASP A 803 -38.90 -63.32 -35.87
C ASP A 803 -37.54 -63.82 -35.40
N LEU A 804 -36.63 -62.89 -35.06
CA LEU A 804 -35.31 -63.26 -34.59
C LEU A 804 -35.29 -63.75 -33.16
N VAL A 805 -36.36 -63.53 -32.40
CA VAL A 805 -36.47 -64.15 -31.09
C VAL A 805 -37.36 -65.39 -31.12
N ALA A 806 -38.02 -65.67 -32.25
CA ALA A 806 -38.87 -66.86 -32.34
C ALA A 806 -38.05 -68.14 -32.36
N ASN A 807 -36.92 -68.14 -33.06
CA ASN A 807 -36.01 -69.28 -33.05
C ASN A 807 -35.04 -69.25 -31.88
N GLY A 808 -35.06 -68.21 -31.06
CA GLY A 808 -34.25 -68.16 -29.86
C GLY A 808 -32.78 -67.90 -30.09
N VAL A 809 -32.39 -67.40 -31.25
CA VAL A 809 -30.99 -67.04 -31.47
C VAL A 809 -30.63 -65.75 -30.73
N ILE A 810 -31.60 -64.88 -30.50
CA ILE A 810 -31.42 -63.72 -29.62
C ILE A 810 -32.05 -64.08 -28.28
N VAL A 811 -31.23 -64.24 -27.25
CA VAL A 811 -31.70 -64.56 -25.92
C VAL A 811 -32.09 -63.26 -25.22
N PRO A 812 -33.13 -63.24 -24.40
CA PRO A 812 -33.49 -62.01 -23.68
C PRO A 812 -32.47 -61.71 -22.58
N ALA A 813 -31.84 -60.54 -22.68
CA ALA A 813 -30.83 -60.16 -21.71
C ALA A 813 -31.47 -59.56 -20.47
N GLN A 814 -30.92 -59.90 -19.30
CA GLN A 814 -31.37 -59.30 -18.05
C GLN A 814 -30.83 -57.88 -17.93
N GLU A 815 -31.46 -57.09 -17.06
CA GLU A 815 -31.02 -55.72 -16.87
C GLU A 815 -30.36 -55.53 -15.50
N VAL A 816 -29.26 -54.79 -15.48
CA VAL A 816 -28.56 -54.42 -14.26
C VAL A 816 -28.63 -52.90 -14.15
N PRO A 817 -28.95 -52.33 -12.99
CA PRO A 817 -29.07 -50.86 -12.89
C PRO A 817 -27.71 -50.20 -12.99
N PRO A 818 -27.65 -48.97 -13.52
CA PRO A 818 -26.36 -48.35 -13.81
C PRO A 818 -25.87 -47.52 -12.64
N PRO A 819 -24.60 -47.13 -12.63
CA PRO A 819 -24.14 -46.11 -11.68
C PRO A 819 -24.73 -44.75 -12.02
N THR A 820 -25.01 -43.97 -10.99
CA THR A 820 -25.56 -42.63 -11.16
C THR A 820 -24.46 -41.60 -10.91
N VAL A 821 -24.45 -40.56 -11.75
CA VAL A 821 -23.32 -39.65 -11.90
C VAL A 821 -23.76 -38.21 -11.70
N PRO A 822 -22.94 -37.36 -11.08
CA PRO A 822 -23.23 -35.92 -11.09
C PRO A 822 -22.83 -35.32 -12.42
N MET A 823 -23.61 -34.34 -12.88
CA MET A 823 -23.44 -33.90 -14.27
C MET A 823 -22.31 -32.89 -14.51
N ASP A 824 -22.42 -31.64 -14.03
CA ASP A 824 -21.50 -30.50 -13.95
C ASP A 824 -22.31 -29.36 -13.35
N TYR A 825 -21.62 -28.28 -13.00
CA TYR A 825 -22.35 -27.11 -12.53
C TYR A 825 -22.73 -26.18 -13.66
N SER A 826 -21.73 -25.68 -14.39
CA SER A 826 -21.93 -24.61 -15.36
C SER A 826 -22.84 -25.01 -16.50
N TRP A 827 -22.88 -26.31 -16.83
CA TRP A 827 -23.89 -26.77 -17.76
C TRP A 827 -25.27 -26.79 -17.12
N ALA A 828 -25.36 -27.26 -15.87
CA ALA A 828 -26.67 -27.45 -15.27
C ALA A 828 -27.29 -26.12 -14.88
N ARG A 829 -26.46 -25.12 -14.58
CA ARG A 829 -27.04 -23.81 -14.31
C ARG A 829 -27.46 -23.12 -15.59
N GLU A 830 -26.90 -23.52 -16.73
CA GLU A 830 -27.16 -22.81 -17.98
C GLU A 830 -28.59 -23.05 -18.46
N LEU A 831 -29.10 -24.26 -18.29
CA LEU A 831 -30.50 -24.52 -18.56
C LEU A 831 -31.35 -24.36 -17.33
N GLY A 832 -30.81 -23.74 -16.27
CA GLY A 832 -31.58 -23.11 -15.22
C GLY A 832 -32.43 -24.02 -14.37
N LEU A 833 -31.79 -24.85 -13.54
CA LEU A 833 -32.57 -25.73 -12.70
C LEU A 833 -32.21 -25.67 -11.22
N ILE A 834 -31.18 -24.93 -10.81
CA ILE A 834 -30.77 -25.15 -9.42
C ILE A 834 -31.10 -24.01 -8.45
N ARG A 835 -30.29 -22.94 -8.41
CA ARG A 835 -30.46 -21.56 -7.91
C ARG A 835 -29.03 -21.07 -7.73
N LYS A 836 -28.82 -19.81 -7.32
CA LYS A 836 -27.65 -19.42 -6.52
C LYS A 836 -27.90 -18.06 -5.90
N PRO A 837 -27.61 -17.87 -4.63
CA PRO A 837 -27.59 -16.51 -4.06
C PRO A 837 -26.42 -15.72 -4.63
N ALA A 838 -26.53 -14.40 -4.54
CA ALA A 838 -25.57 -13.54 -5.23
C ALA A 838 -25.03 -12.47 -4.29
N SER A 839 -23.71 -12.39 -4.19
CA SER A 839 -23.01 -11.30 -3.53
C SER A 839 -22.68 -10.28 -4.61
N PHE A 840 -21.83 -9.30 -4.26
CA PHE A 840 -21.20 -8.38 -5.23
C PHE A 840 -22.23 -7.58 -6.02
N MET A 841 -22.86 -6.61 -5.34
CA MET A 841 -24.00 -5.91 -5.93
C MET A 841 -23.60 -5.10 -7.17
N THR A 842 -22.59 -4.24 -7.04
CA THR A 842 -21.86 -3.48 -8.10
C THR A 842 -22.72 -2.95 -9.26
N SER A 843 -23.50 -1.92 -8.97
CA SER A 843 -24.33 -1.26 -9.99
C SER A 843 -23.50 -0.21 -10.73
N ILE A 844 -22.52 -0.69 -11.49
CA ILE A 844 -21.76 0.17 -12.40
C ILE A 844 -21.14 -0.74 -13.46
N CYS A 845 -20.93 -0.19 -14.65
CA CYS A 845 -19.99 -0.70 -15.65
C CYS A 845 -20.36 -2.10 -16.12
N ASP A 846 -21.49 -2.17 -16.81
CA ASP A 846 -21.86 -3.39 -17.52
C ASP A 846 -20.82 -3.70 -18.59
N GLU A 847 -20.27 -4.91 -18.54
CA GLU A 847 -19.09 -5.23 -19.32
C GLU A 847 -19.22 -6.49 -20.16
N ARG A 848 -20.15 -7.37 -19.85
CA ARG A 848 -20.44 -8.45 -20.78
C ARG A 848 -21.61 -8.06 -21.65
N GLY A 849 -21.65 -8.65 -22.85
CA GLY A 849 -22.44 -8.14 -23.95
C GLY A 849 -21.54 -7.66 -25.07
N GLN A 850 -22.07 -6.77 -25.90
CA GLN A 850 -21.31 -6.32 -27.04
C GLN A 850 -20.75 -4.92 -26.89
N GLU A 851 -21.35 -4.08 -26.08
CA GLU A 851 -20.87 -2.73 -25.88
C GLU A 851 -20.88 -2.43 -24.39
N LEU A 852 -19.80 -1.82 -23.90
CA LEU A 852 -19.68 -1.51 -22.49
C LEU A 852 -20.65 -0.39 -22.15
N ILE A 853 -21.66 -0.71 -21.37
CA ILE A 853 -22.62 0.28 -20.93
C ILE A 853 -22.10 0.89 -19.64
N TYR A 854 -22.12 2.21 -19.56
CA TYR A 854 -21.81 2.89 -18.32
C TYR A 854 -23.11 3.04 -17.54
N ALA A 855 -23.12 3.94 -16.54
CA ALA A 855 -24.19 4.00 -15.55
C ALA A 855 -25.57 4.24 -16.17
N GLY A 856 -25.63 4.87 -17.34
CA GLY A 856 -26.87 4.89 -18.08
C GLY A 856 -26.69 4.85 -19.58
N MET A 857 -25.50 4.50 -20.05
CA MET A 857 -25.20 4.84 -21.43
C MET A 857 -24.12 3.95 -22.03
N PRO A 858 -24.24 3.56 -23.29
CA PRO A 858 -23.13 2.87 -23.95
C PRO A 858 -21.96 3.81 -24.21
N ILE A 859 -20.84 3.21 -24.59
CA ILE A 859 -19.59 3.94 -24.75
C ILE A 859 -19.67 4.93 -25.91
N THR A 860 -20.24 4.51 -27.05
CA THR A 860 -20.20 5.34 -28.24
C THR A 860 -21.16 6.51 -28.13
N GLU A 861 -22.22 6.38 -27.34
CA GLU A 861 -23.17 7.46 -27.14
C GLU A 861 -22.58 8.60 -26.31
N VAL A 862 -21.50 8.32 -25.58
CA VAL A 862 -20.86 9.36 -24.79
C VAL A 862 -20.19 10.39 -25.68
N PHE A 863 -19.53 9.94 -26.75
CA PHE A 863 -18.85 10.86 -27.64
C PHE A 863 -19.78 11.53 -28.64
N LYS A 864 -20.99 11.01 -28.81
CA LYS A 864 -21.95 11.71 -29.66
C LYS A 864 -22.50 12.95 -28.97
N GLU A 865 -22.66 12.90 -27.65
CA GLU A 865 -22.83 14.13 -26.90
C GLU A 865 -21.49 14.83 -26.71
N GLU A 866 -20.39 14.06 -26.79
CA GLU A 866 -19.02 14.55 -26.65
C GLU A 866 -18.82 15.30 -25.33
N MET A 867 -19.08 14.61 -24.23
CA MET A 867 -18.75 15.18 -22.93
C MET A 867 -17.30 14.85 -22.57
N GLY A 868 -16.71 15.69 -21.74
CA GLY A 868 -15.36 15.47 -21.28
C GLY A 868 -15.31 14.39 -20.21
N ILE A 869 -14.14 14.26 -19.59
CA ILE A 869 -14.02 13.23 -18.56
C ILE A 869 -14.66 13.68 -17.25
N GLY A 870 -15.03 14.94 -17.14
CA GLY A 870 -16.00 15.31 -16.12
C GLY A 870 -17.33 14.63 -16.35
N GLY A 871 -17.69 14.41 -17.62
CA GLY A 871 -18.94 13.71 -17.92
C GLY A 871 -18.93 12.28 -17.44
N VAL A 872 -17.82 11.56 -17.63
CA VAL A 872 -17.75 10.24 -17.05
C VAL A 872 -17.54 10.32 -15.55
N LEU A 873 -17.05 11.45 -15.04
CA LEU A 873 -16.92 11.61 -13.61
C LEU A 873 -18.27 11.82 -12.95
N GLY A 874 -19.26 12.30 -13.70
CA GLY A 874 -20.61 12.26 -13.19
C GLY A 874 -21.18 10.85 -13.19
N LEU A 875 -20.95 10.11 -14.28
CA LEU A 875 -21.57 8.80 -14.43
C LEU A 875 -20.97 7.77 -13.50
N LEU A 876 -19.64 7.66 -13.49
CA LEU A 876 -19.00 6.61 -12.70
C LEU A 876 -19.03 6.89 -11.22
N TRP A 877 -19.33 8.12 -10.81
CA TRP A 877 -19.42 8.39 -9.38
C TRP A 877 -20.84 8.62 -8.90
N PHE A 878 -21.64 9.32 -9.67
CA PHE A 878 -22.94 9.72 -9.18
C PHE A 878 -24.10 9.12 -9.95
N GLN A 879 -23.82 8.47 -11.08
CA GLN A 879 -24.80 7.70 -11.87
C GLN A 879 -25.96 8.55 -12.38
N LYS A 880 -25.73 9.84 -12.52
CA LYS A 880 -26.71 10.73 -13.12
C LYS A 880 -26.05 11.40 -14.32
N ARG A 881 -26.85 11.68 -15.33
CA ARG A 881 -26.36 12.42 -16.49
C ARG A 881 -26.14 13.87 -16.04
N LEU A 882 -24.94 14.19 -15.68
CA LEU A 882 -24.66 15.52 -15.17
C LEU A 882 -24.60 16.51 -16.34
N PRO A 883 -25.30 17.64 -16.26
CA PRO A 883 -25.33 18.59 -17.37
C PRO A 883 -23.99 19.30 -17.55
N LYS A 884 -23.70 19.60 -18.82
CA LYS A 884 -22.36 19.96 -19.25
C LYS A 884 -21.99 21.42 -18.98
N TYR A 885 -22.76 22.14 -18.16
CA TYR A 885 -22.23 23.39 -17.62
C TYR A 885 -21.42 23.14 -16.36
N SER A 886 -21.70 22.04 -15.67
CA SER A 886 -20.99 21.66 -14.47
C SER A 886 -19.98 20.55 -14.69
N CYS A 887 -20.10 19.82 -15.81
CA CYS A 887 -19.05 18.90 -16.23
C CYS A 887 -17.73 19.63 -16.38
N GLN A 888 -17.75 20.83 -16.94
CA GLN A 888 -16.53 21.62 -17.04
C GLN A 888 -16.12 22.22 -15.70
N PHE A 889 -16.99 22.21 -14.71
CA PHE A 889 -16.58 22.69 -13.39
C PHE A 889 -15.72 21.66 -12.68
N ILE A 890 -16.16 20.40 -12.67
CA ILE A 890 -15.41 19.39 -11.93
C ILE A 890 -14.14 19.01 -12.70
N GLU A 891 -14.11 19.25 -14.02
CA GLU A 891 -12.87 19.15 -14.75
C GLU A 891 -11.93 20.28 -14.36
N MET A 892 -12.48 21.50 -14.22
CA MET A 892 -11.68 22.61 -13.72
C MET A 892 -11.33 22.43 -12.26
N CYS A 893 -12.10 21.62 -11.53
CA CYS A 893 -11.89 21.51 -10.10
C CYS A 893 -10.67 20.66 -9.78
N LEU A 894 -10.46 19.57 -10.50
CA LEU A 894 -9.25 18.81 -10.27
C LEU A 894 -8.06 19.37 -11.03
N MET A 895 -8.30 20.29 -11.97
CA MET A 895 -7.19 20.91 -12.67
C MET A 895 -6.42 21.90 -11.80
N VAL A 896 -7.06 22.44 -10.76
CA VAL A 896 -6.36 23.36 -9.88
C VAL A 896 -5.87 22.70 -8.61
N THR A 897 -6.28 21.46 -8.34
CA THR A 897 -5.79 20.68 -7.22
C THR A 897 -4.76 19.66 -7.68
N ALA A 898 -3.88 20.10 -8.58
CA ALA A 898 -2.70 19.35 -8.97
C ALA A 898 -1.64 19.47 -7.89
N ASP A 899 -0.38 19.20 -8.25
CA ASP A 899 0.70 19.25 -7.27
C ASP A 899 0.87 20.64 -6.68
N HIS A 900 1.23 20.68 -5.39
CA HIS A 900 1.38 21.89 -4.62
C HIS A 900 2.82 22.08 -4.16
N GLY A 901 3.75 21.38 -4.78
CA GLY A 901 5.14 21.51 -4.43
C GLY A 901 5.74 20.27 -3.82
N PRO A 902 7.02 20.04 -4.06
CA PRO A 902 7.67 18.80 -3.60
C PRO A 902 8.05 18.80 -2.14
N ALA A 903 7.64 19.77 -1.36
CA ALA A 903 7.99 19.72 0.05
C ALA A 903 6.93 19.03 0.88
N VAL A 904 5.71 18.97 0.38
CA VAL A 904 4.57 18.55 1.19
C VAL A 904 4.69 17.06 1.46
N SER A 905 4.25 16.63 2.66
CA SER A 905 4.47 15.27 3.13
C SER A 905 3.72 14.22 2.33
N GLY A 906 2.80 14.62 1.46
CA GLY A 906 2.30 13.69 0.47
C GLY A 906 3.34 13.39 -0.59
N ALA A 907 3.81 14.40 -1.30
CA ALA A 907 4.75 14.17 -2.38
C ALA A 907 6.14 13.83 -1.89
N HIS A 908 6.43 14.03 -0.61
CA HIS A 908 7.76 13.75 -0.09
C HIS A 908 8.01 12.25 0.04
N ASN A 909 6.97 11.47 0.33
CA ASN A 909 7.15 10.03 0.34
C ASN A 909 7.42 9.49 -1.06
N THR A 910 6.69 9.97 -2.06
CA THR A 910 6.79 9.32 -3.35
C THR A 910 8.06 9.70 -4.10
N ILE A 911 8.80 10.70 -3.63
CA ILE A 911 10.15 10.86 -4.12
C ILE A 911 11.07 9.80 -3.53
N ILE A 912 10.85 9.45 -2.26
CA ILE A 912 11.75 8.53 -1.57
C ILE A 912 11.63 7.14 -2.17
N CYS A 913 10.40 6.68 -2.38
CA CYS A 913 10.19 5.41 -3.07
C CYS A 913 10.48 5.51 -4.56
N ALA A 914 10.78 6.71 -5.08
CA ALA A 914 11.31 6.81 -6.42
C ALA A 914 12.82 6.67 -6.42
N ARG A 915 13.48 7.24 -5.41
CA ARG A 915 14.92 7.14 -5.38
C ARG A 915 15.37 5.73 -5.05
N ALA A 916 14.59 5.00 -4.27
CA ALA A 916 14.85 3.58 -4.08
C ALA A 916 14.56 2.76 -5.32
N GLY A 917 13.85 3.32 -6.30
CA GLY A 917 13.74 2.74 -7.62
C GLY A 917 12.88 1.50 -7.71
N LYS A 918 11.67 1.55 -7.18
CA LYS A 918 10.85 0.33 -7.21
C LYS A 918 10.22 0.14 -8.59
N ASP A 919 9.23 0.96 -8.91
CA ASP A 919 8.60 1.13 -10.22
C ASP A 919 7.62 2.29 -10.09
N LEU A 920 6.77 2.48 -11.11
CA LEU A 920 5.75 3.52 -11.01
C LEU A 920 4.70 3.18 -9.95
N VAL A 921 4.02 2.05 -10.11
CA VAL A 921 2.76 1.90 -9.41
C VAL A 921 2.91 1.37 -8.00
N SER A 922 4.12 1.02 -7.58
CA SER A 922 4.36 0.90 -6.15
C SER A 922 4.86 2.21 -5.57
N SER A 923 5.22 3.18 -6.40
CA SER A 923 5.63 4.46 -5.85
C SER A 923 4.57 5.52 -5.99
N LEU A 924 3.49 5.20 -6.69
CA LEU A 924 2.24 5.92 -6.49
C LEU A 924 1.50 5.35 -5.30
N THR A 925 1.78 4.10 -4.96
CA THR A 925 1.03 3.43 -3.91
C THR A 925 1.42 3.92 -2.54
N SER A 926 2.71 4.14 -2.32
CA SER A 926 3.15 4.71 -1.06
C SER A 926 2.77 6.17 -0.95
N GLY A 927 2.46 6.83 -2.06
CA GLY A 927 2.21 8.26 -2.01
C GLY A 927 0.80 8.62 -1.60
N LEU A 928 -0.20 7.91 -2.10
CA LEU A 928 -1.57 8.20 -1.70
C LEU A 928 -1.91 7.69 -0.31
N LEU A 929 -0.97 7.10 0.40
CA LEU A 929 -1.30 6.49 1.68
C LEU A 929 -1.21 7.53 2.79
N THR A 930 -0.80 8.74 2.44
CA THR A 930 -0.66 9.76 3.44
C THR A 930 -1.86 10.69 3.53
N ILE A 931 -2.82 10.59 2.61
CA ILE A 931 -3.99 11.45 2.66
C ILE A 931 -4.88 10.98 3.80
N GLY A 932 -4.92 11.74 4.88
CA GLY A 932 -5.59 11.29 6.07
C GLY A 932 -6.25 12.40 6.85
N ASP A 933 -6.01 12.45 8.16
CA ASP A 933 -6.64 13.45 9.00
C ASP A 933 -5.69 14.52 9.49
N ARG A 934 -4.48 14.61 8.95
CA ARG A 934 -3.63 15.75 9.22
C ARG A 934 -2.90 16.27 7.99
N PHE A 935 -3.16 15.72 6.81
CA PHE A 935 -2.77 16.35 5.56
C PHE A 935 -3.82 16.03 4.52
N GLY A 936 -4.25 17.07 3.79
CA GLY A 936 -4.95 16.89 2.54
C GLY A 936 -6.40 16.49 2.63
N GLY A 937 -6.84 15.96 3.77
CA GLY A 937 -8.23 15.71 4.04
C GLY A 937 -8.94 16.91 4.63
N ALA A 938 -8.33 18.11 4.52
CA ALA A 938 -8.98 19.33 4.97
C ALA A 938 -10.18 19.69 4.11
N LEU A 939 -10.29 19.13 2.91
CA LEU A 939 -11.53 19.19 2.14
C LEU A 939 -12.70 18.66 2.93
N ASP A 940 -12.51 17.51 3.58
CA ASP A 940 -13.61 16.89 4.31
C ASP A 940 -14.00 17.68 5.54
N ALA A 941 -13.05 18.36 6.17
CA ALA A 941 -13.42 19.22 7.29
C ALA A 941 -14.00 20.55 6.83
N ALA A 942 -13.60 21.06 5.67
CA ALA A 942 -14.14 22.31 5.15
C ALA A 942 -15.39 22.11 4.32
N ALA A 943 -16.06 20.97 4.46
CA ALA A 943 -17.43 20.82 4.03
C ALA A 943 -18.36 20.50 5.18
N LYS A 944 -17.95 19.60 6.07
CA LYS A 944 -18.79 19.19 7.18
C LYS A 944 -18.70 20.14 8.37
N MET A 945 -17.90 21.20 8.27
CA MET A 945 -18.01 22.29 9.25
C MET A 945 -19.03 23.32 8.77
N PHE A 946 -19.24 23.40 7.47
CA PHE A 946 -20.13 24.42 6.93
C PHE A 946 -21.49 23.87 6.56
N SER A 947 -21.55 22.61 6.12
CA SER A 947 -22.85 22.02 5.78
C SER A 947 -23.68 21.78 7.03
N LYS A 948 -23.03 21.50 8.15
CA LYS A 948 -23.75 21.46 9.42
C LYS A 948 -24.21 22.85 9.83
N ALA A 949 -23.31 23.82 9.84
CA ALA A 949 -23.58 25.15 10.36
C ALA A 949 -24.29 26.05 9.35
N PHE A 950 -24.87 25.48 8.31
CA PHE A 950 -25.82 26.23 7.51
C PHE A 950 -27.19 25.59 7.47
N ASP A 951 -27.25 24.27 7.22
CA ASP A 951 -28.55 23.60 7.13
C ASP A 951 -29.23 23.52 8.49
N SER A 952 -28.48 23.29 9.55
CA SER A 952 -28.96 23.46 10.92
C SER A 952 -28.34 24.72 11.51
N GLY A 953 -28.26 25.76 10.68
CA GLY A 953 -27.30 26.82 10.87
C GLY A 953 -27.72 27.94 11.79
N ILE A 954 -26.81 28.89 11.92
CA ILE A 954 -26.93 30.05 12.79
C ILE A 954 -26.32 31.23 12.04
N ILE A 955 -26.41 32.42 12.63
CA ILE A 955 -25.84 33.65 12.07
C ILE A 955 -24.32 33.54 11.96
N PRO A 956 -23.70 34.28 11.03
CA PRO A 956 -22.23 34.24 10.92
C PRO A 956 -21.50 34.72 12.17
N MET A 957 -21.90 35.85 12.76
CA MET A 957 -21.19 36.32 13.95
C MET A 957 -21.79 35.76 15.24
N GLU A 958 -22.10 34.47 15.23
CA GLU A 958 -22.11 33.61 16.40
C GLU A 958 -21.50 32.25 16.11
N PHE A 959 -21.47 31.83 14.84
CA PHE A 959 -20.67 30.70 14.40
C PHE A 959 -19.21 30.90 14.75
N VAL A 960 -18.66 32.06 14.42
CA VAL A 960 -17.28 32.37 14.78
C VAL A 960 -17.15 32.53 16.28
N ASN A 961 -18.18 33.08 16.93
CA ASN A 961 -18.17 33.24 18.37
C ASN A 961 -18.25 31.90 19.09
N LYS A 962 -18.98 30.93 18.53
CA LYS A 962 -19.06 29.61 19.14
C LYS A 962 -17.73 28.89 19.09
N MET A 963 -17.02 28.98 17.96
CA MET A 963 -15.76 28.26 17.81
C MET A 963 -14.68 28.90 18.67
N LYS A 964 -14.67 30.23 18.76
CA LYS A 964 -13.59 30.92 19.46
C LYS A 964 -13.86 31.06 20.95
N LYS A 965 -14.69 30.17 21.49
CA LYS A 965 -14.70 29.87 22.91
C LYS A 965 -14.36 28.42 23.18
N GLU A 966 -13.89 27.68 22.16
CA GLU A 966 -13.61 26.26 22.29
C GLU A 966 -12.24 25.85 21.77
N GLY A 967 -11.55 26.70 21.02
CA GLY A 967 -10.46 26.25 20.18
C GLY A 967 -10.97 26.02 18.77
N LYS A 968 -10.65 24.85 18.21
CA LYS A 968 -11.20 24.26 16.98
C LYS A 968 -11.36 25.23 15.81
N LEU A 969 -10.22 25.71 15.28
CA LEU A 969 -10.17 26.72 14.24
C LEU A 969 -10.91 26.26 12.97
N ILE A 970 -11.41 27.25 12.22
CA ILE A 970 -12.19 26.97 11.02
C ILE A 970 -11.30 26.36 9.95
N MET A 971 -11.60 25.14 9.57
CA MET A 971 -10.80 24.46 8.56
C MET A 971 -11.13 25.01 7.18
N GLY A 972 -10.16 24.91 6.27
CA GLY A 972 -10.26 25.54 4.99
C GLY A 972 -9.85 26.99 4.97
N ILE A 973 -9.46 27.53 6.12
CA ILE A 973 -9.11 28.94 6.26
C ILE A 973 -7.78 29.03 6.99
N GLY A 974 -6.83 29.74 6.37
CA GLY A 974 -5.51 29.90 6.94
C GLY A 974 -4.47 29.78 5.85
N HIS A 975 -3.62 30.79 5.71
CA HIS A 975 -2.69 30.86 4.60
C HIS A 975 -1.53 31.73 5.02
N ARG A 976 -0.32 31.26 4.78
CA ARG A 976 0.84 31.92 5.35
C ARG A 976 1.32 33.13 4.56
N VAL A 977 0.93 33.28 3.30
CA VAL A 977 1.63 34.25 2.46
C VAL A 977 0.74 35.39 1.99
N LYS A 978 -0.30 35.09 1.20
CA LYS A 978 -1.05 36.14 0.51
C LYS A 978 -2.52 36.03 0.85
N SER A 979 -3.03 36.98 1.64
CA SER A 979 -4.44 36.97 1.97
C SER A 979 -5.20 38.22 1.52
N ILE A 980 -4.82 39.39 2.01
CA ILE A 980 -5.64 40.58 1.89
C ILE A 980 -4.86 41.62 1.09
N ASN A 981 -5.56 42.26 0.13
CA ASN A 981 -5.06 43.19 -0.89
C ASN A 981 -4.13 42.50 -1.89
N ASN A 982 -4.03 41.18 -1.83
CA ASN A 982 -3.09 40.37 -2.56
C ASN A 982 -3.61 38.94 -2.53
N PRO A 983 -4.51 38.56 -3.42
CA PRO A 983 -5.10 37.23 -3.38
C PRO A 983 -4.13 36.18 -3.93
N ASP A 984 -4.51 34.91 -3.77
CA ASP A 984 -3.67 33.80 -4.20
C ASP A 984 -3.79 33.52 -5.69
N MET A 985 -4.62 34.27 -6.41
CA MET A 985 -4.76 34.33 -7.87
C MET A 985 -5.35 33.07 -8.48
N ARG A 986 -5.62 32.02 -7.70
CA ARG A 986 -6.35 30.86 -8.19
C ARG A 986 -7.61 30.56 -7.41
N VAL A 987 -7.69 31.02 -6.15
CA VAL A 987 -8.96 30.98 -5.45
C VAL A 987 -9.96 31.94 -6.09
N GLN A 988 -9.47 33.00 -6.73
CA GLN A 988 -10.34 33.90 -7.47
C GLN A 988 -10.62 33.39 -8.87
N ILE A 989 -9.80 32.47 -9.38
CA ILE A 989 -10.06 31.86 -10.68
C ILE A 989 -11.37 31.09 -10.65
N LEU A 990 -11.57 30.29 -9.60
CA LEU A 990 -12.83 29.60 -9.47
C LEU A 990 -13.97 30.54 -9.08
N LYS A 991 -13.65 31.73 -8.58
CA LYS A 991 -14.67 32.59 -7.98
C LYS A 991 -15.61 33.16 -9.03
N ASP A 992 -15.12 33.43 -10.23
CA ASP A 992 -16.05 33.87 -11.26
C ASP A 992 -16.72 32.72 -11.97
N TYR A 993 -16.05 31.56 -12.08
CA TYR A 993 -16.66 30.43 -12.76
C TYR A 993 -17.77 29.81 -11.93
N VAL A 994 -17.76 30.06 -10.63
CA VAL A 994 -18.93 29.70 -9.84
C VAL A 994 -19.92 30.86 -9.85
N ARG A 995 -19.50 32.05 -10.27
CA ARG A 995 -20.45 33.16 -10.33
C ARG A 995 -21.30 33.15 -11.59
N GLN A 996 -20.82 32.61 -12.70
CA GLN A 996 -21.63 32.71 -13.90
C GLN A 996 -22.64 31.59 -13.99
N HIS A 997 -22.14 30.36 -14.12
CA HIS A 997 -23.00 29.24 -14.48
C HIS A 997 -23.45 28.48 -13.25
N PHE A 998 -23.97 29.16 -12.24
CA PHE A 998 -24.35 28.48 -11.00
C PHE A 998 -25.42 29.29 -10.31
N PRO A 999 -26.69 29.05 -10.63
CA PRO A 999 -27.76 29.62 -9.82
C PRO A 999 -27.86 28.89 -8.48
N ALA A 1000 -28.55 29.55 -7.54
CA ALA A 1000 -28.92 29.01 -6.23
C ALA A 1000 -27.70 28.56 -5.44
N THR A 1001 -26.92 29.55 -5.02
CA THR A 1001 -25.75 29.27 -4.19
C THR A 1001 -25.95 29.76 -2.76
N PRO A 1002 -26.54 28.95 -1.88
CA PRO A 1002 -26.69 29.38 -0.49
C PRO A 1002 -25.38 29.30 0.29
N LEU A 1003 -24.61 28.24 0.06
CA LEU A 1003 -23.44 27.98 0.90
C LEU A 1003 -22.32 28.97 0.62
N LEU A 1004 -22.05 29.26 -0.65
CA LEU A 1004 -20.88 30.05 -0.98
C LEU A 1004 -21.09 31.51 -0.61
N ASP A 1005 -22.32 32.00 -0.73
CA ASP A 1005 -22.61 33.33 -0.21
C ASP A 1005 -22.64 33.33 1.31
N TYR A 1006 -22.94 32.18 1.92
CA TYR A 1006 -22.73 32.02 3.35
C TYR A 1006 -21.25 31.79 3.66
N ALA A 1007 -20.48 31.31 2.69
CA ALA A 1007 -19.05 31.14 2.91
C ALA A 1007 -18.33 32.49 2.91
N LEU A 1008 -18.66 33.36 1.96
CA LEU A 1008 -18.03 34.67 1.90
C LEU A 1008 -18.36 35.55 3.09
N GLU A 1009 -19.52 35.34 3.72
CA GLU A 1009 -19.88 36.15 4.87
C GLU A 1009 -19.19 35.68 6.14
N VAL A 1010 -18.65 34.46 6.15
CA VAL A 1010 -17.77 34.08 7.24
C VAL A 1010 -16.38 34.65 6.97
N GLU A 1011 -16.08 34.93 5.70
CA GLU A 1011 -14.78 35.51 5.35
C GLU A 1011 -14.69 36.96 5.82
N LYS A 1012 -15.73 37.76 5.54
CA LYS A 1012 -15.68 39.21 5.72
C LYS A 1012 -15.53 39.61 7.18
N ILE A 1013 -16.17 38.87 8.09
CA ILE A 1013 -15.97 39.09 9.51
C ILE A 1013 -14.55 38.73 9.92
N THR A 1014 -13.99 37.68 9.32
CA THR A 1014 -12.68 37.20 9.74
C THR A 1014 -11.54 37.98 9.10
N THR A 1015 -11.74 38.49 7.88
CA THR A 1015 -10.73 39.33 7.26
C THR A 1015 -10.55 40.64 8.01
N SER A 1016 -11.62 41.13 8.65
CA SER A 1016 -11.45 42.25 9.57
C SER A 1016 -10.78 41.81 10.85
N LYS A 1017 -10.88 40.52 11.20
CA LYS A 1017 -10.30 40.05 12.45
C LYS A 1017 -8.80 39.82 12.35
N LYS A 1018 -8.33 39.39 11.19
CA LYS A 1018 -6.91 39.12 10.98
C LYS A 1018 -6.53 39.48 9.55
N PRO A 1019 -5.28 39.91 9.32
CA PRO A 1019 -4.84 40.18 7.95
C PRO A 1019 -4.65 38.93 7.12
N ASN A 1020 -4.55 37.78 7.76
CA ASN A 1020 -4.61 36.48 7.10
C ASN A 1020 -6.07 36.02 7.07
N LEU A 1021 -6.27 34.71 6.89
CA LEU A 1021 -7.54 34.02 7.02
C LEU A 1021 -8.51 34.37 5.90
N ILE A 1022 -8.07 34.23 4.69
CA ILE A 1022 -8.95 34.15 3.53
C ILE A 1022 -9.35 32.69 3.38
N LEU A 1023 -10.45 32.43 2.65
CA LEU A 1023 -10.76 31.06 2.23
C LEU A 1023 -9.63 30.50 1.38
N ASN A 1024 -9.15 29.33 1.76
CA ASN A 1024 -8.08 28.70 0.99
C ASN A 1024 -8.68 28.04 -0.26
N VAL A 1025 -7.79 27.55 -1.13
CA VAL A 1025 -8.24 26.86 -2.32
C VAL A 1025 -8.88 25.53 -1.94
N ASP A 1026 -8.44 24.94 -0.82
CA ASP A 1026 -9.09 23.74 -0.34
C ASP A 1026 -10.40 24.08 0.35
N GLY A 1027 -10.52 25.29 0.89
CA GLY A 1027 -11.75 25.67 1.55
C GLY A 1027 -12.89 25.97 0.59
N LEU A 1028 -12.57 26.62 -0.54
CA LEU A 1028 -13.59 26.95 -1.53
C LEU A 1028 -14.14 25.69 -2.19
N ILE A 1029 -13.25 24.76 -2.52
CA ILE A 1029 -13.67 23.49 -3.13
C ILE A 1029 -14.45 22.65 -2.11
N GLY A 1030 -14.18 22.85 -0.82
CA GLY A 1030 -15.03 22.26 0.20
C GLY A 1030 -16.45 22.77 0.18
N VAL A 1031 -16.68 23.96 -0.37
CA VAL A 1031 -18.03 24.46 -0.53
C VAL A 1031 -18.48 24.64 -1.98
N ALA A 1032 -17.56 24.82 -2.92
CA ALA A 1032 -17.98 24.89 -4.31
C ALA A 1032 -18.44 23.56 -4.84
N PHE A 1033 -18.02 22.46 -4.23
CA PHE A 1033 -18.47 21.17 -4.69
C PHE A 1033 -19.82 20.79 -4.10
N VAL A 1034 -20.11 21.18 -2.85
CA VAL A 1034 -21.42 20.89 -2.31
C VAL A 1034 -22.44 21.87 -2.87
N ASP A 1035 -21.98 23.03 -3.34
CA ASP A 1035 -22.84 23.93 -4.08
C ASP A 1035 -23.02 23.47 -5.51
N MET A 1036 -22.22 22.50 -5.96
CA MET A 1036 -22.49 21.89 -7.24
C MET A 1036 -23.63 20.90 -7.14
N LEU A 1037 -23.76 20.24 -5.99
CA LEU A 1037 -24.73 19.16 -5.87
C LEU A 1037 -26.15 19.70 -5.70
N ARG A 1038 -26.40 20.42 -4.60
CA ARG A 1038 -27.77 20.78 -4.27
C ARG A 1038 -28.26 22.04 -4.99
N ASN A 1039 -27.53 22.51 -5.99
CA ASN A 1039 -28.01 23.53 -6.90
C ASN A 1039 -28.31 22.99 -8.29
N CYS A 1040 -27.54 22.03 -8.76
CA CYS A 1040 -27.84 21.38 -10.02
C CYS A 1040 -29.02 20.43 -9.85
N GLY A 1041 -29.60 20.02 -10.98
CA GLY A 1041 -30.69 19.08 -10.95
C GLY A 1041 -30.23 17.66 -10.67
N SER A 1042 -31.20 16.75 -10.69
CA SER A 1042 -31.06 15.29 -10.59
C SER A 1042 -30.45 14.82 -9.27
N PHE A 1043 -30.25 15.72 -8.31
CA PHE A 1043 -29.85 15.35 -6.95
C PHE A 1043 -30.73 16.13 -6.01
N THR A 1044 -31.53 15.44 -5.22
CA THR A 1044 -32.57 16.18 -4.54
C THR A 1044 -32.08 16.82 -3.24
N ARG A 1045 -32.04 16.03 -2.17
CA ARG A 1045 -31.31 16.37 -0.97
C ARG A 1045 -30.80 15.12 -0.26
N GLU A 1046 -30.95 13.95 -0.86
CA GLU A 1046 -30.62 12.70 -0.20
C GLU A 1046 -29.43 12.01 -0.81
N GLU A 1047 -29.13 12.27 -2.08
CA GLU A 1047 -27.85 11.92 -2.65
C GLU A 1047 -26.85 13.05 -2.51
N ALA A 1048 -27.31 14.25 -2.15
CA ALA A 1048 -26.40 15.38 -2.02
C ALA A 1048 -25.65 15.33 -0.70
N ASP A 1049 -26.28 14.79 0.35
CA ASP A 1049 -25.64 14.80 1.66
C ASP A 1049 -24.89 13.52 1.93
N GLU A 1050 -25.43 12.39 1.46
CA GLU A 1050 -24.80 11.10 1.73
C GLU A 1050 -23.49 10.96 0.95
N TYR A 1051 -23.42 11.57 -0.23
CA TYR A 1051 -22.20 11.44 -1.02
C TYR A 1051 -21.10 12.33 -0.51
N ILE A 1052 -21.44 13.29 0.36
CA ILE A 1052 -20.39 13.96 1.11
C ILE A 1052 -20.11 13.17 2.39
N ASP A 1053 -21.08 12.37 2.83
CA ASP A 1053 -20.92 11.62 4.07
C ASP A 1053 -20.02 10.40 3.85
N ILE A 1054 -20.15 9.73 2.70
CA ILE A 1054 -19.29 8.59 2.39
C ILE A 1054 -17.85 9.04 2.22
N GLY A 1055 -17.65 10.17 1.54
CA GLY A 1055 -16.31 10.67 1.36
C GLY A 1055 -15.93 10.75 -0.10
N ALA A 1056 -16.92 10.94 -0.98
CA ALA A 1056 -16.63 11.11 -2.40
C ALA A 1056 -15.91 12.41 -2.68
N LEU A 1057 -15.97 13.36 -1.76
CA LEU A 1057 -15.22 14.60 -1.91
C LEU A 1057 -13.72 14.38 -1.69
N ASN A 1058 -13.33 13.37 -0.90
CA ASN A 1058 -11.94 12.92 -0.93
C ASN A 1058 -11.58 12.33 -2.28
N GLY A 1059 -12.57 11.83 -3.02
CA GLY A 1059 -12.30 11.29 -4.33
C GLY A 1059 -11.85 12.33 -5.33
N ILE A 1060 -12.26 13.59 -5.14
CA ILE A 1060 -11.75 14.65 -6.01
C ILE A 1060 -10.28 14.89 -5.70
N PHE A 1061 -9.91 14.77 -4.44
CA PHE A 1061 -8.54 15.08 -4.05
C PHE A 1061 -7.57 14.00 -4.50
N VAL A 1062 -7.81 12.75 -4.13
CA VAL A 1062 -6.85 11.72 -4.44
C VAL A 1062 -6.95 11.25 -5.87
N LEU A 1063 -7.89 11.77 -6.63
CA LEU A 1063 -7.74 11.71 -8.08
C LEU A 1063 -6.91 12.88 -8.56
N GLY A 1064 -6.94 13.98 -7.84
CA GLY A 1064 -6.26 15.18 -8.29
C GLY A 1064 -4.78 15.12 -8.03
N ARG A 1065 -4.41 14.88 -6.77
CA ARG A 1065 -3.02 14.80 -6.37
C ARG A 1065 -2.33 13.56 -6.92
N SER A 1066 -3.08 12.61 -7.47
CA SER A 1066 -2.48 11.44 -8.06
C SER A 1066 -1.78 11.75 -9.38
N MET A 1067 -2.15 12.83 -10.07
CA MET A 1067 -1.47 13.09 -11.32
C MET A 1067 -0.19 13.88 -11.09
N GLY A 1068 -0.12 14.66 -10.01
CA GLY A 1068 1.11 15.35 -9.71
C GLY A 1068 2.16 14.44 -9.12
N PHE A 1069 1.73 13.36 -8.46
CA PHE A 1069 2.67 12.44 -7.84
C PHE A 1069 3.47 11.71 -8.90
N ILE A 1070 2.79 11.22 -9.93
CA ILE A 1070 3.48 10.58 -11.04
C ILE A 1070 4.34 11.62 -11.75
N GLY A 1071 3.87 12.86 -11.81
CA GLY A 1071 4.67 13.93 -12.38
C GLY A 1071 5.94 14.22 -11.60
N HIS A 1072 5.90 14.01 -10.28
CA HIS A 1072 7.15 13.95 -9.55
C HIS A 1072 7.95 12.73 -9.92
N TYR A 1073 7.28 11.59 -10.06
CA TYR A 1073 7.98 10.33 -10.22
C TYR A 1073 8.71 10.25 -11.54
N LEU A 1074 8.07 10.70 -12.63
CA LEU A 1074 8.74 10.72 -13.92
C LEU A 1074 9.87 11.73 -13.93
N ASP A 1075 9.73 12.81 -13.17
CA ASP A 1075 10.84 13.73 -13.00
C ASP A 1075 11.95 13.09 -12.18
N GLN A 1076 11.60 12.34 -11.14
CA GLN A 1076 12.62 11.76 -10.27
C GLN A 1076 13.28 10.53 -10.86
N LYS A 1077 12.86 10.09 -12.04
CA LYS A 1077 13.55 8.98 -12.67
C LYS A 1077 14.28 9.41 -13.92
N ARG A 1078 13.85 10.51 -14.56
CA ARG A 1078 14.58 10.99 -15.73
C ARG A 1078 15.95 11.52 -15.34
N LEU A 1079 16.04 12.21 -14.21
CA LEU A 1079 17.30 12.79 -13.78
C LEU A 1079 18.27 11.77 -13.20
N LYS A 1080 17.82 10.53 -13.01
CA LYS A 1080 18.63 9.36 -12.67
C LYS A 1080 19.40 9.56 -11.36
N GLN A 1081 18.64 9.74 -10.29
CA GLN A 1081 19.23 10.00 -9.00
C GLN A 1081 19.53 8.71 -8.25
N GLY A 1082 20.41 8.82 -7.25
CA GLY A 1082 20.78 7.70 -6.42
C GLY A 1082 19.97 7.63 -5.14
N LEU A 1083 20.32 6.68 -4.30
CA LEU A 1083 19.55 6.40 -3.10
C LEU A 1083 19.74 7.50 -2.06
N TYR A 1084 18.66 7.87 -1.39
CA TYR A 1084 18.69 8.91 -0.37
C TYR A 1084 18.95 8.31 1.00
N ARG A 1085 19.52 9.11 1.91
CA ARG A 1085 20.05 8.59 3.17
C ARG A 1085 19.62 9.39 4.40
N HIS A 1086 19.27 10.68 4.27
CA HIS A 1086 18.84 11.56 5.35
C HIS A 1086 19.82 11.62 6.51
N PRO A 1087 20.89 12.41 6.39
CA PRO A 1087 22.07 12.24 7.25
C PRO A 1087 21.81 12.47 8.73
N TRP A 1088 22.78 12.01 9.54
CA TRP A 1088 22.58 11.85 10.98
C TRP A 1088 22.40 13.17 11.71
N ASP A 1089 22.89 14.27 11.16
CA ASP A 1089 22.84 15.53 11.90
C ASP A 1089 21.49 16.24 11.84
N ASP A 1090 20.42 15.50 12.08
CA ASP A 1090 19.18 16.06 12.56
C ASP A 1090 18.53 15.16 13.59
N ILE A 1091 19.15 14.03 13.93
CA ILE A 1091 18.43 12.93 14.58
C ILE A 1091 18.31 13.17 16.09
N SER A 1092 19.44 13.28 16.79
CA SER A 1092 19.52 13.52 18.24
C SER A 1092 18.79 12.42 19.02
N TYR A 1093 19.42 11.25 19.01
CA TYR A 1093 18.91 10.07 19.70
C TYR A 1093 18.71 10.30 21.20
N VAL A 1094 17.58 9.82 21.72
CA VAL A 1094 17.15 10.08 23.09
C VAL A 1094 17.03 8.73 23.81
N LEU A 1095 17.95 7.82 23.50
CA LEU A 1095 17.99 6.54 24.21
C LEU A 1095 18.22 6.76 25.71
N PRO A 1096 17.55 5.99 26.57
CA PRO A 1096 17.76 6.18 28.01
C PRO A 1096 19.09 5.61 28.49
N GLU A 1097 19.31 5.64 29.81
CA GLU A 1097 20.64 5.38 30.34
C GLU A 1097 21.02 3.89 30.29
N HIS A 1098 20.22 3.00 30.86
CA HIS A 1098 20.55 1.59 30.88
C HIS A 1098 19.30 0.78 31.17
N MET A 1099 19.20 -0.40 30.55
CA MET A 1099 18.06 -1.28 30.71
C MET A 1099 18.45 -2.73 30.46
N SER B 2 -40.32 -35.08 30.68
CA SER B 2 -41.31 -35.93 31.34
C SER B 2 -41.14 -35.86 32.84
N ALA B 3 -42.19 -36.26 33.57
CA ALA B 3 -42.15 -36.28 35.02
C ALA B 3 -41.30 -37.45 35.48
N LYS B 4 -40.06 -37.17 35.86
CA LYS B 4 -39.13 -38.19 36.34
C LYS B 4 -39.26 -38.31 37.84
N ALA B 5 -39.33 -39.54 38.33
CA ALA B 5 -39.48 -39.78 39.75
C ALA B 5 -38.18 -39.47 40.48
N ILE B 6 -38.32 -38.90 41.66
CA ILE B 6 -37.19 -38.49 42.48
C ILE B 6 -36.90 -39.62 43.46
N SER B 7 -35.61 -39.88 43.68
CA SER B 7 -35.20 -40.72 44.81
C SER B 7 -35.63 -40.04 46.11
N GLU B 8 -36.27 -40.82 46.99
CA GLU B 8 -36.97 -40.28 48.15
C GLU B 8 -36.02 -39.70 49.20
N GLN B 9 -34.72 -40.02 49.11
CA GLN B 9 -33.74 -39.45 50.01
C GLN B 9 -33.55 -37.95 49.78
N THR B 10 -33.23 -37.57 48.54
CA THR B 10 -32.89 -36.16 48.26
C THR B 10 -34.12 -35.28 48.15
N GLY B 11 -35.29 -35.86 47.87
CA GLY B 11 -36.52 -35.09 47.93
C GLY B 11 -36.89 -34.75 49.36
N LYS B 12 -36.52 -35.64 50.30
CA LYS B 12 -36.70 -35.35 51.71
C LYS B 12 -35.73 -34.28 52.19
N GLU B 13 -34.55 -34.21 51.58
CA GLU B 13 -33.59 -33.16 51.92
C GLU B 13 -34.11 -31.80 51.50
N LEU B 14 -34.61 -31.70 50.27
CA LEU B 14 -35.16 -30.44 49.76
C LEU B 14 -36.51 -30.10 50.37
N LEU B 15 -37.16 -31.06 51.04
CA LEU B 15 -38.41 -30.78 51.72
C LEU B 15 -38.20 -29.80 52.87
N TYR B 16 -37.37 -30.19 53.85
CA TYR B 16 -37.12 -29.35 55.01
C TYR B 16 -36.25 -28.15 54.67
N LYS B 17 -35.61 -28.15 53.49
CA LYS B 17 -34.71 -27.07 53.10
C LYS B 17 -35.44 -25.83 52.62
N PHE B 18 -36.60 -25.99 52.00
CA PHE B 18 -37.27 -24.85 51.37
C PHE B 18 -38.68 -24.60 51.88
N ILE B 19 -39.37 -25.60 52.45
CA ILE B 19 -40.76 -25.39 52.84
C ILE B 19 -40.81 -24.45 54.04
N CYS B 20 -41.85 -23.62 54.07
CA CYS B 20 -41.96 -22.58 55.08
CA CYS B 20 -41.97 -22.57 55.08
C CYS B 20 -43.42 -22.48 55.50
N THR B 21 -43.68 -22.68 56.79
CA THR B 21 -45.04 -22.59 57.32
C THR B 21 -44.95 -21.99 58.71
N THR B 22 -46.12 -21.79 59.32
CA THR B 22 -46.16 -21.21 60.66
C THR B 22 -45.79 -22.24 61.72
N SER B 23 -46.23 -23.48 61.54
CA SER B 23 -45.94 -24.54 62.50
C SER B 23 -44.48 -24.98 62.38
N ALA B 24 -44.01 -25.66 63.43
CA ALA B 24 -42.61 -26.07 63.49
C ALA B 24 -42.39 -27.31 62.62
N ILE B 25 -41.47 -27.20 61.67
CA ILE B 25 -41.03 -28.36 60.90
C ILE B 25 -39.77 -28.92 61.56
N GLN B 26 -39.92 -30.06 62.22
CA GLN B 26 -38.79 -30.66 62.93
C GLN B 26 -38.03 -31.60 62.00
N ASN B 27 -37.01 -32.25 62.57
CA ASN B 27 -36.13 -33.20 61.90
C ASN B 27 -35.47 -32.60 60.66
N ARG B 28 -34.93 -31.39 60.83
CA ARG B 28 -34.19 -30.74 59.75
C ARG B 28 -32.90 -31.51 59.49
N PHE B 29 -32.74 -31.97 58.25
CA PHE B 29 -31.56 -32.69 57.75
C PHE B 29 -31.28 -33.99 58.50
N LYS B 30 -32.30 -34.64 59.04
CA LYS B 30 -32.11 -35.93 59.71
C LYS B 30 -32.33 -37.01 58.66
N TYR B 31 -31.32 -37.18 57.82
CA TYR B 31 -31.35 -38.13 56.72
C TYR B 31 -30.04 -38.91 56.72
N ALA B 32 -30.11 -40.17 56.29
CA ALA B 32 -28.94 -41.04 56.24
C ALA B 32 -29.09 -42.02 55.09
N ARG B 33 -27.95 -42.44 54.54
CA ARG B 33 -27.91 -43.28 53.34
C ARG B 33 -27.00 -44.47 53.58
N VAL B 34 -27.37 -45.63 53.05
CA VAL B 34 -26.52 -46.82 53.05
C VAL B 34 -26.53 -47.44 51.67
N THR B 35 -25.44 -48.10 51.34
CA THR B 35 -25.23 -48.81 50.09
C THR B 35 -24.19 -49.88 50.37
N PRO B 36 -24.08 -50.90 49.51
CA PRO B 36 -22.94 -51.83 49.62
C PRO B 36 -21.56 -51.19 49.45
N ASP B 37 -21.47 -49.98 48.92
CA ASP B 37 -20.18 -49.27 48.79
C ASP B 37 -20.12 -48.07 49.75
N THR B 38 -20.59 -48.24 50.99
CA THR B 38 -20.24 -47.33 52.06
C THR B 38 -19.77 -48.16 53.25
N ASP B 39 -18.86 -47.59 54.02
CA ASP B 39 -18.37 -48.22 55.23
C ASP B 39 -18.98 -47.56 56.47
N TRP B 40 -19.25 -48.39 57.47
CA TRP B 40 -20.08 -47.97 58.61
C TRP B 40 -19.37 -47.01 59.55
N ALA B 41 -18.05 -46.81 59.40
CA ALA B 41 -17.33 -45.92 60.32
C ALA B 41 -17.60 -44.46 60.02
N ARG B 42 -17.94 -44.14 58.76
CA ARG B 42 -18.08 -42.73 58.38
C ARG B 42 -19.43 -42.17 58.81
N LEU B 43 -20.52 -42.87 58.47
CA LEU B 43 -21.87 -42.40 58.77
C LEU B 43 -22.22 -42.50 60.25
N LEU B 44 -21.55 -43.37 60.99
CA LEU B 44 -21.83 -43.50 62.42
C LEU B 44 -21.37 -42.28 63.20
N GLN B 45 -20.30 -41.64 62.75
CA GLN B 45 -19.69 -40.51 63.46
C GLN B 45 -20.23 -39.17 63.00
N ASP B 46 -20.44 -39.01 61.70
CA ASP B 46 -20.92 -37.74 61.17
C ASP B 46 -22.38 -37.50 61.48
N HIS B 47 -23.18 -38.55 61.62
CA HIS B 47 -24.60 -38.41 61.90
C HIS B 47 -24.90 -38.97 63.28
N PRO B 48 -24.79 -38.16 64.33
CA PRO B 48 -24.86 -38.70 65.70
C PRO B 48 -26.26 -38.98 66.20
N TRP B 49 -27.30 -38.53 65.48
CA TRP B 49 -28.67 -38.66 65.95
C TRP B 49 -29.29 -40.03 65.67
N LEU B 50 -28.52 -40.97 65.11
CA LEU B 50 -29.02 -42.34 64.96
C LEU B 50 -29.04 -43.08 66.28
N LEU B 51 -28.04 -42.83 67.14
CA LEU B 51 -27.72 -43.69 68.27
C LEU B 51 -28.42 -43.26 69.56
N SER B 52 -29.52 -42.52 69.46
CA SER B 52 -30.21 -42.06 70.65
C SER B 52 -31.70 -42.37 70.68
N GLN B 53 -32.32 -42.66 69.52
CA GLN B 53 -33.72 -43.03 69.45
C GLN B 53 -33.87 -44.21 68.49
N ASN B 54 -35.10 -44.66 68.32
CA ASN B 54 -35.41 -45.74 67.41
C ASN B 54 -35.22 -45.28 65.96
N LEU B 55 -34.95 -46.25 65.08
CA LEU B 55 -34.67 -45.97 63.68
C LEU B 55 -35.58 -46.82 62.80
N VAL B 56 -35.98 -46.27 61.66
CA VAL B 56 -36.68 -47.03 60.62
C VAL B 56 -35.87 -46.96 59.33
N VAL B 57 -35.93 -48.03 58.54
CA VAL B 57 -35.15 -48.17 57.31
C VAL B 57 -36.07 -48.68 56.22
N LYS B 58 -36.04 -48.01 55.06
CA LYS B 58 -36.95 -48.27 53.95
C LYS B 58 -36.17 -48.25 52.65
N PRO B 59 -36.58 -49.02 51.64
CA PRO B 59 -35.81 -49.05 50.38
C PRO B 59 -36.07 -47.81 49.53
N ASP B 60 -35.02 -47.02 49.33
CA ASP B 60 -35.04 -45.86 48.43
C ASP B 60 -34.57 -46.30 47.04
N GLN B 61 -35.44 -47.08 46.39
CA GLN B 61 -35.18 -47.57 45.03
C GLN B 61 -36.45 -47.57 44.19
N LEU B 62 -37.43 -46.76 44.60
CA LEU B 62 -38.71 -46.54 43.91
C LEU B 62 -39.47 -47.87 43.75
N ILE B 63 -39.93 -48.37 44.89
CA ILE B 63 -40.87 -49.48 44.97
C ILE B 63 -42.06 -48.96 45.77
N LYS B 64 -43.27 -49.25 45.32
CA LYS B 64 -44.47 -48.71 45.96
C LYS B 64 -45.14 -49.75 46.86
N ARG B 65 -45.74 -49.25 47.94
CA ARG B 65 -46.50 -50.02 48.93
C ARG B 65 -45.64 -51.13 49.55
N ARG B 66 -44.50 -50.71 50.10
CA ARG B 66 -43.49 -51.65 50.57
C ARG B 66 -43.79 -52.20 51.96
N GLY B 67 -44.64 -51.53 52.73
CA GLY B 67 -45.08 -52.09 53.99
C GLY B 67 -45.96 -53.31 53.78
N LYS B 68 -46.73 -53.31 52.69
CA LYS B 68 -47.52 -54.48 52.32
C LYS B 68 -46.68 -55.55 51.63
N LEU B 69 -45.43 -55.27 51.31
CA LEU B 69 -44.51 -56.26 50.75
C LEU B 69 -43.54 -56.83 51.78
N GLY B 70 -43.41 -56.20 52.94
CA GLY B 70 -42.56 -56.74 53.99
C GLY B 70 -41.08 -56.59 53.76
N LEU B 71 -40.66 -55.56 53.02
CA LEU B 71 -39.24 -55.27 52.81
C LEU B 71 -38.82 -53.98 53.48
N VAL B 72 -39.55 -53.53 54.49
CA VAL B 72 -39.23 -52.33 55.24
C VAL B 72 -38.77 -52.73 56.64
N GLY B 73 -37.77 -52.02 57.16
CA GLY B 73 -37.28 -52.25 58.51
C GLY B 73 -38.03 -51.39 59.51
N VAL B 74 -39.00 -51.98 60.19
CA VAL B 74 -39.95 -51.24 61.01
C VAL B 74 -39.55 -51.31 62.47
N ASN B 75 -39.30 -50.13 63.06
CA ASN B 75 -39.23 -49.88 64.50
C ASN B 75 -38.12 -50.69 65.17
N LEU B 76 -36.89 -50.36 64.81
CA LEU B 76 -35.73 -51.09 65.28
C LEU B 76 -34.65 -50.14 65.78
N THR B 77 -33.65 -50.72 66.46
CA THR B 77 -32.57 -49.99 67.08
C THR B 77 -31.38 -49.87 66.14
N LEU B 78 -30.23 -49.45 66.69
CA LEU B 78 -29.02 -49.23 65.91
C LEU B 78 -28.52 -50.51 65.24
N ASP B 79 -28.15 -51.51 66.04
CA ASP B 79 -27.74 -52.79 65.47
C ASP B 79 -28.92 -53.67 65.09
N GLY B 80 -30.15 -53.23 65.34
CA GLY B 80 -31.31 -53.98 64.87
C GLY B 80 -31.46 -53.90 63.37
N VAL B 81 -31.20 -52.74 62.78
CA VAL B 81 -31.36 -52.59 61.34
C VAL B 81 -30.14 -53.11 60.58
N LYS B 82 -28.95 -53.07 61.21
CA LYS B 82 -27.74 -53.56 60.55
C LYS B 82 -27.78 -55.07 60.34
N SER B 83 -28.25 -55.81 61.36
CA SER B 83 -28.52 -57.23 61.18
C SER B 83 -29.68 -57.45 60.21
N TRP B 84 -30.66 -56.55 60.22
CA TRP B 84 -31.74 -56.59 59.24
C TRP B 84 -31.22 -56.27 57.84
N LEU B 85 -30.15 -55.48 57.73
CA LEU B 85 -29.52 -55.20 56.45
C LEU B 85 -28.48 -56.24 56.05
N LYS B 86 -28.50 -57.43 56.64
CA LYS B 86 -27.66 -58.50 56.10
C LYS B 86 -28.22 -59.07 54.80
N PRO B 87 -29.42 -59.65 54.74
CA PRO B 87 -29.84 -60.30 53.49
C PRO B 87 -30.55 -59.41 52.49
N ARG B 88 -30.52 -58.08 52.68
CA ARG B 88 -31.33 -57.19 51.85
C ARG B 88 -30.49 -56.07 51.23
N LEU B 89 -29.37 -55.73 51.86
CA LEU B 89 -28.48 -54.67 51.38
C LEU B 89 -27.56 -55.24 50.31
N GLY B 90 -28.03 -55.22 49.06
CA GLY B 90 -27.22 -55.65 47.93
C GLY B 90 -27.60 -57.00 47.35
N GLN B 91 -28.40 -57.80 48.06
CA GLN B 91 -28.68 -59.16 47.66
C GLN B 91 -29.82 -59.22 46.64
N GLU B 92 -29.97 -60.39 46.04
CA GLU B 92 -31.06 -60.62 45.10
C GLU B 92 -32.38 -60.74 45.85
N ALA B 93 -33.41 -60.06 45.35
CA ALA B 93 -34.74 -60.16 45.92
C ALA B 93 -35.77 -59.86 44.84
N THR B 94 -37.03 -60.14 45.16
CA THR B 94 -38.12 -60.00 44.21
C THR B 94 -39.26 -59.21 44.85
N VAL B 95 -39.73 -58.18 44.14
CA VAL B 95 -41.00 -57.52 44.45
C VAL B 95 -41.83 -57.49 43.17
N GLY B 96 -43.15 -57.61 43.33
CA GLY B 96 -44.10 -57.55 42.23
C GLY B 96 -43.91 -58.62 41.17
N LYS B 97 -43.46 -58.18 39.99
CA LYS B 97 -43.17 -59.09 38.88
C LYS B 97 -41.73 -59.01 38.41
N ALA B 98 -40.82 -58.52 39.24
CA ALA B 98 -39.45 -58.26 38.83
C ALA B 98 -38.47 -58.61 39.95
N THR B 99 -37.36 -59.23 39.57
CA THR B 99 -36.26 -59.53 40.48
C THR B 99 -35.17 -58.48 40.34
N GLY B 100 -34.12 -58.63 41.15
CA GLY B 100 -32.97 -57.77 41.00
C GLY B 100 -32.28 -57.56 42.34
N PHE B 101 -31.26 -56.71 42.30
CA PHE B 101 -30.50 -56.32 43.49
C PHE B 101 -31.19 -55.17 44.20
N LEU B 102 -30.77 -54.92 45.44
CA LEU B 102 -31.32 -53.87 46.28
C LEU B 102 -30.15 -53.17 46.97
N LYS B 103 -29.64 -52.10 46.35
CA LYS B 103 -28.38 -51.50 46.78
C LYS B 103 -28.54 -50.14 47.45
N ASN B 104 -29.78 -49.72 47.76
CA ASN B 104 -29.97 -48.39 48.32
C ASN B 104 -31.12 -48.42 49.32
N PHE B 105 -30.90 -47.86 50.50
CA PHE B 105 -31.89 -47.83 51.57
C PHE B 105 -31.76 -46.51 52.33
N LEU B 106 -32.89 -46.02 52.86
CA LEU B 106 -32.97 -44.71 53.50
C LEU B 106 -33.27 -44.85 54.99
N ILE B 107 -32.56 -44.08 55.82
CA ILE B 107 -32.61 -44.21 57.28
C ILE B 107 -33.12 -42.90 57.87
N GLU B 108 -34.18 -42.99 58.68
CA GLU B 108 -34.71 -41.84 59.40
C GLU B 108 -35.12 -42.31 60.80
N PRO B 109 -34.98 -41.47 61.82
CA PRO B 109 -35.39 -41.89 63.18
C PRO B 109 -36.89 -42.03 63.35
N PHE B 110 -37.30 -43.09 64.02
CA PHE B 110 -38.68 -43.27 64.44
C PHE B 110 -39.05 -42.26 65.52
N VAL B 111 -40.16 -41.57 65.32
CA VAL B 111 -40.77 -40.74 66.35
C VAL B 111 -42.19 -41.29 66.56
N PRO B 112 -42.58 -41.60 67.80
CA PRO B 112 -43.88 -42.24 68.01
C PRO B 112 -45.05 -41.30 67.75
N HIS B 113 -46.24 -41.90 67.61
CA HIS B 113 -47.44 -41.16 67.25
C HIS B 113 -48.66 -41.96 67.70
N SER B 114 -49.84 -41.40 67.42
CA SER B 114 -51.10 -42.11 67.57
C SER B 114 -51.72 -42.33 66.20
N GLN B 115 -52.74 -43.17 66.16
CA GLN B 115 -53.44 -43.43 64.90
C GLN B 115 -54.26 -42.23 64.45
N ALA B 116 -54.74 -41.41 65.39
CA ALA B 116 -55.48 -40.20 65.04
C ALA B 116 -54.58 -39.05 64.62
N GLU B 117 -53.27 -39.22 64.73
CA GLU B 117 -52.30 -38.25 64.26
C GLU B 117 -51.64 -38.66 62.95
N GLU B 118 -52.08 -39.76 62.35
CA GLU B 118 -51.62 -40.18 61.04
C GLU B 118 -52.55 -39.62 59.97
N PHE B 119 -51.97 -39.14 58.88
CA PHE B 119 -52.73 -38.44 57.86
C PHE B 119 -52.33 -38.90 56.46
N TYR B 120 -53.20 -38.59 55.51
CA TYR B 120 -52.95 -38.81 54.09
C TYR B 120 -53.14 -37.49 53.37
N VAL B 121 -52.14 -37.06 52.61
CA VAL B 121 -52.24 -35.87 51.77
C VAL B 121 -51.64 -36.19 50.41
N CYS B 122 -52.26 -35.65 49.35
CA CYS B 122 -51.80 -35.88 47.99
C CYS B 122 -52.10 -34.66 47.14
N ILE B 123 -51.15 -34.31 46.26
CA ILE B 123 -51.33 -33.25 45.27
C ILE B 123 -50.79 -33.75 43.94
N TYR B 124 -51.65 -33.83 42.92
CA TYR B 124 -51.19 -34.27 41.61
C TYR B 124 -51.66 -33.29 40.54
N ALA B 125 -50.96 -33.31 39.41
CA ALA B 125 -51.18 -32.37 38.32
C ALA B 125 -52.07 -32.99 37.25
N THR B 126 -53.11 -32.27 36.87
CA THR B 126 -53.94 -32.60 35.72
C THR B 126 -53.76 -31.50 34.67
N ARG B 127 -54.40 -31.69 33.52
CA ARG B 127 -54.35 -30.67 32.48
C ARG B 127 -55.21 -29.46 32.84
N GLU B 128 -56.39 -29.69 33.40
CA GLU B 128 -57.32 -28.62 33.72
C GLU B 128 -57.07 -27.99 35.09
N GLY B 129 -56.08 -28.46 35.84
CA GLY B 129 -55.78 -27.89 37.13
C GLY B 129 -55.00 -28.88 37.98
N ASP B 130 -55.07 -28.68 39.30
CA ASP B 130 -54.44 -29.58 40.26
C ASP B 130 -55.49 -30.05 41.26
N TYR B 131 -55.36 -31.30 41.69
CA TYR B 131 -56.12 -31.82 42.81
C TYR B 131 -55.28 -31.68 44.07
N VAL B 132 -55.90 -31.21 45.15
CA VAL B 132 -55.38 -31.46 46.49
C VAL B 132 -56.28 -32.52 47.12
N LEU B 133 -55.66 -33.62 47.54
CA LEU B 133 -56.39 -34.82 47.94
C LEU B 133 -55.93 -35.22 49.32
N PHE B 134 -56.85 -35.21 50.29
CA PHE B 134 -56.51 -35.33 51.70
C PHE B 134 -57.48 -36.27 52.40
N HIS B 135 -56.94 -37.11 53.27
CA HIS B 135 -57.72 -37.89 54.22
C HIS B 135 -57.08 -37.81 55.60
N HIS B 136 -57.92 -37.84 56.63
CA HIS B 136 -57.50 -37.68 58.01
C HIS B 136 -56.91 -38.95 58.62
N GLU B 137 -56.79 -40.04 57.85
CA GLU B 137 -56.02 -41.20 58.25
C GLU B 137 -55.24 -41.68 57.03
N GLY B 138 -53.96 -41.98 57.22
CA GLY B 138 -53.07 -42.34 56.15
C GLY B 138 -52.34 -43.65 56.39
N GLY B 139 -51.06 -43.66 56.04
CA GLY B 139 -50.28 -44.87 56.11
C GLY B 139 -50.49 -45.75 54.89
N VAL B 140 -50.05 -47.01 55.03
CA VAL B 140 -50.19 -47.97 53.95
C VAL B 140 -51.61 -48.55 53.85
N ASP B 141 -52.50 -48.20 54.79
CA ASP B 141 -53.85 -48.73 54.83
C ASP B 141 -54.87 -47.84 54.13
N VAL B 142 -54.47 -47.07 53.12
CA VAL B 142 -55.46 -46.26 52.41
C VAL B 142 -56.30 -47.12 51.47
N GLY B 143 -55.69 -48.11 50.81
CA GLY B 143 -56.44 -48.97 49.90
C GLY B 143 -56.92 -48.22 48.67
N ASP B 144 -58.19 -48.41 48.34
CA ASP B 144 -58.85 -47.63 47.30
C ASP B 144 -59.10 -46.23 47.85
N VAL B 145 -58.18 -45.33 47.53
CA VAL B 145 -58.14 -44.04 48.22
C VAL B 145 -58.75 -42.90 47.38
N ASP B 146 -58.73 -43.02 46.05
CA ASP B 146 -59.27 -41.96 45.20
C ASP B 146 -60.80 -41.90 45.23
N ALA B 147 -61.46 -42.90 45.80
CA ALA B 147 -62.91 -42.90 45.92
C ALA B 147 -63.40 -42.52 47.31
N LYS B 148 -62.50 -42.11 48.22
CA LYS B 148 -62.90 -41.80 49.59
C LYS B 148 -62.41 -40.45 50.11
N ALA B 149 -61.27 -39.94 49.64
CA ALA B 149 -60.66 -38.79 50.28
C ALA B 149 -61.31 -37.48 49.85
N GLN B 150 -60.91 -36.40 50.51
CA GLN B 150 -61.47 -35.08 50.24
C GLN B 150 -60.85 -34.45 49.00
N LYS B 151 -61.69 -33.83 48.18
CA LYS B 151 -61.28 -33.21 46.92
C LYS B 151 -61.41 -31.70 47.01
N LEU B 152 -60.51 -30.99 46.33
CA LEU B 152 -60.65 -29.57 46.08
C LEU B 152 -59.84 -29.24 44.84
N LEU B 153 -60.51 -28.78 43.79
CA LEU B 153 -59.83 -28.41 42.54
C LEU B 153 -59.21 -27.04 42.68
N VAL B 154 -57.88 -26.97 42.54
CA VAL B 154 -57.16 -25.71 42.40
C VAL B 154 -56.68 -25.60 40.96
N GLY B 155 -56.70 -24.38 40.42
CA GLY B 155 -56.36 -24.17 39.03
C GLY B 155 -54.95 -23.63 38.83
N VAL B 156 -54.54 -23.58 37.57
CA VAL B 156 -53.24 -23.02 37.21
C VAL B 156 -53.29 -21.50 37.34
N ASP B 157 -52.13 -20.90 37.68
CA ASP B 157 -51.97 -19.47 37.97
C ASP B 157 -52.90 -19.00 39.09
N GLU B 158 -53.19 -19.89 40.04
CA GLU B 158 -54.14 -19.61 41.09
C GLU B 158 -53.54 -19.94 42.44
N LYS B 159 -53.93 -19.16 43.44
CA LYS B 159 -53.49 -19.35 44.81
C LYS B 159 -54.57 -20.05 45.62
N LEU B 160 -54.16 -20.68 46.71
CA LEU B 160 -55.06 -21.47 47.53
C LEU B 160 -55.42 -20.70 48.80
N ASN B 161 -56.72 -20.61 49.08
CA ASN B 161 -57.20 -19.90 50.25
C ASN B 161 -57.38 -20.87 51.40
N PRO B 162 -57.10 -20.47 52.65
CA PRO B 162 -57.45 -21.34 53.79
C PRO B 162 -58.94 -21.46 54.01
N GLU B 163 -59.75 -20.51 53.52
CA GLU B 163 -61.19 -20.53 53.78
C GLU B 163 -61.91 -21.64 53.02
N ASP B 164 -61.34 -22.09 51.90
CA ASP B 164 -61.90 -23.26 51.23
C ASP B 164 -61.37 -24.54 51.85
N ILE B 165 -60.21 -24.48 52.50
CA ILE B 165 -59.67 -25.62 53.20
C ILE B 165 -60.51 -25.93 54.44
N LYS B 166 -60.88 -24.88 55.19
CA LYS B 166 -61.69 -25.08 56.39
C LYS B 166 -63.11 -25.51 56.07
N LYS B 167 -63.65 -25.03 54.95
CA LYS B 167 -65.04 -25.34 54.59
C LYS B 167 -65.19 -26.63 53.82
N HIS B 168 -64.31 -26.91 52.86
CA HIS B 168 -64.42 -28.10 52.01
C HIS B 168 -63.45 -29.19 52.41
N LEU B 169 -62.17 -28.84 52.64
CA LEU B 169 -61.17 -29.86 52.86
C LEU B 169 -61.20 -30.38 54.29
N LEU B 170 -61.38 -29.50 55.26
CA LEU B 170 -61.35 -29.86 56.68
C LEU B 170 -62.75 -29.99 57.27
N VAL B 171 -63.72 -30.50 56.50
CA VAL B 171 -65.07 -30.68 57.04
C VAL B 171 -65.21 -32.04 57.73
N HIS B 172 -64.34 -33.00 57.42
CA HIS B 172 -64.32 -34.30 58.11
C HIS B 172 -63.04 -34.48 58.92
N ALA B 173 -62.28 -33.41 59.12
CA ALA B 173 -60.99 -33.38 59.79
C ALA B 173 -61.15 -33.11 61.28
N PRO B 174 -60.12 -33.41 62.08
CA PRO B 174 -60.16 -32.97 63.48
C PRO B 174 -60.21 -31.45 63.61
N GLU B 175 -61.12 -30.98 64.47
CA GLU B 175 -61.26 -29.55 64.70
C GLU B 175 -60.11 -29.01 65.53
N ASP B 176 -59.56 -29.82 66.44
CA ASP B 176 -58.44 -29.40 67.25
C ASP B 176 -57.13 -29.34 66.45
N LYS B 177 -57.08 -29.99 65.29
CA LYS B 177 -55.92 -29.97 64.42
C LYS B 177 -56.15 -29.12 63.17
N LYS B 178 -57.15 -28.24 63.19
CA LYS B 178 -57.49 -27.51 61.97
C LYS B 178 -56.51 -26.40 61.67
N GLU B 179 -55.75 -25.94 62.66
CA GLU B 179 -54.71 -24.94 62.40
C GLU B 179 -53.47 -25.60 61.82
N ILE B 180 -53.04 -26.71 62.43
CA ILE B 180 -51.78 -27.33 62.03
C ILE B 180 -51.94 -28.07 60.71
N LEU B 181 -53.16 -28.44 60.34
CA LEU B 181 -53.40 -29.02 59.02
C LEU B 181 -53.34 -27.95 57.94
N ALA B 182 -54.21 -26.94 58.05
CA ALA B 182 -54.39 -25.96 56.97
C ALA B 182 -53.18 -25.06 56.77
N SER B 183 -52.43 -24.75 57.84
CA SER B 183 -51.24 -23.92 57.70
C SER B 183 -50.11 -24.71 57.05
N PHE B 184 -50.01 -26.01 57.35
CA PHE B 184 -49.06 -26.86 56.66
C PHE B 184 -49.43 -27.05 55.19
N ILE B 185 -50.72 -27.00 54.88
CA ILE B 185 -51.17 -27.11 53.50
C ILE B 185 -50.76 -25.86 52.71
N SER B 186 -50.86 -24.69 53.34
CA SER B 186 -50.46 -23.45 52.69
C SER B 186 -48.95 -23.37 52.48
N GLY B 187 -48.18 -24.06 53.32
CA GLY B 187 -46.74 -24.10 53.11
C GLY B 187 -46.34 -25.09 52.03
N LEU B 188 -47.10 -26.17 51.86
CA LEU B 188 -46.81 -27.13 50.80
C LEU B 188 -47.37 -26.66 49.46
N PHE B 189 -48.36 -25.78 49.48
CA PHE B 189 -48.95 -25.28 48.23
C PHE B 189 -47.96 -24.40 47.48
N ASN B 190 -47.30 -23.46 48.18
CA ASN B 190 -46.24 -22.69 47.55
C ASN B 190 -45.01 -23.54 47.30
N PHE B 191 -44.83 -24.62 48.07
CA PHE B 191 -43.79 -25.60 47.76
C PHE B 191 -44.10 -26.34 46.47
N TYR B 192 -45.38 -26.60 46.20
CA TYR B 192 -45.81 -27.33 45.00
C TYR B 192 -45.87 -26.44 43.76
N GLU B 193 -46.47 -25.26 43.86
CA GLU B 193 -46.81 -24.45 42.69
C GLU B 193 -45.58 -23.84 42.06
N ASP B 194 -44.77 -23.14 42.85
CA ASP B 194 -43.67 -22.35 42.31
C ASP B 194 -42.49 -23.21 41.88
N LEU B 195 -42.34 -24.41 42.42
CA LEU B 195 -41.24 -25.29 42.06
C LEU B 195 -41.62 -26.32 41.02
N TYR B 196 -42.83 -26.21 40.44
CA TYR B 196 -43.25 -26.95 39.24
C TYR B 196 -43.27 -28.47 39.47
N PHE B 197 -43.79 -28.88 40.63
CA PHE B 197 -43.97 -30.28 40.93
C PHE B 197 -45.18 -30.83 40.19
N THR B 198 -45.20 -32.15 39.99
CA THR B 198 -46.29 -32.79 39.26
C THR B 198 -47.14 -33.71 40.10
N TYR B 199 -46.54 -34.63 40.85
CA TYR B 199 -47.33 -35.61 41.61
C TYR B 199 -46.69 -35.78 42.97
N LEU B 200 -47.36 -35.24 44.00
CA LEU B 200 -46.85 -35.29 45.37
C LEU B 200 -47.87 -35.96 46.27
N GLU B 201 -47.39 -36.87 47.13
CA GLU B 201 -48.22 -37.58 48.09
C GLU B 201 -47.35 -37.91 49.29
N ILE B 202 -47.93 -37.84 50.49
CA ILE B 202 -47.22 -38.12 51.73
C ILE B 202 -47.97 -39.21 52.47
N ASN B 203 -47.29 -40.30 52.79
CA ASN B 203 -47.85 -41.34 53.64
C ASN B 203 -46.75 -42.09 54.39
N PRO B 204 -46.81 -42.19 55.72
CA PRO B 204 -47.82 -41.53 56.55
C PRO B 204 -47.38 -40.13 56.98
N LEU B 205 -48.26 -39.16 56.81
CA LEU B 205 -48.02 -37.81 57.30
C LEU B 205 -48.40 -37.79 58.78
N VAL B 206 -47.39 -37.70 59.64
CA VAL B 206 -47.60 -37.72 61.08
C VAL B 206 -47.69 -36.27 61.54
N VAL B 207 -48.88 -35.83 61.90
CA VAL B 207 -49.04 -34.54 62.53
C VAL B 207 -49.37 -34.78 63.99
N THR B 208 -48.34 -34.88 64.83
CA THR B 208 -48.52 -35.19 66.23
C THR B 208 -48.68 -33.88 67.01
N LYS B 209 -48.69 -33.98 68.34
CA LYS B 209 -48.73 -32.78 69.17
C LYS B 209 -47.36 -32.17 69.39
N ASP B 210 -46.30 -32.77 68.82
CA ASP B 210 -45.01 -32.10 68.73
C ASP B 210 -44.92 -31.18 67.53
N GLY B 211 -45.66 -31.46 66.46
CA GLY B 211 -45.65 -30.65 65.26
C GLY B 211 -46.09 -31.42 64.02
N VAL B 212 -45.35 -31.26 62.93
CA VAL B 212 -45.60 -31.98 61.69
C VAL B 212 -44.39 -32.84 61.37
N TYR B 213 -44.65 -34.05 60.85
CA TYR B 213 -43.59 -35.02 60.56
C TYR B 213 -43.96 -35.82 59.32
N VAL B 214 -42.95 -36.21 58.54
CA VAL B 214 -43.14 -37.10 57.40
C VAL B 214 -42.33 -38.36 57.66
N LEU B 215 -42.99 -39.52 57.60
CA LEU B 215 -42.27 -40.78 57.74
C LEU B 215 -41.85 -41.35 56.38
N ASP B 216 -42.65 -41.14 55.33
CA ASP B 216 -42.29 -41.52 53.98
C ASP B 216 -43.02 -40.60 52.99
N LEU B 217 -42.36 -40.35 51.85
CA LEU B 217 -42.76 -39.34 50.88
C LEU B 217 -42.98 -40.01 49.54
N ALA B 218 -43.68 -39.31 48.64
CA ALA B 218 -43.81 -39.74 47.25
C ALA B 218 -43.86 -38.49 46.38
N ALA B 219 -43.00 -38.45 45.36
CA ALA B 219 -42.87 -37.23 44.56
C ALA B 219 -42.59 -37.54 43.10
N LYS B 220 -43.14 -36.69 42.22
CA LYS B 220 -42.79 -36.65 40.80
C LYS B 220 -42.71 -35.19 40.39
N VAL B 221 -41.57 -34.78 39.81
CA VAL B 221 -41.37 -33.41 39.35
C VAL B 221 -41.04 -33.46 37.86
N ASP B 222 -41.36 -32.38 37.17
CA ASP B 222 -40.99 -32.20 35.77
C ASP B 222 -39.48 -32.09 35.64
N ALA B 223 -38.96 -32.55 34.50
CA ALA B 223 -37.55 -32.44 34.21
C ALA B 223 -37.24 -31.39 33.16
N THR B 224 -38.27 -30.84 32.50
CA THR B 224 -38.03 -29.86 31.44
C THR B 224 -37.74 -28.48 31.98
N ALA B 225 -38.14 -28.18 33.21
CA ALA B 225 -37.97 -26.85 33.79
C ALA B 225 -36.61 -26.65 34.43
N ASP B 226 -35.61 -27.45 34.07
CA ASP B 226 -34.29 -27.35 34.68
CA ASP B 226 -34.30 -27.32 34.71
C ASP B 226 -33.55 -26.09 34.26
N TYR B 227 -33.95 -25.50 33.12
CA TYR B 227 -33.36 -24.24 32.68
C TYR B 227 -33.70 -23.07 33.61
N ILE B 228 -34.76 -23.18 34.40
CA ILE B 228 -34.98 -22.25 35.49
C ILE B 228 -34.49 -22.83 36.83
N CYS B 229 -34.58 -24.14 37.00
CA CYS B 229 -34.42 -24.77 38.31
C CYS B 229 -33.13 -25.58 38.42
N LYS B 230 -32.10 -25.24 37.66
CA LYS B 230 -30.80 -25.88 37.90
C LYS B 230 -30.14 -25.29 39.14
N VAL B 231 -30.26 -23.97 39.32
CA VAL B 231 -29.58 -23.29 40.41
C VAL B 231 -30.23 -23.58 41.76
N LYS B 232 -31.54 -23.82 41.80
CA LYS B 232 -32.21 -24.10 43.05
C LYS B 232 -32.13 -25.58 43.44
N TRP B 233 -32.27 -26.49 42.49
CA TRP B 233 -32.16 -27.91 42.79
C TRP B 233 -30.72 -28.38 42.99
N GLY B 234 -29.74 -27.52 42.74
CA GLY B 234 -28.34 -27.92 42.84
C GLY B 234 -27.98 -28.89 41.72
N ASP B 235 -27.33 -29.99 42.10
CA ASP B 235 -27.14 -31.11 41.19
C ASP B 235 -28.13 -32.19 41.58
N ILE B 236 -29.38 -32.01 41.12
CA ILE B 236 -30.43 -32.98 41.42
C ILE B 236 -30.20 -34.23 40.55
N GLU B 237 -30.42 -35.40 41.14
CA GLU B 237 -30.25 -36.66 40.44
C GLU B 237 -31.55 -37.45 40.48
N PHE B 238 -32.02 -37.88 39.31
CA PHE B 238 -33.16 -38.78 39.21
C PHE B 238 -32.66 -40.16 38.84
N PRO B 239 -32.58 -41.11 39.78
CA PRO B 239 -32.18 -42.46 39.42
C PRO B 239 -33.29 -43.17 38.69
N PRO B 240 -32.98 -44.19 37.88
CA PRO B 240 -34.03 -44.96 37.20
C PRO B 240 -34.80 -45.82 38.18
N PRO B 241 -35.99 -46.31 37.79
CA PRO B 241 -36.74 -47.22 38.67
C PRO B 241 -36.03 -48.56 38.88
N PHE B 242 -36.63 -49.36 39.75
CA PHE B 242 -36.04 -50.63 40.18
C PHE B 242 -36.04 -51.64 39.04
N GLY B 243 -34.95 -52.40 38.93
CA GLY B 243 -34.85 -53.46 37.95
C GLY B 243 -33.49 -54.12 37.91
N ARG B 244 -33.17 -54.74 36.77
CA ARG B 244 -31.92 -55.45 36.58
C ARG B 244 -30.77 -54.48 36.30
N GLU B 245 -29.56 -55.03 36.17
CA GLU B 245 -28.36 -54.26 35.90
C GLU B 245 -28.10 -54.18 34.40
N ALA B 246 -27.26 -53.20 34.03
CA ALA B 246 -27.08 -52.85 32.64
C ALA B 246 -26.04 -53.72 31.95
N TYR B 247 -26.30 -54.06 30.70
CA TYR B 247 -25.32 -54.71 29.84
C TYR B 247 -24.19 -53.73 29.52
N PRO B 248 -22.98 -54.24 29.21
CA PRO B 248 -21.82 -53.32 29.06
C PRO B 248 -21.88 -52.39 27.85
N GLU B 249 -22.16 -52.91 26.65
CA GLU B 249 -22.20 -52.05 25.48
C GLU B 249 -23.52 -51.29 25.37
N GLU B 250 -24.53 -51.72 26.11
CA GLU B 250 -25.87 -51.15 25.97
C GLU B 250 -26.00 -49.82 26.68
N ALA B 251 -25.38 -49.68 27.86
CA ALA B 251 -25.32 -48.37 28.50
C ALA B 251 -24.29 -47.47 27.86
N TYR B 252 -23.39 -48.03 27.04
CA TYR B 252 -22.36 -47.23 26.38
C TYR B 252 -22.96 -46.35 25.28
N ILE B 253 -24.05 -46.81 24.66
CA ILE B 253 -24.73 -46.01 23.63
C ILE B 253 -25.36 -44.77 24.27
N ALA B 254 -25.80 -44.88 25.52
CA ALA B 254 -26.34 -43.74 26.24
C ALA B 254 -25.25 -42.70 26.55
N ASP B 255 -23.98 -43.11 26.56
CA ASP B 255 -22.91 -42.13 26.67
C ASP B 255 -22.71 -41.36 25.36
N LEU B 256 -23.05 -41.99 24.24
CA LEU B 256 -23.10 -41.24 22.98
C LEU B 256 -24.35 -40.36 22.92
N ASP B 257 -25.43 -40.80 23.58
CA ASP B 257 -26.66 -40.02 23.66
C ASP B 257 -26.44 -38.71 24.41
N ALA B 258 -25.58 -38.74 25.43
CA ALA B 258 -25.25 -37.54 26.20
C ALA B 258 -24.26 -36.64 25.49
N LYS B 259 -23.74 -37.04 24.32
CA LYS B 259 -22.77 -36.22 23.62
C LYS B 259 -23.45 -35.21 22.70
N SER B 260 -24.23 -35.68 21.74
CA SER B 260 -24.84 -34.83 20.71
C SER B 260 -26.33 -34.68 20.98
N GLY B 261 -26.98 -33.83 20.18
CA GLY B 261 -28.42 -33.66 20.25
C GLY B 261 -29.21 -34.82 19.71
N ALA B 262 -28.56 -35.72 18.98
CA ALA B 262 -29.22 -36.91 18.47
C ALA B 262 -29.58 -37.85 19.61
N SER B 263 -30.81 -38.37 19.56
CA SER B 263 -31.38 -39.17 20.64
C SER B 263 -31.41 -40.63 20.19
N LEU B 264 -30.47 -41.41 20.70
CA LEU B 264 -30.28 -42.80 20.28
C LEU B 264 -30.57 -43.70 21.48
N LYS B 265 -31.51 -44.63 21.33
CA LYS B 265 -31.96 -45.44 22.44
C LYS B 265 -31.88 -46.91 22.07
N LEU B 266 -31.45 -47.73 23.02
CA LEU B 266 -31.21 -49.15 22.79
C LEU B 266 -31.74 -49.97 23.96
N THR B 267 -32.70 -50.85 23.69
CA THR B 267 -33.38 -51.64 24.71
C THR B 267 -33.64 -53.05 24.18
N LEU B 268 -32.97 -54.03 24.76
CA LEU B 268 -33.19 -55.42 24.39
C LEU B 268 -34.43 -55.97 25.09
N LEU B 269 -35.00 -57.02 24.50
CA LEU B 269 -35.95 -57.88 25.20
C LEU B 269 -35.42 -59.31 25.34
N ASN B 270 -34.73 -59.81 24.33
CA ASN B 270 -34.10 -61.13 24.34
C ASN B 270 -32.65 -60.95 23.88
N PRO B 271 -31.67 -61.41 24.66
CA PRO B 271 -30.27 -61.26 24.24
C PRO B 271 -29.85 -62.16 23.08
N LYS B 272 -30.65 -63.15 22.70
CA LYS B 272 -30.31 -64.05 21.60
C LYS B 272 -31.50 -64.34 20.69
N GLY B 273 -32.22 -63.30 20.29
CA GLY B 273 -33.33 -63.48 19.37
C GLY B 273 -32.89 -63.70 17.94
N ARG B 274 -33.86 -63.72 17.02
CA ARG B 274 -33.58 -63.80 15.60
C ARG B 274 -34.05 -62.60 14.81
N ILE B 275 -35.10 -61.92 15.25
CA ILE B 275 -35.56 -60.69 14.61
C ILE B 275 -34.78 -59.55 15.25
N TRP B 276 -33.94 -58.90 14.46
CA TRP B 276 -33.11 -57.79 14.91
C TRP B 276 -33.53 -56.50 14.19
N THR B 277 -33.77 -55.45 14.96
CA THR B 277 -34.35 -54.23 14.45
C THR B 277 -33.33 -53.10 14.50
N MET B 278 -33.25 -52.33 13.40
CA MET B 278 -32.45 -51.10 13.32
C MET B 278 -33.33 -50.08 12.59
N VAL B 279 -34.08 -49.31 13.37
CA VAL B 279 -35.21 -48.53 12.87
C VAL B 279 -34.89 -47.05 13.02
N ALA B 280 -35.23 -46.25 12.02
CA ALA B 280 -35.06 -44.80 12.05
C ALA B 280 -36.40 -44.12 12.26
N GLY B 281 -36.45 -43.24 13.26
CA GLY B 281 -37.67 -42.50 13.55
C GLY B 281 -38.24 -42.76 14.93
N GLY B 282 -38.93 -41.77 15.47
CA GLY B 282 -39.53 -41.88 16.79
C GLY B 282 -40.70 -42.83 16.86
N GLY B 283 -41.77 -42.51 16.12
CA GLY B 283 -42.97 -43.32 16.12
C GLY B 283 -42.88 -44.57 15.27
N ALA B 284 -41.73 -44.86 14.67
CA ALA B 284 -41.60 -46.03 13.81
C ALA B 284 -41.26 -47.27 14.61
N SER B 285 -40.58 -47.12 15.74
CA SER B 285 -40.02 -48.28 16.43
C SER B 285 -41.05 -48.98 17.31
N VAL B 286 -42.01 -48.23 17.89
CA VAL B 286 -43.04 -48.88 18.70
C VAL B 286 -44.12 -49.48 17.82
N VAL B 287 -44.12 -49.14 16.53
CA VAL B 287 -45.16 -49.64 15.63
C VAL B 287 -44.68 -50.89 14.89
N TYR B 288 -43.39 -50.97 14.55
CA TYR B 288 -42.82 -52.20 14.03
C TYR B 288 -42.87 -53.33 15.06
N SER B 289 -42.50 -53.03 16.31
CA SER B 289 -42.58 -54.02 17.37
C SER B 289 -44.02 -54.39 17.71
N ASP B 290 -44.97 -53.51 17.40
CA ASP B 290 -46.39 -53.87 17.52
C ASP B 290 -46.77 -54.94 16.50
N THR B 291 -46.13 -54.92 15.33
CA THR B 291 -46.46 -55.91 14.30
C THR B 291 -45.68 -57.21 14.47
N ILE B 292 -44.63 -57.21 15.29
CA ILE B 292 -43.88 -58.44 15.52
C ILE B 292 -44.59 -59.31 16.56
N CYS B 293 -45.06 -58.71 17.65
CA CYS B 293 -45.83 -59.48 18.64
C CYS B 293 -47.19 -59.89 18.13
N ASP B 294 -47.73 -59.17 17.14
CA ASP B 294 -49.00 -59.55 16.52
C ASP B 294 -48.82 -60.77 15.62
N LEU B 295 -47.63 -60.98 15.08
CA LEU B 295 -47.33 -62.13 14.25
C LEU B 295 -46.62 -63.24 15.03
N GLY B 296 -46.72 -63.20 16.36
CA GLY B 296 -46.21 -64.27 17.21
C GLY B 296 -44.76 -64.16 17.60
N GLY B 297 -44.04 -63.13 17.15
CA GLY B 297 -42.63 -63.04 17.41
C GLY B 297 -42.26 -62.31 18.69
N VAL B 298 -43.06 -62.48 19.76
CA VAL B 298 -42.74 -61.84 21.03
C VAL B 298 -41.57 -62.56 21.71
N ASN B 299 -41.35 -63.84 21.37
CA ASN B 299 -40.32 -64.62 22.04
C ASN B 299 -38.93 -64.37 21.46
N GLU B 300 -38.82 -64.33 20.13
CA GLU B 300 -37.52 -64.24 19.46
C GLU B 300 -37.24 -62.85 18.91
N LEU B 301 -38.00 -61.85 19.31
CA LEU B 301 -37.59 -60.47 19.07
C LEU B 301 -36.44 -60.12 19.99
N ALA B 302 -35.34 -59.64 19.43
CA ALA B 302 -34.15 -59.42 20.24
C ALA B 302 -34.07 -58.02 20.81
N ASN B 303 -34.27 -57.00 19.99
CA ASN B 303 -34.09 -55.61 20.41
C ASN B 303 -35.23 -54.75 19.90
N TYR B 304 -35.46 -53.64 20.59
CA TYR B 304 -36.22 -52.53 20.05
C TYR B 304 -35.45 -51.25 20.35
N GLY B 305 -35.28 -50.41 19.35
CA GLY B 305 -34.52 -49.20 19.52
C GLY B 305 -34.63 -48.32 18.31
N GLU B 306 -34.01 -47.15 18.40
CA GLU B 306 -34.09 -46.17 17.33
C GLU B 306 -32.90 -45.22 17.43
N TYR B 307 -32.84 -44.32 16.47
CA TYR B 307 -31.88 -43.23 16.45
C TYR B 307 -32.58 -42.05 15.80
N SER B 308 -32.61 -40.92 16.50
CA SER B 308 -33.37 -39.76 16.06
C SER B 308 -32.50 -38.52 16.23
N GLY B 309 -33.09 -37.36 15.99
CA GLY B 309 -32.39 -36.11 16.19
C GLY B 309 -31.27 -35.82 15.21
N ALA B 310 -31.51 -36.03 13.90
CA ALA B 310 -30.57 -35.88 12.79
C ALA B 310 -29.30 -36.69 13.03
N PRO B 311 -29.35 -38.00 12.87
CA PRO B 311 -28.20 -38.83 13.24
C PRO B 311 -27.04 -38.72 12.26
N SER B 312 -25.83 -38.59 12.81
CA SER B 312 -24.65 -38.43 11.99
C SER B 312 -24.15 -39.78 11.51
N GLU B 313 -23.09 -39.75 10.69
CA GLU B 313 -22.46 -41.00 10.26
C GLU B 313 -21.77 -41.70 11.42
N GLN B 314 -20.91 -40.98 12.15
CA GLN B 314 -20.10 -41.59 13.20
C GLN B 314 -20.97 -42.04 14.36
N GLN B 315 -22.10 -41.36 14.58
CA GLN B 315 -23.04 -41.82 15.59
C GLN B 315 -23.85 -43.01 15.09
N THR B 316 -24.10 -43.12 13.79
CA THR B 316 -24.75 -44.33 13.29
C THR B 316 -23.75 -45.37 12.86
N TYR B 317 -22.46 -44.99 12.78
CA TYR B 317 -21.42 -46.02 12.67
C TYR B 317 -21.28 -46.77 13.98
N ASP B 318 -21.46 -46.07 15.10
CA ASP B 318 -21.33 -46.70 16.41
C ASP B 318 -22.57 -47.50 16.77
N TYR B 319 -23.76 -46.95 16.48
CA TYR B 319 -25.01 -47.66 16.74
C TYR B 319 -25.15 -48.91 15.88
N ALA B 320 -24.54 -48.92 14.69
CA ALA B 320 -24.58 -50.12 13.87
C ALA B 320 -23.55 -51.14 14.34
N LYS B 321 -22.28 -50.72 14.47
CA LYS B 321 -21.19 -51.66 14.71
C LYS B 321 -21.23 -52.31 16.08
N THR B 322 -21.96 -51.71 17.04
CA THR B 322 -22.09 -52.33 18.34
C THR B 322 -23.02 -53.54 18.28
N ILE B 323 -24.17 -53.39 17.64
CA ILE B 323 -25.19 -54.43 17.72
C ILE B 323 -24.91 -55.57 16.75
N LEU B 324 -24.22 -55.30 15.63
CA LEU B 324 -23.75 -56.40 14.81
C LEU B 324 -22.58 -57.15 15.45
N SER B 325 -21.86 -56.51 16.37
CA SER B 325 -20.89 -57.21 17.18
C SER B 325 -21.54 -57.94 18.35
N LEU B 326 -22.70 -57.46 18.81
CA LEU B 326 -23.39 -58.15 19.89
C LEU B 326 -24.20 -59.34 19.38
N MET B 327 -24.61 -59.32 18.11
CA MET B 327 -25.40 -60.41 17.56
C MET B 327 -24.52 -61.52 16.98
N THR B 328 -23.23 -61.50 17.22
CA THR B 328 -22.35 -62.57 16.76
C THR B 328 -21.58 -63.24 17.89
N ARG B 329 -21.96 -63.01 19.14
CA ARG B 329 -21.34 -63.70 20.26
C ARG B 329 -21.75 -65.17 20.28
N GLU B 330 -23.06 -65.43 20.22
CA GLU B 330 -23.58 -66.79 20.14
C GLU B 330 -24.33 -66.97 18.84
N LYS B 331 -24.38 -68.22 18.38
CA LYS B 331 -25.03 -68.58 17.14
C LYS B 331 -26.44 -69.11 17.41
N HIS B 332 -27.15 -69.43 16.34
CA HIS B 332 -28.48 -70.00 16.42
C HIS B 332 -28.77 -70.78 15.15
N PRO B 333 -29.15 -72.07 15.25
CA PRO B 333 -29.51 -72.82 14.04
C PRO B 333 -30.79 -72.36 13.37
N ASP B 334 -31.67 -71.66 14.08
CA ASP B 334 -32.81 -70.99 13.45
C ASP B 334 -32.42 -69.65 12.85
N GLY B 335 -31.17 -69.24 12.98
CA GLY B 335 -30.65 -68.08 12.27
C GLY B 335 -31.04 -66.77 12.92
N LYS B 336 -30.82 -65.71 12.15
CA LYS B 336 -31.21 -64.36 12.53
C LYS B 336 -31.75 -63.63 11.31
N ILE B 337 -32.53 -62.57 11.56
CA ILE B 337 -33.07 -61.71 10.51
C ILE B 337 -32.91 -60.26 10.99
N LEU B 338 -32.29 -59.42 10.15
CA LEU B 338 -32.06 -58.02 10.46
C LEU B 338 -33.15 -57.20 9.78
N ILE B 339 -33.76 -56.28 10.53
CA ILE B 339 -34.81 -55.40 10.03
C ILE B 339 -34.27 -53.98 10.03
N ILE B 340 -34.22 -53.36 8.84
CA ILE B 340 -33.83 -51.96 8.72
C ILE B 340 -34.98 -51.19 8.09
N GLY B 341 -35.85 -50.62 8.92
CA GLY B 341 -36.97 -49.84 8.44
C GLY B 341 -36.66 -48.35 8.41
N GLY B 342 -37.72 -47.57 8.33
CA GLY B 342 -37.57 -46.13 8.34
C GLY B 342 -38.80 -45.44 7.82
N SER B 343 -39.01 -44.23 8.31
CA SER B 343 -40.11 -43.39 7.88
C SER B 343 -39.59 -42.30 6.94
N ILE B 344 -40.48 -41.41 6.53
CA ILE B 344 -40.11 -40.28 5.68
C ILE B 344 -39.39 -39.26 6.56
N ALA B 345 -38.08 -39.16 6.40
CA ALA B 345 -37.31 -38.14 7.09
C ALA B 345 -37.46 -36.81 6.38
N ASN B 346 -37.51 -35.73 7.15
CA ASN B 346 -37.76 -34.42 6.55
C ASN B 346 -36.52 -33.86 5.90
N PHE B 347 -35.42 -33.72 6.64
CA PHE B 347 -34.29 -32.97 6.11
C PHE B 347 -32.92 -33.63 6.28
N THR B 348 -32.84 -34.92 6.54
CA THR B 348 -31.54 -35.57 6.49
C THR B 348 -31.42 -36.45 5.26
N ASN B 349 -30.18 -36.62 4.78
CA ASN B 349 -29.94 -37.46 3.63
C ASN B 349 -30.01 -38.93 4.02
N VAL B 350 -30.47 -39.77 3.09
CA VAL B 350 -30.62 -41.20 3.35
C VAL B 350 -29.26 -41.89 3.37
N ALA B 351 -28.54 -41.86 2.24
CA ALA B 351 -27.38 -42.73 2.09
C ALA B 351 -26.19 -42.28 2.91
N ALA B 352 -26.09 -40.97 3.20
CA ALA B 352 -25.04 -40.50 4.09
C ALA B 352 -25.32 -40.95 5.51
N THR B 353 -26.60 -41.08 5.88
CA THR B 353 -26.95 -41.71 7.14
C THR B 353 -26.87 -43.23 7.04
N PHE B 354 -26.73 -43.76 5.84
CA PHE B 354 -26.45 -45.18 5.65
C PHE B 354 -25.00 -45.44 5.27
N LYS B 355 -24.17 -44.39 5.20
CA LYS B 355 -22.75 -44.58 4.95
C LYS B 355 -22.05 -45.25 6.13
N GLY B 356 -22.55 -45.03 7.35
CA GLY B 356 -21.97 -45.71 8.49
C GLY B 356 -22.38 -47.17 8.56
N ILE B 357 -23.60 -47.48 8.15
CA ILE B 357 -24.07 -48.86 8.25
C ILE B 357 -23.53 -49.71 7.11
N VAL B 358 -23.07 -49.08 6.02
CA VAL B 358 -22.40 -49.83 4.97
C VAL B 358 -20.93 -50.03 5.33
N ARG B 359 -20.44 -49.26 6.30
CA ARG B 359 -19.07 -49.43 6.78
C ARG B 359 -19.01 -50.42 7.94
N ALA B 360 -20.01 -50.39 8.83
CA ALA B 360 -20.02 -51.28 9.98
C ALA B 360 -20.28 -52.73 9.58
N ILE B 361 -20.94 -52.96 8.44
CA ILE B 361 -21.07 -54.32 7.93
C ILE B 361 -19.76 -54.79 7.33
N ARG B 362 -18.93 -53.87 6.87
CA ARG B 362 -17.65 -54.24 6.27
C ARG B 362 -16.64 -54.68 7.32
N ASP B 363 -16.82 -54.28 8.59
CA ASP B 363 -15.90 -54.70 9.64
C ASP B 363 -16.20 -56.11 10.14
N TYR B 364 -17.46 -56.53 10.14
CA TYR B 364 -17.86 -57.86 10.58
C TYR B 364 -18.65 -58.60 9.51
N GLN B 365 -18.25 -58.47 8.24
CA GLN B 365 -18.88 -59.22 7.16
C GLN B 365 -18.63 -60.71 7.25
N GLY B 366 -17.56 -61.14 7.93
CA GLY B 366 -17.22 -62.53 8.10
C GLY B 366 -18.28 -63.32 8.85
N PRO B 367 -18.45 -63.05 10.15
CA PRO B 367 -19.44 -63.82 10.93
C PRO B 367 -20.89 -63.49 10.59
N LEU B 368 -21.16 -62.37 9.90
CA LEU B 368 -22.52 -62.10 9.46
C LEU B 368 -22.92 -63.01 8.32
N LYS B 369 -21.95 -63.53 7.56
CA LYS B 369 -22.24 -64.59 6.61
C LYS B 369 -22.52 -65.90 7.33
N GLU B 370 -21.82 -66.16 8.44
CA GLU B 370 -21.86 -67.46 9.09
C GLU B 370 -23.07 -67.62 10.02
N HIS B 371 -23.61 -66.52 10.54
CA HIS B 371 -24.82 -66.61 11.33
C HIS B 371 -26.08 -66.73 10.49
N GLU B 372 -25.94 -66.70 9.16
CA GLU B 372 -27.00 -66.96 8.16
C GLU B 372 -28.17 -65.99 8.34
N VAL B 373 -27.85 -64.71 8.14
CA VAL B 373 -28.81 -63.63 8.33
C VAL B 373 -29.37 -63.22 6.97
N THR B 374 -30.65 -62.86 6.97
CA THR B 374 -31.32 -62.32 5.79
C THR B 374 -31.85 -60.94 6.14
N ILE B 375 -31.47 -59.95 5.34
CA ILE B 375 -31.67 -58.54 5.68
C ILE B 375 -32.70 -57.94 4.73
N PHE B 376 -33.60 -57.13 5.29
CA PHE B 376 -34.55 -56.34 4.53
C PHE B 376 -34.31 -54.86 4.83
N VAL B 377 -34.52 -54.02 3.83
CA VAL B 377 -34.35 -52.57 4.01
C VAL B 377 -35.44 -51.83 3.24
N ARG B 378 -36.11 -50.91 3.94
CA ARG B 378 -37.12 -50.05 3.34
C ARG B 378 -37.06 -48.70 4.03
N ARG B 379 -36.77 -47.66 3.25
CA ARG B 379 -36.44 -46.35 3.79
C ARG B 379 -36.83 -45.28 2.78
N GLY B 380 -37.41 -44.19 3.27
CA GLY B 380 -37.88 -43.15 2.39
C GLY B 380 -37.49 -41.77 2.90
N GLY B 381 -37.52 -40.80 1.99
CA GLY B 381 -37.17 -39.44 2.30
C GLY B 381 -36.44 -38.75 1.16
N PRO B 382 -35.48 -37.90 1.50
CA PRO B 382 -34.74 -37.15 0.47
C PRO B 382 -33.74 -38.05 -0.26
N ASN B 383 -34.08 -38.40 -1.50
CA ASN B 383 -33.27 -39.23 -2.40
C ASN B 383 -32.95 -40.59 -1.78
N TYR B 384 -34.03 -41.36 -1.60
CA TYR B 384 -33.92 -42.68 -0.98
C TYR B 384 -33.38 -43.72 -1.93
N GLN B 385 -33.62 -43.57 -3.24
CA GLN B 385 -33.36 -44.65 -4.18
C GLN B 385 -31.87 -44.86 -4.43
N GLU B 386 -31.05 -43.82 -4.33
CA GLU B 386 -29.61 -44.06 -4.42
C GLU B 386 -29.09 -44.72 -3.16
N GLY B 387 -29.73 -44.46 -2.02
CA GLY B 387 -29.43 -45.23 -0.83
C GLY B 387 -29.91 -46.66 -0.95
N LEU B 388 -30.99 -46.87 -1.69
CA LEU B 388 -31.48 -48.22 -1.92
C LEU B 388 -30.61 -48.96 -2.91
N ARG B 389 -30.07 -48.26 -3.91
CA ARG B 389 -29.30 -48.92 -4.97
C ARG B 389 -27.97 -49.43 -4.47
N VAL B 390 -27.25 -48.60 -3.71
CA VAL B 390 -25.94 -49.00 -3.21
C VAL B 390 -26.07 -50.08 -2.16
N MET B 391 -27.11 -50.00 -1.31
CA MET B 391 -27.30 -50.99 -0.27
C MET B 391 -27.75 -52.33 -0.84
N GLY B 392 -28.49 -52.31 -1.96
CA GLY B 392 -28.79 -53.54 -2.65
C GLY B 392 -27.58 -54.13 -3.35
N GLU B 393 -26.63 -53.27 -3.74
CA GLU B 393 -25.41 -53.74 -4.37
C GLU B 393 -24.48 -54.38 -3.37
N VAL B 394 -24.36 -53.79 -2.17
CA VAL B 394 -23.37 -54.25 -1.20
C VAL B 394 -23.76 -55.59 -0.59
N GLY B 395 -25.03 -55.98 -0.70
CA GLY B 395 -25.40 -57.33 -0.27
C GLY B 395 -24.81 -58.40 -1.18
N LYS B 396 -24.76 -58.13 -2.48
CA LYS B 396 -24.20 -59.09 -3.41
C LYS B 396 -22.68 -59.19 -3.32
N THR B 397 -22.03 -58.14 -2.81
CA THR B 397 -20.58 -58.20 -2.63
C THR B 397 -20.19 -59.12 -1.48
N THR B 398 -20.90 -59.01 -0.35
CA THR B 398 -20.61 -59.85 0.80
C THR B 398 -21.27 -61.23 0.72
N GLY B 399 -22.14 -61.46 -0.26
CA GLY B 399 -22.73 -62.76 -0.48
C GLY B 399 -24.08 -62.98 0.18
N ILE B 400 -24.50 -62.09 1.06
CA ILE B 400 -25.75 -62.27 1.80
C ILE B 400 -26.89 -61.55 1.07
N PRO B 401 -28.04 -62.19 0.92
CA PRO B 401 -29.14 -61.57 0.16
C PRO B 401 -29.86 -60.48 0.95
N ILE B 402 -29.66 -59.22 0.57
CA ILE B 402 -30.38 -58.11 1.16
C ILE B 402 -31.48 -57.70 0.19
N HIS B 403 -32.72 -57.90 0.59
CA HIS B 403 -33.88 -57.61 -0.25
C HIS B 403 -34.39 -56.21 0.08
N VAL B 404 -34.32 -55.33 -0.89
CA VAL B 404 -34.64 -53.93 -0.69
C VAL B 404 -36.13 -53.71 -0.96
N PHE B 405 -36.62 -52.55 -0.51
CA PHE B 405 -38.01 -52.16 -0.76
C PHE B 405 -38.11 -50.64 -0.74
N GLY B 406 -38.94 -50.11 -1.64
CA GLY B 406 -39.10 -48.68 -1.79
C GLY B 406 -40.29 -48.15 -1.02
N THR B 407 -40.61 -46.88 -1.27
CA THR B 407 -41.75 -46.24 -0.65
C THR B 407 -43.08 -46.71 -1.24
N GLU B 408 -43.05 -47.31 -2.43
CA GLU B 408 -44.24 -47.83 -3.07
C GLU B 408 -44.84 -49.01 -2.32
N THR B 409 -44.04 -49.74 -1.54
CA THR B 409 -44.58 -50.82 -0.73
C THR B 409 -44.97 -50.29 0.64
N HIS B 410 -45.68 -51.12 1.39
CA HIS B 410 -46.18 -50.71 2.70
C HIS B 410 -45.03 -50.71 3.71
N MET B 411 -45.24 -49.98 4.81
CA MET B 411 -44.15 -49.68 5.74
C MET B 411 -43.75 -50.91 6.54
N THR B 412 -44.71 -51.56 7.19
CA THR B 412 -44.42 -52.76 7.98
C THR B 412 -44.54 -54.04 7.15
N ALA B 413 -44.49 -53.93 5.82
CA ALA B 413 -44.65 -55.09 4.96
C ALA B 413 -43.45 -56.02 5.04
N ILE B 414 -42.26 -55.50 5.34
CA ILE B 414 -41.07 -56.34 5.33
C ILE B 414 -40.99 -57.27 6.53
N VAL B 415 -41.68 -56.97 7.62
CA VAL B 415 -41.70 -57.92 8.74
C VAL B 415 -42.69 -59.04 8.44
N GLY B 416 -43.65 -58.81 7.55
CA GLY B 416 -44.41 -59.90 6.99
C GLY B 416 -43.58 -60.73 6.04
N MET B 417 -42.59 -60.10 5.39
CA MET B 417 -41.69 -60.82 4.51
C MET B 417 -40.41 -61.28 5.20
N ALA B 418 -40.20 -60.88 6.45
CA ALA B 418 -39.05 -61.39 7.19
C ALA B 418 -39.27 -62.82 7.64
N LEU B 419 -40.35 -63.07 8.37
CA LEU B 419 -40.67 -64.40 8.87
C LEU B 419 -41.50 -65.22 7.88
N GLY B 420 -41.66 -64.73 6.66
CA GLY B 420 -42.34 -65.50 5.63
C GLY B 420 -43.84 -65.57 5.74
N HIS B 421 -44.47 -64.54 6.31
CA HIS B 421 -45.93 -64.47 6.31
C HIS B 421 -46.48 -64.18 4.94
N ARG B 422 -45.68 -63.60 4.05
CA ARG B 422 -46.09 -63.29 2.69
C ARG B 422 -44.88 -63.39 1.78
N PRO B 423 -45.06 -63.72 0.50
CA PRO B 423 -43.92 -63.81 -0.41
C PRO B 423 -43.36 -62.44 -0.76
N ILE B 424 -42.20 -62.46 -1.42
CA ILE B 424 -41.38 -61.28 -1.64
C ILE B 424 -41.50 -60.90 -3.11
N PRO B 425 -42.16 -59.77 -3.45
CA PRO B 425 -42.16 -59.29 -4.84
C PRO B 425 -40.83 -58.65 -5.23
N GLY B 487 -65.02 -18.34 20.74
CA GLY B 487 -64.83 -17.30 19.74
C GLY B 487 -63.74 -17.61 18.72
N LYS B 488 -63.83 -18.78 18.10
CA LYS B 488 -62.85 -19.21 17.11
C LYS B 488 -63.43 -19.08 15.71
N SER B 489 -62.55 -19.13 14.72
CA SER B 489 -62.97 -19.31 13.35
C SER B 489 -63.26 -20.79 13.08
N THR B 490 -63.75 -21.06 11.87
CA THR B 490 -63.98 -22.44 11.44
C THR B 490 -63.04 -22.85 10.33
N THR B 491 -62.85 -22.01 9.33
CA THR B 491 -61.90 -22.27 8.24
C THR B 491 -60.59 -21.58 8.61
N LEU B 492 -59.59 -22.39 8.98
CA LEU B 492 -58.35 -21.84 9.52
C LEU B 492 -57.46 -21.25 8.43
N PHE B 493 -57.35 -21.93 7.29
CA PHE B 493 -56.43 -21.51 6.24
C PHE B 493 -57.16 -21.51 4.91
N SER B 494 -56.60 -20.79 3.94
CA SER B 494 -57.22 -20.61 2.64
C SER B 494 -56.15 -20.19 1.64
N ARG B 495 -56.60 -19.84 0.44
CA ARG B 495 -55.72 -19.31 -0.61
C ARG B 495 -55.33 -17.86 -0.38
N HIS B 496 -55.85 -17.22 0.66
CA HIS B 496 -55.56 -15.82 0.93
C HIS B 496 -54.98 -15.62 2.32
N THR B 497 -54.40 -16.69 2.88
CA THR B 497 -53.88 -16.66 4.23
C THR B 497 -52.47 -16.10 4.23
N LYS B 498 -52.17 -15.24 5.21
CA LYS B 498 -50.83 -14.73 5.40
C LYS B 498 -50.39 -14.94 6.85
N ALA B 499 -49.11 -15.24 7.03
CA ALA B 499 -48.58 -15.60 8.34
C ALA B 499 -47.21 -14.95 8.55
N ILE B 500 -46.84 -14.82 9.82
CA ILE B 500 -45.57 -14.20 10.21
C ILE B 500 -44.85 -15.16 11.15
N VAL B 501 -43.60 -15.48 10.84
CA VAL B 501 -42.81 -16.41 11.61
C VAL B 501 -41.93 -15.62 12.58
N TRP B 502 -41.54 -16.27 13.66
CA TRP B 502 -40.66 -15.71 14.68
C TRP B 502 -39.37 -16.51 14.73
N GLY B 503 -38.25 -15.84 14.64
CA GLY B 503 -36.95 -16.51 14.70
C GLY B 503 -36.31 -16.64 13.34
N MET B 504 -35.00 -16.42 13.29
CA MET B 504 -34.25 -16.45 12.03
C MET B 504 -34.10 -17.91 11.59
N GLN B 505 -35.10 -18.39 10.86
CA GLN B 505 -35.19 -19.77 10.41
C GLN B 505 -35.45 -19.78 8.91
N THR B 506 -34.59 -19.04 8.18
CA THR B 506 -34.85 -18.64 6.80
C THR B 506 -35.00 -19.83 5.84
N ARG B 507 -34.39 -20.97 6.18
CA ARG B 507 -34.57 -22.18 5.37
C ARG B 507 -36.02 -22.65 5.42
N ALA B 508 -36.61 -22.67 6.61
CA ALA B 508 -38.01 -23.05 6.72
C ALA B 508 -38.93 -21.99 6.14
N VAL B 509 -38.51 -20.73 6.15
CA VAL B 509 -39.24 -19.70 5.43
C VAL B 509 -39.16 -19.96 3.93
N GLN B 510 -37.97 -20.34 3.46
CA GLN B 510 -37.84 -20.78 2.07
C GLN B 510 -38.57 -22.10 1.87
N GLY B 511 -38.56 -22.96 2.89
CA GLY B 511 -39.31 -24.21 2.82
C GLY B 511 -40.81 -24.01 2.83
N MET B 512 -41.27 -22.85 3.28
CA MET B 512 -42.70 -22.54 3.18
C MET B 512 -43.04 -21.85 1.87
N LEU B 513 -42.12 -21.02 1.36
CA LEU B 513 -42.45 -20.15 0.24
C LEU B 513 -42.58 -20.92 -1.07
N ASP B 514 -41.79 -21.98 -1.24
CA ASP B 514 -41.85 -22.76 -2.47
C ASP B 514 -43.15 -23.57 -2.57
N PHE B 515 -43.76 -23.87 -1.43
CA PHE B 515 -45.05 -24.56 -1.43
C PHE B 515 -46.14 -23.69 -2.01
N ASP B 516 -46.02 -22.37 -1.86
CA ASP B 516 -46.94 -21.46 -2.53
C ASP B 516 -46.75 -21.48 -4.04
N TYR B 517 -45.53 -21.73 -4.51
CA TYR B 517 -45.28 -21.71 -5.94
C TYR B 517 -45.82 -22.94 -6.65
N VAL B 518 -45.72 -24.12 -6.01
CA VAL B 518 -46.22 -25.32 -6.67
C VAL B 518 -47.73 -25.42 -6.63
N CYS B 519 -48.38 -24.76 -5.69
CA CYS B 519 -49.83 -24.68 -5.72
C CYS B 519 -50.33 -23.47 -6.52
N SER B 520 -49.40 -22.68 -7.06
CA SER B 520 -49.68 -21.51 -7.91
C SER B 520 -50.57 -20.50 -7.19
N ARG B 521 -50.28 -20.28 -5.91
CA ARG B 521 -50.97 -19.23 -5.18
C ARG B 521 -50.51 -17.87 -5.68
N ASP B 522 -51.45 -16.92 -5.67
CA ASP B 522 -51.25 -15.63 -6.33
C ASP B 522 -50.25 -14.73 -5.61
N GLU B 523 -50.20 -14.80 -4.29
CA GLU B 523 -49.36 -13.93 -3.49
C GLU B 523 -48.56 -14.78 -2.51
N PRO B 524 -47.38 -14.33 -2.10
CA PRO B 524 -46.65 -15.02 -1.04
C PRO B 524 -47.39 -14.90 0.29
N SER B 525 -47.08 -15.81 1.21
CA SER B 525 -47.82 -15.89 2.46
C SER B 525 -47.04 -15.37 3.66
N VAL B 526 -45.72 -15.29 3.59
CA VAL B 526 -44.90 -14.90 4.73
C VAL B 526 -44.72 -13.39 4.67
N ALA B 527 -45.37 -12.69 5.60
CA ALA B 527 -45.41 -11.23 5.58
C ALA B 527 -44.16 -10.62 6.21
N ALA B 528 -43.74 -11.14 7.36
CA ALA B 528 -42.61 -10.57 8.07
C ALA B 528 -41.93 -11.64 8.90
N MET B 529 -40.68 -11.37 9.26
CA MET B 529 -39.94 -12.18 10.21
C MET B 529 -39.63 -11.32 11.41
N VAL B 530 -40.09 -11.75 12.59
CA VAL B 530 -39.93 -10.96 13.81
C VAL B 530 -38.73 -11.49 14.55
N TYR B 531 -37.67 -10.69 14.58
CA TYR B 531 -36.47 -11.04 15.33
C TYR B 531 -35.92 -9.77 15.97
N PRO B 532 -35.88 -9.70 17.30
CA PRO B 532 -35.56 -8.44 17.96
C PRO B 532 -34.07 -8.15 18.10
N PHE B 533 -33.20 -9.04 17.63
CA PHE B 533 -31.77 -8.89 17.83
C PHE B 533 -31.04 -8.45 16.58
N THR B 534 -31.77 -8.07 15.53
CA THR B 534 -31.23 -7.41 14.35
C THR B 534 -31.90 -6.06 14.19
N GLY B 535 -31.61 -5.39 13.09
CA GLY B 535 -32.27 -4.14 12.75
C GLY B 535 -33.56 -4.38 12.01
N ASP B 536 -34.01 -3.35 11.29
CA ASP B 536 -35.16 -3.42 10.40
C ASP B 536 -34.67 -3.33 8.97
N HIS B 537 -34.65 -4.46 8.26
CA HIS B 537 -34.30 -4.44 6.84
C HIS B 537 -35.14 -5.49 6.13
N LYS B 538 -34.74 -5.80 4.89
CA LYS B 538 -35.51 -6.67 4.01
C LYS B 538 -34.65 -7.85 3.59
N GLN B 539 -35.16 -9.06 3.79
CA GLN B 539 -34.42 -10.29 3.53
C GLN B 539 -34.78 -10.82 2.15
N LYS B 540 -33.77 -11.30 1.43
CA LYS B 540 -33.94 -11.77 0.07
C LYS B 540 -34.38 -13.23 0.07
N PHE B 541 -35.33 -13.57 -0.80
CA PHE B 541 -35.74 -14.94 -1.02
C PHE B 541 -36.03 -15.13 -2.50
N TYR B 542 -36.41 -16.34 -2.88
CA TYR B 542 -36.62 -16.68 -4.28
C TYR B 542 -38.00 -17.25 -4.47
N TRP B 543 -38.95 -16.39 -4.83
CA TRP B 543 -40.27 -16.78 -5.26
C TRP B 543 -40.11 -17.25 -6.71
N GLY B 544 -39.97 -18.55 -6.89
CA GLY B 544 -39.75 -19.10 -8.21
C GLY B 544 -38.32 -18.88 -8.66
N HIS B 545 -38.12 -17.94 -9.58
CA HIS B 545 -36.79 -17.54 -10.00
C HIS B 545 -36.43 -16.13 -9.61
N LYS B 546 -37.42 -15.27 -9.41
CA LYS B 546 -37.17 -13.87 -9.10
C LYS B 546 -36.68 -13.72 -7.67
N GLU B 547 -36.33 -12.50 -7.31
CA GLU B 547 -35.95 -12.16 -5.95
C GLU B 547 -37.08 -11.38 -5.30
N ILE B 548 -37.41 -11.76 -4.08
CA ILE B 548 -38.45 -11.07 -3.31
C ILE B 548 -37.82 -10.56 -2.02
N LEU B 549 -38.38 -9.49 -1.50
CA LEU B 549 -37.84 -8.83 -0.32
C LEU B 549 -38.88 -8.90 0.79
N ILE B 550 -38.62 -9.74 1.77
CA ILE B 550 -39.49 -9.88 2.95
C ILE B 550 -38.86 -9.08 4.08
N PRO B 551 -39.61 -8.21 4.76
CA PRO B 551 -39.01 -7.40 5.81
C PRO B 551 -38.75 -8.21 7.08
N VAL B 552 -37.67 -7.87 7.77
CA VAL B 552 -37.41 -8.36 9.11
C VAL B 552 -37.67 -7.22 10.10
N PHE B 553 -38.50 -7.49 11.10
CA PHE B 553 -38.88 -6.49 12.07
C PHE B 553 -38.26 -6.79 13.42
N LYS B 554 -38.33 -5.80 14.32
CA LYS B 554 -37.70 -5.91 15.63
C LYS B 554 -38.72 -6.08 16.76
N ASN B 555 -39.86 -5.41 16.68
CA ASN B 555 -40.88 -5.53 17.70
C ASN B 555 -42.19 -6.02 17.09
N MET B 556 -43.07 -6.54 17.95
CA MET B 556 -44.32 -7.14 17.49
C MET B 556 -45.36 -6.11 17.13
N ALA B 557 -45.31 -4.91 17.71
CA ALA B 557 -46.29 -3.89 17.38
C ALA B 557 -46.07 -3.31 15.99
N ASP B 558 -44.82 -3.21 15.56
CA ASP B 558 -44.53 -2.76 14.21
C ASP B 558 -44.84 -3.81 13.16
N ALA B 559 -45.04 -5.07 13.57
CA ALA B 559 -45.64 -6.04 12.67
C ALA B 559 -47.11 -5.75 12.45
N MET B 560 -47.76 -5.09 13.40
CA MET B 560 -49.19 -4.82 13.30
C MET B 560 -49.50 -3.56 12.51
N ARG B 561 -48.59 -2.59 12.49
CA ARG B 561 -48.91 -1.25 12.02
C ARG B 561 -49.13 -1.19 10.51
N LYS B 562 -48.10 -1.51 9.73
CA LYS B 562 -48.25 -1.46 8.28
C LYS B 562 -49.06 -2.63 7.75
N HIS B 563 -49.07 -3.76 8.45
CA HIS B 563 -49.73 -4.98 7.97
C HIS B 563 -50.55 -5.59 9.09
N PRO B 564 -51.80 -5.17 9.24
CA PRO B 564 -52.69 -5.81 10.23
C PRO B 564 -53.53 -6.96 9.69
N GLU B 565 -53.33 -7.37 8.44
CA GLU B 565 -54.10 -8.42 7.80
C GLU B 565 -53.56 -9.82 8.11
N VAL B 566 -52.48 -9.91 8.86
CA VAL B 566 -51.91 -11.19 9.27
C VAL B 566 -52.74 -11.74 10.41
N ASP B 567 -53.16 -13.00 10.30
CA ASP B 567 -54.01 -13.63 11.30
C ASP B 567 -53.41 -14.88 11.91
N VAL B 568 -52.28 -15.36 11.40
CA VAL B 568 -51.64 -16.57 11.90
C VAL B 568 -50.22 -16.23 12.31
N LEU B 569 -49.89 -16.45 13.57
CA LEU B 569 -48.56 -16.20 14.10
C LEU B 569 -47.91 -17.47 14.62
N ILE B 570 -46.64 -17.62 14.24
CA ILE B 570 -45.87 -18.83 14.48
C ILE B 570 -44.64 -18.44 15.30
N ASN B 571 -44.18 -19.34 16.16
CA ASN B 571 -42.93 -19.16 16.89
C ASN B 571 -42.02 -20.35 16.62
N PHE B 572 -40.78 -20.07 16.23
CA PHE B 572 -39.76 -21.10 16.07
C PHE B 572 -38.57 -20.92 17.01
N ALA B 573 -38.75 -20.13 18.07
CA ALA B 573 -37.66 -19.96 19.02
C ALA B 573 -37.52 -21.20 19.89
N SER B 574 -36.40 -21.27 20.61
CA SER B 574 -36.13 -22.42 21.46
C SER B 574 -36.96 -22.35 22.75
N LEU B 575 -36.71 -23.33 23.63
CA LEU B 575 -37.48 -23.43 24.86
C LEU B 575 -37.20 -22.28 25.82
N ARG B 576 -36.04 -21.67 25.73
CA ARG B 576 -35.60 -20.69 26.72
C ARG B 576 -36.26 -19.33 26.53
N SER B 577 -36.96 -19.11 25.41
CA SER B 577 -37.68 -17.86 25.22
C SER B 577 -39.04 -18.08 24.59
N ALA B 578 -39.63 -19.27 24.76
CA ALA B 578 -40.89 -19.56 24.08
C ALA B 578 -42.07 -18.89 24.77
N TYR B 579 -42.01 -18.74 26.10
CA TYR B 579 -43.21 -18.34 26.84
C TYR B 579 -43.47 -16.86 26.72
N ASP B 580 -42.41 -16.04 26.81
CA ASP B 580 -42.58 -14.59 26.75
C ASP B 580 -42.95 -14.13 25.35
N SER B 581 -42.56 -14.90 24.32
CA SER B 581 -42.95 -14.57 22.96
C SER B 581 -44.41 -14.90 22.68
N THR B 582 -45.08 -15.62 23.58
CA THR B 582 -46.46 -16.04 23.37
C THR B 582 -47.46 -15.21 24.17
N MET B 583 -47.13 -14.86 25.41
CA MET B 583 -48.11 -14.18 26.26
C MET B 583 -48.36 -12.76 25.80
N GLU B 584 -47.33 -12.05 25.33
CA GLU B 584 -47.54 -10.74 24.74
C GLU B 584 -48.24 -10.83 23.40
N THR B 585 -48.16 -11.97 22.72
CA THR B 585 -48.70 -12.10 21.37
C THR B 585 -50.23 -12.13 21.38
N MET B 586 -50.81 -12.92 22.28
CA MET B 586 -52.25 -13.10 22.27
C MET B 586 -53.02 -11.90 22.81
N ASN B 587 -52.34 -10.90 23.36
CA ASN B 587 -52.98 -9.62 23.64
C ASN B 587 -53.48 -8.94 22.38
N TYR B 588 -52.75 -9.03 21.27
CA TYR B 588 -53.21 -8.53 19.99
C TYR B 588 -54.20 -9.55 19.45
N ALA B 589 -55.48 -9.16 19.39
CA ALA B 589 -56.53 -10.12 19.06
C ALA B 589 -56.72 -10.31 17.56
N GLN B 590 -55.96 -9.60 16.71
CA GLN B 590 -56.12 -9.78 15.27
C GLN B 590 -55.58 -11.13 14.80
N ILE B 591 -54.70 -11.73 15.58
CA ILE B 591 -54.20 -13.06 15.27
C ILE B 591 -55.25 -14.08 15.67
N ARG B 592 -55.54 -15.02 14.77
CA ARG B 592 -56.57 -16.02 15.03
C ARG B 592 -56.02 -17.43 15.23
N THR B 593 -54.77 -17.69 14.88
CA THR B 593 -54.21 -19.03 15.01
C THR B 593 -52.75 -18.93 15.43
N ILE B 594 -52.38 -19.71 16.44
CA ILE B 594 -51.01 -19.74 16.95
C ILE B 594 -50.59 -21.20 17.11
N ALA B 595 -49.41 -21.53 16.57
CA ALA B 595 -48.86 -22.88 16.68
C ALA B 595 -47.44 -22.78 17.20
N ILE B 596 -47.10 -23.66 18.15
CA ILE B 596 -45.80 -23.65 18.82
C ILE B 596 -45.07 -24.92 18.45
N ILE B 597 -43.78 -24.79 18.14
CA ILE B 597 -42.97 -25.90 17.69
C ILE B 597 -42.00 -26.40 18.76
N ALA B 598 -41.57 -25.52 19.67
CA ALA B 598 -40.43 -25.75 20.57
C ALA B 598 -40.65 -26.93 21.51
N GLU B 599 -39.53 -27.51 21.94
CA GLU B 599 -39.50 -28.80 22.64
C GLU B 599 -38.69 -28.67 23.92
N GLY B 600 -39.34 -28.91 25.06
CA GLY B 600 -38.68 -28.77 26.35
C GLY B 600 -39.43 -27.83 27.28
N ILE B 601 -40.71 -27.65 27.03
CA ILE B 601 -41.53 -26.68 27.75
C ILE B 601 -42.08 -27.34 29.01
N PRO B 602 -42.04 -26.66 30.16
CA PRO B 602 -42.70 -27.18 31.37
C PRO B 602 -44.20 -27.33 31.20
N GLU B 603 -44.75 -28.26 31.99
CA GLU B 603 -46.18 -28.57 31.87
C GLU B 603 -47.05 -27.48 32.47
N ALA B 604 -46.50 -26.67 33.37
CA ALA B 604 -47.25 -25.50 33.84
C ALA B 604 -47.29 -24.41 32.76
N LEU B 605 -46.14 -24.15 32.12
CA LEU B 605 -46.12 -23.23 30.97
C LEU B 605 -46.94 -23.76 29.81
N THR B 606 -47.06 -25.10 29.72
CA THR B 606 -48.04 -25.68 28.81
C THR B 606 -49.46 -25.29 29.20
N ARG B 607 -49.80 -25.40 30.49
CA ARG B 607 -51.15 -25.09 30.91
C ARG B 607 -51.36 -23.62 31.22
N LYS B 608 -50.31 -22.80 31.20
CA LYS B 608 -50.51 -21.37 31.35
C LYS B 608 -51.11 -20.76 30.09
N LEU B 609 -50.83 -21.34 28.93
CA LEU B 609 -51.23 -20.73 27.67
C LEU B 609 -52.70 -20.98 27.35
N ILE B 610 -53.26 -22.07 27.88
CA ILE B 610 -54.56 -22.53 27.40
C ILE B 610 -55.69 -21.68 27.95
N LYS B 611 -55.48 -21.01 29.08
CA LYS B 611 -56.53 -20.19 29.68
C LYS B 611 -56.80 -18.96 28.84
N LYS B 612 -55.75 -18.39 28.25
CA LYS B 612 -55.88 -17.12 27.56
C LYS B 612 -56.59 -17.26 26.23
N ALA B 613 -56.32 -18.31 25.49
CA ALA B 613 -56.97 -18.51 24.20
C ALA B 613 -58.36 -19.11 24.34
N ASP B 614 -58.68 -19.65 25.52
CA ASP B 614 -60.01 -20.20 25.76
C ASP B 614 -61.08 -19.11 25.74
N GLN B 615 -60.81 -17.96 26.37
CA GLN B 615 -61.81 -16.90 26.42
C GLN B 615 -61.77 -16.05 25.16
N LYS B 616 -60.64 -16.09 24.44
CA LYS B 616 -60.49 -15.27 23.24
C LYS B 616 -60.78 -16.03 21.96
N GLY B 617 -60.45 -17.32 21.89
CA GLY B 617 -60.81 -18.12 20.74
C GLY B 617 -59.75 -18.27 19.67
N VAL B 618 -58.53 -18.65 20.05
CA VAL B 618 -57.48 -18.92 19.09
C VAL B 618 -57.03 -20.38 19.25
N THR B 619 -57.06 -21.13 18.15
CA THR B 619 -56.74 -22.55 18.19
C THR B 619 -55.24 -22.75 18.34
N ILE B 620 -54.84 -23.51 19.36
CA ILE B 620 -53.44 -23.74 19.68
C ILE B 620 -53.06 -25.14 19.24
N ILE B 621 -51.99 -25.23 18.45
CA ILE B 621 -51.52 -26.47 17.86
C ILE B 621 -50.10 -26.65 18.41
N GLY B 622 -49.96 -26.43 19.71
CA GLY B 622 -48.67 -26.18 20.33
C GLY B 622 -47.72 -27.36 20.43
N PRO B 623 -46.94 -27.39 21.50
CA PRO B 623 -45.53 -27.84 21.42
C PRO B 623 -45.34 -29.30 21.06
N ALA B 624 -44.07 -29.61 20.74
CA ALA B 624 -43.60 -30.89 20.21
C ALA B 624 -44.34 -31.28 18.93
N THR B 625 -44.51 -30.30 18.05
CA THR B 625 -45.29 -30.46 16.83
C THR B 625 -44.40 -30.16 15.63
N VAL B 626 -44.54 -30.96 14.58
CA VAL B 626 -43.82 -30.77 13.34
C VAL B 626 -44.61 -29.75 12.51
N GLY B 627 -45.94 -29.84 12.56
CA GLY B 627 -46.77 -28.83 11.95
C GLY B 627 -47.97 -29.40 11.21
N GLY B 628 -48.60 -28.59 10.36
CA GLY B 628 -49.80 -29.02 9.68
C GLY B 628 -49.77 -28.60 8.23
N ILE B 629 -50.64 -29.23 7.45
CA ILE B 629 -50.62 -29.07 5.99
C ILE B 629 -52.07 -28.91 5.53
N LYS B 630 -52.31 -27.90 4.70
CA LYS B 630 -53.55 -27.83 3.94
C LYS B 630 -53.16 -27.73 2.46
N PRO B 631 -53.13 -28.85 1.73
CA PRO B 631 -52.56 -28.85 0.38
C PRO B 631 -53.36 -28.01 -0.60
N GLY B 632 -52.63 -27.37 -1.52
CA GLY B 632 -53.19 -26.37 -2.40
C GLY B 632 -53.26 -24.98 -1.81
N CYS B 633 -53.28 -24.86 -0.49
CA CYS B 633 -53.48 -23.59 0.18
C CYS B 633 -52.28 -23.14 1.00
N PHE B 634 -51.82 -23.97 1.94
CA PHE B 634 -50.99 -23.46 3.02
C PHE B 634 -50.27 -24.61 3.70
N LYS B 635 -49.08 -24.32 4.24
CA LYS B 635 -48.25 -25.35 4.87
C LYS B 635 -47.43 -24.70 5.97
N ILE B 636 -47.35 -25.38 7.11
CA ILE B 636 -46.59 -24.93 8.26
C ILE B 636 -45.34 -25.78 8.39
N GLY B 637 -44.19 -25.11 8.54
CA GLY B 637 -42.99 -25.78 9.00
C GLY B 637 -42.36 -26.63 7.91
N ASN B 638 -41.48 -27.52 8.33
CA ASN B 638 -40.80 -28.45 7.42
C ASN B 638 -41.57 -29.75 7.25
N THR B 639 -42.89 -29.68 7.39
CA THR B 639 -43.78 -30.79 7.08
C THR B 639 -43.63 -31.18 5.61
N GLY B 640 -43.27 -32.44 5.38
CA GLY B 640 -42.98 -32.94 4.06
C GLY B 640 -41.51 -32.90 3.70
N GLY B 641 -40.73 -32.05 4.35
CA GLY B 641 -39.32 -31.96 4.06
C GLY B 641 -39.05 -31.19 2.78
N MET B 642 -38.13 -31.68 1.96
CA MET B 642 -37.85 -31.03 0.69
C MET B 642 -38.96 -31.34 -0.30
N LEU B 643 -38.84 -30.80 -1.51
CA LEU B 643 -39.92 -30.82 -2.48
C LEU B 643 -40.11 -32.18 -3.13
N ASP B 644 -39.25 -33.16 -2.84
CA ASP B 644 -39.38 -34.48 -3.46
C ASP B 644 -40.62 -35.20 -2.95
N ASN B 645 -40.93 -35.06 -1.65
CA ASN B 645 -42.11 -35.70 -1.10
C ASN B 645 -43.38 -35.02 -1.60
N ILE B 646 -43.32 -33.72 -1.84
CA ILE B 646 -44.50 -32.97 -2.25
C ILE B 646 -44.86 -33.31 -3.68
N LEU B 647 -43.88 -33.74 -4.48
CA LEU B 647 -44.17 -34.29 -5.79
C LEU B 647 -44.40 -35.79 -5.75
N ALA B 648 -43.99 -36.48 -4.69
CA ALA B 648 -44.21 -37.91 -4.59
C ALA B 648 -45.59 -38.25 -4.07
N SER B 649 -46.18 -37.39 -3.24
CA SER B 649 -47.50 -37.64 -2.70
C SER B 649 -48.49 -36.55 -3.10
N LYS B 650 -48.09 -35.67 -4.01
CA LYS B 650 -48.97 -34.73 -4.72
C LYS B 650 -49.72 -33.81 -3.76
N LEU B 651 -48.98 -33.17 -2.86
CA LEU B 651 -49.57 -32.27 -1.89
C LEU B 651 -49.68 -30.83 -2.37
N TYR B 652 -49.68 -30.60 -3.67
CA TYR B 652 -49.88 -29.24 -4.16
C TYR B 652 -51.33 -28.94 -4.50
N ARG B 653 -52.22 -29.90 -4.30
CA ARG B 653 -53.66 -29.76 -4.54
C ARG B 653 -54.41 -30.53 -3.46
N PRO B 654 -55.64 -30.12 -3.13
CA PRO B 654 -56.39 -30.85 -2.11
C PRO B 654 -56.88 -32.19 -2.61
N GLY B 655 -57.22 -33.04 -1.65
CA GLY B 655 -57.94 -34.27 -1.94
C GLY B 655 -59.28 -34.25 -1.24
N SER B 656 -59.58 -35.29 -0.47
CA SER B 656 -60.75 -35.23 0.40
C SER B 656 -60.53 -35.91 1.74
N VAL B 657 -59.29 -36.18 2.14
CA VAL B 657 -58.98 -37.02 3.29
C VAL B 657 -58.36 -36.17 4.38
N ALA B 658 -58.87 -36.30 5.60
CA ALA B 658 -58.41 -35.56 6.76
C ALA B 658 -57.89 -36.51 7.83
N TYR B 659 -56.82 -36.10 8.51
CA TYR B 659 -56.22 -36.93 9.55
C TYR B 659 -55.71 -36.03 10.67
N VAL B 660 -55.65 -36.60 11.88
CA VAL B 660 -55.06 -35.94 13.05
C VAL B 660 -54.20 -36.97 13.77
N SER B 661 -52.96 -36.61 14.10
CA SER B 661 -52.06 -37.50 14.81
C SER B 661 -51.33 -36.72 15.90
N ARG B 662 -50.41 -37.40 16.59
CA ARG B 662 -49.58 -36.74 17.60
C ARG B 662 -48.24 -36.28 17.02
N SER B 663 -47.42 -37.23 16.56
CA SER B 663 -46.05 -36.96 16.17
C SER B 663 -45.93 -36.85 14.64
N GLY B 664 -44.70 -36.70 14.17
CA GLY B 664 -44.46 -36.34 12.78
C GLY B 664 -44.15 -37.49 11.83
N GLY B 665 -43.41 -38.49 12.30
CA GLY B 665 -43.04 -39.61 11.44
C GLY B 665 -44.23 -40.45 11.03
N MET B 666 -45.21 -40.58 11.92
CA MET B 666 -46.48 -41.18 11.57
C MET B 666 -47.29 -40.33 10.59
N SER B 667 -47.11 -39.01 10.64
CA SER B 667 -47.92 -38.10 9.82
C SER B 667 -47.56 -38.23 8.34
N ASN B 668 -46.28 -38.30 8.02
CA ASN B 668 -45.88 -38.43 6.62
C ASN B 668 -46.13 -39.85 6.11
N GLU B 669 -46.15 -40.83 7.01
CA GLU B 669 -46.42 -42.21 6.59
C GLU B 669 -47.86 -42.37 6.12
N LEU B 670 -48.80 -41.63 6.70
CA LEU B 670 -50.14 -41.58 6.16
C LEU B 670 -50.14 -40.96 4.78
N ASN B 671 -49.37 -39.89 4.60
CA ASN B 671 -49.30 -39.19 3.33
C ASN B 671 -48.64 -40.01 2.24
N ASN B 672 -47.86 -41.02 2.60
CA ASN B 672 -47.47 -42.02 1.61
C ASN B 672 -48.64 -42.92 1.26
N ILE B 673 -49.38 -43.39 2.26
CA ILE B 673 -50.40 -44.40 2.05
C ILE B 673 -51.64 -43.81 1.40
N ILE B 674 -52.10 -42.66 1.91
CA ILE B 674 -53.37 -42.08 1.45
C ILE B 674 -53.25 -41.56 0.02
N SER B 675 -52.08 -41.02 -0.35
CA SER B 675 -51.88 -40.48 -1.69
C SER B 675 -51.90 -41.52 -2.79
N ARG B 676 -51.66 -42.80 -2.48
CA ARG B 676 -51.75 -43.85 -3.48
C ARG B 676 -53.07 -44.60 -3.41
N THR B 677 -54.00 -44.17 -2.55
CA THR B 677 -55.29 -44.83 -2.43
C THR B 677 -56.48 -43.92 -2.70
N THR B 678 -56.35 -42.62 -2.47
CA THR B 678 -57.45 -41.67 -2.63
C THR B 678 -57.06 -40.63 -3.67
N ASP B 679 -57.87 -39.58 -3.77
CA ASP B 679 -57.55 -38.45 -4.64
C ASP B 679 -56.39 -37.63 -4.08
N GLY B 680 -56.16 -37.69 -2.78
CA GLY B 680 -55.16 -36.86 -2.13
C GLY B 680 -55.59 -36.55 -0.72
N VAL B 681 -54.91 -35.56 -0.13
CA VAL B 681 -55.18 -35.14 1.24
C VAL B 681 -55.89 -33.80 1.21
N TYR B 682 -56.89 -33.62 2.08
CA TYR B 682 -57.57 -32.34 2.18
C TYR B 682 -56.94 -31.46 3.26
N GLU B 683 -56.91 -31.94 4.50
CA GLU B 683 -56.46 -31.12 5.62
C GLU B 683 -56.03 -32.04 6.75
N GLY B 684 -54.75 -32.04 7.03
CA GLY B 684 -54.22 -32.92 8.06
C GLY B 684 -53.17 -32.22 8.90
N VAL B 685 -53.18 -32.48 10.21
CA VAL B 685 -52.34 -31.75 11.13
C VAL B 685 -52.06 -32.61 12.36
N ALA B 686 -50.80 -32.63 12.79
CA ALA B 686 -50.42 -33.29 14.03
C ALA B 686 -50.55 -32.30 15.18
N ILE B 687 -50.76 -32.82 16.39
CA ILE B 687 -50.92 -31.94 17.54
C ILE B 687 -49.66 -31.87 18.41
N GLY B 688 -49.01 -33.00 18.67
CA GLY B 688 -47.83 -32.97 19.50
C GLY B 688 -47.59 -34.24 20.29
N GLY B 689 -46.35 -34.49 20.68
CA GLY B 689 -45.98 -35.71 21.33
C GLY B 689 -45.65 -35.55 22.81
N ASP B 690 -46.01 -34.39 23.35
CA ASP B 690 -45.81 -34.11 24.76
C ASP B 690 -46.79 -34.90 25.64
N ARG B 691 -46.65 -34.72 26.96
CA ARG B 691 -47.66 -35.26 27.86
C ARG B 691 -48.96 -34.46 27.82
N TYR B 692 -48.87 -33.14 27.63
CA TYR B 692 -50.06 -32.28 27.61
C TYR B 692 -50.17 -31.66 26.22
N PRO B 693 -51.03 -32.20 25.37
CA PRO B 693 -51.20 -31.64 24.03
C PRO B 693 -51.88 -30.28 24.06
N GLY B 694 -51.64 -29.50 23.01
CA GLY B 694 -52.23 -28.18 22.93
C GLY B 694 -53.73 -28.19 22.70
N SER B 695 -54.23 -29.21 22.00
CA SER B 695 -55.65 -29.30 21.72
C SER B 695 -56.01 -30.77 21.67
N THR B 696 -57.28 -31.08 21.92
CA THR B 696 -57.73 -32.46 21.91
C THR B 696 -57.95 -32.94 20.48
N PHE B 697 -58.35 -34.21 20.36
CA PHE B 697 -58.73 -34.73 19.05
C PHE B 697 -60.07 -34.17 18.63
N MET B 698 -60.93 -33.83 19.60
CA MET B 698 -62.31 -33.47 19.32
C MET B 698 -62.42 -32.13 18.62
N ASP B 699 -61.53 -31.18 18.94
CA ASP B 699 -61.64 -29.80 18.48
C ASP B 699 -61.53 -29.65 16.98
N HIS B 700 -60.71 -30.48 16.32
CA HIS B 700 -60.59 -30.41 14.87
C HIS B 700 -61.57 -31.30 14.14
N VAL B 701 -61.98 -32.42 14.76
CA VAL B 701 -62.87 -33.33 14.05
C VAL B 701 -64.31 -32.84 14.10
N LEU B 702 -64.68 -32.05 15.10
CA LEU B 702 -65.95 -31.32 14.99
C LEU B 702 -65.79 -30.17 14.00
N ARG B 703 -64.60 -29.57 13.94
CA ARG B 703 -64.32 -28.59 12.91
C ARG B 703 -64.23 -29.24 11.54
N TYR B 704 -63.77 -30.50 11.49
CA TYR B 704 -63.89 -31.29 10.27
C TYR B 704 -65.33 -31.50 9.85
N GLN B 705 -66.23 -31.72 10.80
CA GLN B 705 -67.65 -31.84 10.51
C GLN B 705 -68.22 -30.52 10.02
N ASP B 706 -67.71 -29.40 10.50
CA ASP B 706 -68.14 -28.08 10.06
C ASP B 706 -67.40 -27.59 8.83
N THR B 707 -66.57 -28.43 8.21
CA THR B 707 -65.98 -28.09 6.92
C THR B 707 -66.67 -28.88 5.82
N PRO B 708 -67.13 -28.23 4.75
CA PRO B 708 -67.89 -28.96 3.72
C PRO B 708 -67.01 -29.78 2.78
N GLY B 709 -65.72 -29.47 2.68
CA GLY B 709 -64.92 -30.06 1.62
C GLY B 709 -64.53 -31.50 1.88
N VAL B 710 -64.25 -31.84 3.14
CA VAL B 710 -63.94 -33.22 3.48
C VAL B 710 -65.20 -34.08 3.35
N LYS B 711 -64.99 -35.32 2.96
CA LYS B 711 -66.06 -36.31 2.93
C LYS B 711 -65.86 -37.42 3.94
N MET B 712 -64.68 -37.54 4.56
CA MET B 712 -64.46 -38.52 5.59
C MET B 712 -63.44 -38.01 6.59
N ILE B 713 -63.29 -38.74 7.69
CA ILE B 713 -62.38 -38.41 8.77
C ILE B 713 -61.56 -39.65 9.09
N VAL B 714 -60.23 -39.50 9.07
CA VAL B 714 -59.33 -40.56 9.54
C VAL B 714 -58.71 -40.09 10.85
N VAL B 715 -58.62 -41.00 11.82
CA VAL B 715 -58.10 -40.71 13.15
C VAL B 715 -56.94 -41.65 13.40
N LEU B 716 -55.89 -41.16 14.08
CA LEU B 716 -54.80 -42.00 14.57
C LEU B 716 -54.63 -41.75 16.05
N GLY B 717 -54.97 -42.76 16.88
CA GLY B 717 -54.91 -42.64 18.31
C GLY B 717 -53.70 -43.34 18.91
N GLU B 718 -53.40 -43.00 20.15
CA GLU B 718 -52.21 -43.47 20.85
C GLU B 718 -52.57 -43.94 22.25
N ILE B 719 -51.66 -44.71 22.85
CA ILE B 719 -51.88 -45.23 24.20
C ILE B 719 -51.72 -44.11 25.22
N GLY B 720 -52.61 -44.09 26.21
CA GLY B 720 -52.58 -43.06 27.24
C GLY B 720 -53.54 -41.92 26.97
N GLY B 721 -54.24 -41.48 28.02
CA GLY B 721 -55.18 -40.39 27.88
C GLY B 721 -56.58 -40.87 27.57
N THR B 722 -57.58 -40.28 28.20
CA THR B 722 -58.98 -40.65 27.99
C THR B 722 -59.64 -39.80 26.91
N GLU B 723 -59.00 -39.72 25.75
CA GLU B 723 -59.50 -38.87 24.68
C GLU B 723 -60.35 -39.63 23.68
N GLU B 724 -59.93 -40.84 23.29
CA GLU B 724 -60.68 -41.61 22.31
C GLU B 724 -62.01 -42.12 22.84
N TYR B 725 -62.20 -42.14 24.16
CA TYR B 725 -63.53 -42.40 24.69
C TYR B 725 -64.47 -41.23 24.44
N LYS B 726 -63.94 -40.00 24.32
CA LYS B 726 -64.79 -38.88 23.94
C LYS B 726 -65.23 -38.98 22.49
N ILE B 727 -64.31 -39.36 21.60
CA ILE B 727 -64.70 -39.56 20.20
C ILE B 727 -65.55 -40.82 20.07
N CYS B 728 -65.38 -41.78 20.99
CA CYS B 728 -66.35 -42.87 21.11
C CYS B 728 -67.70 -42.34 21.55
N ARG B 729 -67.71 -41.45 22.55
CA ARG B 729 -68.95 -40.81 22.97
C ARG B 729 -69.42 -39.78 21.94
N GLY B 730 -68.52 -39.30 21.10
CA GLY B 730 -68.89 -38.37 20.04
C GLY B 730 -69.72 -39.01 18.96
N ILE B 731 -69.43 -40.26 18.62
CA ILE B 731 -70.26 -40.96 17.64
C ILE B 731 -71.48 -41.60 18.31
N LYS B 732 -71.41 -41.88 19.62
CA LYS B 732 -72.58 -42.38 20.32
C LYS B 732 -73.62 -41.31 20.58
N GLU B 733 -73.19 -40.04 20.64
CA GLU B 733 -74.14 -38.94 20.79
C GLU B 733 -74.66 -38.42 19.45
N GLY B 734 -74.26 -39.04 18.35
CA GLY B 734 -74.70 -38.60 17.04
C GLY B 734 -74.01 -37.36 16.52
N ARG B 735 -73.01 -36.84 17.23
CA ARG B 735 -72.26 -35.68 16.74
C ARG B 735 -71.45 -36.05 15.50
N LEU B 736 -70.91 -37.26 15.47
CA LEU B 736 -70.17 -37.75 14.31
C LEU B 736 -71.15 -38.33 13.32
N THR B 737 -71.29 -37.67 12.17
CA THR B 737 -72.06 -38.18 11.05
C THR B 737 -71.20 -38.60 9.87
N LYS B 738 -70.03 -38.00 9.72
CA LYS B 738 -69.12 -38.32 8.63
C LYS B 738 -68.49 -39.69 8.85
N PRO B 739 -67.94 -40.30 7.80
CA PRO B 739 -67.17 -41.54 7.98
C PRO B 739 -65.94 -41.34 8.86
N ILE B 740 -65.83 -42.17 9.89
CA ILE B 740 -64.74 -42.12 10.85
C ILE B 740 -63.96 -43.42 10.77
N VAL B 741 -62.64 -43.31 10.68
CA VAL B 741 -61.73 -44.46 10.73
C VAL B 741 -60.67 -44.14 11.76
N CYS B 742 -60.53 -45.00 12.77
CA CYS B 742 -59.57 -44.79 13.83
C CYS B 742 -58.74 -46.05 14.06
N TRP B 743 -57.68 -45.88 14.82
CA TRP B 743 -56.77 -46.95 15.21
C TRP B 743 -55.98 -46.43 16.39
N CYS B 744 -55.68 -47.30 17.33
CA CYS B 744 -54.78 -46.96 18.43
C CYS B 744 -53.50 -47.76 18.27
N ILE B 745 -52.37 -47.09 18.44
CA ILE B 745 -51.08 -47.73 18.23
C ILE B 745 -50.66 -48.45 19.50
N GLY B 746 -49.86 -49.50 19.33
CA GLY B 746 -49.10 -50.08 20.41
C GLY B 746 -49.88 -50.77 21.51
N THR B 747 -50.44 -51.96 21.23
CA THR B 747 -50.98 -52.78 22.32
C THR B 747 -49.86 -53.26 23.23
N CYS B 748 -48.98 -54.12 22.70
CA CYS B 748 -47.67 -54.52 23.23
C CYS B 748 -47.73 -54.92 24.70
N ALA B 749 -48.80 -55.62 25.08
CA ALA B 749 -49.06 -55.93 26.49
C ALA B 749 -48.36 -57.21 26.92
N THR B 750 -47.04 -57.26 26.73
CA THR B 750 -46.26 -58.43 27.05
C THR B 750 -45.07 -58.07 27.95
N GLN B 767 -55.48 -48.69 36.17
CA GLN B 767 -56.74 -48.65 35.46
C GLN B 767 -56.60 -49.27 34.07
N ALA B 768 -57.68 -49.86 33.56
CA ALA B 768 -57.72 -50.41 32.22
C ALA B 768 -58.18 -49.41 31.18
N SER B 769 -58.40 -48.15 31.56
CA SER B 769 -58.82 -47.11 30.63
C SER B 769 -57.65 -46.44 29.94
N GLU B 770 -56.41 -46.77 30.32
CA GLU B 770 -55.23 -46.16 29.72
C GLU B 770 -54.51 -47.06 28.74
N THR B 771 -54.92 -48.31 28.59
CA THR B 771 -54.24 -49.21 27.68
C THR B 771 -54.79 -49.06 26.26
N ALA B 772 -54.06 -49.66 25.32
CA ALA B 772 -54.54 -49.70 23.94
C ALA B 772 -55.60 -50.78 23.74
N VAL B 773 -55.73 -51.69 24.70
CA VAL B 773 -56.58 -52.88 24.54
C VAL B 773 -58.05 -52.49 24.51
N ALA B 774 -58.52 -51.82 25.57
CA ALA B 774 -59.91 -51.39 25.62
C ALA B 774 -60.20 -50.32 24.57
N LYS B 775 -59.20 -49.49 24.23
CA LYS B 775 -59.39 -48.49 23.20
C LYS B 775 -59.53 -49.12 21.82
N ASN B 776 -58.92 -50.29 21.62
CA ASN B 776 -59.15 -51.03 20.39
C ASN B 776 -60.55 -51.64 20.37
N GLN B 777 -61.10 -51.95 21.54
CA GLN B 777 -62.38 -52.65 21.58
C GLN B 777 -63.56 -51.72 21.81
N ALA B 778 -63.45 -50.72 22.67
CA ALA B 778 -64.60 -49.86 22.97
C ALA B 778 -64.97 -49.00 21.78
N LEU B 779 -63.96 -48.55 21.03
CA LEU B 779 -64.21 -47.82 19.79
C LEU B 779 -64.80 -48.71 18.70
N LYS B 780 -64.60 -50.03 18.79
CA LYS B 780 -64.93 -50.92 17.68
C LYS B 780 -66.43 -51.12 17.53
N GLU B 781 -67.15 -51.38 18.62
CA GLU B 781 -68.59 -51.58 18.54
C GLU B 781 -69.38 -50.30 18.74
N ALA B 782 -68.74 -49.14 18.59
CA ALA B 782 -69.47 -47.90 18.43
C ALA B 782 -69.91 -47.67 17.00
N GLY B 783 -69.35 -48.40 16.05
CA GLY B 783 -69.63 -48.25 14.64
C GLY B 783 -68.47 -47.75 13.80
N VAL B 784 -67.24 -48.04 14.18
CA VAL B 784 -66.04 -47.47 13.56
C VAL B 784 -65.37 -48.56 12.74
N PHE B 785 -65.00 -48.24 11.50
CA PHE B 785 -64.07 -49.08 10.76
C PHE B 785 -62.75 -49.14 11.50
N VAL B 786 -62.38 -50.32 11.98
CA VAL B 786 -61.19 -50.45 12.81
C VAL B 786 -60.23 -51.44 12.17
N PRO B 787 -59.00 -51.03 11.84
CA PRO B 787 -57.98 -51.98 11.43
C PRO B 787 -57.53 -52.89 12.56
N ARG B 788 -57.16 -54.11 12.18
CA ARG B 788 -56.70 -55.09 13.16
C ARG B 788 -55.18 -55.11 13.25
N SER B 789 -54.48 -54.59 12.25
CA SER B 789 -53.04 -54.47 12.26
C SER B 789 -52.65 -53.16 11.60
N PHE B 790 -51.35 -52.96 11.42
CA PHE B 790 -50.89 -51.75 10.75
C PHE B 790 -50.72 -52.00 9.25
N ASP B 791 -50.44 -53.24 8.86
CA ASP B 791 -50.37 -53.61 7.46
C ASP B 791 -51.73 -53.54 6.78
N GLU B 792 -52.80 -53.79 7.50
CA GLU B 792 -54.15 -53.72 6.96
C GLU B 792 -54.69 -52.30 6.93
N LEU B 793 -53.96 -51.35 7.52
CA LEU B 793 -54.44 -49.98 7.62
C LEU B 793 -54.52 -49.32 6.24
N GLY B 794 -53.67 -49.78 5.31
CA GLY B 794 -53.81 -49.39 3.93
C GLY B 794 -55.07 -49.90 3.27
N GLU B 795 -55.54 -51.08 3.66
CA GLU B 795 -56.75 -51.63 3.05
C GLU B 795 -58.02 -51.06 3.67
N ILE B 796 -57.94 -50.63 4.94
CA ILE B 796 -59.10 -50.04 5.60
C ILE B 796 -59.49 -48.73 4.93
N ILE B 797 -58.51 -47.87 4.67
CA ILE B 797 -58.79 -46.63 3.96
C ILE B 797 -59.11 -46.90 2.49
N GLN B 798 -58.53 -47.97 1.92
CA GLN B 798 -58.85 -48.37 0.56
C GLN B 798 -60.30 -48.83 0.44
N SER B 799 -60.76 -49.64 1.39
CA SER B 799 -62.12 -50.15 1.37
C SER B 799 -63.15 -49.04 1.57
N VAL B 800 -62.90 -48.16 2.53
CA VAL B 800 -63.89 -47.12 2.84
C VAL B 800 -63.91 -46.07 1.74
N TYR B 801 -62.81 -45.91 1.00
CA TYR B 801 -62.82 -44.97 -0.12
C TYR B 801 -63.61 -45.55 -1.30
N GLU B 802 -63.59 -46.88 -1.45
CA GLU B 802 -64.41 -47.51 -2.48
C GLU B 802 -65.89 -47.37 -2.18
N ASP B 803 -66.26 -47.40 -0.88
CA ASP B 803 -67.66 -47.23 -0.52
C ASP B 803 -68.11 -45.78 -0.68
N LEU B 804 -67.22 -44.83 -0.39
CA LEU B 804 -67.54 -43.42 -0.50
C LEU B 804 -67.56 -42.92 -1.94
N VAL B 805 -67.02 -43.69 -2.88
CA VAL B 805 -67.18 -43.36 -4.30
C VAL B 805 -68.28 -44.19 -4.94
N ALA B 806 -68.86 -45.17 -4.23
CA ALA B 806 -69.92 -45.98 -4.80
C ALA B 806 -71.22 -45.18 -4.95
N ASN B 807 -71.54 -44.35 -3.97
CA ASN B 807 -72.69 -43.45 -4.06
C ASN B 807 -72.39 -42.16 -4.80
N GLY B 808 -71.15 -41.94 -5.21
CA GLY B 808 -70.81 -40.79 -6.01
C GLY B 808 -70.75 -39.47 -5.27
N VAL B 809 -70.64 -39.50 -3.95
CA VAL B 809 -70.49 -38.25 -3.20
C VAL B 809 -69.08 -37.70 -3.34
N ILE B 810 -68.09 -38.56 -3.59
CA ILE B 810 -66.75 -38.14 -3.96
C ILE B 810 -66.64 -38.27 -5.46
N VAL B 811 -66.57 -37.13 -6.16
CA VAL B 811 -66.40 -37.12 -7.61
C VAL B 811 -64.90 -37.27 -7.90
N PRO B 812 -64.51 -37.98 -8.95
CA PRO B 812 -63.08 -38.11 -9.26
C PRO B 812 -62.49 -36.81 -9.81
N ALA B 813 -61.50 -36.26 -9.11
CA ALA B 813 -60.89 -35.01 -9.54
C ALA B 813 -59.84 -35.27 -10.61
N GLN B 814 -59.74 -34.32 -11.55
CA GLN B 814 -58.73 -34.42 -12.60
C GLN B 814 -57.39 -33.91 -12.10
N GLU B 815 -56.32 -34.34 -12.75
CA GLU B 815 -54.99 -33.86 -12.43
C GLU B 815 -54.57 -32.75 -13.38
N VAL B 816 -53.93 -31.71 -12.85
CA VAL B 816 -53.31 -30.65 -13.64
C VAL B 816 -51.83 -30.68 -13.26
N PRO B 817 -50.90 -30.71 -14.21
CA PRO B 817 -49.47 -30.85 -13.87
C PRO B 817 -48.93 -29.57 -13.27
N PRO B 818 -48.04 -29.67 -12.29
CA PRO B 818 -47.69 -28.51 -11.48
C PRO B 818 -46.55 -27.71 -12.09
N PRO B 819 -46.33 -26.48 -11.63
CA PRO B 819 -45.12 -25.76 -12.02
C PRO B 819 -43.88 -26.40 -11.39
N THR B 820 -42.80 -26.46 -12.17
CA THR B 820 -41.54 -27.04 -11.72
C THR B 820 -40.60 -25.92 -11.28
N VAL B 821 -39.89 -26.17 -10.18
CA VAL B 821 -39.18 -25.14 -9.42
C VAL B 821 -37.73 -25.53 -9.21
N PRO B 822 -36.79 -24.59 -9.31
CA PRO B 822 -35.41 -24.89 -8.92
C PRO B 822 -35.28 -24.96 -7.41
N MET B 823 -34.45 -25.88 -6.92
CA MET B 823 -34.47 -26.17 -5.49
C MET B 823 -33.68 -25.18 -4.60
N ASP B 824 -32.35 -25.16 -4.67
CA ASP B 824 -31.33 -24.28 -4.10
C ASP B 824 -29.99 -24.87 -4.51
N TYR B 825 -28.91 -24.13 -4.26
CA TYR B 825 -27.60 -24.68 -4.53
C TYR B 825 -27.04 -25.43 -3.33
N SER B 826 -26.87 -24.73 -2.21
CA SER B 826 -26.14 -25.25 -1.06
C SER B 826 -26.80 -26.47 -0.46
N TRP B 827 -28.13 -26.59 -0.59
CA TRP B 827 -28.77 -27.84 -0.22
C TRP B 827 -28.47 -28.94 -1.23
N ALA B 828 -28.51 -28.61 -2.52
CA ALA B 828 -28.39 -29.66 -3.53
C ALA B 828 -26.95 -30.13 -3.65
N ARG B 829 -25.99 -29.27 -3.33
CA ARG B 829 -24.62 -29.76 -3.33
C ARG B 829 -24.32 -30.59 -2.09
N GLU B 830 -25.11 -30.42 -1.02
CA GLU B 830 -24.81 -31.09 0.23
C GLU B 830 -25.04 -32.59 0.13
N LEU B 831 -26.11 -32.99 -0.56
CA LEU B 831 -26.30 -34.40 -0.84
C LEU B 831 -25.69 -34.80 -2.17
N GLY B 832 -24.83 -33.96 -2.73
CA GLY B 832 -23.84 -34.36 -3.70
C GLY B 832 -24.35 -34.87 -5.03
N LEU B 833 -24.95 -34.00 -5.83
CA LEU B 833 -25.46 -34.45 -7.11
C LEU B 833 -24.96 -33.62 -8.29
N ILE B 834 -24.22 -32.53 -8.10
CA ILE B 834 -24.03 -31.69 -9.28
C ILE B 834 -22.62 -31.71 -9.88
N ARG B 835 -21.66 -30.95 -9.33
CA ARG B 835 -20.19 -30.98 -9.38
C ARG B 835 -19.80 -29.58 -8.93
N LYS B 836 -18.50 -29.27 -8.83
CA LYS B 836 -17.98 -27.91 -9.06
C LYS B 836 -16.48 -27.96 -9.25
N PRO B 837 -15.93 -27.27 -10.24
CA PRO B 837 -14.47 -27.10 -10.29
C PRO B 837 -13.99 -26.19 -9.17
N ALA B 838 -12.71 -26.29 -8.86
CA ALA B 838 -12.19 -25.64 -7.67
C ALA B 838 -10.94 -24.84 -7.99
N SER B 839 -10.95 -23.56 -7.65
CA SER B 839 -9.77 -22.71 -7.66
C SER B 839 -9.17 -22.76 -6.27
N PHE B 840 -8.21 -21.86 -6.00
CA PHE B 840 -7.70 -21.59 -4.64
C PHE B 840 -7.09 -22.84 -3.99
N MET B 841 -5.92 -23.23 -4.49
CA MET B 841 -5.34 -24.51 -4.09
C MET B 841 -4.99 -24.56 -2.59
N THR B 842 -4.23 -23.57 -2.12
CA THR B 842 -3.90 -23.25 -0.70
C THR B 842 -3.69 -24.45 0.24
N SER B 843 -2.56 -25.11 0.07
CA SER B 843 -2.18 -26.22 0.94
C SER B 843 -1.48 -25.70 2.20
N ILE B 844 -2.25 -25.01 3.03
CA ILE B 844 -1.80 -24.60 4.36
C ILE B 844 -3.03 -24.34 5.19
N CYS B 845 -2.90 -24.53 6.51
CA CYS B 845 -3.77 -23.95 7.53
C CYS B 845 -5.23 -24.43 7.38
N ASP B 846 -5.41 -25.72 7.62
CA ASP B 846 -6.75 -26.28 7.76
C ASP B 846 -7.46 -25.63 8.93
N GLU B 847 -8.64 -25.07 8.67
CA GLU B 847 -9.29 -24.20 9.62
C GLU B 847 -10.73 -24.56 9.93
N ARG B 848 -11.39 -25.34 9.07
CA ARG B 848 -12.68 -25.88 9.45
C ARG B 848 -12.47 -27.29 10.00
N GLY B 849 -13.39 -27.69 10.88
CA GLY B 849 -13.17 -28.82 11.77
C GLY B 849 -13.15 -28.35 13.21
N GLN B 850 -12.51 -29.14 14.07
CA GLN B 850 -12.51 -28.83 15.48
C GLN B 850 -11.19 -28.27 15.98
N GLU B 851 -10.08 -28.58 15.32
CA GLU B 851 -8.78 -28.06 15.73
C GLU B 851 -8.05 -27.59 14.49
N LEU B 852 -7.42 -26.43 14.60
CA LEU B 852 -6.69 -25.86 13.46
C LEU B 852 -5.44 -26.69 13.22
N ILE B 853 -5.43 -27.41 12.13
CA ILE B 853 -4.27 -28.19 11.75
C ILE B 853 -3.34 -27.29 10.96
N TYR B 854 -2.06 -27.30 11.31
CA TYR B 854 -1.06 -26.61 10.51
C TYR B 854 -0.56 -27.59 9.45
N ALA B 855 0.60 -27.30 8.85
CA ALA B 855 1.06 -28.00 7.65
C ALA B 855 1.22 -29.51 7.86
N GLY B 856 1.45 -29.94 9.10
CA GLY B 856 1.36 -31.36 9.39
C GLY B 856 0.83 -31.66 10.77
N MET B 857 0.24 -30.69 11.45
CA MET B 857 0.10 -30.85 12.87
C MET B 857 -1.03 -30.01 13.46
N PRO B 858 -1.79 -30.53 14.41
CA PRO B 858 -2.77 -29.70 15.12
C PRO B 858 -2.06 -28.69 16.03
N ILE B 859 -2.86 -27.73 16.51
CA ILE B 859 -2.33 -26.62 17.29
C ILE B 859 -1.79 -27.10 18.65
N THR B 860 -2.52 -27.99 19.32
CA THR B 860 -2.14 -28.38 20.67
C THR B 860 -0.92 -29.27 20.68
N GLU B 861 -0.67 -29.99 19.58
CA GLU B 861 0.50 -30.84 19.48
C GLU B 861 1.79 -30.03 19.31
N VAL B 862 1.67 -28.76 18.93
CA VAL B 862 2.86 -27.93 18.73
C VAL B 862 3.52 -27.62 20.06
N PHE B 863 2.73 -27.30 21.08
CA PHE B 863 3.30 -26.95 22.37
C PHE B 863 3.70 -28.18 23.19
N LYS B 864 3.27 -29.37 22.79
CA LYS B 864 3.75 -30.56 23.47
C LYS B 864 5.19 -30.89 23.07
N GLU B 865 5.56 -30.62 21.83
CA GLU B 865 6.97 -30.55 21.50
C GLU B 865 7.58 -29.23 21.97
N GLU B 866 6.74 -28.21 22.13
CA GLU B 866 7.11 -26.87 22.59
C GLU B 866 8.21 -26.28 21.71
N MET B 867 7.93 -26.15 20.42
CA MET B 867 8.84 -25.44 19.55
C MET B 867 8.51 -23.95 19.57
N GLY B 868 9.53 -23.15 19.28
CA GLY B 868 9.35 -21.71 19.22
C GLY B 868 8.66 -21.30 17.93
N ILE B 869 8.63 -19.98 17.70
CA ILE B 869 7.97 -19.52 16.49
C ILE B 869 8.85 -19.70 15.27
N GLY B 870 10.12 -20.05 15.45
CA GLY B 870 10.86 -20.64 14.36
C GLY B 870 10.27 -21.97 13.93
N GLY B 871 9.69 -22.71 14.88
CA GLY B 871 9.04 -23.97 14.54
C GLY B 871 7.83 -23.78 13.65
N VAL B 872 7.01 -22.77 13.94
CA VAL B 872 5.92 -22.50 13.01
C VAL B 872 6.45 -21.81 11.76
N LEU B 873 7.63 -21.21 11.84
CA LEU B 873 8.23 -20.62 10.64
C LEU B 873 8.75 -21.69 9.69
N GLY B 874 9.05 -22.87 10.22
CA GLY B 874 9.30 -24.00 9.33
C GLY B 874 8.02 -24.50 8.69
N LEU B 875 6.96 -24.63 9.49
CA LEU B 875 5.72 -25.24 9.02
C LEU B 875 4.99 -24.34 8.04
N LEU B 876 4.77 -23.09 8.41
CA LEU B 876 3.96 -22.21 7.57
C LEU B 876 4.70 -21.75 6.32
N TRP B 877 6.01 -21.93 6.26
CA TRP B 877 6.72 -21.56 5.04
C TRP B 877 7.21 -22.75 4.25
N PHE B 878 7.70 -23.79 4.90
CA PHE B 878 8.35 -24.86 4.20
C PHE B 878 7.64 -26.19 4.33
N GLN B 879 6.65 -26.29 5.22
CA GLN B 879 5.76 -27.45 5.36
C GLN B 879 6.51 -28.73 5.73
N LYS B 880 7.67 -28.57 6.36
CA LYS B 880 8.41 -29.71 6.88
C LYS B 880 8.61 -29.49 8.36
N ARG B 881 8.62 -30.58 9.11
CA ARG B 881 8.92 -30.49 10.53
C ARG B 881 10.41 -30.18 10.67
N LEU B 882 10.72 -28.93 10.84
CA LEU B 882 12.11 -28.54 10.90
C LEU B 882 12.69 -28.87 12.27
N PRO B 883 13.85 -29.52 12.34
CA PRO B 883 14.42 -29.93 13.63
C PRO B 883 14.91 -28.74 14.44
N LYS B 884 14.76 -28.88 15.75
CA LYS B 884 14.86 -27.76 16.69
C LYS B 884 16.29 -27.35 17.02
N TYR B 885 17.29 -27.80 16.28
CA TYR B 885 18.58 -27.15 16.36
C TYR B 885 18.67 -25.97 15.42
N SER B 886 17.88 -25.99 14.36
CA SER B 886 17.83 -24.92 13.37
C SER B 886 16.61 -24.03 13.53
N CYS B 887 15.59 -24.49 14.25
CA CYS B 887 14.50 -23.62 14.67
C CYS B 887 15.01 -22.43 15.46
N GLN B 888 15.98 -22.66 16.34
CA GLN B 888 16.59 -21.56 17.06
C GLN B 888 17.54 -20.74 16.20
N PHE B 889 17.92 -21.25 15.02
CA PHE B 889 18.75 -20.44 14.14
C PHE B 889 17.93 -19.38 13.43
N ILE B 890 16.77 -19.76 12.87
CA ILE B 890 15.98 -18.80 12.13
C ILE B 890 15.28 -17.84 13.08
N GLU B 891 15.08 -18.24 14.34
CA GLU B 891 14.65 -17.30 15.35
C GLU B 891 15.77 -16.31 15.68
N MET B 892 17.00 -16.81 15.76
CA MET B 892 18.14 -15.92 15.94
C MET B 892 18.40 -15.11 14.68
N CYS B 893 17.93 -15.58 13.54
CA CYS B 893 18.25 -14.92 12.27
C CYS B 893 17.44 -13.64 12.10
N LEU B 894 16.16 -13.66 12.44
CA LEU B 894 15.41 -12.42 12.37
C LEU B 894 15.59 -11.55 13.60
N MET B 895 16.20 -12.09 14.66
CA MET B 895 16.46 -11.30 15.84
C MET B 895 17.59 -10.30 15.61
N VAL B 896 18.49 -10.58 14.68
CA VAL B 896 19.58 -9.65 14.40
C VAL B 896 19.30 -8.76 13.20
N THR B 897 18.26 -9.05 12.44
CA THR B 897 17.82 -8.20 11.33
C THR B 897 16.63 -7.35 11.74
N ALA B 898 16.68 -6.82 12.95
CA ALA B 898 15.74 -5.81 13.42
C ALA B 898 16.11 -4.47 12.83
N ASP B 899 15.63 -3.38 13.45
CA ASP B 899 15.90 -2.04 12.93
C ASP B 899 17.38 -1.72 12.90
N HIS B 900 17.78 -0.97 11.88
CA HIS B 900 19.17 -0.60 11.63
C HIS B 900 19.36 0.90 11.72
N GLY B 901 18.43 1.60 12.36
CA GLY B 901 18.55 3.03 12.51
C GLY B 901 17.49 3.80 11.75
N PRO B 902 17.08 4.95 12.30
CA PRO B 902 16.01 5.72 11.69
C PRO B 902 16.41 6.55 10.50
N ALA B 903 17.62 6.42 10.00
CA ALA B 903 17.98 7.22 8.84
C ALA B 903 17.68 6.51 7.54
N VAL B 904 17.59 5.19 7.57
CA VAL B 904 17.54 4.39 6.37
C VAL B 904 16.21 4.62 5.67
N SER B 905 16.23 4.61 4.32
CA SER B 905 15.06 4.96 3.53
C SER B 905 13.89 3.99 3.68
N GLY B 906 14.12 2.84 4.31
CA GLY B 906 13.00 2.04 4.74
C GLY B 906 12.25 2.69 5.90
N ALA B 907 12.94 2.90 7.01
CA ALA B 907 12.28 3.44 8.18
C ALA B 907 11.95 4.91 8.05
N HIS B 908 12.51 5.59 7.06
CA HIS B 908 12.29 7.03 6.92
C HIS B 908 10.89 7.34 6.41
N ASN B 909 10.30 6.47 5.60
CA ASN B 909 8.93 6.70 5.19
C ASN B 909 7.97 6.53 6.35
N THR B 910 8.16 5.49 7.16
CA THR B 910 7.14 5.19 8.16
C THR B 910 7.21 6.12 9.35
N ILE B 911 8.23 6.95 9.45
CA ILE B 911 8.14 8.07 10.38
C ILE B 911 7.25 9.16 9.79
N ILE B 912 7.35 9.40 8.48
CA ILE B 912 6.60 10.48 7.85
C ILE B 912 5.12 10.21 7.90
N CYS B 913 4.73 8.97 7.57
CA CYS B 913 3.34 8.57 7.71
C CYS B 913 2.95 8.33 9.15
N ALA B 914 3.87 8.49 10.10
CA ALA B 914 3.48 8.53 11.49
C ALA B 914 3.19 9.95 11.93
N ARG B 915 3.98 10.91 11.47
CA ARG B 915 3.74 12.30 11.84
C ARG B 915 2.46 12.82 11.22
N ALA B 916 2.10 12.34 10.03
CA ALA B 916 0.81 12.66 9.47
C ALA B 916 -0.34 11.99 10.22
N GLY B 917 -0.05 11.00 11.05
CA GLY B 917 -1.01 10.49 12.01
C GLY B 917 -2.12 9.67 11.41
N LYS B 918 -1.79 8.70 10.57
CA LYS B 918 -2.85 7.92 9.94
C LYS B 918 -3.42 6.87 10.90
N ASP B 919 -2.64 5.84 11.19
CA ASP B 919 -2.91 4.76 12.13
C ASP B 919 -1.65 3.93 12.26
N LEU B 920 -1.76 2.75 12.86
CA LEU B 920 -0.64 1.83 12.78
C LEU B 920 -0.53 1.22 11.40
N VAL B 921 -1.58 0.55 10.92
CA VAL B 921 -1.37 -0.43 9.87
C VAL B 921 -1.47 0.13 8.47
N SER B 922 -1.91 1.37 8.30
CA SER B 922 -1.63 2.00 7.02
C SER B 922 -0.32 2.75 7.04
N SER B 923 0.32 2.86 8.20
CA SER B 923 1.64 3.47 8.28
C SER B 923 2.72 2.46 8.59
N LEU B 924 2.34 1.20 8.79
CA LEU B 924 3.30 0.13 8.58
C LEU B 924 3.46 -0.16 7.11
N THR B 925 2.35 -0.23 6.40
CA THR B 925 2.40 -0.63 5.00
C THR B 925 2.84 0.49 4.07
N SER B 926 3.06 1.70 4.57
CA SER B 926 3.74 2.66 3.70
C SER B 926 5.23 2.40 3.69
N GLY B 927 5.72 1.60 4.62
CA GLY B 927 7.14 1.42 4.77
C GLY B 927 7.67 0.15 4.16
N LEU B 928 6.84 -0.87 4.02
CA LEU B 928 7.37 -2.07 3.40
C LEU B 928 7.42 -2.00 1.88
N LEU B 929 7.04 -0.88 1.27
CA LEU B 929 7.15 -0.76 -0.19
C LEU B 929 8.53 -0.34 -0.62
N THR B 930 9.39 -0.02 0.31
CA THR B 930 10.73 0.34 -0.07
C THR B 930 11.67 -0.84 -0.13
N ILE B 931 11.24 -2.04 0.28
CA ILE B 931 12.09 -3.21 0.15
C ILE B 931 12.03 -3.65 -1.30
N GLY B 932 13.08 -3.35 -2.04
CA GLY B 932 13.06 -3.57 -3.47
C GLY B 932 14.40 -3.95 -4.03
N ASP B 933 14.83 -3.29 -5.10
CA ASP B 933 16.08 -3.62 -5.75
C ASP B 933 17.17 -2.57 -5.56
N ARG B 934 16.99 -1.63 -4.64
CA ARG B 934 18.09 -0.76 -4.25
C ARG B 934 18.16 -0.48 -2.77
N PHE B 935 17.26 -1.07 -1.97
CA PHE B 935 17.44 -1.13 -0.52
C PHE B 935 16.91 -2.45 -0.02
N GLY B 936 17.69 -3.12 0.83
CA GLY B 936 17.20 -4.18 1.66
C GLY B 936 16.97 -5.52 0.99
N GLY B 937 16.86 -5.55 -0.33
CA GLY B 937 16.85 -6.77 -1.08
C GLY B 937 18.22 -7.26 -1.45
N ALA B 938 19.26 -6.75 -0.78
CA ALA B 938 20.61 -7.24 -0.99
C ALA B 938 20.80 -8.67 -0.48
N LEU B 939 19.90 -9.15 0.37
CA LEU B 939 19.83 -10.57 0.69
C LEU B 939 19.68 -11.41 -0.55
N ASP B 940 18.78 -11.00 -1.45
CA ASP B 940 18.51 -11.80 -2.64
C ASP B 940 19.68 -11.78 -3.61
N ALA B 941 20.45 -10.69 -3.65
CA ALA B 941 21.63 -10.71 -4.48
C ALA B 941 22.79 -11.43 -3.82
N ALA B 942 22.88 -11.43 -2.49
CA ALA B 942 23.95 -12.13 -1.79
C ALA B 942 23.62 -13.59 -1.51
N ALA B 943 22.65 -14.15 -2.22
CA ALA B 943 22.50 -15.59 -2.30
C ALA B 943 22.63 -16.08 -3.73
N LYS B 944 22.01 -15.40 -4.68
CA LYS B 944 22.06 -15.82 -6.07
C LYS B 944 23.32 -15.36 -6.80
N MET B 945 24.21 -14.65 -6.12
CA MET B 945 25.55 -14.46 -6.67
C MET B 945 26.47 -15.59 -6.24
N PHE B 946 26.16 -16.23 -5.12
CA PHE B 946 27.03 -17.26 -4.59
C PHE B 946 26.50 -18.66 -4.86
N SER B 947 25.18 -18.84 -4.86
CA SER B 947 24.63 -20.16 -5.14
C SER B 947 24.83 -20.54 -6.60
N LYS B 948 24.89 -19.56 -7.49
CA LYS B 948 25.29 -19.86 -8.86
C LYS B 948 26.77 -20.19 -8.93
N ALA B 949 27.62 -19.35 -8.34
CA ALA B 949 29.07 -19.46 -8.47
C ALA B 949 29.67 -20.46 -7.50
N PHE B 950 28.87 -21.35 -6.92
CA PHE B 950 29.42 -22.52 -6.27
C PHE B 950 28.91 -23.82 -6.88
N ASP B 951 27.60 -23.93 -7.11
CA ASP B 951 27.05 -25.16 -7.65
C ASP B 951 27.47 -25.37 -9.09
N SER B 952 27.51 -24.30 -9.89
CA SER B 952 28.15 -24.33 -11.20
C SER B 952 29.46 -23.56 -11.12
N GLY B 953 30.18 -23.76 -10.02
CA GLY B 953 31.15 -22.82 -9.54
C GLY B 953 32.54 -22.94 -10.14
N ILE B 954 33.41 -22.05 -9.67
CA ILE B 954 34.77 -21.91 -10.11
C ILE B 954 35.61 -21.60 -8.87
N ILE B 955 36.92 -21.52 -9.04
CA ILE B 955 37.86 -21.18 -7.97
C ILE B 955 37.59 -19.78 -7.43
N PRO B 956 37.95 -19.51 -6.16
CA PRO B 956 37.75 -18.15 -5.62
C PRO B 956 38.52 -17.07 -6.35
N MET B 957 39.81 -17.27 -6.64
CA MET B 957 40.56 -16.24 -7.34
C MET B 957 40.49 -16.38 -8.85
N GLU B 958 39.30 -16.64 -9.36
CA GLU B 958 38.85 -16.26 -10.68
C GLU B 958 37.41 -15.75 -10.67
N PHE B 959 36.63 -16.12 -9.66
CA PHE B 959 35.35 -15.49 -9.39
C PHE B 959 35.51 -13.99 -9.18
N VAL B 960 36.46 -13.60 -8.34
CA VAL B 960 36.75 -12.18 -8.13
C VAL B 960 37.35 -11.57 -9.38
N ASN B 961 38.18 -12.36 -10.10
CA ASN B 961 38.77 -11.88 -11.34
C ASN B 961 37.72 -11.70 -12.43
N LYS B 962 36.70 -12.56 -12.47
CA LYS B 962 35.65 -12.41 -13.47
C LYS B 962 34.83 -11.15 -13.24
N MET B 963 34.50 -10.85 -11.99
CA MET B 963 33.67 -9.69 -11.69
C MET B 963 34.45 -8.40 -11.92
N LYS B 964 35.73 -8.39 -11.57
CA LYS B 964 36.51 -7.15 -11.63
C LYS B 964 37.13 -6.93 -13.00
N LYS B 965 36.53 -7.52 -14.03
CA LYS B 965 36.69 -7.07 -15.40
C LYS B 965 35.36 -6.64 -16.01
N GLU B 966 34.31 -6.50 -15.18
CA GLU B 966 32.99 -6.17 -15.68
C GLU B 966 32.32 -5.04 -14.91
N GLY B 967 32.83 -4.64 -13.76
CA GLY B 967 32.04 -3.87 -12.81
C GLY B 967 31.43 -4.80 -11.78
N LYS B 968 30.12 -4.66 -11.57
CA LYS B 968 29.22 -5.57 -10.82
C LYS B 968 29.79 -6.11 -9.51
N LEU B 969 29.97 -5.22 -8.53
CA LEU B 969 30.60 -5.54 -7.26
C LEU B 969 29.84 -6.62 -6.50
N ILE B 970 30.58 -7.35 -5.66
CA ILE B 970 30.02 -8.48 -4.93
C ILE B 970 29.03 -7.97 -3.89
N MET B 971 27.78 -8.37 -4.02
CA MET B 971 26.76 -7.92 -3.10
C MET B 971 26.88 -8.68 -1.79
N GLY B 972 26.42 -8.05 -0.71
CA GLY B 972 26.62 -8.57 0.62
C GLY B 972 27.96 -8.22 1.22
N ILE B 973 28.79 -7.49 0.50
CA ILE B 973 30.13 -7.13 0.93
C ILE B 973 30.33 -5.65 0.73
N GLY B 974 30.72 -4.96 1.80
CA GLY B 974 30.94 -3.53 1.76
C GLY B 974 30.39 -2.89 3.02
N HIS B 975 31.23 -2.15 3.73
CA HIS B 975 30.87 -1.63 5.03
C HIS B 975 31.73 -0.41 5.30
N ARG B 976 31.10 0.66 5.76
CA ARG B 976 31.80 1.94 5.82
C ARG B 976 32.64 2.14 7.06
N VAL B 977 32.46 1.34 8.11
CA VAL B 977 33.03 1.71 9.41
C VAL B 977 34.05 0.70 9.91
N LYS B 978 33.63 -0.53 10.18
CA LYS B 978 34.46 -1.51 10.89
C LYS B 978 34.62 -2.75 10.03
N SER B 979 35.84 -3.00 9.53
CA SER B 979 36.06 -4.25 8.81
C SER B 979 37.16 -5.12 9.40
N ILE B 980 38.39 -4.63 9.48
CA ILE B 980 39.55 -5.46 9.71
C ILE B 980 40.24 -4.98 10.98
N ASN B 981 40.61 -5.95 11.84
CA ASN B 981 41.16 -5.80 13.18
C ASN B 981 40.16 -5.17 14.15
N ASN B 982 38.91 -5.07 13.75
CA ASN B 982 37.82 -4.39 14.43
C ASN B 982 36.53 -4.92 13.82
N PRO B 983 36.05 -6.07 14.28
CA PRO B 983 34.94 -6.73 13.60
C PRO B 983 33.60 -6.08 13.93
N ASP B 984 32.56 -6.59 13.29
CA ASP B 984 31.23 -6.00 13.37
C ASP B 984 30.52 -6.33 14.67
N MET B 985 31.00 -7.34 15.40
CA MET B 985 30.57 -7.80 16.72
C MET B 985 29.19 -8.44 16.69
N ARG B 986 28.49 -8.47 15.55
CA ARG B 986 27.27 -9.25 15.40
C ARG B 986 27.31 -10.19 14.21
N VAL B 987 28.14 -9.93 13.20
CA VAL B 987 28.36 -10.94 12.17
C VAL B 987 29.18 -12.08 12.72
N GLN B 988 29.91 -11.85 13.81
CA GLN B 988 30.62 -12.91 14.51
C GLN B 988 29.73 -13.60 15.53
N ILE B 989 28.63 -12.95 15.92
CA ILE B 989 27.65 -13.59 16.79
C ILE B 989 27.04 -14.79 16.10
N LEU B 990 26.67 -14.62 14.83
CA LEU B 990 26.16 -15.76 14.07
C LEU B 990 27.28 -16.73 13.68
N LYS B 991 28.54 -16.29 13.72
CA LYS B 991 29.61 -17.08 13.13
C LYS B 991 29.92 -18.33 13.96
N ASP B 992 29.77 -18.25 15.27
CA ASP B 992 29.95 -19.48 16.03
C ASP B 992 28.68 -20.32 16.08
N TYR B 993 27.51 -19.69 16.01
CA TYR B 993 26.27 -20.46 16.06
C TYR B 993 26.04 -21.23 14.77
N VAL B 994 26.68 -20.81 13.68
CA VAL B 994 26.69 -21.65 12.50
C VAL B 994 27.87 -22.61 12.57
N ARG B 995 28.84 -22.37 13.46
CA ARG B 995 29.94 -23.31 13.58
C ARG B 995 29.62 -24.52 14.43
N GLN B 996 28.71 -24.42 15.40
CA GLN B 996 28.50 -25.57 16.26
C GLN B 996 27.51 -26.54 15.65
N HIS B 997 26.26 -26.09 15.53
CA HIS B 997 25.17 -27.00 15.22
C HIS B 997 24.86 -27.01 13.74
N PHE B 998 25.87 -27.19 12.89
CA PHE B 998 25.65 -27.14 11.45
C PHE B 998 26.73 -27.95 10.76
N PRO B 999 26.51 -29.24 10.57
CA PRO B 999 27.39 -30.01 9.70
C PRO B 999 27.14 -29.66 8.24
N ALA B 1000 28.12 -30.00 7.40
CA ALA B 1000 28.06 -29.93 5.94
C ALA B 1000 27.77 -28.50 5.47
N THR B 1001 28.77 -27.64 5.65
CA THR B 1001 28.65 -26.27 5.19
C THR B 1001 29.58 -26.00 4.01
N PRO B 1002 29.14 -26.25 2.77
CA PRO B 1002 29.98 -25.95 1.62
C PRO B 1002 30.04 -24.46 1.31
N LEU B 1003 28.90 -23.79 1.42
CA LEU B 1003 28.81 -22.40 0.95
C LEU B 1003 29.56 -21.45 1.86
N LEU B 1004 29.41 -21.61 3.18
CA LEU B 1004 29.96 -20.62 4.10
C LEU B 1004 31.47 -20.73 4.16
N ASP B 1005 32.01 -21.94 4.05
CA ASP B 1005 33.45 -22.07 3.93
C ASP B 1005 33.93 -21.61 2.55
N TYR B 1006 33.06 -21.69 1.54
CA TYR B 1006 33.33 -21.02 0.28
C TYR B 1006 33.09 -19.52 0.39
N ALA B 1007 32.26 -19.09 1.35
CA ALA B 1007 32.04 -17.66 1.54
C ALA B 1007 33.25 -17.00 2.19
N LEU B 1008 33.83 -17.65 3.20
CA LEU B 1008 34.99 -17.11 3.89
C LEU B 1008 36.23 -17.06 2.99
N GLU B 1009 36.31 -17.94 2.00
CA GLU B 1009 37.47 -17.93 1.12
C GLU B 1009 37.36 -16.86 0.05
N VAL B 1010 36.16 -16.32 -0.18
CA VAL B 1010 36.06 -15.13 -1.01
C VAL B 1010 36.39 -13.91 -0.15
N GLU B 1011 36.23 -14.04 1.17
CA GLU B 1011 36.57 -12.93 2.07
C GLU B 1011 38.08 -12.73 2.15
N LYS B 1012 38.84 -13.82 2.33
CA LYS B 1012 40.26 -13.73 2.66
C LYS B 1012 41.08 -13.14 1.53
N ILE B 1013 40.70 -13.42 0.29
CA ILE B 1013 41.35 -12.78 -0.85
C ILE B 1013 41.01 -11.30 -0.90
N THR B 1014 39.78 -10.94 -0.53
CA THR B 1014 39.36 -9.55 -0.65
C THR B 1014 39.80 -8.70 0.51
N THR B 1015 39.90 -9.28 1.72
CA THR B 1015 40.42 -8.52 2.86
C THR B 1015 41.88 -8.16 2.67
N SER B 1016 42.64 -8.96 1.94
CA SER B 1016 43.97 -8.53 1.54
C SER B 1016 43.91 -7.44 0.47
N LYS B 1017 42.84 -7.42 -0.33
CA LYS B 1017 42.75 -6.45 -1.41
C LYS B 1017 42.37 -5.07 -0.90
N LYS B 1018 41.53 -4.99 0.13
CA LYS B 1018 41.07 -3.71 0.66
C LYS B 1018 40.92 -3.82 2.17
N PRO B 1019 41.15 -2.73 2.90
CA PRO B 1019 40.95 -2.78 4.36
C PRO B 1019 39.49 -2.84 4.76
N ASN B 1020 38.58 -2.52 3.85
CA ASN B 1020 37.16 -2.76 4.01
C ASN B 1020 36.82 -4.14 3.44
N LEU B 1021 35.55 -4.35 3.10
CA LEU B 1021 35.04 -5.50 2.37
C LEU B 1021 35.11 -6.79 3.18
N ILE B 1022 34.56 -6.76 4.36
CA ILE B 1022 34.18 -7.96 5.09
C ILE B 1022 32.79 -8.36 4.63
N LEU B 1023 32.41 -9.62 4.86
CA LEU B 1023 31.02 -10.03 4.70
C LEU B 1023 30.11 -9.24 5.63
N ASN B 1024 29.08 -8.62 5.06
CA ASN B 1024 28.15 -7.86 5.87
C ASN B 1024 27.19 -8.81 6.57
N VAL B 1025 26.40 -8.26 7.50
CA VAL B 1025 25.41 -9.08 8.19
C VAL B 1025 24.32 -9.51 7.22
N ASP B 1026 24.06 -8.71 6.19
CA ASP B 1026 23.12 -9.12 5.16
C ASP B 1026 23.77 -10.14 4.24
N GLY B 1027 25.10 -10.13 4.14
CA GLY B 1027 25.77 -11.08 3.28
C GLY B 1027 25.84 -12.47 3.87
N LEU B 1028 26.10 -12.58 5.18
CA LEU B 1028 26.19 -13.88 5.83
C LEU B 1028 24.84 -14.57 5.84
N ILE B 1029 23.77 -13.84 6.12
CA ILE B 1029 22.43 -14.40 6.11
C ILE B 1029 22.03 -14.79 4.70
N GLY B 1030 22.59 -14.12 3.69
CA GLY B 1030 22.44 -14.58 2.31
C GLY B 1030 23.04 -15.95 2.06
N VAL B 1031 24.02 -16.35 2.87
CA VAL B 1031 24.56 -17.70 2.75
C VAL B 1031 24.32 -18.59 3.96
N ALA B 1032 24.10 -18.03 5.15
CA ALA B 1032 23.77 -18.89 6.29
C ALA B 1032 22.39 -19.48 6.17
N PHE B 1033 21.50 -18.84 5.43
CA PHE B 1033 20.17 -19.40 5.28
C PHE B 1033 20.12 -20.48 4.21
N VAL B 1034 20.90 -20.35 3.13
CA VAL B 1034 20.92 -21.41 2.14
C VAL B 1034 21.77 -22.57 2.64
N ASP B 1035 22.66 -22.31 3.59
CA ASP B 1035 23.38 -23.39 4.25
C ASP B 1035 22.51 -24.01 5.34
N MET B 1036 21.38 -23.37 5.67
CA MET B 1036 20.43 -24.04 6.53
C MET B 1036 19.62 -25.06 5.75
N LEU B 1037 19.36 -24.77 4.48
CA LEU B 1037 18.48 -25.64 3.72
C LEU B 1037 19.17 -26.92 3.28
N ARG B 1038 20.22 -26.80 2.46
CA ARG B 1038 20.82 -27.99 1.85
C ARG B 1038 21.81 -28.70 2.75
N ASN B 1039 21.85 -28.38 4.04
CA ASN B 1039 22.57 -29.16 5.03
C ASN B 1039 21.65 -29.88 6.00
N CYS B 1040 20.53 -29.28 6.35
CA CYS B 1040 19.55 -29.97 7.18
C CYS B 1040 18.81 -31.01 6.35
N GLY B 1041 18.12 -31.92 7.03
CA GLY B 1041 17.35 -32.93 6.35
C GLY B 1041 16.05 -32.38 5.79
N SER B 1042 15.27 -33.29 5.21
CA SER B 1042 13.91 -33.09 4.68
C SER B 1042 13.83 -32.05 3.55
N PHE B 1043 14.95 -31.58 3.04
CA PHE B 1043 14.99 -30.74 1.85
C PHE B 1043 16.10 -31.26 0.98
N THR B 1044 15.75 -31.81 -0.18
CA THR B 1044 16.76 -32.57 -0.89
C THR B 1044 17.67 -31.71 -1.75
N ARG B 1045 17.20 -31.35 -2.93
CA ARG B 1045 17.88 -30.40 -3.79
C ARG B 1045 16.90 -29.57 -4.60
N GLU B 1046 15.60 -29.75 -4.40
CA GLU B 1046 14.60 -29.17 -5.27
C GLU B 1046 13.68 -28.22 -4.55
N GLU B 1047 13.49 -28.40 -3.25
CA GLU B 1047 12.90 -27.37 -2.42
C GLU B 1047 13.93 -26.44 -1.84
N ALA B 1048 15.22 -26.78 -1.98
CA ALA B 1048 16.27 -25.91 -1.46
C ALA B 1048 16.57 -24.77 -2.40
N ASP B 1049 16.44 -25.00 -3.71
CA ASP B 1049 16.81 -23.97 -4.66
C ASP B 1049 15.60 -23.16 -5.10
N GLU B 1050 14.44 -23.80 -5.23
CA GLU B 1050 13.25 -23.11 -5.69
C GLU B 1050 12.74 -22.13 -4.63
N TYR B 1051 12.94 -22.45 -3.36
CA TYR B 1051 12.46 -21.56 -2.32
C TYR B 1051 13.36 -20.36 -2.14
N ILE B 1052 14.57 -20.41 -2.70
CA ILE B 1052 15.34 -19.19 -2.83
C ILE B 1052 14.97 -18.50 -4.14
N ASP B 1053 14.43 -19.26 -5.10
CA ASP B 1053 14.10 -18.68 -6.40
C ASP B 1053 12.79 -17.89 -6.32
N ILE B 1054 11.82 -18.37 -5.54
CA ILE B 1054 10.56 -17.64 -5.37
C ILE B 1054 10.81 -16.34 -4.62
N GLY B 1055 11.65 -16.39 -3.59
CA GLY B 1055 11.95 -15.20 -2.85
C GLY B 1055 11.54 -15.31 -1.40
N ALA B 1056 11.53 -16.53 -0.86
CA ALA B 1056 11.23 -16.72 0.55
C ALA B 1056 12.31 -16.16 1.45
N LEU B 1057 13.51 -15.94 0.92
CA LEU B 1057 14.55 -15.30 1.68
C LEU B 1057 14.28 -13.81 1.89
N ASN B 1058 13.53 -13.17 0.97
CA ASN B 1058 12.98 -11.86 1.30
C ASN B 1058 11.97 -11.94 2.43
N GLY B 1059 11.35 -13.10 2.61
CA GLY B 1059 10.41 -13.28 3.69
C GLY B 1059 11.05 -13.18 5.06
N ILE B 1060 12.32 -13.53 5.18
CA ILE B 1060 13.01 -13.34 6.45
C ILE B 1060 13.21 -11.86 6.71
N PHE B 1061 13.44 -11.09 5.66
CA PHE B 1061 13.73 -9.68 5.83
C PHE B 1061 12.50 -8.88 6.20
N VAL B 1062 11.43 -8.97 5.39
CA VAL B 1062 10.27 -8.13 5.67
C VAL B 1062 9.41 -8.69 6.77
N LEU B 1063 9.73 -9.86 7.30
CA LEU B 1063 9.22 -10.18 8.61
C LEU B 1063 10.10 -9.58 9.69
N GLY B 1064 11.37 -9.37 9.37
CA GLY B 1064 12.29 -8.89 10.38
C GLY B 1064 12.20 -7.39 10.57
N ARG B 1065 12.32 -6.65 9.48
CA ARG B 1065 12.26 -5.19 9.53
C ARG B 1065 10.85 -4.69 9.84
N SER B 1066 9.85 -5.57 9.81
CA SER B 1066 8.51 -5.14 10.16
C SER B 1066 8.36 -4.90 11.65
N MET B 1067 9.16 -5.55 12.49
CA MET B 1067 8.98 -5.29 13.91
C MET B 1067 9.69 -4.02 14.36
N GLY B 1068 10.75 -3.65 13.67
CA GLY B 1068 11.41 -2.40 14.00
C GLY B 1068 10.67 -1.20 13.46
N PHE B 1069 9.92 -1.38 12.37
CA PHE B 1069 9.14 -0.28 11.80
C PHE B 1069 8.07 0.16 12.78
N ILE B 1070 7.32 -0.80 13.33
CA ILE B 1070 6.31 -0.48 14.32
C ILE B 1070 6.96 0.10 15.56
N GLY B 1071 8.17 -0.39 15.89
CA GLY B 1071 8.91 0.16 17.01
C GLY B 1071 9.31 1.60 16.80
N HIS B 1072 9.54 2.00 15.55
CA HIS B 1072 9.61 3.42 15.27
C HIS B 1072 8.27 4.08 15.46
N TYR B 1073 7.20 3.44 14.99
CA TYR B 1073 5.90 4.08 14.94
C TYR B 1073 5.35 4.34 16.34
N LEU B 1074 5.50 3.37 17.24
CA LEU B 1074 5.06 3.58 18.62
C LEU B 1074 5.91 4.63 19.31
N ASP B 1075 7.19 4.72 18.94
CA ASP B 1075 8.01 5.81 19.43
C ASP B 1075 7.56 7.14 18.83
N GLN B 1076 7.20 7.15 17.55
CA GLN B 1076 6.82 8.40 16.91
C GLN B 1076 5.41 8.85 17.24
N LYS B 1077 4.68 8.10 18.03
CA LYS B 1077 3.37 8.57 18.44
C LYS B 1077 3.31 8.83 19.94
N ARG B 1078 4.20 8.21 20.72
CA ARG B 1078 4.22 8.51 22.15
C ARG B 1078 4.73 9.91 22.41
N LEU B 1079 5.72 10.35 21.65
CA LEU B 1079 6.29 11.68 21.85
C LEU B 1079 5.40 12.80 21.32
N LYS B 1080 4.34 12.46 20.59
CA LYS B 1080 3.27 13.37 20.14
C LYS B 1080 3.83 14.50 19.28
N GLN B 1081 4.39 14.11 18.14
CA GLN B 1081 5.00 15.07 17.24
C GLN B 1081 3.97 15.64 16.28
N GLY B 1082 4.31 16.78 15.69
CA GLY B 1082 3.48 17.43 14.70
C GLY B 1082 3.88 17.07 13.29
N LEU B 1083 3.20 17.71 12.34
CA LEU B 1083 3.38 17.37 10.93
C LEU B 1083 4.73 17.86 10.43
N TYR B 1084 5.38 17.06 9.60
CA TYR B 1084 6.67 17.39 9.03
C TYR B 1084 6.51 18.10 7.70
N ARG B 1085 7.50 18.91 7.33
CA ARG B 1085 7.36 19.82 6.20
C ARG B 1085 8.53 19.79 5.22
N HIS B 1086 9.75 19.40 5.64
CA HIS B 1086 10.96 19.33 4.82
C HIS B 1086 11.28 20.63 4.12
N PRO B 1087 11.91 21.60 4.81
CA PRO B 1087 11.91 22.99 4.35
C PRO B 1087 12.61 23.22 3.03
N TRP B 1088 12.35 24.40 2.46
CA TRP B 1088 12.66 24.69 1.06
C TRP B 1088 14.15 24.73 0.78
N ASP B 1089 14.98 24.99 1.77
CA ASP B 1089 16.40 25.16 1.50
C ASP B 1089 17.17 23.85 1.36
N ASP B 1090 16.64 22.93 0.57
CA ASP B 1090 17.43 21.90 -0.06
C ASP B 1090 16.95 21.65 -1.48
N ILE B 1091 15.93 22.35 -1.95
CA ILE B 1091 15.17 21.90 -3.11
C ILE B 1091 15.87 22.27 -4.42
N SER B 1092 16.10 23.57 -4.65
CA SER B 1092 16.77 24.11 -5.85
C SER B 1092 16.04 23.69 -7.14
N TYR B 1093 14.86 24.31 -7.31
CA TYR B 1093 14.01 24.07 -8.46
C TYR B 1093 14.71 24.36 -9.79
N VAL B 1094 14.51 23.47 -10.76
CA VAL B 1094 15.22 23.50 -12.03
C VAL B 1094 14.19 23.64 -13.15
N LEU B 1095 13.15 24.43 -12.89
CA LEU B 1095 12.15 24.72 -13.92
C LEU B 1095 12.80 25.41 -15.11
N PRO B 1096 12.40 25.08 -16.34
CA PRO B 1096 13.01 25.73 -17.51
C PRO B 1096 12.51 27.16 -17.70
N GLU B 1097 12.92 27.79 -18.81
CA GLU B 1097 12.72 29.23 -18.95
C GLU B 1097 11.27 29.60 -19.26
N HIS B 1098 10.67 29.04 -20.31
CA HIS B 1098 9.31 29.40 -20.68
C HIS B 1098 8.73 28.31 -21.58
N MET B 1099 7.44 28.04 -21.41
CA MET B 1099 6.74 27.04 -22.21
C MET B 1099 5.25 27.36 -22.31
N SER C 2 -0.79 59.99 14.09
CA SER C 2 -0.74 61.40 14.45
C SER C 2 -2.10 62.05 14.23
N ALA C 3 -2.31 63.20 14.87
CA ALA C 3 -3.55 63.93 14.73
C ALA C 3 -3.57 64.62 13.36
N LYS C 4 -4.29 64.02 12.42
CA LYS C 4 -4.42 64.56 11.08
C LYS C 4 -5.62 65.48 11.02
N ALA C 5 -5.43 66.64 10.41
CA ALA C 5 -6.50 67.61 10.31
C ALA C 5 -7.54 67.15 9.30
N ILE C 6 -8.80 67.45 9.62
CA ILE C 6 -9.94 67.04 8.81
C ILE C 6 -10.29 68.21 7.91
N SER C 7 -10.66 67.90 6.66
CA SER C 7 -11.31 68.88 5.81
C SER C 7 -12.64 69.28 6.42
N GLU C 8 -12.89 70.60 6.48
CA GLU C 8 -14.00 71.14 7.26
C GLU C 8 -15.37 70.81 6.69
N GLN C 9 -15.42 70.36 5.43
CA GLN C 9 -16.68 69.94 4.82
C GLN C 9 -17.21 68.66 5.47
N THR C 10 -16.41 67.60 5.48
CA THR C 10 -16.90 66.30 5.94
C THR C 10 -16.95 66.21 7.46
N GLY C 11 -16.17 67.03 8.17
CA GLY C 11 -16.33 67.11 9.61
C GLY C 11 -17.64 67.77 9.99
N LYS C 12 -18.11 68.71 9.17
CA LYS C 12 -19.42 69.31 9.39
C LYS C 12 -20.54 68.33 9.07
N GLU C 13 -20.30 67.41 8.14
CA GLU C 13 -21.30 66.39 7.84
C GLU C 13 -21.46 65.44 9.02
N LEU C 14 -20.35 64.97 9.58
CA LEU C 14 -20.40 64.09 10.74
C LEU C 14 -20.79 64.80 12.02
N LEU C 15 -20.77 66.14 12.03
CA LEU C 15 -21.20 66.88 13.20
C LEU C 15 -22.70 66.69 13.44
N TYR C 16 -23.53 67.08 12.47
CA TYR C 16 -24.97 66.95 12.61
C TYR C 16 -25.43 65.50 12.51
N LYS C 17 -24.57 64.60 12.06
CA LYS C 17 -24.95 63.20 11.86
C LYS C 17 -24.98 62.41 13.17
N PHE C 18 -24.10 62.75 14.12
CA PHE C 18 -23.97 61.94 15.32
C PHE C 18 -24.23 62.69 16.62
N ILE C 19 -24.09 64.02 16.64
CA ILE C 19 -24.21 64.73 17.91
C ILE C 19 -25.67 64.72 18.36
N CYS C 20 -25.87 64.63 19.67
CA CYS C 20 -27.19 64.46 20.24
CA CYS C 20 -27.20 64.45 20.24
C CYS C 20 -27.29 65.29 21.51
N THR C 21 -28.25 66.21 21.54
CA THR C 21 -28.45 67.07 22.70
C THR C 21 -29.95 67.34 22.83
N THR C 22 -30.30 68.07 23.89
CA THR C 22 -31.71 68.36 24.12
C THR C 22 -32.20 69.48 23.20
N SER C 23 -31.36 70.48 22.95
CA SER C 23 -31.74 71.59 22.07
C SER C 23 -31.75 71.14 20.62
N ALA C 24 -32.42 71.93 19.79
CA ALA C 24 -32.58 71.59 18.38
C ALA C 24 -31.31 71.93 17.61
N ILE C 25 -30.73 70.93 16.96
CA ILE C 25 -29.64 71.16 16.03
C ILE C 25 -30.21 71.30 14.61
N GLN C 26 -30.18 72.53 14.09
CA GLN C 26 -30.74 72.77 12.78
C GLN C 26 -29.67 72.61 11.72
N ASN C 27 -30.08 72.89 10.46
CA ASN C 27 -29.24 72.80 9.26
C ASN C 27 -28.61 71.41 9.12
N ARG C 28 -29.45 70.38 9.27
CA ARG C 28 -28.99 69.01 9.04
C ARG C 28 -28.70 68.81 7.56
N PHE C 29 -27.45 68.42 7.27
CA PHE C 29 -26.94 68.11 5.92
C PHE C 29 -27.03 69.29 4.97
N LYS C 30 -26.97 70.52 5.46
CA LYS C 30 -26.96 71.69 4.59
C LYS C 30 -25.50 72.03 4.29
N TYR C 31 -24.92 71.25 3.38
CA TYR C 31 -23.53 71.36 2.99
C TYR C 31 -23.43 71.30 1.48
N ALA C 32 -22.45 72.01 0.92
CA ALA C 32 -22.25 72.06 -0.51
C ALA C 32 -20.77 72.24 -0.82
N ARG C 33 -20.35 71.71 -1.96
CA ARG C 33 -18.94 71.66 -2.33
C ARG C 33 -18.77 72.19 -3.76
N VAL C 34 -17.68 72.92 -3.99
CA VAL C 34 -17.30 73.36 -5.33
C VAL C 34 -15.82 73.09 -5.55
N THR C 35 -15.46 72.87 -6.80
CA THR C 35 -14.11 72.63 -7.25
C THR C 35 -14.07 73.04 -8.72
N PRO C 36 -12.87 73.28 -9.28
CA PRO C 36 -12.78 73.45 -10.74
C PRO C 36 -13.24 72.25 -11.57
N ASP C 37 -13.37 71.06 -10.99
CA ASP C 37 -13.89 69.90 -11.70
C ASP C 37 -15.28 69.51 -11.20
N THR C 38 -16.16 70.48 -10.98
CA THR C 38 -17.59 70.23 -10.89
C THR C 38 -18.32 71.21 -11.80
N ASP C 39 -19.44 70.76 -12.33
CA ASP C 39 -20.27 71.62 -13.16
C ASP C 39 -21.51 72.07 -12.39
N TRP C 40 -21.92 73.32 -12.65
CA TRP C 40 -22.91 73.99 -11.82
C TRP C 40 -24.33 73.46 -11.99
N ALA C 41 -24.57 72.63 -13.00
CA ALA C 41 -25.92 72.12 -13.23
C ALA C 41 -26.31 71.05 -12.22
N ARG C 42 -25.32 70.33 -11.67
CA ARG C 42 -25.63 69.20 -10.79
C ARG C 42 -25.96 69.67 -9.38
N LEU C 43 -25.12 70.52 -8.80
CA LEU C 43 -25.31 70.96 -7.43
C LEU C 43 -26.44 71.98 -7.28
N LEU C 44 -26.80 72.67 -8.36
CA LEU C 44 -27.90 73.63 -8.28
C LEU C 44 -29.25 72.95 -8.11
N GLN C 45 -29.40 71.75 -8.67
CA GLN C 45 -30.67 71.02 -8.66
C GLN C 45 -30.80 70.08 -7.47
N ASP C 46 -29.72 69.39 -7.11
CA ASP C 46 -29.78 68.43 -6.02
C ASP C 46 -29.84 69.11 -4.66
N HIS C 47 -29.28 70.31 -4.53
CA HIS C 47 -29.29 71.02 -3.27
C HIS C 47 -30.14 72.28 -3.40
N PRO C 48 -31.44 72.20 -3.14
CA PRO C 48 -32.34 73.31 -3.46
C PRO C 48 -32.32 74.44 -2.43
N TRP C 49 -31.70 74.25 -1.28
CA TRP C 49 -31.73 75.23 -0.20
C TRP C 49 -30.71 76.35 -0.38
N LEU C 50 -29.95 76.36 -1.49
CA LEU C 50 -29.07 77.49 -1.78
C LEU C 50 -29.86 78.71 -2.23
N LEU C 51 -30.93 78.49 -3.00
CA LEU C 51 -31.59 79.52 -3.79
C LEU C 51 -32.75 80.18 -3.04
N SER C 52 -32.75 80.17 -1.71
CA SER C 52 -33.84 80.76 -0.95
C SER C 52 -33.38 81.67 0.17
N GLN C 53 -32.13 81.58 0.62
CA GLN C 53 -31.58 82.47 1.62
C GLN C 53 -30.17 82.87 1.19
N ASN C 54 -29.52 83.69 2.00
CA ASN C 54 -28.18 84.14 1.71
C ASN C 54 -27.18 83.01 1.92
N LEU C 55 -26.05 83.08 1.21
CA LEU C 55 -25.01 82.08 1.26
C LEU C 55 -23.70 82.70 1.72
N VAL C 56 -22.84 81.90 2.34
CA VAL C 56 -21.47 82.29 2.64
C VAL C 56 -20.53 81.17 2.18
N VAL C 57 -19.41 81.55 1.59
CA VAL C 57 -18.46 80.63 1.00
C VAL C 57 -17.09 80.87 1.64
N LYS C 58 -16.43 79.78 2.07
CA LYS C 58 -15.18 79.83 2.78
C LYS C 58 -14.24 78.77 2.23
N PRO C 59 -12.92 78.98 2.26
CA PRO C 59 -12.00 77.99 1.69
C PRO C 59 -11.80 76.79 2.60
N ASP C 60 -12.19 75.62 2.11
CA ASP C 60 -11.97 74.35 2.79
C ASP C 60 -10.68 73.72 2.24
N GLN C 61 -9.56 74.34 2.61
CA GLN C 61 -8.24 73.88 2.23
C GLN C 61 -7.24 74.04 3.38
N LEU C 62 -7.76 74.14 4.60
CA LEU C 62 -7.00 74.23 5.86
C LEU C 62 -6.07 75.45 5.84
N ILE C 63 -6.70 76.61 5.89
CA ILE C 63 -6.04 77.89 6.11
C ILE C 63 -6.71 78.49 7.34
N LYS C 64 -5.92 79.07 8.24
CA LYS C 64 -6.46 79.57 9.49
C LYS C 64 -6.59 81.09 9.47
N ARG C 65 -7.62 81.58 10.17
CA ARG C 65 -7.95 83.00 10.34
C ARG C 65 -8.13 83.70 8.99
N ARG C 66 -9.04 83.14 8.20
CA ARG C 66 -9.21 83.56 6.81
C ARG C 66 -10.06 84.80 6.66
N GLY C 67 -10.87 85.13 7.66
CA GLY C 67 -11.59 86.40 7.63
C GLY C 67 -10.64 87.58 7.78
N LYS C 68 -9.56 87.39 8.53
CA LYS C 68 -8.52 88.40 8.64
C LYS C 68 -7.60 88.43 7.41
N LEU C 69 -7.72 87.46 6.51
CA LEU C 69 -6.96 87.44 5.26
C LEU C 69 -7.78 87.92 4.06
N GLY C 70 -9.10 88.01 4.19
CA GLY C 70 -9.92 88.52 3.10
C GLY C 70 -10.12 87.58 1.94
N LEU C 71 -10.10 86.27 2.19
CA LEU C 71 -10.36 85.28 1.15
C LEU C 71 -11.65 84.50 1.42
N VAL C 72 -12.55 85.07 2.22
CA VAL C 72 -13.84 84.43 2.53
C VAL C 72 -14.94 85.24 1.84
N GLY C 73 -15.98 84.53 1.40
CA GLY C 73 -17.12 85.19 0.79
C GLY C 73 -18.17 85.52 1.82
N VAL C 74 -18.19 86.77 2.26
CA VAL C 74 -19.02 87.20 3.38
C VAL C 74 -20.29 87.86 2.87
N ASN C 75 -21.41 87.15 3.04
CA ASN C 75 -22.78 87.63 2.86
C ASN C 75 -23.05 88.11 1.43
N LEU C 76 -23.04 87.15 0.50
CA LEU C 76 -23.49 87.37 -0.86
C LEU C 76 -24.58 86.37 -1.21
N THR C 77 -25.25 86.63 -2.33
CA THR C 77 -26.40 85.85 -2.74
C THR C 77 -25.91 84.76 -3.71
N LEU C 78 -26.84 84.13 -4.45
CA LEU C 78 -26.55 82.96 -5.29
C LEU C 78 -25.53 83.29 -6.39
N ASP C 79 -25.88 84.21 -7.29
CA ASP C 79 -24.93 84.60 -8.32
C ASP C 79 -23.89 85.60 -7.82
N GLY C 80 -23.99 86.04 -6.57
CA GLY C 80 -22.94 86.87 -6.01
C GLY C 80 -21.67 86.08 -5.75
N VAL C 81 -21.80 84.87 -5.21
CA VAL C 81 -20.62 84.10 -4.85
C VAL C 81 -20.01 83.43 -6.09
N LYS C 82 -20.81 83.16 -7.12
CA LYS C 82 -20.27 82.57 -8.35
C LYS C 82 -19.37 83.56 -9.09
N SER C 83 -19.77 84.84 -9.14
CA SER C 83 -18.88 85.87 -9.64
C SER C 83 -17.71 86.09 -8.69
N TRP C 84 -17.94 85.95 -7.38
CA TRP C 84 -16.85 86.00 -6.41
C TRP C 84 -15.91 84.82 -6.56
N LEU C 85 -16.40 83.68 -7.04
CA LEU C 85 -15.58 82.52 -7.32
C LEU C 85 -14.97 82.55 -8.72
N LYS C 86 -14.88 83.72 -9.36
CA LYS C 86 -14.10 83.79 -10.60
C LYS C 86 -12.60 83.79 -10.33
N PRO C 87 -12.01 84.78 -9.56
CA PRO C 87 -10.54 84.80 -9.47
C PRO C 87 -9.98 83.97 -8.32
N ARG C 88 -10.81 83.13 -7.70
CA ARG C 88 -10.39 82.44 -6.49
C ARG C 88 -10.55 80.92 -6.60
N LEU C 89 -11.48 80.46 -7.43
CA LEU C 89 -11.75 79.03 -7.60
C LEU C 89 -10.76 78.46 -8.61
N GLY C 90 -9.60 78.01 -8.11
CA GLY C 90 -8.61 77.36 -8.93
C GLY C 90 -7.39 78.18 -9.26
N GLN C 91 -7.44 79.50 -9.07
CA GLN C 91 -6.36 80.38 -9.52
C GLN C 91 -5.23 80.42 -8.49
N GLU C 92 -4.13 81.04 -8.91
CA GLU C 92 -2.99 81.23 -8.02
C GLU C 92 -3.30 82.33 -7.01
N ALA C 93 -2.96 82.08 -5.75
CA ALA C 93 -3.12 83.08 -4.70
C ALA C 93 -2.11 82.80 -3.61
N THR C 94 -1.97 83.77 -2.69
CA THR C 94 -1.00 83.70 -1.61
C THR C 94 -1.68 84.00 -0.29
N VAL C 95 -1.46 83.12 0.70
CA VAL C 95 -1.76 83.40 2.10
C VAL C 95 -0.50 83.13 2.91
N GLY C 96 -0.31 83.92 3.97
CA GLY C 96 0.82 83.78 4.89
C GLY C 96 2.18 83.90 4.24
N LYS C 97 2.89 82.78 4.16
CA LYS C 97 4.20 82.70 3.53
C LYS C 97 4.24 81.71 2.37
N ALA C 98 3.09 81.36 1.80
CA ALA C 98 3.00 80.31 0.80
C ALA C 98 2.04 80.70 -0.31
N THR C 99 2.41 80.36 -1.54
CA THR C 99 1.56 80.53 -2.70
C THR C 99 0.92 79.20 -3.08
N GLY C 100 0.08 79.22 -4.11
CA GLY C 100 -0.45 77.99 -4.65
C GLY C 100 -1.84 78.20 -5.21
N PHE C 101 -2.43 77.10 -5.66
CA PHE C 101 -3.78 77.08 -6.19
C PHE C 101 -4.79 76.96 -5.05
N LEU C 102 -6.05 77.22 -5.37
CA LEU C 102 -7.16 77.17 -4.41
C LEU C 102 -8.33 76.46 -5.09
N LYS C 103 -8.42 75.14 -4.94
CA LYS C 103 -9.33 74.32 -5.73
C LYS C 103 -10.52 73.79 -4.93
N ASN C 104 -10.71 74.23 -3.69
CA ASN C 104 -11.78 73.67 -2.86
C ASN C 104 -12.36 74.76 -1.98
N PHE C 105 -13.70 74.86 -1.96
CA PHE C 105 -14.40 75.86 -1.16
C PHE C 105 -15.70 75.26 -0.64
N LEU C 106 -16.15 75.72 0.53
CA LEU C 106 -17.30 75.15 1.22
C LEU C 106 -18.43 76.17 1.29
N ILE C 107 -19.66 75.72 1.04
CA ILE C 107 -20.83 76.59 0.93
C ILE C 107 -21.86 76.19 1.98
N GLU C 108 -22.28 77.15 2.80
CA GLU C 108 -23.32 76.96 3.79
C GLU C 108 -24.20 78.20 3.81
N PRO C 109 -25.52 78.07 4.04
CA PRO C 109 -26.39 79.25 4.08
C PRO C 109 -26.14 80.12 5.31
N PHE C 110 -26.11 81.43 5.07
CA PHE C 110 -26.08 82.41 6.14
C PHE C 110 -27.40 82.43 6.89
N VAL C 111 -27.33 82.39 8.22
CA VAL C 111 -28.47 82.63 9.09
C VAL C 111 -28.09 83.81 9.99
N PRO C 112 -28.90 84.86 10.06
CA PRO C 112 -28.51 86.06 10.81
C PRO C 112 -28.48 85.82 12.32
N HIS C 113 -27.81 86.75 13.02
CA HIS C 113 -27.58 86.62 14.45
C HIS C 113 -27.30 87.99 15.04
N SER C 114 -27.12 88.02 16.35
CA SER C 114 -26.62 89.20 17.05
C SER C 114 -25.21 88.93 17.55
N GLN C 115 -24.55 89.99 18.00
CA GLN C 115 -23.20 89.85 18.54
C GLN C 115 -23.20 89.15 19.90
N ALA C 116 -24.28 89.27 20.67
CA ALA C 116 -24.40 88.58 21.95
C ALA C 116 -24.77 87.11 21.79
N GLU C 117 -25.07 86.67 20.57
CA GLU C 117 -25.34 85.27 20.30
C GLU C 117 -24.16 84.56 19.63
N GLU C 118 -23.04 85.26 19.48
CA GLU C 118 -21.82 84.66 18.95
C GLU C 118 -20.97 84.15 20.11
N PHE C 119 -20.37 82.98 19.93
CA PHE C 119 -19.67 82.31 21.02
C PHE C 119 -18.33 81.74 20.54
N TYR C 120 -17.48 81.45 21.51
CA TYR C 120 -16.22 80.76 21.31
C TYR C 120 -16.22 79.54 22.21
N VAL C 121 -16.02 78.36 21.62
CA VAL C 121 -15.83 77.12 22.38
C VAL C 121 -14.64 76.36 21.78
N CYS C 122 -13.87 75.71 22.65
CA CYS C 122 -12.69 74.97 22.24
C CYS C 122 -12.46 73.80 23.18
N ILE C 123 -12.08 72.64 22.61
CA ILE C 123 -11.71 71.46 23.39
C ILE C 123 -10.46 70.86 22.75
N TYR C 124 -9.37 70.81 23.52
CA TYR C 124 -8.14 70.24 23.00
C TYR C 124 -7.58 69.20 23.97
N ALA C 125 -6.76 68.31 23.44
CA ALA C 125 -6.22 67.18 24.18
C ALA C 125 -4.83 67.49 24.71
N THR C 126 -4.63 67.26 26.00
CA THR C 126 -3.32 67.29 26.63
C THR C 126 -2.99 65.89 27.12
N ARG C 127 -1.77 65.73 27.66
CA ARG C 127 -1.40 64.44 28.21
C ARG C 127 -2.09 64.16 29.54
N GLU C 128 -2.20 65.18 30.39
CA GLU C 128 -2.78 65.02 31.72
C GLU C 128 -4.29 65.17 31.74
N GLY C 129 -4.92 65.44 30.60
CA GLY C 129 -6.38 65.56 30.56
C GLY C 129 -6.79 66.32 29.31
N ASP C 130 -7.99 66.88 29.36
CA ASP C 130 -8.52 67.71 28.30
C ASP C 130 -8.94 69.06 28.87
N TYR C 131 -8.76 70.11 28.08
CA TYR C 131 -9.31 71.43 28.39
C TYR C 131 -10.64 71.57 27.67
N VAL C 132 -11.65 72.08 28.37
CA VAL C 132 -12.78 72.71 27.71
C VAL C 132 -12.60 74.21 27.89
N LEU C 133 -12.59 74.93 26.77
CA LEU C 133 -12.18 76.33 26.75
C LEU C 133 -13.27 77.13 26.04
N PHE C 134 -13.90 78.04 26.77
CA PHE C 134 -15.12 78.71 26.32
C PHE C 134 -15.04 80.20 26.60
N HIS C 135 -15.52 81.00 25.65
CA HIS C 135 -15.78 82.41 25.86
C HIS C 135 -17.14 82.76 25.27
N HIS C 136 -17.83 83.70 25.90
CA HIS C 136 -19.18 84.09 25.54
C HIS C 136 -19.25 85.03 24.34
N GLU C 137 -18.11 85.40 23.75
CA GLU C 137 -18.07 86.08 22.47
C GLU C 137 -16.98 85.43 21.62
N GLY C 138 -17.30 85.16 20.36
CA GLY C 138 -16.40 84.48 19.45
C GLY C 138 -16.13 85.27 18.20
N GLY C 139 -16.14 84.58 17.07
CA GLY C 139 -15.79 85.20 15.81
C GLY C 139 -14.28 85.28 15.63
N VAL C 140 -13.89 85.99 14.57
CA VAL C 140 -12.47 86.13 14.25
C VAL C 140 -11.76 87.12 15.16
N ASP C 141 -12.48 87.81 16.04
CA ASP C 141 -11.91 88.82 16.92
C ASP C 141 -11.53 88.27 18.30
N VAL C 142 -11.18 86.99 18.39
CA VAL C 142 -10.76 86.48 19.70
C VAL C 142 -9.36 86.95 20.06
N GLY C 143 -8.46 87.04 19.07
CA GLY C 143 -7.10 87.51 19.32
C GLY C 143 -6.32 86.54 20.20
N ASP C 144 -5.66 87.09 21.22
CA ASP C 144 -5.02 86.30 22.25
C ASP C 144 -6.10 85.71 23.13
N VAL C 145 -6.49 84.47 22.83
CA VAL C 145 -7.70 83.92 23.43
C VAL C 145 -7.40 82.96 24.58
N ASP C 146 -6.21 82.33 24.59
CA ASP C 146 -5.87 81.40 25.66
C ASP C 146 -5.59 82.10 26.98
N ALA C 147 -5.42 83.41 26.98
CA ALA C 147 -5.20 84.17 28.21
C ALA C 147 -6.46 84.85 28.73
N LYS C 148 -7.63 84.58 28.13
CA LYS C 148 -8.86 85.23 28.55
C LYS C 148 -10.05 84.30 28.76
N ALA C 149 -10.10 83.15 28.11
CA ALA C 149 -11.31 82.34 28.12
C ALA C 149 -11.45 81.54 29.41
N GLN C 150 -12.62 80.93 29.58
CA GLN C 150 -12.92 80.13 30.76
C GLN C 150 -12.30 78.75 30.66
N LYS C 151 -11.69 78.29 31.74
CA LYS C 151 -10.99 77.02 31.80
C LYS C 151 -11.76 76.04 32.69
N LEU C 152 -11.71 74.76 32.32
CA LEU C 152 -12.14 73.68 33.20
C LEU C 152 -11.41 72.42 32.77
N LEU C 153 -10.59 71.86 33.66
CA LEU C 153 -9.86 70.64 33.35
C LEU C 153 -10.78 69.43 33.52
N VAL C 154 -10.98 68.68 32.44
CA VAL C 154 -11.61 67.37 32.49
C VAL C 154 -10.53 66.32 32.26
N GLY C 155 -10.67 65.18 32.94
CA GLY C 155 -9.66 64.14 32.86
C GLY C 155 -10.07 62.99 31.95
N VAL C 156 -9.10 62.10 31.71
CA VAL C 156 -9.37 60.90 30.92
C VAL C 156 -10.21 59.92 31.74
N ASP C 157 -11.03 59.13 31.03
CA ASP C 157 -11.99 58.19 31.61
C ASP C 157 -12.97 58.86 32.56
N GLU C 158 -13.28 60.13 32.30
CA GLU C 158 -14.10 60.93 33.20
C GLU C 158 -15.24 61.57 32.42
N LYS C 159 -16.39 61.67 33.06
CA LYS C 159 -17.55 62.33 32.46
C LYS C 159 -17.65 63.76 32.96
N LEU C 160 -18.34 64.58 32.18
CA LEU C 160 -18.46 66.00 32.49
C LEU C 160 -19.82 66.27 33.11
N ASN C 161 -19.82 66.97 34.25
CA ASN C 161 -21.05 67.28 34.96
C ASN C 161 -21.54 68.66 34.53
N PRO C 162 -22.84 68.89 34.40
CA PRO C 162 -23.33 70.25 34.17
C PRO C 162 -23.14 71.18 35.36
N GLU C 163 -23.00 70.63 36.58
CA GLU C 163 -22.90 71.47 37.77
C GLU C 163 -21.56 72.20 37.86
N ASP C 164 -20.52 71.67 37.23
CA ASP C 164 -19.28 72.43 37.15
C ASP C 164 -19.31 73.41 35.99
N ILE C 165 -20.14 73.14 34.99
CA ILE C 165 -20.32 74.08 33.88
C ILE C 165 -21.06 75.32 34.36
N LYS C 166 -22.10 75.15 35.17
CA LYS C 166 -22.87 76.29 35.66
C LYS C 166 -22.08 77.10 36.68
N LYS C 167 -21.22 76.44 37.46
CA LYS C 167 -20.49 77.13 38.52
C LYS C 167 -19.18 77.73 38.04
N HIS C 168 -18.42 77.02 37.22
CA HIS C 168 -17.11 77.47 36.77
C HIS C 168 -17.14 78.00 35.34
N LEU C 169 -17.77 77.26 34.42
CA LEU C 169 -17.68 77.62 33.01
C LEU C 169 -18.65 78.75 32.67
N LEU C 170 -19.87 78.70 33.20
CA LEU C 170 -20.91 79.68 32.89
C LEU C 170 -21.05 80.75 33.97
N VAL C 171 -19.95 81.17 34.59
CA VAL C 171 -20.02 82.21 35.61
C VAL C 171 -19.94 83.60 35.00
N HIS C 172 -19.42 83.72 33.77
CA HIS C 172 -19.40 84.98 33.03
C HIS C 172 -20.28 84.93 31.79
N ALA C 173 -21.12 83.88 31.68
CA ALA C 173 -21.97 83.60 30.54
C ALA C 173 -23.33 84.27 30.72
N PRO C 174 -24.10 84.42 29.64
CA PRO C 174 -25.50 84.83 29.78
C PRO C 174 -26.32 83.86 30.60
N GLU C 175 -27.08 84.39 31.56
CA GLU C 175 -27.92 83.55 32.41
C GLU C 175 -29.14 83.05 31.64
N ASP C 176 -29.63 83.84 30.69
CA ASP C 176 -30.78 83.43 29.88
C ASP C 176 -30.40 82.36 28.87
N LYS C 177 -29.11 82.21 28.55
CA LYS C 177 -28.63 81.19 27.65
C LYS C 177 -27.92 80.05 28.36
N LYS C 178 -28.13 79.90 29.67
CA LYS C 178 -27.36 78.92 30.43
C LYS C 178 -27.86 77.49 30.19
N GLU C 179 -29.09 77.33 29.70
CA GLU C 179 -29.56 75.99 29.36
C GLU C 179 -29.03 75.58 28.00
N ILE C 180 -29.11 76.48 27.01
CA ILE C 180 -28.74 76.12 25.65
C ILE C 180 -27.23 76.04 25.49
N LEU C 181 -26.48 76.68 26.39
CA LEU C 181 -25.03 76.53 26.38
C LEU C 181 -24.63 75.17 26.96
N ALA C 182 -25.01 74.92 28.22
CA ALA C 182 -24.51 73.76 28.95
C ALA C 182 -25.04 72.44 28.40
N SER C 183 -26.26 72.43 27.85
CA SER C 183 -26.78 71.20 27.27
C SER C 183 -26.11 70.87 25.94
N PHE C 184 -25.77 71.91 25.16
CA PHE C 184 -24.98 71.71 23.96
C PHE C 184 -23.56 71.25 24.29
N ILE C 185 -23.03 71.67 25.43
CA ILE C 185 -21.70 71.25 25.86
C ILE C 185 -21.72 69.76 26.20
N SER C 186 -22.79 69.30 26.84
CA SER C 186 -22.90 67.88 27.20
C SER C 186 -23.09 67.00 25.96
N GLY C 187 -23.66 67.55 24.89
CA GLY C 187 -23.75 66.80 23.65
C GLY C 187 -22.45 66.75 22.88
N LEU C 188 -21.64 67.80 22.98
CA LEU C 188 -20.35 67.81 22.32
C LEU C 188 -19.30 67.05 23.11
N PHE C 189 -19.51 66.89 24.42
CA PHE C 189 -18.56 66.17 25.26
C PHE C 189 -18.54 64.69 24.93
N ASN C 190 -19.72 64.07 24.81
CA ASN C 190 -19.77 62.68 24.36
C ASN C 190 -19.42 62.58 22.87
N PHE C 191 -19.62 63.66 22.11
CA PHE C 191 -19.13 63.71 20.74
C PHE C 191 -17.61 63.72 20.71
N TYR C 192 -16.97 64.37 21.68
CA TYR C 192 -15.51 64.48 21.72
C TYR C 192 -14.85 63.24 22.30
N GLU C 193 -15.33 62.76 23.45
CA GLU C 193 -14.61 61.75 24.21
C GLU C 193 -14.66 60.39 23.55
N ASP C 194 -15.85 59.91 23.20
CA ASP C 194 -16.03 58.55 22.73
C ASP C 194 -15.57 58.35 21.30
N LEU C 195 -15.48 59.42 20.51
CA LEU C 195 -15.00 59.33 19.13
C LEU C 195 -13.53 59.69 18.99
N TYR C 196 -12.83 59.88 20.11
CA TYR C 196 -11.36 59.97 20.19
C TYR C 196 -10.83 61.18 19.39
N PHE C 197 -11.51 62.31 19.54
CA PHE C 197 -11.04 63.56 18.94
C PHE C 197 -9.88 64.13 19.75
N THR C 198 -9.10 64.99 19.10
CA THR C 198 -7.95 65.59 19.76
C THR C 198 -8.07 67.09 19.96
N TYR C 199 -8.28 67.86 18.90
CA TYR C 199 -8.31 69.31 19.02
C TYR C 199 -9.54 69.82 18.29
N LEU C 200 -10.53 70.28 19.06
CA LEU C 200 -11.79 70.77 18.52
C LEU C 200 -12.03 72.20 18.98
N GLU C 201 -12.37 73.05 18.02
CA GLU C 201 -12.70 74.45 18.26
C GLU C 201 -13.80 74.84 17.31
N ILE C 202 -14.76 75.64 17.78
CA ILE C 202 -15.86 76.11 16.93
C ILE C 202 -15.79 77.64 16.91
N ASN C 203 -15.59 78.19 15.73
CA ASN C 203 -15.50 79.64 15.55
C ASN C 203 -16.03 79.95 14.16
N PRO C 204 -17.14 80.67 14.02
CA PRO C 204 -17.96 81.16 15.14
C PRO C 204 -19.12 80.25 15.50
N LEU C 205 -19.33 80.04 16.79
CA LEU C 205 -20.48 79.30 17.29
C LEU C 205 -21.63 80.27 17.52
N VAL C 206 -22.68 80.15 16.72
CA VAL C 206 -23.84 81.02 16.81
C VAL C 206 -24.93 80.28 17.57
N VAL C 207 -25.21 80.72 18.78
CA VAL C 207 -26.34 80.21 19.52
C VAL C 207 -27.40 81.30 19.57
N THR C 208 -28.29 81.31 18.59
CA THR C 208 -29.31 82.34 18.48
C THR C 208 -30.56 81.90 19.24
N LYS C 209 -31.64 82.65 19.09
CA LYS C 209 -32.90 82.26 19.71
C LYS C 209 -33.70 81.31 18.82
N ASP C 210 -33.15 80.89 17.69
CA ASP C 210 -33.70 79.77 16.94
C ASP C 210 -33.13 78.43 17.42
N GLY C 211 -31.92 78.44 17.97
CA GLY C 211 -31.28 77.23 18.46
C GLY C 211 -29.77 77.35 18.51
N VAL C 212 -29.07 76.31 18.05
CA VAL C 212 -27.62 76.30 17.99
C VAL C 212 -27.19 76.18 16.52
N TYR C 213 -26.12 76.90 16.17
CA TYR C 213 -25.65 76.94 14.79
C TYR C 213 -24.13 77.04 14.77
N VAL C 214 -23.50 76.42 13.78
CA VAL C 214 -22.07 76.54 13.54
C VAL C 214 -21.88 77.17 12.16
N LEU C 215 -21.13 78.28 12.12
CA LEU C 215 -20.82 78.90 10.83
C LEU C 215 -19.49 78.41 10.28
N ASP C 216 -18.52 78.10 11.15
CA ASP C 216 -17.25 77.51 10.75
C ASP C 216 -16.69 76.72 11.93
N LEU C 217 -15.93 75.66 11.60
CA LEU C 217 -15.49 74.64 12.54
C LEU C 217 -13.97 74.53 12.49
N ALA C 218 -13.39 73.87 13.50
CA ALA C 218 -11.98 73.52 13.50
C ALA C 218 -11.81 72.21 14.24
N ALA C 219 -11.16 71.24 13.60
CA ALA C 219 -11.08 69.89 14.17
C ALA C 219 -9.74 69.22 13.88
N LYS C 220 -9.27 68.44 14.85
CA LYS C 220 -8.17 67.50 14.67
C LYS C 220 -8.52 66.21 15.38
N VAL C 221 -8.48 65.08 14.67
CA VAL C 221 -8.77 63.78 15.23
C VAL C 221 -7.55 62.88 15.03
N ASP C 222 -7.39 61.90 15.92
CA ASP C 222 -6.36 60.90 15.79
C ASP C 222 -6.63 60.03 14.57
N ALA C 223 -5.55 59.51 13.97
CA ALA C 223 -5.66 58.61 12.85
C ALA C 223 -5.32 57.17 13.20
N THR C 224 -4.82 56.92 14.40
CA THR C 224 -4.43 55.56 14.78
C THR C 224 -5.62 54.71 15.22
N ALA C 225 -6.72 55.33 15.62
CA ALA C 225 -7.88 54.61 16.13
C ALA C 225 -8.82 54.14 15.02
N ASP C 226 -8.34 54.05 13.78
CA ASP C 226 -9.19 53.68 12.65
CA ASP C 226 -9.22 53.69 12.67
C ASP C 226 -9.57 52.20 12.70
N TYR C 227 -8.80 51.39 13.44
CA TYR C 227 -9.16 49.98 13.60
C TYR C 227 -10.43 49.79 14.42
N ILE C 228 -10.82 50.78 15.21
CA ILE C 228 -12.15 50.78 15.81
C ILE C 228 -13.11 51.65 15.00
N CYS C 229 -12.61 52.72 14.39
CA CYS C 229 -13.48 53.77 13.84
C CYS C 229 -13.48 53.80 12.31
N LYS C 230 -13.20 52.68 11.65
CA LYS C 230 -13.40 52.64 10.21
C LYS C 230 -14.88 52.52 9.87
N VAL C 231 -15.62 51.76 10.66
CA VAL C 231 -17.02 51.49 10.36
C VAL C 231 -17.91 52.70 10.67
N LYS C 232 -17.53 53.53 11.64
CA LYS C 232 -18.32 54.71 11.97
C LYS C 232 -17.97 55.92 11.11
N TRP C 233 -16.69 56.14 10.81
CA TRP C 233 -16.30 57.25 9.96
C TRP C 233 -16.58 57.00 8.49
N GLY C 234 -16.97 55.78 8.11
CA GLY C 234 -17.17 55.47 6.71
C GLY C 234 -15.85 55.40 5.98
N ASP C 235 -15.78 56.09 4.84
CA ASP C 235 -14.51 56.33 4.18
C ASP C 235 -14.11 57.77 4.44
N ILE C 236 -13.52 58.00 5.61
CA ILE C 236 -13.09 59.34 5.99
C ILE C 236 -11.82 59.68 5.21
N GLU C 237 -11.71 60.92 4.75
CA GLU C 237 -10.56 61.38 3.99
C GLU C 237 -9.93 62.58 4.69
N PHE C 238 -8.63 62.50 4.95
CA PHE C 238 -7.88 63.63 5.46
C PHE C 238 -7.01 64.19 4.35
N PRO C 239 -7.38 65.31 3.73
CA PRO C 239 -6.52 65.89 2.72
C PRO C 239 -5.31 66.56 3.35
N PRO C 240 -4.21 66.72 2.62
CA PRO C 240 -3.04 67.41 3.15
C PRO C 240 -3.31 68.90 3.30
N PRO C 241 -2.48 69.62 4.09
CA PRO C 241 -2.63 71.07 4.20
C PRO C 241 -2.34 71.79 2.87
N PHE C 242 -2.57 73.11 2.91
CA PHE C 242 -2.47 73.95 1.73
C PHE C 242 -1.02 74.07 1.28
N GLY C 243 -0.80 74.04 -0.03
CA GLY C 243 0.51 74.23 -0.60
C GLY C 243 0.58 74.01 -2.11
N ARG C 244 1.77 73.73 -2.60
CA ARG C 244 2.01 73.55 -4.03
C ARG C 244 1.61 72.15 -4.49
N GLU C 245 1.74 71.91 -5.79
CA GLU C 245 1.43 70.62 -6.39
C GLU C 245 2.70 69.79 -6.51
N ALA C 246 2.52 68.48 -6.57
CA ALA C 246 3.63 67.55 -6.48
C ALA C 246 4.13 67.14 -7.86
N TYR C 247 5.41 66.80 -7.92
CA TYR C 247 6.03 66.25 -9.11
C TYR C 247 5.48 64.85 -9.38
N PRO C 248 5.55 64.36 -10.63
CA PRO C 248 4.98 63.04 -10.93
C PRO C 248 5.72 61.86 -10.29
N GLU C 249 7.05 61.90 -10.23
CA GLU C 249 7.78 60.80 -9.61
C GLU C 249 7.70 60.82 -8.10
N GLU C 250 7.41 61.98 -7.51
CA GLU C 250 7.44 62.15 -6.06
C GLU C 250 6.22 61.55 -5.38
N ALA C 251 5.03 61.73 -5.98
CA ALA C 251 3.86 61.04 -5.47
C ALA C 251 3.86 59.57 -5.85
N TYR C 252 4.66 59.18 -6.85
CA TYR C 252 4.73 57.78 -7.27
C TYR C 252 5.40 56.90 -6.21
N ILE C 253 6.37 57.47 -5.49
CA ILE C 253 7.02 56.73 -4.41
C ILE C 253 6.04 56.48 -3.27
N ALA C 254 5.13 57.43 -3.04
CA ALA C 254 4.09 57.24 -2.03
C ALA C 254 3.09 56.17 -2.43
N ASP C 255 2.99 55.85 -3.72
CA ASP C 255 2.18 54.71 -4.14
C ASP C 255 2.87 53.39 -3.82
N LEU C 256 4.21 53.40 -3.76
CA LEU C 256 4.92 52.24 -3.24
C LEU C 256 4.83 52.18 -1.71
N ASP C 257 4.70 53.34 -1.07
CA ASP C 257 4.55 53.41 0.38
C ASP C 257 3.25 52.75 0.84
N ALA C 258 2.20 52.88 0.04
CA ALA C 258 0.92 52.24 0.34
C ALA C 258 0.90 50.75 0.02
N LYS C 259 1.95 50.22 -0.59
CA LYS C 259 1.98 48.80 -0.94
C LYS C 259 2.42 47.93 0.24
N SER C 260 3.63 48.14 0.73
CA SER C 260 4.22 47.29 1.76
C SER C 260 4.26 48.04 3.10
N GLY C 261 4.69 47.33 4.14
CA GLY C 261 4.86 47.94 5.44
C GLY C 261 6.06 48.87 5.54
N ALA C 262 6.95 48.81 4.56
CA ALA C 262 8.09 49.71 4.52
C ALA C 262 7.64 51.15 4.27
N SER C 263 8.19 52.07 5.05
CA SER C 263 7.76 53.47 5.05
C SER C 263 8.83 54.31 4.36
N LEU C 264 8.56 54.69 3.12
CA LEU C 264 9.53 55.38 2.27
C LEU C 264 8.99 56.77 1.97
N LYS C 265 9.80 57.80 2.22
CA LYS C 265 9.34 59.17 2.10
C LYS C 265 10.32 59.98 1.28
N LEU C 266 9.79 60.85 0.42
CA LEU C 266 10.60 61.62 -0.52
C LEU C 266 10.10 63.05 -0.56
N THR C 267 10.97 63.99 -0.18
CA THR C 267 10.63 65.41 -0.08
C THR C 267 11.82 66.25 -0.51
N LEU C 268 11.63 67.03 -1.57
CA LEU C 268 12.68 67.93 -2.03
C LEU C 268 12.64 69.25 -1.27
N LEU C 269 13.75 69.97 -1.29
CA LEU C 269 13.78 71.39 -0.98
C LEU C 269 14.22 72.24 -2.16
N ASN C 270 15.18 71.74 -2.95
CA ASN C 270 15.66 72.37 -4.17
C ASN C 270 15.64 71.33 -5.28
N PRO C 271 14.98 71.60 -6.41
CA PRO C 271 14.94 70.60 -7.49
C PRO C 271 16.26 70.43 -8.24
N LYS C 272 17.24 71.29 -8.04
CA LYS C 272 18.52 71.19 -8.73
C LYS C 272 19.71 71.48 -7.82
N GLY C 273 19.71 70.90 -6.62
CA GLY C 273 20.83 71.09 -5.73
C GLY C 273 22.04 70.24 -6.10
N ARG C 274 23.07 70.28 -5.25
CA ARG C 274 24.24 69.45 -5.44
C ARG C 274 24.44 68.40 -4.35
N ILE C 275 23.98 68.66 -3.13
CA ILE C 275 24.04 67.67 -2.05
C ILE C 275 22.80 66.81 -2.19
N TRP C 276 22.99 65.53 -2.52
CA TRP C 276 21.90 64.58 -2.67
C TRP C 276 22.01 63.51 -1.60
N THR C 277 20.93 63.28 -0.87
CA THR C 277 20.92 62.40 0.28
C THR C 277 20.10 61.14 0.00
N MET C 278 20.62 59.99 0.41
CA MET C 278 19.90 58.71 0.38
C MET C 278 20.21 58.03 1.70
N VAL C 279 19.33 58.24 2.68
CA VAL C 279 19.61 57.96 4.08
C VAL C 279 18.73 56.82 4.55
N ALA C 280 19.29 55.91 5.34
CA ALA C 280 18.56 54.79 5.92
C ALA C 280 18.34 55.04 7.41
N GLY C 281 17.08 54.96 7.84
CA GLY C 281 16.74 55.15 9.23
C GLY C 281 15.84 56.34 9.50
N GLY C 282 15.04 56.25 10.56
CA GLY C 282 14.11 57.31 10.91
C GLY C 282 14.80 58.56 11.43
N GLY C 283 15.48 58.43 12.57
CA GLY C 283 16.14 59.56 13.20
C GLY C 283 17.46 59.96 12.56
N ALA C 284 17.85 59.33 11.44
CA ALA C 284 19.11 59.66 10.81
C ALA C 284 18.95 60.80 9.80
N SER C 285 17.77 60.92 9.21
CA SER C 285 17.60 61.82 8.07
C SER C 285 17.37 63.28 8.47
N VAL C 286 16.72 63.52 9.60
CA VAL C 286 16.55 64.89 10.07
C VAL C 286 17.81 65.39 10.75
N VAL C 287 18.75 64.50 11.05
CA VAL C 287 19.97 64.89 11.74
C VAL C 287 21.10 65.16 10.74
N TYR C 288 21.15 64.43 9.63
CA TYR C 288 22.06 64.76 8.54
C TYR C 288 21.73 66.12 7.94
N SER C 289 20.45 66.38 7.68
CA SER C 289 20.03 67.69 7.16
C SER C 289 20.23 68.80 8.17
N ASP C 290 20.28 68.47 9.46
CA ASP C 290 20.66 69.45 10.48
C ASP C 290 22.12 69.86 10.33
N THR C 291 22.97 68.95 9.87
CA THR C 291 24.39 69.27 9.72
C THR C 291 24.69 69.93 8.38
N ILE C 292 23.76 69.85 7.42
CA ILE C 292 23.99 70.50 6.13
C ILE C 292 23.67 71.99 6.21
N CYS C 293 22.55 72.35 6.85
CA CYS C 293 22.22 73.76 7.04
C CYS C 293 23.16 74.44 8.04
N ASP C 294 23.77 73.67 8.94
CA ASP C 294 24.76 74.22 9.86
C ASP C 294 26.07 74.56 9.14
N LEU C 295 26.38 73.84 8.06
CA LEU C 295 27.57 74.10 7.27
C LEU C 295 27.27 74.95 6.03
N GLY C 296 26.16 75.69 6.06
CA GLY C 296 25.84 76.63 5.00
C GLY C 296 25.13 76.07 3.79
N GLY C 297 24.88 74.77 3.74
CA GLY C 297 24.30 74.16 2.56
C GLY C 297 22.79 74.13 2.54
N VAL C 298 22.13 75.17 3.06
CA VAL C 298 20.68 75.21 3.04
C VAL C 298 20.18 75.53 1.62
N ASN C 299 21.02 76.17 0.79
CA ASN C 299 20.59 76.58 -0.53
C ASN C 299 20.67 75.43 -1.54
N GLU C 300 21.76 74.67 -1.54
CA GLU C 300 22.00 73.65 -2.55
C GLU C 300 21.75 72.24 -2.04
N LEU C 301 21.08 72.10 -0.89
CA LEU C 301 20.56 70.80 -0.51
C LEU C 301 19.35 70.46 -1.38
N ALA C 302 19.39 69.32 -2.04
CA ALA C 302 18.35 68.99 -3.00
C ALA C 302 17.19 68.23 -2.38
N ASN C 303 17.48 67.18 -1.61
CA ASN C 303 16.45 66.30 -1.11
C ASN C 303 16.67 65.99 0.37
N TYR C 304 15.59 65.65 1.04
CA TYR C 304 15.66 64.96 2.33
C TYR C 304 14.62 63.85 2.31
N GLY C 305 15.04 62.65 2.68
CA GLY C 305 14.14 61.52 2.63
C GLY C 305 14.80 60.31 3.25
N GLU C 306 14.02 59.24 3.32
CA GLU C 306 14.48 58.02 3.97
C GLU C 306 13.70 56.84 3.46
N TYR C 307 14.09 55.66 3.93
CA TYR C 307 13.39 54.42 3.68
C TYR C 307 13.52 53.58 4.94
N SER C 308 12.39 53.15 5.50
CA SER C 308 12.39 52.45 6.78
C SER C 308 11.48 51.24 6.66
N GLY C 309 11.25 50.56 7.77
CA GLY C 309 10.34 49.44 7.80
C GLY C 309 10.79 48.21 7.05
N ALA C 310 12.05 47.78 7.25
CA ALA C 310 12.72 46.65 6.60
C ALA C 310 12.62 46.76 5.09
N PRO C 311 13.41 47.63 4.46
CA PRO C 311 13.24 47.90 3.02
C PRO C 311 13.75 46.76 2.15
N SER C 312 12.95 46.40 1.16
CA SER C 312 13.29 45.30 0.27
C SER C 312 14.26 45.76 -0.80
N GLU C 313 14.69 44.82 -1.65
CA GLU C 313 15.54 45.19 -2.77
C GLU C 313 14.77 45.97 -3.82
N GLN C 314 13.60 45.44 -4.24
CA GLN C 314 12.85 46.05 -5.33
C GLN C 314 12.28 47.40 -4.92
N GLN C 315 11.99 47.57 -3.63
CA GLN C 315 11.55 48.86 -3.15
C GLN C 315 12.73 49.82 -2.97
N THR C 316 13.93 49.32 -2.71
CA THR C 316 15.09 50.21 -2.70
C THR C 316 15.75 50.27 -4.08
N TYR C 317 15.38 49.36 -4.98
CA TYR C 317 15.73 49.56 -6.39
C TYR C 317 14.93 50.70 -6.98
N ASP C 318 13.66 50.84 -6.57
CA ASP C 318 12.81 51.89 -7.11
C ASP C 318 13.13 53.23 -6.48
N TYR C 319 13.34 53.27 -5.16
CA TYR C 319 13.74 54.49 -4.46
C TYR C 319 15.10 55.00 -4.91
N ALA C 320 15.98 54.11 -5.37
CA ALA C 320 17.25 54.57 -5.91
C ALA C 320 17.10 55.04 -7.35
N LYS C 321 16.52 54.19 -8.22
CA LYS C 321 16.51 54.47 -9.66
C LYS C 321 15.64 55.66 -10.04
N THR C 322 14.71 56.06 -9.18
CA THR C 322 13.91 57.25 -9.47
C THR C 322 14.75 58.52 -9.32
N ILE C 323 15.52 58.62 -8.24
CA ILE C 323 16.16 59.89 -7.90
C ILE C 323 17.44 60.08 -8.68
N LEU C 324 18.12 58.99 -9.04
CA LEU C 324 19.25 59.12 -9.95
C LEU C 324 18.81 59.41 -11.37
N SER C 325 17.57 59.07 -11.72
CA SER C 325 17.03 59.49 -13.01
C SER C 325 16.50 60.92 -12.97
N LEU C 326 16.12 61.42 -11.79
CA LEU C 326 15.68 62.80 -11.69
C LEU C 326 16.83 63.78 -11.53
N MET C 327 17.97 63.31 -11.03
CA MET C 327 19.13 64.17 -10.85
C MET C 327 19.99 64.27 -12.11
N THR C 328 19.52 63.71 -13.23
CA THR C 328 20.25 63.82 -14.48
C THR C 328 19.45 64.50 -15.58
N ARG C 329 18.33 65.16 -15.24
CA ARG C 329 17.59 65.92 -16.24
C ARG C 329 18.34 67.19 -16.62
N GLU C 330 18.76 67.96 -15.63
CA GLU C 330 19.58 69.14 -15.84
C GLU C 330 20.95 68.96 -15.22
N LYS C 331 21.92 69.69 -15.74
CA LYS C 331 23.29 69.61 -15.28
C LYS C 331 23.61 70.79 -14.36
N HIS C 332 24.84 70.81 -13.85
CA HIS C 332 25.36 71.89 -13.03
C HIS C 332 26.88 71.90 -13.11
N PRO C 333 27.49 73.03 -13.49
CA PRO C 333 28.96 73.11 -13.48
C PRO C 333 29.58 73.07 -12.10
N ASP C 334 28.81 73.35 -11.04
CA ASP C 334 29.27 73.13 -9.68
C ASP C 334 29.16 71.68 -9.25
N GLY C 335 28.62 70.81 -10.11
CA GLY C 335 28.60 69.39 -9.85
C GLY C 335 27.49 68.98 -8.91
N LYS C 336 27.57 67.73 -8.48
CA LYS C 336 26.67 67.16 -7.50
C LYS C 336 27.45 66.27 -6.54
N ILE C 337 26.85 65.97 -5.39
CA ILE C 337 27.40 65.04 -4.41
C ILE C 337 26.26 64.16 -3.92
N LEU C 338 26.46 62.83 -3.99
CA LEU C 338 25.49 61.87 -3.48
C LEU C 338 25.96 61.43 -2.10
N ILE C 339 25.07 61.51 -1.11
CA ILE C 339 25.37 61.15 0.26
C ILE C 339 24.53 59.94 0.64
N ILE C 340 25.19 58.85 1.01
CA ILE C 340 24.52 57.62 1.41
C ILE C 340 24.96 57.26 2.83
N GLY C 341 24.19 57.72 3.83
CA GLY C 341 24.48 57.43 5.20
C GLY C 341 23.72 56.21 5.70
N GLY C 342 23.65 56.10 7.03
CA GLY C 342 22.93 55.00 7.63
C GLY C 342 23.30 54.83 9.08
N SER C 343 22.35 54.32 9.84
CA SER C 343 22.54 54.03 11.25
C SER C 343 22.72 52.52 11.43
N ILE C 344 22.83 52.09 12.68
CA ILE C 344 22.94 50.67 13.01
C ILE C 344 21.55 50.05 12.85
N ALA C 345 21.36 49.28 11.79
CA ALA C 345 20.12 48.54 11.61
C ALA C 345 20.14 47.29 12.49
N ASN C 346 18.97 46.95 13.04
CA ASN C 346 18.93 45.84 13.97
C ASN C 346 18.95 44.50 13.25
N PHE C 347 18.01 44.26 12.33
CA PHE C 347 17.85 42.92 11.79
C PHE C 347 17.72 42.83 10.27
N THR C 348 18.10 43.85 9.51
CA THR C 348 18.16 43.67 8.07
C THR C 348 19.61 43.59 7.60
N ASN C 349 19.81 42.89 6.49
CA ASN C 349 21.16 42.78 5.92
C ASN C 349 21.53 44.07 5.20
N VAL C 350 22.83 44.39 5.23
CA VAL C 350 23.32 45.61 4.59
C VAL C 350 23.33 45.47 3.08
N ALA C 351 24.12 44.53 2.56
CA ALA C 351 24.42 44.50 1.14
C ALA C 351 23.24 44.05 0.29
N ALA C 352 22.36 43.21 0.85
CA ALA C 352 21.15 42.85 0.14
C ALA C 352 20.21 44.03 0.04
N THR C 353 20.24 44.92 1.04
CA THR C 353 19.54 46.19 0.92
C THR C 353 20.32 47.18 0.09
N PHE C 354 21.58 46.88 -0.23
CA PHE C 354 22.35 47.67 -1.18
C PHE C 354 22.49 46.96 -2.52
N LYS C 355 21.88 45.78 -2.69
CA LYS C 355 21.87 45.11 -3.98
C LYS C 355 21.01 45.87 -5.00
N GLY C 356 19.97 46.56 -4.54
CA GLY C 356 19.17 47.36 -5.45
C GLY C 356 19.87 48.64 -5.87
N ILE C 357 20.66 49.22 -4.97
CA ILE C 357 21.32 50.48 -5.29
C ILE C 357 22.57 50.25 -6.12
N VAL C 358 23.11 49.03 -6.12
CA VAL C 358 24.22 48.72 -7.02
C VAL C 358 23.69 48.35 -8.40
N ARG C 359 22.40 48.06 -8.50
CA ARG C 359 21.78 47.80 -9.79
C ARG C 359 21.24 49.08 -10.42
N ALA C 360 20.66 49.97 -9.61
CA ALA C 360 20.11 51.21 -10.13
C ALA C 360 21.19 52.16 -10.63
N ILE C 361 22.41 52.07 -10.08
CA ILE C 361 23.52 52.85 -10.63
C ILE C 361 23.98 52.25 -11.96
N ARG C 362 23.77 50.95 -12.16
CA ARG C 362 24.19 50.31 -13.39
C ARG C 362 23.30 50.69 -14.56
N ASP C 363 22.06 51.14 -14.31
CA ASP C 363 21.17 51.54 -15.39
C ASP C 363 21.47 52.95 -15.90
N TYR C 364 21.95 53.84 -15.03
CA TYR C 364 22.29 55.20 -15.41
C TYR C 364 23.73 55.56 -15.04
N GLN C 365 24.65 54.60 -15.21
CA GLN C 365 26.07 54.88 -14.98
C GLN C 365 26.66 55.85 -15.99
N GLY C 366 26.04 55.98 -17.16
CA GLY C 366 26.49 56.89 -18.19
C GLY C 366 26.47 58.35 -17.77
N PRO C 367 25.27 58.92 -17.58
CA PRO C 367 25.20 60.34 -17.18
C PRO C 367 25.64 60.61 -15.76
N LEU C 368 25.74 59.60 -14.90
CA LEU C 368 26.26 59.82 -13.56
C LEU C 368 27.76 60.08 -13.60
N LYS C 369 28.45 59.57 -14.63
CA LYS C 369 29.83 60.00 -14.87
C LYS C 369 29.89 61.43 -15.36
N GLU C 370 28.92 61.86 -16.17
CA GLU C 370 28.97 63.14 -16.85
C GLU C 370 28.54 64.30 -15.97
N HIS C 371 27.68 64.06 -14.98
CA HIS C 371 27.29 65.11 -14.06
C HIS C 371 28.35 65.37 -12.98
N GLU C 372 29.44 64.60 -12.99
CA GLU C 372 30.63 64.78 -12.14
C GLU C 372 30.27 64.75 -10.65
N VAL C 373 29.77 63.59 -10.23
CA VAL C 373 29.31 63.39 -8.88
C VAL C 373 30.40 62.66 -8.10
N THR C 374 30.47 62.96 -6.80
CA THR C 374 31.37 62.28 -5.88
C THR C 374 30.55 61.72 -4.74
N ILE C 375 30.66 60.41 -4.52
CA ILE C 375 29.76 59.68 -3.64
C ILE C 375 30.51 59.25 -2.39
N PHE C 376 29.84 59.36 -1.24
CA PHE C 376 30.33 58.84 0.02
C PHE C 376 29.34 57.84 0.57
N VAL C 377 29.83 56.83 1.29
CA VAL C 377 28.95 55.82 1.86
C VAL C 377 29.49 55.41 3.24
N ARG C 378 28.60 55.44 4.23
CA ARG C 378 28.92 55.01 5.59
C ARG C 378 27.69 54.37 6.19
N ARG C 379 27.80 53.08 6.51
CA ARG C 379 26.64 52.27 6.87
C ARG C 379 27.09 51.18 7.82
N GLY C 380 26.27 50.93 8.84
CA GLY C 380 26.62 49.95 9.85
C GLY C 380 25.46 49.06 10.21
N GLY C 381 25.79 47.90 10.79
CA GLY C 381 24.80 46.93 11.17
C GLY C 381 25.29 45.51 10.98
N PRO C 382 24.39 44.61 10.58
CA PRO C 382 24.75 43.20 10.41
C PRO C 382 25.58 43.00 9.14
N ASN C 383 26.88 42.76 9.33
CA ASN C 383 27.87 42.50 8.27
C ASN C 383 27.92 43.64 7.26
N TYR C 384 28.35 44.80 7.77
CA TYR C 384 28.43 46.00 6.96
C TYR C 384 29.62 45.99 6.00
N GLN C 385 30.71 45.32 6.39
CA GLN C 385 31.97 45.48 5.68
C GLN C 385 31.97 44.80 4.31
N GLU C 386 31.22 43.71 4.15
CA GLU C 386 31.08 43.16 2.81
C GLU C 386 30.20 44.04 1.93
N GLY C 387 29.24 44.73 2.54
CA GLY C 387 28.52 45.76 1.81
C GLY C 387 29.40 46.95 1.50
N LEU C 388 30.38 47.23 2.35
CA LEU C 388 31.31 48.30 2.07
C LEU C 388 32.33 47.92 1.01
N ARG C 389 32.75 46.65 0.99
CA ARG C 389 33.81 46.22 0.08
C ARG C 389 33.33 46.19 -1.37
N VAL C 390 32.13 45.64 -1.60
CA VAL C 390 31.61 45.55 -2.96
C VAL C 390 31.23 46.92 -3.48
N MET C 391 30.69 47.79 -2.61
CA MET C 391 30.30 49.12 -3.04
C MET C 391 31.53 50.00 -3.29
N GLY C 392 32.61 49.77 -2.56
CA GLY C 392 33.85 50.44 -2.89
C GLY C 392 34.47 49.92 -4.18
N GLU C 393 34.21 48.67 -4.52
CA GLU C 393 34.73 48.10 -5.75
C GLU C 393 33.97 48.63 -6.97
N VAL C 394 32.64 48.77 -6.85
CA VAL C 394 31.83 49.12 -8.00
C VAL C 394 32.02 50.58 -8.41
N GLY C 395 32.58 51.41 -7.51
CA GLY C 395 32.96 52.75 -7.91
C GLY C 395 34.10 52.78 -8.90
N LYS C 396 35.07 51.87 -8.74
CA LYS C 396 36.19 51.81 -9.67
C LYS C 396 35.81 51.20 -11.01
N THR C 397 34.72 50.42 -11.06
CA THR C 397 34.27 49.88 -12.33
C THR C 397 33.65 50.95 -13.20
N THR C 398 32.76 51.76 -12.63
CA THR C 398 32.11 52.83 -13.38
C THR C 398 33.01 54.05 -13.56
N GLY C 399 34.10 54.15 -12.82
CA GLY C 399 35.06 55.23 -12.98
C GLY C 399 34.89 56.38 -12.01
N ILE C 400 33.82 56.42 -11.24
CA ILE C 400 33.57 57.52 -10.32
C ILE C 400 34.11 57.19 -8.92
N PRO C 401 34.81 58.11 -8.27
CA PRO C 401 35.39 57.79 -6.96
C PRO C 401 34.36 57.77 -5.83
N ILE C 402 34.04 56.59 -5.34
CA ILE C 402 33.15 56.45 -4.18
C ILE C 402 34.03 56.17 -2.97
N HIS C 403 34.05 57.10 -2.03
CA HIS C 403 34.89 57.00 -0.83
C HIS C 403 34.05 56.43 0.29
N VAL C 404 34.43 55.27 0.76
CA VAL C 404 33.66 54.52 1.75
C VAL C 404 34.11 54.91 3.14
N PHE C 405 33.30 54.56 4.13
CA PHE C 405 33.62 54.80 5.53
C PHE C 405 32.91 53.78 6.39
N GLY C 406 33.59 53.31 7.44
CA GLY C 406 33.07 52.31 8.32
C GLY C 406 32.42 52.88 9.56
N THR C 407 32.12 52.00 10.50
CA THR C 407 31.53 52.42 11.77
C THR C 407 32.55 53.08 12.68
N GLU C 408 33.84 52.88 12.43
CA GLU C 408 34.89 53.48 13.24
C GLU C 408 34.94 55.00 13.11
N THR C 409 34.45 55.56 12.02
CA THR C 409 34.39 57.00 11.88
C THR C 409 33.06 57.52 12.37
N HIS C 410 32.94 58.83 12.47
CA HIS C 410 31.73 59.44 13.00
C HIS C 410 30.62 59.41 11.96
N MET C 411 29.38 59.54 12.42
CA MET C 411 28.22 59.29 11.58
C MET C 411 28.04 60.39 10.54
N THR C 412 27.98 61.65 10.97
CA THR C 412 27.82 62.77 10.06
C THR C 412 29.16 63.32 9.57
N ALA C 413 30.24 62.55 9.69
CA ALA C 413 31.55 63.02 9.28
C ALA C 413 31.68 63.14 7.78
N ILE C 414 30.91 62.36 7.01
CA ILE C 414 31.07 62.39 5.56
C ILE C 414 30.47 63.65 4.93
N VAL C 415 29.54 64.33 5.60
CA VAL C 415 29.05 65.58 5.05
C VAL C 415 30.04 66.69 5.32
N GLY C 416 30.90 66.52 6.33
CA GLY C 416 32.07 67.37 6.44
C GLY C 416 33.09 67.07 5.38
N MET C 417 33.12 65.83 4.90
CA MET C 417 34.02 65.46 3.83
C MET C 417 33.37 65.53 2.46
N ALA C 418 32.07 65.80 2.38
CA ALA C 418 31.43 65.98 1.09
C ALA C 418 31.78 67.35 0.50
N LEU C 419 31.50 68.41 1.23
CA LEU C 419 31.78 69.77 0.79
C LEU C 419 33.19 70.24 1.14
N GLY C 420 34.04 69.33 1.62
CA GLY C 420 35.43 69.68 1.86
C GLY C 420 35.68 70.50 3.11
N HIS C 421 34.85 70.35 4.14
CA HIS C 421 35.12 71.00 5.41
C HIS C 421 36.29 70.34 6.14
N ARG C 422 36.61 69.09 5.81
CA ARG C 422 37.70 68.36 6.43
C ARG C 422 38.26 67.39 5.40
N PRO C 423 39.55 67.05 5.48
CA PRO C 423 40.12 66.10 4.52
C PRO C 423 39.65 64.68 4.78
N ILE C 424 39.97 63.80 3.83
CA ILE C 424 39.43 62.45 3.76
C ILE C 424 40.52 61.47 4.16
N PRO C 425 40.43 60.82 5.33
CA PRO C 425 41.38 59.76 5.69
C PRO C 425 41.12 58.47 4.91
N GLY C 487 5.09 54.65 44.51
CA GLY C 487 5.38 53.30 44.96
C GLY C 487 6.17 52.47 43.96
N LYS C 488 7.28 53.02 43.47
CA LYS C 488 8.12 52.36 42.48
C LYS C 488 9.37 51.82 43.15
N SER C 489 10.06 50.93 42.44
CA SER C 489 11.41 50.55 42.81
C SER C 489 12.40 51.60 42.32
N THR C 490 13.67 51.41 42.66
CA THR C 490 14.73 52.27 42.18
C THR C 490 15.67 51.55 41.23
N THR C 491 16.09 50.33 41.58
CA THR C 491 16.93 49.51 40.71
C THR C 491 16.00 48.59 39.92
N LEU C 492 15.86 48.89 38.62
CA LEU C 492 14.87 48.18 37.81
C LEU C 492 15.33 46.78 37.43
N PHE C 493 16.59 46.62 37.07
CA PHE C 493 17.10 45.35 36.58
C PHE C 493 18.40 45.00 37.31
N SER C 494 18.75 43.72 37.26
CA SER C 494 19.91 43.20 37.98
C SER C 494 20.34 41.89 37.35
N ARG C 495 21.28 41.23 38.00
CA ARG C 495 21.74 39.91 37.60
C ARG C 495 20.78 38.79 38.00
N HIS C 496 19.70 39.11 38.71
CA HIS C 496 18.74 38.12 39.17
C HIS C 496 17.33 38.43 38.66
N THR C 497 17.24 39.20 37.59
CA THR C 497 15.95 39.62 37.07
C THR C 497 15.39 38.55 36.15
N LYS C 498 14.08 38.29 36.27
CA LYS C 498 13.38 37.38 35.38
C LYS C 498 12.17 38.07 34.79
N ALA C 499 11.87 37.78 33.52
CA ALA C 499 10.80 38.46 32.80
C ALA C 499 10.02 37.47 31.95
N ILE C 500 8.79 37.85 31.61
CA ILE C 500 7.88 37.01 30.83
C ILE C 500 7.39 37.85 29.66
N VAL C 501 7.51 37.31 28.46
CA VAL C 501 7.12 38.01 27.24
C VAL C 501 5.74 37.53 26.82
N TRP C 502 5.04 38.36 26.07
CA TRP C 502 3.73 38.07 25.53
C TRP C 502 3.80 38.05 24.01
N GLY C 503 3.30 37.00 23.40
CA GLY C 503 3.29 36.90 21.95
C GLY C 503 4.38 35.97 21.44
N MET C 504 4.02 35.18 20.43
CA MET C 504 4.95 34.20 19.86
C MET C 504 5.98 34.94 19.01
N GLN C 505 7.05 35.37 19.68
CA GLN C 505 8.11 36.16 19.07
C GLN C 505 9.46 35.51 19.39
N THR C 506 9.54 34.20 19.10
CA THR C 506 10.59 33.33 19.62
C THR C 506 11.99 33.77 19.20
N ARG C 507 12.12 34.45 18.07
CA ARG C 507 13.42 34.98 17.66
C ARG C 507 13.92 36.03 18.64
N ALA C 508 13.04 36.94 19.06
CA ALA C 508 13.44 37.93 20.04
C ALA C 508 13.62 37.32 21.42
N VAL C 509 12.92 36.22 21.71
CA VAL C 509 13.21 35.46 22.91
C VAL C 509 14.60 34.83 22.81
N GLN C 510 14.93 34.30 21.64
CA GLN C 510 16.28 33.84 21.39
C GLN C 510 17.25 35.01 21.35
N GLY C 511 16.78 36.15 20.82
CA GLY C 511 17.59 37.35 20.82
C GLY C 511 17.82 37.94 22.20
N MET C 512 16.99 37.56 23.17
CA MET C 512 17.24 37.97 24.55
C MET C 512 18.10 36.95 25.29
N LEU C 513 17.94 35.67 24.98
CA LEU C 513 18.56 34.62 25.78
C LEU C 513 20.06 34.56 25.60
N ASP C 514 20.55 34.86 24.39
CA ASP C 514 21.98 34.81 24.12
C ASP C 514 22.72 35.94 24.82
N PHE C 515 22.02 37.04 25.10
CA PHE C 515 22.63 38.14 25.85
C PHE C 515 22.95 37.73 27.27
N ASP C 516 22.17 36.81 27.83
CA ASP C 516 22.50 36.26 29.13
C ASP C 516 23.76 35.40 29.08
N TYR C 517 24.01 34.76 27.94
CA TYR C 517 25.18 33.88 27.84
C TYR C 517 26.48 34.66 27.71
N VAL C 518 26.47 35.78 26.97
CA VAL C 518 27.71 36.53 26.82
C VAL C 518 28.05 37.32 28.06
N CYS C 519 27.07 37.65 28.90
CA CYS C 519 27.38 38.27 30.18
C CYS C 519 27.60 37.24 31.27
N SER C 520 27.48 35.95 30.94
CA SER C 520 27.72 34.81 31.84
C SER C 520 26.81 34.87 33.07
N ARG C 521 25.55 35.25 32.85
CA ARG C 521 24.58 35.21 33.92
C ARG C 521 24.25 33.76 34.27
N ASP C 522 24.01 33.53 35.56
CA ASP C 522 23.90 32.18 36.10
C ASP C 522 22.65 31.44 35.64
N GLU C 523 21.53 32.15 35.49
CA GLU C 523 20.26 31.55 35.14
C GLU C 523 19.66 32.29 33.97
N PRO C 524 18.85 31.61 33.16
CA PRO C 524 18.11 32.32 32.10
C PRO C 524 17.07 33.27 32.69
N SER C 525 16.67 34.25 31.90
CA SER C 525 15.81 35.32 32.39
C SER C 525 14.37 35.19 31.92
N VAL C 526 14.10 34.45 30.85
CA VAL C 526 12.77 34.36 30.29
C VAL C 526 12.07 33.18 30.91
N ALA C 527 11.07 33.45 31.76
CA ALA C 527 10.40 32.42 32.54
C ALA C 527 9.30 31.72 31.76
N ALA C 528 8.48 32.48 31.05
CA ALA C 528 7.35 31.91 30.32
C ALA C 528 7.00 32.79 29.14
N MET C 529 6.31 32.19 28.19
CA MET C 529 5.73 32.91 27.07
C MET C 529 4.21 32.77 27.16
N VAL C 530 3.51 33.90 27.24
CA VAL C 530 2.06 33.90 27.42
C VAL C 530 1.42 34.08 26.06
N TYR C 531 0.79 33.03 25.57
CA TYR C 531 0.06 33.09 24.32
C TYR C 531 -1.21 32.26 24.46
N PRO C 532 -2.39 32.88 24.37
CA PRO C 532 -3.62 32.17 24.70
C PRO C 532 -4.19 31.33 23.57
N PHE C 533 -3.57 31.31 22.40
CA PHE C 533 -4.12 30.63 21.24
C PHE C 533 -3.42 29.31 20.93
N THR C 534 -2.54 28.85 21.83
CA THR C 534 -1.97 27.52 21.78
C THR C 534 -2.33 26.79 23.09
N GLY C 535 -1.77 25.60 23.25
CA GLY C 535 -1.93 24.85 24.48
C GLY C 535 -0.91 25.25 25.52
N ASP C 536 -0.69 24.36 26.49
CA ASP C 536 0.35 24.51 27.49
C ASP C 536 1.43 23.47 27.22
N HIS C 537 2.56 23.89 26.68
CA HIS C 537 3.68 22.98 26.50
C HIS C 537 4.98 23.75 26.72
N LYS C 538 6.09 23.15 26.32
CA LYS C 538 7.43 23.68 26.57
C LYS C 538 8.14 23.90 25.26
N GLN C 539 8.65 25.12 25.06
CA GLN C 539 9.30 25.51 23.81
C GLN C 539 10.80 25.34 23.94
N LYS C 540 11.42 24.84 22.88
CA LYS C 540 12.85 24.55 22.88
C LYS C 540 13.65 25.78 22.48
N PHE C 541 14.76 26.02 23.18
CA PHE C 541 15.69 27.07 22.83
C PHE C 541 17.11 26.57 23.09
N TYR C 542 18.09 27.42 22.82
CA TYR C 542 19.49 27.04 22.93
C TYR C 542 20.22 28.00 23.83
N TRP C 543 20.33 27.64 25.10
CA TRP C 543 21.17 28.34 26.07
C TRP C 543 22.59 27.85 25.78
N GLY C 544 23.33 28.63 25.00
CA GLY C 544 24.67 28.22 24.62
C GLY C 544 24.63 27.15 23.55
N HIS C 545 24.94 25.92 23.93
CA HIS C 545 24.82 24.79 23.03
C HIS C 545 23.73 23.80 23.44
N LYS C 546 23.37 23.76 24.72
CA LYS C 546 22.39 22.81 25.20
C LYS C 546 20.99 23.22 24.76
N GLU C 547 20.03 22.35 25.06
CA GLU C 547 18.62 22.64 24.81
C GLU C 547 17.95 22.97 26.13
N ILE C 548 17.15 24.03 26.12
CA ILE C 548 16.42 24.43 27.31
C ILE C 548 14.94 24.44 26.95
N LEU C 549 14.10 24.20 27.95
CA LEU C 549 12.66 24.09 27.73
C LEU C 549 11.97 25.20 28.51
N ILE C 550 11.47 26.19 27.79
CA ILE C 550 10.73 27.30 28.37
C ILE C 550 9.25 27.02 28.17
N PRO C 551 8.42 27.09 29.21
CA PRO C 551 7.00 26.79 29.04
C PRO C 551 6.25 27.89 28.32
N VAL C 552 5.25 27.48 27.54
CA VAL C 552 4.29 28.42 26.96
C VAL C 552 2.97 28.23 27.70
N PHE C 553 2.42 29.33 28.19
CA PHE C 553 1.19 29.30 28.96
C PHE C 553 0.05 29.93 28.19
N LYS C 554 -1.17 29.72 28.69
CA LYS C 554 -2.38 30.17 28.00
C LYS C 554 -3.04 31.36 28.70
N ASN C 555 -3.04 31.39 30.03
CA ASN C 555 -3.63 32.48 30.77
C ASN C 555 -2.59 33.15 31.66
N MET C 556 -2.90 34.37 32.08
CA MET C 556 -1.94 35.15 32.86
C MET C 556 -1.89 34.73 34.33
N ALA C 557 -2.98 34.15 34.86
CA ALA C 557 -2.97 33.73 36.26
C ALA C 557 -2.10 32.49 36.46
N ASP C 558 -2.05 31.60 35.47
CA ASP C 558 -1.18 30.43 35.56
C ASP C 558 0.29 30.80 35.35
N ALA C 559 0.57 31.99 34.84
CA ALA C 559 1.93 32.50 34.91
C ALA C 559 2.31 32.88 36.34
N MET C 560 1.31 33.22 37.17
CA MET C 560 1.58 33.66 38.54
C MET C 560 1.73 32.50 39.50
N ARG C 561 1.09 31.36 39.22
CA ARG C 561 0.91 30.31 40.23
C ARG C 561 2.22 29.60 40.55
N LYS C 562 2.82 28.93 39.57
CA LYS C 562 4.07 28.22 39.83
C LYS C 562 5.27 29.16 39.95
N HIS C 563 5.20 30.35 39.33
CA HIS C 563 6.33 31.27 39.30
C HIS C 563 5.85 32.68 39.60
N PRO C 564 5.78 33.05 40.87
CA PRO C 564 5.43 34.43 41.24
C PRO C 564 6.61 35.37 41.39
N GLU C 565 7.84 34.92 41.09
CA GLU C 565 9.04 35.71 41.26
C GLU C 565 9.34 36.60 40.05
N VAL C 566 8.50 36.54 39.03
CA VAL C 566 8.64 37.39 37.85
C VAL C 566 8.11 38.77 38.19
N ASP C 567 8.90 39.80 37.90
CA ASP C 567 8.53 41.17 38.23
C ASP C 567 8.46 42.11 37.03
N VAL C 568 8.88 41.65 35.85
CA VAL C 568 8.89 42.46 34.65
C VAL C 568 8.08 41.75 33.58
N LEU C 569 7.03 42.42 33.09
CA LEU C 569 6.17 41.87 32.06
C LEU C 569 6.19 42.73 30.81
N ILE C 570 6.32 42.05 29.67
CA ILE C 570 6.52 42.67 28.37
C ILE C 570 5.37 42.23 27.47
N ASN C 571 4.96 43.10 26.55
CA ASN C 571 3.98 42.75 25.53
C ASN C 571 4.56 43.02 24.16
N PHE C 572 4.50 42.03 23.27
CA PHE C 572 4.89 42.18 21.88
C PHE C 572 3.73 41.98 20.91
N ALA C 573 2.50 42.07 21.39
CA ALA C 573 1.37 41.92 20.49
C ALA C 573 1.20 43.19 19.65
N SER C 574 0.36 43.09 18.62
CA SER C 574 0.14 44.21 17.74
C SER C 574 -0.80 45.23 18.37
N LEU C 575 -1.17 46.23 17.56
CA LEU C 575 -2.00 47.32 18.06
C LEU C 575 -3.42 46.88 18.39
N ARG C 576 -3.90 45.81 17.76
CA ARG C 576 -5.30 45.42 17.89
C ARG C 576 -5.61 44.73 19.21
N SER C 577 -4.60 44.31 19.96
CA SER C 577 -4.85 43.68 21.24
C SER C 577 -3.88 44.17 22.31
N ALA C 578 -3.33 45.37 22.17
CA ALA C 578 -2.36 45.83 23.14
C ALA C 578 -3.01 46.28 24.43
N TYR C 579 -4.24 46.79 24.35
CA TYR C 579 -4.83 47.46 25.51
C TYR C 579 -5.37 46.46 26.51
N ASP C 580 -6.08 45.43 26.04
CA ASP C 580 -6.67 44.44 26.94
C ASP C 580 -5.60 43.56 27.57
N SER C 581 -4.45 43.40 26.91
CA SER C 581 -3.35 42.66 27.50
C SER C 581 -2.65 43.44 28.60
N THR C 582 -2.93 44.73 28.74
CA THR C 582 -2.27 45.57 29.73
C THR C 582 -3.14 45.85 30.95
N MET C 583 -4.43 46.09 30.76
CA MET C 583 -5.29 46.50 31.87
C MET C 583 -5.52 45.36 32.85
N GLU C 584 -5.66 44.14 32.36
CA GLU C 584 -5.74 42.99 33.26
C GLU C 584 -4.39 42.69 33.91
N THR C 585 -3.29 43.12 33.29
CA THR C 585 -1.97 42.78 33.79
C THR C 585 -1.63 43.53 35.06
N MET C 586 -1.89 44.83 35.09
CA MET C 586 -1.48 45.64 36.23
C MET C 586 -2.33 45.45 37.47
N ASN C 587 -3.43 44.69 37.37
CA ASN C 587 -4.14 44.23 38.56
C ASN C 587 -3.28 43.33 39.43
N TYR C 588 -2.46 42.46 38.83
CA TYR C 588 -1.50 41.66 39.57
C TYR C 588 -0.34 42.58 39.93
N ALA C 589 -0.19 42.89 41.21
CA ALA C 589 0.77 43.90 41.64
C ALA C 589 2.18 43.35 41.81
N GLN C 590 2.40 42.05 41.59
CA GLN C 590 3.75 41.50 41.75
C GLN C 590 4.68 41.96 40.62
N ILE C 591 4.11 42.37 39.50
CA ILE C 591 4.90 42.92 38.41
C ILE C 591 5.27 44.35 38.74
N ARG C 592 6.55 44.69 38.57
CA ARG C 592 7.02 46.02 38.92
C ARG C 592 7.40 46.87 37.71
N THR C 593 7.55 46.29 36.53
CA THR C 593 7.96 47.04 35.36
C THR C 593 7.24 46.49 34.13
N ILE C 594 6.67 47.39 33.33
CA ILE C 594 5.95 47.03 32.11
C ILE C 594 6.42 47.95 31.00
N ALA C 595 6.77 47.35 29.86
CA ALA C 595 7.21 48.10 28.68
C ALA C 595 6.42 47.63 27.48
N ILE C 596 5.95 48.58 26.67
CA ILE C 596 5.09 48.32 25.52
C ILE C 596 5.84 48.68 24.25
N ILE C 597 5.77 47.81 23.26
CA ILE C 597 6.50 47.99 22.01
C ILE C 597 5.60 48.43 20.86
N ALA C 598 4.31 48.07 20.89
CA ALA C 598 3.40 48.15 19.75
C ALA C 598 3.21 49.58 19.24
N GLU C 599 2.85 49.68 17.96
CA GLU C 599 2.86 50.93 17.21
C GLU C 599 1.52 51.11 16.51
N GLY C 600 0.82 52.20 16.84
CA GLY C 600 -0.48 52.45 16.26
C GLY C 600 -1.55 52.64 17.33
N ILE C 601 -1.12 52.98 18.54
CA ILE C 601 -2.02 53.06 19.69
C ILE C 601 -2.64 54.45 19.73
N PRO C 602 -3.95 54.55 19.95
CA PRO C 602 -4.59 55.86 20.15
C PRO C 602 -4.06 56.59 21.37
N GLU C 603 -4.14 57.92 21.31
CA GLU C 603 -3.59 58.75 22.38
C GLU C 603 -4.45 58.70 23.63
N ALA C 604 -5.73 58.34 23.51
CA ALA C 604 -6.54 58.12 24.70
C ALA C 604 -6.16 56.80 25.37
N LEU C 605 -5.99 55.73 24.58
CA LEU C 605 -5.49 54.47 25.12
C LEU C 605 -4.06 54.61 25.63
N THR C 606 -3.31 55.55 25.06
CA THR C 606 -2.03 55.94 25.66
C THR C 606 -2.25 56.52 27.06
N ARG C 607 -3.18 57.47 27.18
CA ARG C 607 -3.40 58.12 28.47
C ARG C 607 -4.30 57.32 29.38
N LYS C 608 -4.91 56.24 28.89
CA LYS C 608 -5.68 55.39 29.81
C LYS C 608 -4.76 54.59 30.72
N LEU C 609 -3.54 54.29 30.26
CA LEU C 609 -2.67 53.38 31.01
C LEU C 609 -1.98 54.09 32.16
N ILE C 610 -1.78 55.41 32.04
CA ILE C 610 -0.87 56.09 32.95
C ILE C 610 -1.50 56.30 34.32
N LYS C 611 -2.83 56.32 34.40
CA LYS C 611 -3.50 56.55 35.69
C LYS C 611 -3.31 55.35 36.61
N LYS C 612 -3.29 54.15 36.05
CA LYS C 612 -3.31 52.95 36.86
C LYS C 612 -1.95 52.69 37.50
N ALA C 613 -0.87 52.93 36.77
CA ALA C 613 0.46 52.70 37.33
C ALA C 613 0.93 53.89 38.18
N ASP C 614 0.24 55.02 38.09
CA ASP C 614 0.58 56.17 38.93
C ASP C 614 0.33 55.90 40.40
N GLN C 615 -0.82 55.28 40.72
CA GLN C 615 -1.14 55.02 42.12
C GLN C 615 -0.48 53.74 42.60
N LYS C 616 -0.09 52.87 41.68
CA LYS C 616 0.51 51.60 42.06
C LYS C 616 2.02 51.62 42.01
N GLY C 617 2.63 52.34 41.07
CA GLY C 617 4.07 52.49 41.05
C GLY C 617 4.82 51.55 40.14
N VAL C 618 4.41 51.43 38.88
CA VAL C 618 5.14 50.62 37.90
C VAL C 618 5.59 51.53 36.76
N THR C 619 6.89 51.51 36.48
CA THR C 619 7.47 52.39 35.47
C THR C 619 7.10 51.90 34.07
N ILE C 620 6.50 52.79 33.27
CA ILE C 620 6.04 52.45 31.92
C ILE C 620 7.00 53.04 30.91
N ILE C 621 7.48 52.19 30.00
CA ILE C 621 8.48 52.54 29.00
C ILE C 621 7.79 52.28 27.67
N GLY C 622 6.53 52.72 27.57
CA GLY C 622 5.61 52.26 26.56
C GLY C 622 5.88 52.69 25.13
N PRO C 623 4.81 52.91 24.36
CA PRO C 623 4.79 52.52 22.94
C PRO C 623 5.75 53.28 22.04
N ALA C 624 5.89 52.73 20.83
CA ALA C 624 6.85 53.16 19.80
C ALA C 624 8.29 53.11 20.33
N THR C 625 8.60 52.05 21.05
CA THR C 625 9.89 51.90 21.71
C THR C 625 10.58 50.66 21.18
N VAL C 626 11.88 50.77 20.95
CA VAL C 626 12.70 49.64 20.53
C VAL C 626 13.08 48.85 21.77
N GLY C 627 13.40 49.55 22.85
CA GLY C 627 13.62 48.92 24.13
C GLY C 627 14.77 49.50 24.92
N GLY C 628 15.24 48.79 25.93
CA GLY C 628 16.28 49.31 26.80
C GLY C 628 17.32 48.25 27.09
N ILE C 629 18.47 48.71 27.57
CA ILE C 629 19.63 47.84 27.76
C ILE C 629 20.25 48.17 29.09
N LYS C 630 20.54 47.15 29.89
CA LYS C 630 21.43 47.28 31.03
C LYS C 630 22.56 46.27 30.85
N PRO C 631 23.70 46.68 30.31
CA PRO C 631 24.74 45.70 29.91
C PRO C 631 25.35 44.98 31.10
N GLY C 632 25.67 43.70 30.86
CA GLY C 632 26.09 42.80 31.91
C GLY C 632 24.94 42.15 32.65
N CYS C 633 23.75 42.75 32.63
CA CYS C 633 22.62 42.27 33.43
C CYS C 633 21.45 41.82 32.56
N PHE C 634 20.94 42.67 31.68
CA PHE C 634 19.59 42.46 31.16
C PHE C 634 19.39 43.31 29.90
N LYS C 635 18.55 42.81 29.01
CA LYS C 635 18.32 43.47 27.73
C LYS C 635 16.89 43.19 27.27
N ILE C 636 16.23 44.23 26.76
CA ILE C 636 14.87 44.14 26.28
C ILE C 636 14.89 44.21 24.76
N GLY C 637 14.20 43.27 24.12
CA GLY C 637 13.87 43.42 22.71
C GLY C 637 15.06 43.17 21.82
N ASN C 638 14.94 43.60 20.56
CA ASN C 638 16.00 43.47 19.57
C ASN C 638 16.94 44.67 19.58
N THR C 639 17.07 45.31 20.74
CA THR C 639 18.07 46.35 20.94
C THR C 639 19.46 45.81 20.71
N GLY C 640 20.18 46.43 19.77
CA GLY C 640 21.47 45.96 19.34
C GLY C 640 21.44 45.05 18.13
N GLY C 641 20.32 44.41 17.87
CA GLY C 641 20.21 43.52 16.74
C GLY C 641 20.88 42.18 17.00
N MET C 642 21.62 41.68 16.02
CA MET C 642 22.33 40.43 16.21
C MET C 642 23.57 40.66 17.06
N LEU C 643 24.31 39.60 17.33
CA LEU C 643 25.38 39.62 18.30
C LEU C 643 26.63 40.35 17.82
N ASP C 644 26.66 40.78 16.56
CA ASP C 644 27.84 41.47 16.03
C ASP C 644 28.01 42.84 16.67
N ASN C 645 26.90 43.55 16.91
CA ASN C 645 26.98 44.85 17.57
C ASN C 645 27.37 44.71 19.03
N ILE C 646 26.94 43.63 19.66
CA ILE C 646 27.20 43.44 21.09
C ILE C 646 28.67 43.10 21.32
N LEU C 647 29.32 42.55 20.31
CA LEU C 647 30.77 42.40 20.37
C LEU C 647 31.50 43.59 19.77
N ALA C 648 30.80 44.47 19.04
CA ALA C 648 31.44 45.65 18.47
C ALA C 648 31.47 46.81 19.44
N SER C 649 30.49 46.92 20.33
CA SER C 649 30.45 47.99 21.31
C SER C 649 30.50 47.47 22.73
N LYS C 650 30.73 46.16 22.90
CA LYS C 650 31.08 45.51 24.16
C LYS C 650 30.00 45.70 25.22
N LEU C 651 28.76 45.38 24.86
CA LEU C 651 27.64 45.52 25.78
C LEU C 651 27.40 44.30 26.64
N TYR C 652 28.41 43.45 26.83
CA TYR C 652 28.23 42.31 27.74
C TYR C 652 28.68 42.63 29.15
N ARG C 653 29.14 43.85 29.41
CA ARG C 653 29.58 44.30 30.72
C ARG C 653 29.21 45.76 30.89
N PRO C 654 28.99 46.23 32.11
CA PRO C 654 28.62 47.63 32.30
C PRO C 654 29.79 48.57 32.05
N GLY C 655 29.46 49.84 31.87
CA GLY C 655 30.43 50.91 31.85
C GLY C 655 30.13 51.89 32.95
N SER C 656 30.02 53.17 32.61
CA SER C 656 29.51 54.14 33.58
C SER C 656 28.63 55.20 32.96
N VAL C 657 28.16 55.01 31.73
CA VAL C 657 27.49 56.06 30.96
C VAL C 657 26.02 55.72 30.80
N ALA C 658 25.16 56.69 31.07
CA ALA C 658 23.72 56.55 30.95
C ALA C 658 23.15 57.52 29.93
N TYR C 659 22.12 57.08 29.21
CA TYR C 659 21.50 57.92 28.20
C TYR C 659 20.00 57.62 28.13
N VAL C 660 19.24 58.63 27.72
CA VAL C 660 17.79 58.48 27.47
C VAL C 660 17.49 59.20 26.16
N SER C 661 16.78 58.52 25.26
CA SER C 661 16.38 59.10 23.97
C SER C 661 14.94 58.72 23.68
N ARG C 662 14.47 59.08 22.49
CA ARG C 662 13.11 58.71 22.08
C ARG C 662 13.09 57.43 21.23
N SER C 663 13.70 57.47 20.05
CA SER C 663 13.62 56.37 19.09
C SER C 663 14.89 55.51 19.14
N GLY C 664 15.01 54.59 18.20
CA GLY C 664 16.02 53.54 18.28
C GLY C 664 17.29 53.73 17.46
N GLY C 665 17.19 54.30 16.26
CA GLY C 665 18.37 54.46 15.42
C GLY C 665 19.37 55.43 16.01
N MET C 666 18.88 56.49 16.64
CA MET C 666 19.74 57.36 17.43
C MET C 666 20.24 56.70 18.71
N SER C 667 19.54 55.68 19.22
CA SER C 667 19.97 55.03 20.45
C SER C 667 21.20 54.18 20.21
N ASN C 668 21.24 53.44 19.10
CA ASN C 668 22.41 52.60 18.82
C ASN C 668 23.59 53.43 18.36
N GLU C 669 23.33 54.60 17.79
CA GLU C 669 24.41 55.48 17.34
C GLU C 669 25.23 56.01 18.50
N LEU C 670 24.59 56.23 19.66
CA LEU C 670 25.34 56.57 20.86
C LEU C 670 26.23 55.41 21.28
N ASN C 671 25.72 54.19 21.18
CA ASN C 671 26.46 53.01 21.59
C ASN C 671 27.65 52.73 20.68
N ASN C 672 27.62 53.21 19.44
CA ASN C 672 28.83 53.24 18.65
C ASN C 672 29.79 54.30 19.18
N ILE C 673 29.27 55.47 19.54
CA ILE C 673 30.12 56.61 19.90
C ILE C 673 30.70 56.43 21.29
N ILE C 674 29.85 56.11 22.28
CA ILE C 674 30.27 56.10 23.67
C ILE C 674 31.23 54.95 23.96
N SER C 675 31.04 53.81 23.30
CA SER C 675 31.90 52.65 23.53
C SER C 675 33.33 52.83 23.03
N ARG C 676 33.60 53.85 22.21
CA ARG C 676 34.95 54.14 21.77
C ARG C 676 35.57 55.30 22.54
N THR C 677 34.86 55.88 23.50
CA THR C 677 35.39 56.99 24.28
C THR C 677 35.38 56.76 25.79
N THR C 678 34.59 55.82 26.29
CA THR C 678 34.47 55.53 27.71
C THR C 678 34.77 54.06 27.97
N ASP C 679 34.48 53.63 29.21
CA ASP C 679 34.62 52.22 29.56
C ASP C 679 33.49 51.38 28.98
N GLY C 680 32.38 52.00 28.61
CA GLY C 680 31.21 51.28 28.14
C GLY C 680 29.95 52.02 28.58
N VAL C 681 28.84 51.31 28.49
CA VAL C 681 27.53 51.87 28.84
C VAL C 681 27.06 51.21 30.14
N TYR C 682 26.46 52.02 31.02
CA TYR C 682 25.92 51.49 32.27
C TYR C 682 24.45 51.12 32.12
N GLU C 683 23.61 52.10 31.75
CA GLU C 683 22.18 51.88 31.71
C GLU C 683 21.56 52.91 30.79
N GLY C 684 21.04 52.45 29.65
CA GLY C 684 20.47 53.35 28.68
C GLY C 684 19.20 52.79 28.09
N VAL C 685 18.21 53.65 27.87
CA VAL C 685 16.89 53.21 27.46
C VAL C 685 16.19 54.32 26.69
N ALA C 686 15.56 53.96 25.58
CA ALA C 686 14.73 54.88 24.81
C ALA C 686 13.30 54.85 25.36
N ILE C 687 12.57 55.94 25.18
CA ILE C 687 11.19 55.99 25.68
C ILE C 687 10.15 55.79 24.58
N GLY C 688 10.33 56.42 23.43
CA GLY C 688 9.33 56.27 22.37
C GLY C 688 9.19 57.48 21.48
N GLY C 689 8.74 57.26 20.25
CA GLY C 689 8.68 58.31 19.26
C GLY C 689 7.28 58.79 18.97
N ASP C 690 6.34 58.43 19.83
CA ASP C 690 4.96 58.86 19.70
C ASP C 690 4.81 60.34 20.08
N ARG C 691 3.57 60.84 19.94
CA ARG C 691 3.28 62.17 20.46
C ARG C 691 3.23 62.21 21.97
N TYR C 692 2.74 61.14 22.61
CA TYR C 692 2.61 61.08 24.06
C TYR C 692 3.51 59.96 24.58
N PRO C 693 4.69 60.31 25.09
CA PRO C 693 5.60 59.29 25.62
C PRO C 693 5.07 58.66 26.90
N GLY C 694 5.52 57.44 27.17
CA GLY C 694 5.08 56.74 28.36
C GLY C 694 5.62 57.33 29.64
N SER C 695 6.80 57.93 29.60
CA SER C 695 7.41 58.52 30.78
C SER C 695 8.24 59.72 30.34
N THR C 696 8.43 60.65 31.26
CA THR C 696 9.21 61.84 30.94
C THR C 696 10.70 61.54 30.99
N PHE C 697 11.50 62.56 30.67
CA PHE C 697 12.95 62.43 30.82
C PHE C 697 13.34 62.47 32.29
N MET C 698 12.54 63.17 33.10
CA MET C 698 12.91 63.42 34.49
C MET C 698 12.87 62.17 35.34
N ASP C 699 11.93 61.26 35.05
CA ASP C 699 11.69 60.09 35.88
C ASP C 699 12.88 59.13 35.94
N HIS C 700 13.67 59.07 34.88
CA HIS C 700 14.85 58.21 34.88
C HIS C 700 16.11 58.94 35.31
N VAL C 701 16.21 60.25 35.03
CA VAL C 701 17.43 60.96 35.40
C VAL C 701 17.44 61.32 36.89
N LEU C 702 16.29 61.41 37.55
CA LEU C 702 16.32 61.41 39.00
C LEU C 702 16.60 60.01 39.52
N ARG C 703 16.12 59.00 38.81
CA ARG C 703 16.45 57.62 39.15
C ARG C 703 17.91 57.33 38.84
N TYR C 704 18.46 57.97 37.80
CA TYR C 704 19.90 57.97 37.57
C TYR C 704 20.67 58.58 38.73
N GLN C 705 20.16 59.66 39.32
CA GLN C 705 20.77 60.25 40.50
C GLN C 705 20.70 59.32 41.70
N ASP C 706 19.63 58.53 41.80
CA ASP C 706 19.48 57.58 42.89
C ASP C 706 20.16 56.23 42.60
N THR C 707 20.89 56.10 41.50
CA THR C 707 21.70 54.93 41.27
C THR C 707 23.16 55.25 41.52
N PRO C 708 23.86 54.45 42.33
CA PRO C 708 25.24 54.79 42.68
C PRO C 708 26.25 54.49 41.59
N GLY C 709 25.93 53.57 40.66
CA GLY C 709 26.96 53.07 39.75
C GLY C 709 27.33 54.05 38.65
N VAL C 710 26.34 54.80 38.14
CA VAL C 710 26.64 55.82 37.14
C VAL C 710 27.42 56.96 37.77
N LYS C 711 28.31 57.54 36.97
CA LYS C 711 29.03 58.73 37.38
C LYS C 711 28.67 59.96 36.55
N MET C 712 27.92 59.80 35.46
CA MET C 712 27.47 60.93 34.67
C MET C 712 26.15 60.60 34.01
N ILE C 713 25.53 61.61 33.43
CA ILE C 713 24.25 61.51 32.74
C ILE C 713 24.39 62.16 31.38
N VAL C 714 24.04 61.43 30.32
CA VAL C 714 23.94 62.00 28.98
C VAL C 714 22.46 62.04 28.61
N VAL C 715 22.05 63.16 28.02
CA VAL C 715 20.66 63.39 27.63
C VAL C 715 20.63 63.67 26.13
N LEU C 716 19.61 63.17 25.45
CA LEU C 716 19.37 63.49 24.05
C LEU C 716 17.95 64.01 23.90
N GLY C 717 17.81 65.30 23.59
CA GLY C 717 16.51 65.94 23.50
C GLY C 717 16.07 66.17 22.07
N GLU C 718 14.78 66.44 21.91
CA GLU C 718 14.15 66.56 20.61
C GLU C 718 13.27 67.80 20.56
N ILE C 719 12.92 68.22 19.34
CA ILE C 719 12.07 69.39 19.17
C ILE C 719 10.63 69.04 19.53
N GLY C 720 9.94 69.96 20.19
CA GLY C 720 8.57 69.74 20.61
C GLY C 720 8.45 69.25 22.03
N GLY C 721 7.47 69.77 22.76
CA GLY C 721 7.28 69.39 24.14
C GLY C 721 8.09 70.23 25.11
N THR C 722 7.47 70.64 26.21
CA THR C 722 8.13 71.47 27.23
C THR C 722 8.78 70.60 28.31
N GLU C 723 9.59 69.64 27.90
CA GLU C 723 10.16 68.69 28.84
C GLU C 723 11.54 69.10 29.33
N GLU C 724 12.43 69.50 28.41
CA GLU C 724 13.83 69.78 28.75
C GLU C 724 13.97 71.02 29.64
N TYR C 725 12.97 71.89 29.66
CA TYR C 725 12.97 72.98 30.62
C TYR C 725 12.80 72.48 32.05
N LYS C 726 12.16 71.33 32.27
CA LYS C 726 12.10 70.76 33.61
C LYS C 726 13.46 70.27 34.06
N ILE C 727 14.20 69.62 33.17
CA ILE C 727 15.59 69.28 33.43
C ILE C 727 16.42 70.54 33.61
N CYS C 728 16.13 71.58 32.82
CA CYS C 728 16.73 72.88 33.04
C CYS C 728 16.33 73.44 34.41
N ARG C 729 15.06 73.32 34.78
CA ARG C 729 14.66 73.71 36.12
C ARG C 729 15.14 72.71 37.16
N GLY C 730 15.43 71.47 36.75
CA GLY C 730 15.96 70.48 37.67
C GLY C 730 17.40 70.77 38.06
N ILE C 731 18.20 71.28 37.13
CA ILE C 731 19.57 71.65 37.48
C ILE C 731 19.60 73.04 38.11
N LYS C 732 18.61 73.89 37.83
CA LYS C 732 18.53 75.18 38.51
C LYS C 732 18.04 75.04 39.95
N GLU C 733 17.30 73.99 40.26
CA GLU C 733 16.86 73.77 41.63
C GLU C 733 17.85 72.96 42.45
N GLY C 734 19.00 72.63 41.89
CA GLY C 734 19.98 71.84 42.60
C GLY C 734 19.68 70.36 42.69
N ARG C 735 18.63 69.89 42.02
CA ARG C 735 18.31 68.47 42.03
C ARG C 735 19.35 67.68 41.25
N LEU C 736 19.80 68.22 40.12
CA LEU C 736 20.83 67.58 39.30
C LEU C 736 22.19 67.95 39.87
N THR C 737 22.88 66.97 40.44
CA THR C 737 24.25 67.14 40.91
C THR C 737 25.26 66.39 40.06
N LYS C 738 24.86 65.32 39.40
CA LYS C 738 25.75 64.56 38.55
C LYS C 738 26.07 65.34 37.28
N PRO C 739 27.14 64.98 36.57
CA PRO C 739 27.41 65.60 35.27
C PRO C 739 26.31 65.33 34.26
N ILE C 740 25.77 66.41 33.68
CA ILE C 740 24.70 66.35 32.70
C ILE C 740 25.23 66.86 31.36
N VAL C 741 24.98 66.11 30.30
CA VAL C 741 25.30 66.53 28.94
C VAL C 741 24.04 66.33 28.11
N CYS C 742 23.56 67.41 27.50
CA CYS C 742 22.35 67.36 26.69
C CYS C 742 22.58 67.97 25.32
N TRP C 743 21.62 67.73 24.44
CA TRP C 743 21.61 68.26 23.08
C TRP C 743 20.19 68.14 22.58
N CYS C 744 19.74 69.11 21.81
CA CYS C 744 18.44 69.02 21.16
C CYS C 744 18.66 68.89 19.66
N ILE C 745 17.94 67.97 19.03
CA ILE C 745 18.16 67.69 17.63
C ILE C 745 17.34 68.65 16.78
N GLY C 746 17.83 68.92 15.58
CA GLY C 746 17.03 69.50 14.53
C GLY C 746 16.55 70.92 14.71
N THR C 747 17.45 71.91 14.63
CA THR C 747 17.02 73.30 14.62
C THR C 747 16.23 73.60 13.35
N CYS C 748 16.91 73.55 12.20
CA CYS C 748 16.37 73.49 10.82
C CYS C 748 15.31 74.57 10.57
N ALA C 749 15.54 75.76 11.09
CA ALA C 749 14.54 76.82 11.06
C ALA C 749 14.63 77.62 9.77
N THR C 750 14.53 76.93 8.64
CA THR C 750 14.65 77.57 7.34
C THR C 750 13.46 77.21 6.44
N GLN C 767 4.20 79.70 19.61
CA GLN C 767 5.08 79.90 20.76
C GLN C 767 6.52 79.57 20.39
N ALA C 768 7.47 80.21 21.07
CA ALA C 768 8.89 79.94 20.90
C ALA C 768 9.42 78.92 21.90
N SER C 769 8.56 78.32 22.70
CA SER C 769 8.96 77.31 23.67
C SER C 769 8.97 75.91 23.08
N GLU C 770 8.48 75.74 21.85
CA GLU C 770 8.43 74.44 21.20
C GLU C 770 9.53 74.24 20.17
N THR C 771 10.34 75.25 19.89
CA THR C 771 11.36 75.10 18.87
C THR C 771 12.62 74.48 19.46
N ALA C 772 13.51 74.04 18.57
CA ALA C 772 14.81 73.55 18.99
C ALA C 772 15.77 74.69 19.30
N VAL C 773 15.41 75.92 18.91
CA VAL C 773 16.31 77.06 19.07
C VAL C 773 16.49 77.41 20.53
N ALA C 774 15.40 77.79 21.19
CA ALA C 774 15.46 78.26 22.60
C ALA C 774 15.87 77.15 23.55
N LYS C 775 15.58 75.89 23.19
CA LYS C 775 16.04 74.77 24.00
C LYS C 775 17.56 74.61 23.94
N ASN C 776 18.19 75.09 22.86
CA ASN C 776 19.64 75.03 22.77
C ASN C 776 20.30 76.09 23.64
N GLN C 777 19.65 77.26 23.83
CA GLN C 777 20.29 78.28 24.64
C GLN C 777 19.83 78.26 26.09
N ALA C 778 18.55 77.96 26.38
CA ALA C 778 18.08 78.03 27.76
C ALA C 778 18.71 76.94 28.61
N LEU C 779 18.92 75.76 28.04
CA LEU C 779 19.69 74.71 28.70
C LEU C 779 21.17 75.08 28.81
N LYS C 780 21.67 75.96 27.94
CA LYS C 780 23.12 76.18 27.86
C LYS C 780 23.66 76.97 29.04
N GLU C 781 23.03 78.08 29.41
CA GLU C 781 23.51 78.86 30.54
C GLU C 781 22.89 78.43 31.86
N ALA C 782 22.32 77.22 31.92
CA ALA C 782 22.04 76.60 33.21
C ALA C 782 23.26 75.93 33.80
N GLY C 783 24.30 75.69 33.00
CA GLY C 783 25.48 74.98 33.44
C GLY C 783 25.70 73.64 32.76
N VAL C 784 25.25 73.46 31.53
CA VAL C 784 25.26 72.17 30.85
C VAL C 784 26.32 72.21 29.77
N PHE C 785 27.15 71.17 29.70
CA PHE C 785 27.98 70.95 28.53
C PHE C 785 27.09 70.74 27.33
N VAL C 786 27.17 71.66 26.36
CA VAL C 786 26.26 71.61 25.22
C VAL C 786 27.06 71.53 23.93
N PRO C 787 26.88 70.49 23.12
CA PRO C 787 27.47 70.47 21.78
C PRO C 787 26.83 71.49 20.85
N ARG C 788 27.66 71.99 19.92
CA ARG C 788 27.19 72.96 18.95
C ARG C 788 26.78 72.30 17.64
N SER C 789 27.23 71.07 17.41
CA SER C 789 26.85 70.30 16.23
C SER C 789 26.71 68.84 16.64
N PHE C 790 26.47 67.98 15.65
CA PHE C 790 26.38 66.55 15.92
C PHE C 790 27.73 65.88 15.72
N ASP C 791 28.57 66.44 14.85
CA ASP C 791 29.94 65.96 14.68
C ASP C 791 30.80 66.21 15.91
N GLU C 792 30.51 67.27 16.66
CA GLU C 792 31.24 67.57 17.88
C GLU C 792 30.73 66.81 19.08
N LEU C 793 29.63 66.07 18.92
CA LEU C 793 29.00 65.39 20.05
C LEU C 793 29.88 64.26 20.56
N GLY C 794 30.70 63.68 19.68
CA GLY C 794 31.72 62.75 20.11
C GLY C 794 32.81 63.38 20.95
N GLU C 795 33.13 64.65 20.71
CA GLU C 795 34.17 65.31 21.49
C GLU C 795 33.65 65.83 22.82
N ILE C 796 32.35 66.14 22.90
CA ILE C 796 31.76 66.61 24.14
C ILE C 796 31.80 65.53 25.21
N ILE C 797 31.41 64.31 24.84
CA ILE C 797 31.49 63.19 25.77
C ILE C 797 32.93 62.79 26.00
N GLN C 798 33.81 62.97 25.00
CA GLN C 798 35.23 62.72 25.15
C GLN C 798 35.86 63.68 26.17
N SER C 799 35.50 64.96 26.09
CA SER C 799 36.05 65.96 26.98
C SER C 799 35.58 65.75 28.41
N VAL C 800 34.29 65.50 28.61
CA VAL C 800 33.75 65.39 29.97
C VAL C 800 34.21 64.08 30.62
N TYR C 801 34.51 63.06 29.80
CA TYR C 801 35.03 61.82 30.37
C TYR C 801 36.48 61.99 30.82
N GLU C 802 37.23 62.85 30.13
CA GLU C 802 38.59 63.17 30.56
C GLU C 802 38.59 63.93 31.89
N ASP C 803 37.58 64.78 32.10
CA ASP C 803 37.49 65.52 33.36
C ASP C 803 37.04 64.61 34.50
N LEU C 804 36.16 63.66 34.21
CA LEU C 804 35.65 62.74 35.22
C LEU C 804 36.64 61.66 35.59
N VAL C 805 37.70 61.47 34.81
CA VAL C 805 38.79 60.59 35.21
C VAL C 805 39.97 61.36 35.77
N ALA C 806 39.96 62.69 35.71
CA ALA C 806 41.07 63.47 36.24
C ALA C 806 41.09 63.44 37.77
N ASN C 807 39.93 63.50 38.41
CA ASN C 807 39.83 63.37 39.86
C ASN C 807 39.78 61.92 40.32
N GLY C 808 39.75 60.97 39.39
CA GLY C 808 39.81 59.57 39.75
C GLY C 808 38.55 58.99 40.35
N VAL C 809 37.40 59.63 40.14
CA VAL C 809 36.14 59.06 40.61
C VAL C 809 35.69 57.92 39.69
N ILE C 810 36.10 57.94 38.43
CA ILE C 810 35.92 56.82 37.52
C ILE C 810 37.24 56.07 37.46
N VAL C 811 37.28 54.87 38.05
CA VAL C 811 38.47 54.04 38.01
C VAL C 811 38.46 53.28 36.69
N PRO C 812 39.62 53.05 36.06
CA PRO C 812 39.64 52.31 34.80
C PRO C 812 39.37 50.82 35.00
N ALA C 813 38.29 50.32 34.40
CA ALA C 813 37.94 48.92 34.55
C ALA C 813 38.76 48.05 33.60
N GLN C 814 39.05 46.84 34.05
CA GLN C 814 39.79 45.89 33.23
C GLN C 814 38.83 45.15 32.29
N GLU C 815 39.39 44.63 31.19
CA GLU C 815 38.59 43.83 30.26
C GLU C 815 38.79 42.35 30.56
N VAL C 816 37.70 41.59 30.50
CA VAL C 816 37.74 40.13 30.57
C VAL C 816 37.12 39.63 29.27
N PRO C 817 37.74 38.71 28.55
CA PRO C 817 37.20 38.28 27.25
C PRO C 817 35.97 37.42 27.42
N PRO C 818 34.99 37.55 26.53
CA PRO C 818 33.66 37.00 26.79
C PRO C 818 33.55 35.58 26.27
N PRO C 819 32.51 34.83 26.68
CA PRO C 819 32.22 33.55 26.03
C PRO C 819 31.76 33.76 24.60
N THR C 820 32.20 32.87 23.71
CA THR C 820 31.82 32.92 22.31
C THR C 820 30.70 31.91 22.05
N VAL C 821 29.73 32.32 21.24
CA VAL C 821 28.44 31.65 21.12
C VAL C 821 28.14 31.34 19.66
N PRO C 822 27.58 30.17 19.34
CA PRO C 822 27.10 29.92 17.98
C PRO C 822 25.81 30.69 17.73
N MET C 823 25.65 31.20 16.51
CA MET C 823 24.57 32.16 16.27
C MET C 823 23.17 31.56 16.05
N ASP C 824 22.93 30.86 14.94
CA ASP C 824 21.81 30.04 14.46
C ASP C 824 22.15 29.63 13.04
N TYR C 825 21.34 28.71 12.50
CA TYR C 825 21.55 28.34 11.11
C TYR C 825 20.77 29.22 10.15
N SER C 826 19.44 29.23 10.31
CA SER C 826 18.55 29.84 9.33
C SER C 826 18.76 31.34 9.23
N TRP C 827 19.21 31.98 10.30
CA TRP C 827 19.64 33.37 10.17
C TRP C 827 20.94 33.48 9.42
N ALA C 828 21.90 32.61 9.72
CA ALA C 828 23.24 32.77 9.15
C ALA C 828 23.26 32.38 7.69
N ARG C 829 22.37 31.47 7.30
CA ARG C 829 22.30 31.16 5.87
C ARG C 829 21.59 32.26 5.10
N GLU C 830 20.77 33.06 5.76
CA GLU C 830 19.97 34.06 5.07
C GLU C 830 20.82 35.17 4.50
N LEU C 831 21.83 35.61 5.26
CA LEU C 831 22.77 36.57 4.73
C LEU C 831 23.98 35.90 4.11
N GLY C 832 23.89 34.59 3.84
CA GLY C 832 24.70 33.92 2.85
C GLY C 832 26.18 33.84 3.14
N LEU C 833 26.58 33.07 4.14
CA LEU C 833 27.99 32.93 4.41
C LEU C 833 28.48 31.49 4.52
N ILE C 834 27.63 30.47 4.42
CA ILE C 834 28.18 29.17 4.77
C ILE C 834 28.39 28.22 3.58
N ARG C 835 27.34 27.51 3.11
CA ARG C 835 27.07 26.81 1.85
C ARG C 835 25.94 25.86 2.22
N LYS C 836 25.43 25.06 1.27
CA LYS C 836 24.87 23.73 1.56
C LYS C 836 24.72 22.96 0.26
N PRO C 837 25.12 21.70 0.21
CA PRO C 837 24.77 20.85 -0.93
C PRO C 837 23.28 20.57 -0.95
N ALA C 838 22.77 20.20 -2.12
CA ALA C 838 21.33 20.11 -2.31
C ALA C 838 20.95 18.80 -2.98
N SER C 839 20.12 18.01 -2.30
CA SER C 839 19.46 16.86 -2.87
C SER C 839 18.17 17.32 -3.52
N PHE C 840 17.28 16.37 -3.85
CA PHE C 840 15.87 16.64 -4.20
C PHE C 840 15.75 17.56 -5.42
N MET C 841 16.08 17.02 -6.59
CA MET C 841 16.18 17.83 -7.80
C MET C 841 14.85 18.49 -8.18
N THR C 842 13.79 17.68 -8.38
CA THR C 842 12.36 18.04 -8.56
C THR C 842 12.08 19.28 -9.43
N SER C 843 12.31 19.12 -10.73
CA SER C 843 12.06 20.19 -11.69
C SER C 843 10.59 20.16 -12.14
N ILE C 844 9.71 20.46 -11.19
CA ILE C 844 8.28 20.66 -11.49
C ILE C 844 7.68 21.47 -10.35
N CYS C 845 6.76 22.37 -10.71
CA CYS C 845 5.80 23.00 -9.81
C CYS C 845 6.50 23.84 -8.73
N ASP C 846 7.07 24.96 -9.18
CA ASP C 846 7.45 26.03 -8.26
C ASP C 846 6.26 26.46 -7.45
N GLU C 847 6.35 26.34 -6.12
CA GLU C 847 5.22 26.64 -5.26
C GLU C 847 5.43 27.83 -4.36
N ARG C 848 6.66 28.28 -4.16
CA ARG C 848 6.84 29.44 -3.32
C ARG C 848 7.05 30.68 -4.17
N GLY C 849 6.65 31.82 -3.61
CA GLY C 849 6.44 33.02 -4.38
C GLY C 849 4.98 33.45 -4.29
N GLN C 850 4.48 34.02 -5.38
CA GLN C 850 3.12 34.52 -5.37
C GLN C 850 2.16 33.72 -6.24
N GLU C 851 2.65 33.08 -7.28
CA GLU C 851 1.80 32.30 -8.16
C GLU C 851 2.48 30.98 -8.43
N LEU C 852 1.70 29.90 -8.37
CA LEU C 852 2.24 28.57 -8.62
C LEU C 852 2.59 28.44 -10.10
N ILE C 853 3.86 28.40 -10.41
CA ILE C 853 4.30 28.21 -11.77
C ILE C 853 4.34 26.71 -12.03
N TYR C 854 3.80 26.29 -13.15
CA TYR C 854 3.94 24.91 -13.58
C TYR C 854 5.20 24.81 -14.42
N ALA C 855 5.33 23.74 -15.22
CA ALA C 855 6.58 23.41 -15.92
C ALA C 855 7.07 24.54 -16.83
N GLY C 856 6.15 25.36 -17.34
CA GLY C 856 6.58 26.58 -18.01
C GLY C 856 5.65 27.75 -17.82
N MET C 857 4.73 27.67 -16.85
CA MET C 857 3.61 28.58 -16.92
C MET C 857 2.96 28.82 -15.57
N PRO C 858 2.56 30.05 -15.26
CA PRO C 858 1.77 30.29 -14.05
C PRO C 858 0.38 29.71 -14.20
N ILE C 859 -0.32 29.65 -13.06
CA ILE C 859 -1.64 29.01 -12.99
C ILE C 859 -2.67 29.80 -13.79
N THR C 860 -2.67 31.13 -13.67
CA THR C 860 -3.71 31.92 -14.30
C THR C 860 -3.55 31.97 -15.81
N GLU C 861 -2.33 31.80 -16.31
CA GLU C 861 -2.10 31.79 -17.75
C GLU C 861 -2.62 30.53 -18.41
N VAL C 862 -2.87 29.47 -17.64
CA VAL C 862 -3.36 28.22 -18.20
C VAL C 862 -4.79 28.37 -18.70
N PHE C 863 -5.62 29.06 -17.92
CA PHE C 863 -7.02 29.22 -18.32
C PHE C 863 -7.21 30.32 -19.36
N LYS C 864 -6.21 31.17 -19.58
CA LYS C 864 -6.32 32.14 -20.66
C LYS C 864 -6.15 31.49 -22.02
N GLU C 865 -5.29 30.47 -22.11
CA GLU C 865 -5.35 29.58 -23.26
C GLU C 865 -6.52 28.61 -23.14
N GLU C 866 -6.96 28.36 -21.90
CA GLU C 866 -8.07 27.45 -21.56
C GLU C 866 -7.83 26.06 -22.14
N MET C 867 -6.74 25.43 -21.72
CA MET C 867 -6.53 24.04 -22.07
C MET C 867 -7.19 23.13 -21.04
N GLY C 868 -7.54 21.93 -21.47
CA GLY C 868 -8.13 20.95 -20.58
C GLY C 868 -7.09 20.31 -19.67
N ILE C 869 -7.52 19.28 -18.95
CA ILE C 869 -6.57 18.62 -18.06
C ILE C 869 -5.62 17.72 -18.81
N GLY C 870 -5.88 17.46 -20.10
CA GLY C 870 -4.81 16.98 -20.95
C GLY C 870 -3.69 17.99 -21.09
N GLY C 871 -4.03 19.28 -21.05
CA GLY C 871 -3.00 20.31 -21.12
C GLY C 871 -2.06 20.29 -19.93
N VAL C 872 -2.62 20.11 -18.72
CA VAL C 872 -1.71 19.94 -17.59
C VAL C 872 -1.09 18.55 -17.61
N LEU C 873 -1.70 17.59 -18.32
CA LEU C 873 -1.09 16.29 -18.44
C LEU C 873 0.11 16.32 -19.36
N GLY C 874 0.17 17.29 -20.26
CA GLY C 874 1.41 17.51 -20.98
C GLY C 874 2.46 18.14 -20.08
N LEU C 875 2.06 19.16 -19.31
CA LEU C 875 3.03 19.94 -18.55
C LEU C 875 3.61 19.16 -17.39
N LEU C 876 2.74 18.56 -16.57
CA LEU C 876 3.22 17.88 -15.37
C LEU C 876 3.93 16.57 -15.66
N TRP C 877 3.77 16.02 -16.86
CA TRP C 877 4.48 14.81 -17.20
C TRP C 877 5.62 15.01 -18.17
N PHE C 878 5.43 15.84 -19.18
CA PHE C 878 6.41 15.92 -20.24
C PHE C 878 7.09 17.27 -20.34
N GLN C 879 6.58 18.28 -19.60
CA GLN C 879 7.20 19.60 -19.46
C GLN C 879 7.33 20.34 -20.79
N LYS C 880 6.47 19.99 -21.75
CA LYS C 880 6.41 20.72 -23.00
C LYS C 880 4.99 21.23 -23.17
N ARG C 881 4.87 22.40 -23.79
CA ARG C 881 3.55 22.93 -24.11
C ARG C 881 2.96 22.08 -25.22
N LEU C 882 2.17 21.11 -24.86
CA LEU C 882 1.62 20.22 -25.87
C LEU C 882 0.46 20.90 -26.59
N PRO C 883 0.46 20.90 -27.92
CA PRO C 883 -0.60 21.60 -28.66
C PRO C 883 -1.95 20.90 -28.56
N LYS C 884 -3.00 21.72 -28.61
CA LYS C 884 -4.33 21.33 -28.20
C LYS C 884 -5.10 20.53 -29.25
N TYR C 885 -4.45 19.98 -30.26
CA TYR C 885 -5.10 18.93 -31.03
C TYR C 885 -4.88 17.57 -30.40
N SER C 886 -3.78 17.41 -29.66
CA SER C 886 -3.44 16.17 -28.98
C SER C 886 -3.74 16.21 -27.49
N CYS C 887 -3.90 17.40 -26.92
CA CYS C 887 -4.45 17.54 -25.58
C CYS C 887 -5.81 16.85 -25.46
N GLN C 888 -6.65 17.01 -26.48
CA GLN C 888 -7.93 16.31 -26.50
C GLN C 888 -7.77 14.84 -26.83
N PHE C 889 -6.61 14.41 -27.32
CA PHE C 889 -6.42 12.99 -27.55
C PHE C 889 -6.15 12.26 -26.25
N ILE C 890 -5.23 12.79 -25.43
CA ILE C 890 -4.87 12.08 -24.20
C ILE C 890 -5.98 12.24 -23.17
N GLU C 891 -6.81 13.26 -23.29
CA GLU C 891 -8.03 13.32 -22.50
C GLU C 891 -9.01 12.25 -22.97
N MET C 892 -9.12 12.06 -24.27
CA MET C 892 -9.95 10.99 -24.80
C MET C 892 -9.33 9.63 -24.53
N CYS C 893 -8.02 9.59 -24.29
CA CYS C 893 -7.34 8.31 -24.16
C CYS C 893 -7.62 7.67 -22.81
N LEU C 894 -7.62 8.46 -21.74
CA LEU C 894 -7.98 7.88 -20.45
C LEU C 894 -9.48 7.80 -20.25
N MET C 895 -10.26 8.47 -21.10
CA MET C 895 -11.71 8.38 -21.00
C MET C 895 -12.23 7.03 -21.44
N VAL C 896 -11.49 6.31 -22.29
CA VAL C 896 -11.92 4.99 -22.73
C VAL C 896 -11.25 3.86 -21.98
N THR C 897 -10.20 4.15 -21.21
CA THR C 897 -9.55 3.17 -20.36
C THR C 897 -9.99 3.33 -18.92
N ALA C 898 -11.27 3.60 -18.72
CA ALA C 898 -11.86 3.66 -17.40
C ALA C 898 -12.07 2.24 -16.88
N ASP C 899 -12.90 2.11 -15.86
CA ASP C 899 -13.23 0.81 -15.27
C ASP C 899 -13.88 -0.12 -16.30
N HIS C 900 -13.70 -1.42 -16.08
CA HIS C 900 -13.97 -2.45 -17.06
C HIS C 900 -14.82 -3.57 -16.45
N GLY C 901 -15.53 -3.26 -15.38
CA GLY C 901 -16.37 -4.25 -14.74
C GLY C 901 -15.72 -4.89 -13.53
N PRO C 902 -16.55 -5.34 -12.59
CA PRO C 902 -16.05 -5.83 -11.31
C PRO C 902 -15.46 -7.22 -11.34
N ALA C 903 -15.34 -7.85 -12.49
CA ALA C 903 -14.78 -9.19 -12.49
C ALA C 903 -13.27 -9.17 -12.41
N VAL C 904 -12.65 -8.14 -12.96
CA VAL C 904 -11.22 -8.16 -13.21
C VAL C 904 -10.48 -8.06 -11.89
N SER C 905 -9.33 -8.72 -11.80
CA SER C 905 -8.60 -8.85 -10.54
C SER C 905 -8.03 -7.54 -10.03
N GLY C 906 -8.06 -6.48 -10.84
CA GLY C 906 -7.79 -5.17 -10.29
C GLY C 906 -8.94 -4.67 -9.44
N ALA C 907 -10.12 -4.59 -10.02
CA ALA C 907 -11.26 -4.06 -9.28
C ALA C 907 -11.79 -5.02 -8.24
N HIS C 908 -11.38 -6.28 -8.28
CA HIS C 908 -11.89 -7.26 -7.34
C HIS C 908 -11.32 -7.07 -5.95
N ASN C 909 -10.08 -6.60 -5.85
CA ASN C 909 -9.54 -6.32 -4.52
C ASN C 909 -10.24 -5.14 -3.88
N THR C 910 -10.49 -4.08 -4.65
CA THR C 910 -10.96 -2.86 -4.00
C THR C 910 -12.43 -2.94 -3.64
N ILE C 911 -13.14 -3.96 -4.09
CA ILE C 911 -14.44 -4.23 -3.48
C ILE C 911 -14.25 -4.89 -2.13
N ILE C 912 -13.26 -5.78 -1.99
CA ILE C 912 -13.08 -6.52 -0.75
C ILE C 912 -12.65 -5.58 0.36
N CYS C 913 -11.70 -4.70 0.07
CA CYS C 913 -11.30 -3.69 1.03
C CYS C 913 -12.35 -2.59 1.18
N ALA C 914 -13.41 -2.63 0.38
CA ALA C 914 -14.56 -1.77 0.66
C ALA C 914 -15.53 -2.45 1.59
N ARG C 915 -15.72 -3.76 1.43
CA ARG C 915 -16.65 -4.46 2.30
C ARG C 915 -16.12 -4.57 3.71
N ALA C 916 -14.81 -4.63 3.88
CA ALA C 916 -14.22 -4.52 5.21
C ALA C 916 -14.32 -3.13 5.78
N GLY C 917 -14.66 -2.12 4.97
CA GLY C 917 -15.03 -0.81 5.47
C GLY C 917 -13.90 0.01 6.02
N LYS C 918 -12.79 0.11 5.30
CA LYS C 918 -11.66 0.85 5.84
C LYS C 918 -11.86 2.36 5.71
N ASP C 919 -11.76 2.87 4.49
CA ASP C 919 -12.04 4.25 4.10
C ASP C 919 -11.96 4.29 2.58
N LEU C 920 -11.90 5.49 2.01
CA LEU C 920 -11.63 5.58 0.59
C LEU C 920 -10.17 5.25 0.27
N VAL C 921 -9.24 6.00 0.84
CA VAL C 921 -7.91 6.06 0.22
C VAL C 921 -7.00 4.96 0.69
N SER C 922 -7.35 4.24 1.75
CA SER C 922 -6.63 3.01 2.01
C SER C 922 -7.28 1.83 1.29
N SER C 923 -8.40 2.05 0.63
CA SER C 923 -9.03 1.03 -0.17
C SER C 923 -9.04 1.36 -1.65
N LEU C 924 -8.53 2.53 -2.01
CA LEU C 924 -8.10 2.74 -3.37
C LEU C 924 -6.72 2.16 -3.57
N THR C 925 -5.86 2.31 -2.59
CA THR C 925 -4.47 1.92 -2.72
C THR C 925 -4.25 0.43 -2.61
N SER C 926 -5.25 -0.33 -2.18
CA SER C 926 -5.12 -1.76 -2.30
C SER C 926 -5.33 -2.19 -3.74
N GLY C 927 -6.12 -1.43 -4.47
CA GLY C 927 -6.47 -1.82 -5.83
C GLY C 927 -5.45 -1.47 -6.87
N LEU C 928 -4.70 -0.39 -6.68
CA LEU C 928 -3.65 -0.11 -7.65
C LEU C 928 -2.43 -0.99 -7.46
N LEU C 929 -2.42 -1.87 -6.48
CA LEU C 929 -1.27 -2.73 -6.24
C LEU C 929 -1.21 -3.89 -7.19
N THR C 930 -2.27 -4.14 -7.94
CA THR C 930 -2.29 -5.30 -8.80
C THR C 930 -1.90 -4.98 -10.23
N ILE C 931 -1.65 -3.72 -10.57
CA ILE C 931 -1.20 -3.40 -11.92
C ILE C 931 0.26 -3.80 -12.02
N GLY C 932 0.51 -4.91 -12.72
CA GLY C 932 1.84 -5.46 -12.75
C GLY C 932 2.20 -6.12 -14.05
N ASP C 933 2.70 -7.35 -14.00
CA ASP C 933 3.16 -8.02 -15.21
C ASP C 933 2.25 -9.15 -15.65
N ARG C 934 1.09 -9.33 -15.01
CA ARG C 934 0.11 -10.27 -15.52
C ARG C 934 -1.31 -9.72 -15.53
N PHE C 935 -1.51 -8.46 -15.16
CA PHE C 935 -2.75 -7.76 -15.44
C PHE C 935 -2.43 -6.29 -15.69
N GLY C 936 -3.03 -5.74 -16.75
CA GLY C 936 -3.12 -4.31 -16.92
C GLY C 936 -1.87 -3.61 -17.38
N GLY C 937 -0.71 -4.22 -17.24
CA GLY C 937 0.51 -3.72 -17.83
C GLY C 937 0.70 -4.16 -19.25
N ALA C 938 -0.35 -4.64 -19.90
CA ALA C 938 -0.30 -5.02 -21.31
C ALA C 938 -0.09 -3.83 -22.22
N LEU C 939 -0.31 -2.61 -21.74
CA LEU C 939 0.13 -1.42 -22.48
C LEU C 939 1.63 -1.46 -22.71
N ASP C 940 2.39 -1.70 -21.66
CA ASP C 940 3.85 -1.63 -21.75
C ASP C 940 4.42 -2.74 -22.61
N ALA C 941 3.74 -3.89 -22.69
CA ALA C 941 4.18 -4.90 -23.62
C ALA C 941 3.74 -4.62 -25.04
N ALA C 942 2.60 -3.95 -25.24
CA ALA C 942 2.12 -3.62 -26.59
C ALA C 942 2.67 -2.30 -27.10
N ALA C 943 3.72 -1.78 -26.48
CA ALA C 943 4.53 -0.74 -27.09
C ALA C 943 5.95 -1.20 -27.34
N LYS C 944 6.54 -1.92 -26.39
CA LYS C 944 7.92 -2.37 -26.54
C LYS C 944 8.05 -3.61 -27.39
N MET C 945 6.94 -4.23 -27.80
CA MET C 945 7.01 -5.29 -28.80
C MET C 945 6.97 -4.69 -30.20
N PHE C 946 6.40 -3.49 -30.33
CA PHE C 946 6.24 -2.89 -31.65
C PHE C 946 7.25 -1.79 -31.91
N SER C 947 7.63 -1.03 -30.88
CA SER C 947 8.62 0.02 -31.08
C SER C 947 10.00 -0.55 -31.34
N LYS C 948 10.28 -1.75 -30.82
CA LYS C 948 11.49 -2.44 -31.21
C LYS C 948 11.40 -2.94 -32.65
N ALA C 949 10.32 -3.65 -32.97
CA ALA C 949 10.16 -4.32 -34.25
C ALA C 949 9.68 -3.39 -35.36
N PHE C 950 9.79 -2.09 -35.18
CA PHE C 950 9.67 -1.17 -36.30
C PHE C 950 10.92 -0.34 -36.50
N ASP C 951 11.46 0.24 -35.43
CA ASP C 951 12.65 1.09 -35.57
C ASP C 951 13.87 0.28 -35.96
N SER C 952 14.07 -0.88 -35.35
CA SER C 952 15.04 -1.86 -35.81
C SER C 952 14.31 -2.97 -36.54
N GLY C 953 13.30 -2.59 -37.32
CA GLY C 953 12.23 -3.48 -37.69
C GLY C 953 12.50 -4.35 -38.91
N ILE C 954 11.48 -5.14 -39.21
CA ILE C 954 11.49 -6.13 -40.27
C ILE C 954 10.10 -6.10 -40.92
N ILE C 955 9.93 -6.87 -41.98
CA ILE C 955 8.64 -7.00 -42.69
C ILE C 955 7.58 -7.58 -41.78
N PRO C 956 6.30 -7.29 -42.03
CA PRO C 956 5.23 -7.88 -41.19
C PRO C 956 5.17 -9.41 -41.24
N MET C 957 5.23 -10.01 -42.42
CA MET C 957 5.17 -11.47 -42.48
C MET C 957 6.54 -12.12 -42.38
N GLU C 958 7.36 -11.62 -41.46
CA GLU C 958 8.42 -12.38 -40.79
C GLU C 958 8.47 -12.05 -39.31
N PHE C 959 7.96 -10.89 -38.89
CA PHE C 959 7.71 -10.59 -37.50
C PHE C 959 6.78 -11.63 -36.88
N VAL C 960 5.67 -11.92 -37.54
CA VAL C 960 4.76 -12.96 -37.07
C VAL C 960 5.41 -14.33 -37.18
N ASN C 961 6.21 -14.52 -38.24
CA ASN C 961 6.91 -15.79 -38.41
C ASN C 961 7.99 -15.99 -37.35
N LYS C 962 8.64 -14.91 -36.91
CA LYS C 962 9.66 -15.03 -35.88
C LYS C 962 9.05 -15.43 -34.54
N MET C 963 7.90 -14.83 -34.20
CA MET C 963 7.28 -15.11 -32.92
C MET C 963 6.69 -16.52 -32.88
N LYS C 964 6.12 -16.96 -34.00
CA LYS C 964 5.41 -18.24 -34.03
C LYS C 964 6.34 -19.40 -34.35
N LYS C 965 7.62 -19.23 -34.05
CA LYS C 965 8.55 -20.33 -33.87
C LYS C 965 9.15 -20.31 -32.47
N GLU C 966 8.61 -19.50 -31.56
CA GLU C 966 9.16 -19.36 -30.22
C GLU C 966 8.12 -19.46 -29.12
N GLY C 967 6.83 -19.38 -29.43
CA GLY C 967 5.82 -19.07 -28.43
C GLY C 967 5.52 -17.58 -28.46
N LYS C 968 5.57 -16.94 -27.28
CA LYS C 968 5.55 -15.50 -27.04
C LYS C 968 4.56 -14.70 -27.90
N LEU C 969 3.26 -14.91 -27.66
CA LEU C 969 2.19 -14.33 -28.46
C LEU C 969 2.23 -12.80 -28.41
N ILE C 970 1.69 -12.19 -29.48
CA ILE C 970 1.73 -10.75 -29.63
C ILE C 970 0.83 -10.10 -28.60
N MET C 971 1.41 -9.28 -27.73
CA MET C 971 0.62 -8.63 -26.70
C MET C 971 -0.17 -7.47 -27.28
N GLY C 972 -1.29 -7.16 -26.65
CA GLY C 972 -2.23 -6.21 -27.18
C GLY C 972 -3.20 -6.78 -28.19
N ILE C 973 -3.10 -8.07 -28.47
CA ILE C 973 -3.93 -8.74 -29.47
C ILE C 973 -4.51 -9.99 -28.85
N GLY C 974 -5.83 -10.12 -28.91
CA GLY C 974 -6.53 -11.26 -28.34
C GLY C 974 -7.78 -10.80 -27.64
N HIS C 975 -8.92 -11.36 -28.02
CA HIS C 975 -10.20 -10.88 -27.54
C HIS C 975 -11.19 -12.03 -27.66
N ARG C 976 -11.97 -12.25 -26.61
CA ARG C 976 -12.76 -13.46 -26.55
C ARG C 976 -14.10 -13.36 -27.26
N VAL C 977 -14.58 -12.16 -27.59
CA VAL C 977 -15.98 -12.05 -27.97
C VAL C 977 -16.17 -11.55 -29.40
N LYS C 978 -15.72 -10.32 -29.69
CA LYS C 978 -16.06 -9.66 -30.96
C LYS C 978 -14.77 -9.30 -31.67
N SER C 979 -14.49 -9.95 -32.81
CA SER C 979 -13.32 -9.54 -33.59
C SER C 979 -13.66 -9.14 -35.01
N ILE C 980 -14.20 -10.03 -35.81
CA ILE C 980 -14.26 -9.88 -37.25
C ILE C 980 -15.72 -9.88 -37.69
N ASN C 981 -16.07 -8.93 -38.56
CA ASN C 981 -17.42 -8.59 -39.06
C ASN C 981 -18.32 -8.07 -37.95
N ASN C 982 -17.75 -7.76 -36.79
CA ASN C 982 -18.42 -7.37 -35.57
C ASN C 982 -17.37 -6.71 -34.69
N PRO C 983 -17.09 -5.43 -34.90
CA PRO C 983 -15.95 -4.79 -34.25
C PRO C 983 -16.25 -4.46 -32.79
N ASP C 984 -15.22 -3.92 -32.13
CA ASP C 984 -15.27 -3.68 -30.70
C ASP C 984 -16.09 -2.45 -30.33
N MET C 985 -16.35 -1.58 -31.30
CA MET C 985 -17.17 -0.37 -31.26
C MET C 985 -16.57 0.73 -30.41
N ARG C 986 -15.43 0.50 -29.72
CA ARG C 986 -14.69 1.56 -29.07
C ARG C 986 -13.24 1.64 -29.52
N VAL C 987 -12.67 0.56 -30.05
CA VAL C 987 -11.36 0.67 -30.69
C VAL C 987 -11.49 1.42 -32.01
N GLN C 988 -12.71 1.49 -32.57
CA GLN C 988 -12.95 2.25 -33.78
C GLN C 988 -13.31 3.70 -33.47
N ILE C 989 -13.71 3.99 -32.23
CA ILE C 989 -13.88 5.37 -31.81
C ILE C 989 -12.56 6.10 -31.87
N LEU C 990 -11.50 5.47 -31.36
CA LEU C 990 -10.19 6.09 -31.45
C LEU C 990 -9.63 6.03 -32.87
N LYS C 991 -10.15 5.15 -33.72
CA LYS C 991 -9.52 4.88 -35.00
C LYS C 991 -9.68 6.05 -35.96
N ASP C 992 -10.81 6.76 -35.91
CA ASP C 992 -10.91 7.93 -36.76
C ASP C 992 -10.29 9.17 -36.12
N TYR C 993 -10.27 9.24 -34.79
CA TYR C 993 -9.69 10.40 -34.13
C TYR C 993 -8.18 10.41 -34.24
N VAL C 994 -7.58 9.24 -34.48
CA VAL C 994 -6.18 9.23 -34.84
C VAL C 994 -6.03 9.39 -36.35
N ARG C 995 -7.11 9.20 -37.10
CA ARG C 995 -7.01 9.39 -38.54
C ARG C 995 -7.10 10.85 -38.95
N GLN C 996 -7.76 11.71 -38.19
CA GLN C 996 -7.91 13.07 -38.67
C GLN C 996 -6.72 13.92 -38.28
N HIS C 997 -6.55 14.15 -36.99
CA HIS C 997 -5.62 15.16 -36.52
C HIS C 997 -4.28 14.56 -36.16
N PHE C 998 -3.69 13.77 -37.04
CA PHE C 998 -2.43 13.09 -36.73
C PHE C 998 -1.71 12.79 -38.01
N PRO C 999 -0.88 13.72 -38.49
CA PRO C 999 0.04 13.38 -39.58
C PRO C 999 1.16 12.50 -39.07
N ALA C 1000 1.84 11.85 -40.03
CA ALA C 1000 3.07 11.08 -39.82
C ALA C 1000 2.87 9.95 -38.81
N THR C 1001 2.08 8.97 -39.23
CA THR C 1001 1.85 7.80 -38.38
C THR C 1001 2.54 6.56 -38.95
N PRO C 1002 3.80 6.31 -38.61
CA PRO C 1002 4.46 5.10 -39.10
C PRO C 1002 4.00 3.85 -38.36
N LEU C 1003 3.84 3.96 -37.04
CA LEU C 1003 3.61 2.78 -36.22
C LEU C 1003 2.21 2.22 -36.43
N LEU C 1004 1.20 3.09 -36.48
CA LEU C 1004 -0.17 2.60 -36.51
C LEU C 1004 -0.51 1.99 -37.86
N ASP C 1005 0.06 2.54 -38.93
CA ASP C 1005 -0.10 1.89 -40.22
C ASP C 1005 0.75 0.62 -40.30
N TYR C 1006 1.83 0.57 -39.51
CA TYR C 1006 2.53 -0.70 -39.31
C TYR C 1006 1.77 -1.59 -38.34
N ALA C 1007 0.92 -1.00 -37.48
CA ALA C 1007 0.13 -1.82 -36.57
C ALA C 1007 -1.00 -2.53 -37.31
N LEU C 1008 -1.69 -1.81 -38.20
CA LEU C 1008 -2.78 -2.41 -38.97
C LEU C 1008 -2.30 -3.49 -39.92
N GLU C 1009 -1.06 -3.41 -40.39
CA GLU C 1009 -0.57 -4.43 -41.31
C GLU C 1009 -0.14 -5.69 -40.58
N VAL C 1010 0.07 -5.63 -39.27
CA VAL C 1010 0.23 -6.86 -38.51
C VAL C 1010 -1.15 -7.43 -38.23
N GLU C 1011 -2.19 -6.59 -38.25
CA GLU C 1011 -3.55 -7.08 -38.02
C GLU C 1011 -4.05 -7.89 -39.21
N LYS C 1012 -3.84 -7.39 -40.44
CA LYS C 1012 -4.47 -7.94 -41.64
C LYS C 1012 -3.97 -9.34 -41.95
N ILE C 1013 -2.70 -9.60 -41.68
CA ILE C 1013 -2.16 -10.94 -41.82
C ILE C 1013 -2.76 -11.87 -40.77
N THR C 1014 -2.98 -11.36 -39.57
CA THR C 1014 -3.43 -12.21 -38.47
C THR C 1014 -4.94 -12.43 -38.49
N THR C 1015 -5.70 -11.44 -38.96
CA THR C 1015 -7.15 -11.63 -39.10
C THR C 1015 -7.49 -12.68 -40.13
N SER C 1016 -6.64 -12.86 -41.15
CA SER C 1016 -6.80 -14.00 -42.03
C SER C 1016 -6.39 -15.29 -41.33
N LYS C 1017 -5.47 -15.21 -40.36
CA LYS C 1017 -4.99 -16.42 -39.70
C LYS C 1017 -6.00 -16.96 -38.70
N LYS C 1018 -6.72 -16.09 -38.01
CA LYS C 1018 -7.69 -16.51 -37.01
C LYS C 1018 -8.90 -15.58 -37.04
N PRO C 1019 -10.09 -16.08 -36.72
CA PRO C 1019 -11.26 -15.20 -36.68
C PRO C 1019 -11.26 -14.26 -35.50
N ASN C 1020 -10.44 -14.53 -34.49
CA ASN C 1020 -10.16 -13.59 -33.42
C ASN C 1020 -8.94 -12.74 -33.80
N LEU C 1021 -8.29 -12.16 -32.80
CA LEU C 1021 -7.00 -11.47 -32.90
C LEU C 1021 -7.10 -10.17 -33.68
N ILE C 1022 -7.99 -9.32 -33.28
CA ILE C 1022 -7.98 -7.92 -33.63
C ILE C 1022 -7.09 -7.19 -32.62
N LEU C 1023 -6.62 -6.00 -32.95
CA LEU C 1023 -5.98 -5.13 -31.97
C LEU C 1023 -6.95 -4.79 -30.84
N ASN C 1024 -6.53 -5.05 -29.61
CA ASN C 1024 -7.36 -4.72 -28.48
C ASN C 1024 -7.30 -3.23 -28.19
N VAL C 1025 -8.14 -2.78 -27.26
CA VAL C 1025 -8.13 -1.36 -26.90
C VAL C 1025 -6.85 -1.01 -26.17
N ASP C 1026 -6.26 -1.99 -25.47
CA ASP C 1026 -4.95 -1.77 -24.88
C ASP C 1026 -3.86 -1.86 -25.93
N GLY C 1027 -4.13 -2.57 -27.02
CA GLY C 1027 -3.14 -2.67 -28.08
C GLY C 1027 -3.00 -1.41 -28.90
N LEU C 1028 -4.12 -0.76 -29.20
CA LEU C 1028 -4.09 0.48 -29.99
C LEU C 1028 -3.44 1.61 -29.19
N ILE C 1029 -3.79 1.73 -27.92
CA ILE C 1029 -3.20 2.75 -27.07
C ILE C 1029 -1.73 2.46 -26.82
N GLY C 1030 -1.33 1.19 -26.90
CA GLY C 1030 0.08 0.86 -26.92
C GLY C 1030 0.83 1.42 -28.11
N VAL C 1031 0.12 1.70 -29.21
CA VAL C 1031 0.75 2.37 -30.34
C VAL C 1031 0.19 3.77 -30.64
N ALA C 1032 -1.06 4.06 -30.24
CA ALA C 1032 -1.57 5.41 -30.48
C ALA C 1032 -0.93 6.43 -29.58
N PHE C 1033 -0.34 6.00 -28.46
CA PHE C 1033 0.34 6.95 -27.60
C PHE C 1033 1.78 7.19 -28.04
N VAL C 1034 2.46 6.17 -28.57
CA VAL C 1034 3.81 6.43 -29.06
C VAL C 1034 3.76 7.10 -30.41
N ASP C 1035 2.64 6.97 -31.12
CA ASP C 1035 2.42 7.77 -32.32
C ASP C 1035 1.97 9.17 -31.98
N MET C 1036 1.63 9.42 -30.73
CA MET C 1036 1.40 10.80 -30.32
C MET C 1036 2.72 11.51 -30.11
N LEU C 1037 3.76 10.79 -29.68
CA LEU C 1037 5.00 11.44 -29.31
C LEU C 1037 5.82 11.83 -30.54
N ARG C 1038 6.25 10.85 -31.33
CA ARG C 1038 7.20 11.09 -32.40
C ARG C 1038 6.56 11.64 -33.67
N ASN C 1039 5.27 11.95 -33.63
CA ASN C 1039 4.61 12.68 -34.72
C ASN C 1039 4.33 14.12 -34.36
N CYS C 1040 4.04 14.41 -33.09
CA CYS C 1040 3.91 15.78 -32.66
C CYS C 1040 5.28 16.43 -32.56
N GLY C 1041 5.29 17.75 -32.50
CA GLY C 1041 6.51 18.49 -32.30
C GLY C 1041 6.98 18.44 -30.86
N SER C 1042 8.09 19.14 -30.61
CA SER C 1042 8.72 19.35 -29.30
C SER C 1042 9.20 18.08 -28.60
N PHE C 1043 9.17 16.95 -29.30
CA PHE C 1043 9.77 15.71 -28.81
C PHE C 1043 10.52 15.10 -29.97
N THR C 1044 11.85 15.02 -29.86
CA THR C 1044 12.59 14.71 -31.07
C THR C 1044 12.69 13.22 -31.34
N ARG C 1045 13.63 12.56 -30.68
CA ARG C 1045 13.73 11.10 -30.67
C ARG C 1045 14.24 10.60 -29.34
N GLU C 1046 14.46 11.47 -28.37
CA GLU C 1046 15.17 11.12 -27.15
C GLU C 1046 14.30 11.26 -25.93
N GLU C 1047 13.32 12.17 -25.95
CA GLU C 1047 12.26 12.15 -24.98
C GLU C 1047 11.10 11.29 -25.43
N ALA C 1048 11.13 10.83 -26.69
CA ALA C 1048 10.05 9.99 -27.19
C ALA C 1048 10.24 8.54 -26.76
N ASP C 1049 11.49 8.08 -26.69
CA ASP C 1049 11.72 6.68 -26.38
C ASP C 1049 11.96 6.46 -24.90
N GLU C 1050 12.63 7.40 -24.24
CA GLU C 1050 12.95 7.24 -22.83
C GLU C 1050 11.70 7.34 -21.96
N TYR C 1051 10.72 8.13 -22.40
CA TYR C 1051 9.52 8.27 -21.60
C TYR C 1051 8.60 7.07 -21.76
N ILE C 1052 8.83 6.25 -22.77
CA ILE C 1052 8.19 4.94 -22.78
C ILE C 1052 9.06 3.96 -22.03
N ASP C 1053 10.36 4.26 -21.88
CA ASP C 1053 11.26 3.33 -21.22
C ASP C 1053 11.11 3.43 -19.70
N ILE C 1054 10.89 4.63 -19.16
CA ILE C 1054 10.66 4.79 -17.73
C ILE C 1054 9.35 4.13 -17.32
N GLY C 1055 8.33 4.27 -18.14
CA GLY C 1055 7.08 3.62 -17.84
C GLY C 1055 5.96 4.61 -17.68
N ALA C 1056 6.05 5.76 -18.35
CA ALA C 1056 4.96 6.74 -18.31
C ALA C 1056 3.72 6.26 -19.02
N LEU C 1057 3.84 5.21 -19.84
CA LEU C 1057 2.67 4.61 -20.45
C LEU C 1057 1.82 3.88 -19.43
N ASN C 1058 2.44 3.30 -18.39
CA ASN C 1058 1.67 2.84 -17.24
C ASN C 1058 0.99 4.00 -16.53
N GLY C 1059 1.55 5.20 -16.65
CA GLY C 1059 0.95 6.36 -16.03
C GLY C 1059 -0.41 6.72 -16.61
N ILE C 1060 -0.64 6.42 -17.89
CA ILE C 1060 -1.97 6.64 -18.44
C ILE C 1060 -2.94 5.63 -17.87
N PHE C 1061 -2.47 4.42 -17.60
CA PHE C 1061 -3.37 3.37 -17.13
C PHE C 1061 -3.77 3.59 -15.68
N VAL C 1062 -2.80 3.71 -14.78
CA VAL C 1062 -3.16 3.81 -13.37
C VAL C 1062 -3.64 5.19 -12.99
N LEU C 1063 -3.63 6.14 -13.92
CA LEU C 1063 -4.48 7.29 -13.73
C LEU C 1063 -5.88 7.01 -14.23
N GLY C 1064 -6.01 6.11 -15.19
CA GLY C 1064 -7.31 5.88 -15.79
C GLY C 1064 -8.17 4.96 -14.95
N ARG C 1065 -7.62 3.79 -14.63
CA ARG C 1065 -8.32 2.81 -13.82
C ARG C 1065 -8.51 3.27 -12.38
N SER C 1066 -7.80 4.32 -11.96
CA SER C 1066 -8.01 4.87 -10.63
C SER C 1066 -9.34 5.57 -10.52
N MET C 1067 -9.85 6.17 -11.60
CA MET C 1067 -11.11 6.88 -11.47
C MET C 1067 -12.29 5.93 -11.46
N GLY C 1068 -12.09 4.71 -11.92
CA GLY C 1068 -13.16 3.73 -11.86
C GLY C 1068 -13.19 2.98 -10.56
N PHE C 1069 -12.03 2.79 -9.92
CA PHE C 1069 -11.97 2.06 -8.67
C PHE C 1069 -12.73 2.78 -7.58
N ILE C 1070 -12.57 4.10 -7.53
CA ILE C 1070 -13.35 4.89 -6.58
C ILE C 1070 -14.81 4.81 -6.95
N GLY C 1071 -15.12 4.80 -8.24
CA GLY C 1071 -16.49 4.59 -8.66
C GLY C 1071 -17.00 3.20 -8.34
N HIS C 1072 -16.11 2.21 -8.38
CA HIS C 1072 -16.45 0.92 -7.82
C HIS C 1072 -16.62 1.02 -6.31
N TYR C 1073 -15.80 1.85 -5.67
CA TYR C 1073 -15.81 1.91 -4.21
C TYR C 1073 -17.06 2.60 -3.69
N LEU C 1074 -17.41 3.76 -4.27
CA LEU C 1074 -18.57 4.53 -3.80
C LEU C 1074 -19.86 3.78 -4.00
N ASP C 1075 -19.92 2.95 -5.03
CA ASP C 1075 -21.07 2.06 -5.18
C ASP C 1075 -21.10 1.01 -4.08
N GLN C 1076 -19.93 0.52 -3.66
CA GLN C 1076 -19.89 -0.51 -2.64
C GLN C 1076 -20.08 0.02 -1.24
N LYS C 1077 -20.24 1.32 -1.07
CA LYS C 1077 -20.53 1.84 0.26
C LYS C 1077 -21.92 2.45 0.33
N ARG C 1078 -22.48 2.87 -0.80
CA ARG C 1078 -23.85 3.38 -0.77
C ARG C 1078 -24.84 2.27 -0.49
N LEU C 1079 -24.63 1.10 -1.07
CA LEU C 1079 -25.54 -0.02 -0.88
C LEU C 1079 -25.43 -0.67 0.49
N LYS C 1080 -24.42 -0.30 1.28
CA LYS C 1080 -24.24 -0.67 2.69
C LYS C 1080 -24.17 -2.19 2.87
N GLN C 1081 -23.15 -2.78 2.26
CA GLN C 1081 -22.98 -4.21 2.30
C GLN C 1081 -22.18 -4.62 3.54
N GLY C 1082 -22.30 -5.91 3.88
CA GLY C 1082 -21.57 -6.47 4.99
C GLY C 1082 -20.29 -7.16 4.57
N LEU C 1083 -19.62 -7.78 5.54
CA LEU C 1083 -18.30 -8.35 5.31
C LEU C 1083 -18.39 -9.60 4.46
N TYR C 1084 -17.45 -9.77 3.54
CA TYR C 1084 -17.41 -10.92 2.65
C TYR C 1084 -16.57 -12.02 3.25
N ARG C 1085 -16.85 -13.27 2.85
CA ARG C 1085 -16.31 -14.44 3.51
C ARG C 1085 -15.71 -15.49 2.56
N HIS C 1086 -16.14 -15.54 1.29
CA HIS C 1086 -15.66 -16.48 0.27
C HIS C 1086 -15.77 -17.94 0.71
N PRO C 1087 -16.96 -18.56 0.63
CA PRO C 1087 -17.25 -19.81 1.34
C PRO C 1087 -16.36 -21.00 1.00
N TRP C 1088 -16.41 -22.01 1.87
CA TRP C 1088 -15.42 -23.08 1.87
C TRP C 1088 -15.51 -23.98 0.65
N ASP C 1089 -16.66 -24.02 -0.01
CA ASP C 1089 -16.82 -24.98 -1.11
C ASP C 1089 -16.22 -24.49 -2.44
N ASP C 1090 -14.98 -24.02 -2.39
CA ASP C 1090 -14.12 -23.97 -3.55
C ASP C 1090 -12.69 -24.28 -3.18
N ILE C 1091 -12.40 -24.53 -1.90
CA ILE C 1091 -11.02 -24.43 -1.40
C ILE C 1091 -10.23 -25.70 -1.69
N SER C 1092 -10.71 -26.85 -1.19
CA SER C 1092 -10.10 -28.17 -1.42
C SER C 1092 -8.64 -28.21 -0.93
N TYR C 1093 -8.52 -28.19 0.39
CA TYR C 1093 -7.23 -28.21 1.08
C TYR C 1093 -6.38 -29.43 0.72
N VAL C 1094 -5.09 -29.20 0.50
CA VAL C 1094 -4.17 -30.20 -0.01
C VAL C 1094 -3.04 -30.39 1.01
N LEU C 1095 -3.40 -30.36 2.30
CA LEU C 1095 -2.42 -30.61 3.35
C LEU C 1095 -1.84 -32.02 3.22
N PRO C 1096 -0.56 -32.21 3.52
CA PRO C 1096 0.03 -33.56 3.42
C PRO C 1096 -0.38 -34.47 4.56
N GLU C 1097 0.25 -35.65 4.63
CA GLU C 1097 -0.20 -36.70 5.54
C GLU C 1097 0.09 -36.36 7.00
N HIS C 1098 1.38 -36.30 7.36
CA HIS C 1098 1.76 -36.09 8.76
C HIS C 1098 3.18 -35.55 8.81
N MET C 1099 3.42 -34.61 9.72
CA MET C 1099 4.72 -33.97 9.85
C MET C 1099 4.98 -33.53 11.28
N SER D 2 61.22 2.69 6.53
CA SER D 2 62.66 2.82 6.69
C SER D 2 63.34 1.46 6.67
N ALA D 3 64.64 1.45 6.42
CA ALA D 3 65.41 0.21 6.39
C ALA D 3 65.63 -0.26 7.82
N LYS D 4 64.83 -1.23 8.25
CA LYS D 4 64.92 -1.80 9.59
C LYS D 4 65.88 -2.97 9.56
N ALA D 5 66.77 -3.00 10.55
CA ALA D 5 67.76 -4.07 10.62
C ALA D 5 67.09 -5.37 11.04
N ILE D 6 67.59 -6.46 10.46
CA ILE D 6 67.05 -7.79 10.71
C ILE D 6 67.90 -8.45 11.78
N SER D 7 67.26 -9.18 12.69
CA SER D 7 67.97 -10.10 13.55
C SER D 7 68.65 -11.17 12.71
N GLU D 8 69.95 -11.40 12.99
CA GLU D 8 70.80 -12.20 12.10
C GLU D 8 70.43 -13.67 12.09
N GLN D 9 69.63 -14.13 13.07
CA GLN D 9 69.17 -15.51 13.09
C GLN D 9 68.20 -15.78 11.94
N THR D 10 67.12 -15.01 11.84
CA THR D 10 66.08 -15.30 10.86
C THR D 10 66.47 -14.87 9.45
N GLY D 11 67.40 -13.91 9.32
CA GLY D 11 67.93 -13.61 8.01
C GLY D 11 68.80 -14.72 7.47
N LYS D 12 69.47 -15.45 8.37
CA LYS D 12 70.22 -16.63 7.96
C LYS D 12 69.29 -17.78 7.58
N GLU D 13 68.11 -17.84 8.19
CA GLU D 13 67.13 -18.86 7.82
C GLU D 13 66.63 -18.62 6.40
N LEU D 14 66.25 -17.37 6.09
CA LEU D 14 65.77 -17.03 4.76
C LEU D 14 66.88 -17.01 3.72
N LEU D 15 68.15 -17.00 4.15
CA LEU D 15 69.26 -17.05 3.21
C LEU D 15 69.28 -18.38 2.47
N TYR D 16 69.41 -19.48 3.21
CA TYR D 16 69.47 -20.82 2.60
C TYR D 16 68.11 -21.26 2.07
N LYS D 17 67.03 -20.57 2.44
CA LYS D 17 65.69 -20.96 2.05
C LYS D 17 65.35 -20.55 0.62
N PHE D 18 65.89 -19.42 0.15
CA PHE D 18 65.48 -18.89 -1.14
C PHE D 18 66.62 -18.71 -2.14
N ILE D 19 67.87 -18.61 -1.68
CA ILE D 19 68.96 -18.32 -2.62
C ILE D 19 69.20 -19.56 -3.48
N CYS D 20 69.55 -19.32 -4.75
CA CYS D 20 69.68 -20.39 -5.72
CA CYS D 20 69.68 -20.39 -5.72
C CYS D 20 70.88 -20.08 -6.61
N THR D 21 71.83 -20.99 -6.65
CA THR D 21 73.02 -20.83 -7.47
C THR D 21 73.45 -22.21 -7.97
N THR D 22 74.49 -22.22 -8.79
CA THR D 22 74.97 -23.48 -9.34
C THR D 22 75.78 -24.27 -8.32
N SER D 23 76.58 -23.58 -7.50
CA SER D 23 77.39 -24.24 -6.49
C SER D 23 76.52 -24.71 -5.33
N ALA D 24 77.06 -25.63 -4.54
CA ALA D 24 76.31 -26.23 -3.44
C ALA D 24 76.29 -25.29 -2.25
N ILE D 25 75.08 -24.92 -1.80
CA ILE D 25 74.93 -24.19 -0.55
C ILE D 25 74.68 -25.19 0.58
N GLN D 26 75.68 -25.37 1.44
CA GLN D 26 75.56 -26.32 2.52
C GLN D 26 74.96 -25.65 3.76
N ASN D 27 74.87 -26.44 4.83
CA ASN D 27 74.34 -26.04 6.14
C ASN D 27 72.93 -25.46 6.02
N ARG D 28 72.07 -26.18 5.29
CA ARG D 28 70.67 -25.79 5.19
C ARG D 28 69.98 -25.98 6.55
N PHE D 29 69.42 -24.89 7.06
CA PHE D 29 68.66 -24.83 8.31
C PHE D 29 69.48 -25.24 9.53
N LYS D 30 70.80 -25.06 9.50
CA LYS D 30 71.64 -25.35 10.66
C LYS D 30 71.74 -24.08 11.50
N TYR D 31 70.65 -23.80 12.22
CA TYR D 31 70.52 -22.61 13.03
C TYR D 31 69.98 -23.02 14.40
N ALA D 32 70.40 -22.27 15.43
CA ALA D 32 69.98 -22.55 16.79
C ALA D 32 69.92 -21.26 17.59
N ARG D 33 69.02 -21.23 18.57
CA ARG D 33 68.74 -20.02 19.34
C ARG D 33 68.78 -20.33 20.83
N VAL D 34 69.30 -19.39 21.62
CA VAL D 34 69.27 -19.47 23.07
C VAL D 34 68.83 -18.13 23.64
N THR D 35 68.19 -18.19 24.81
CA THR D 35 67.70 -17.05 25.56
C THR D 35 67.64 -17.50 27.01
N PRO D 36 67.58 -16.55 27.95
CA PRO D 36 67.28 -16.94 29.35
C PRO D 36 65.94 -17.61 29.56
N ASP D 37 64.99 -17.53 28.62
CA ASP D 37 63.72 -18.22 28.72
C ASP D 37 63.62 -19.37 27.72
N THR D 38 64.70 -20.14 27.56
CA THR D 38 64.61 -21.46 26.94
C THR D 38 65.31 -22.46 27.85
N ASP D 39 64.83 -23.69 27.84
CA ASP D 39 65.44 -24.76 28.59
C ASP D 39 66.22 -25.68 27.66
N TRP D 40 67.35 -26.19 28.17
CA TRP D 40 68.33 -26.87 27.34
C TRP D 40 67.90 -28.26 26.88
N ALA D 41 66.81 -28.80 27.44
CA ALA D 41 66.39 -30.14 27.05
C ALA D 41 65.72 -30.16 25.68
N ARG D 42 65.13 -29.04 25.26
CA ARG D 42 64.36 -29.02 24.02
C ARG D 42 65.26 -28.90 22.80
N LEU D 43 66.16 -27.92 22.82
CA LEU D 43 67.04 -27.66 21.68
C LEU D 43 68.14 -28.70 21.52
N LEU D 44 68.49 -29.41 22.59
CA LEU D 44 69.52 -30.44 22.49
C LEU D 44 69.04 -31.64 21.69
N GLN D 45 67.75 -31.95 21.75
CA GLN D 45 67.18 -33.13 21.11
C GLN D 45 66.67 -32.85 19.71
N ASP D 46 66.05 -31.69 19.50
CA ASP D 46 65.48 -31.37 18.19
C ASP D 46 66.56 -31.01 17.18
N HIS D 47 67.69 -30.46 17.64
CA HIS D 47 68.76 -30.07 16.73
C HIS D 47 69.98 -30.94 17.01
N PRO D 48 70.10 -32.09 16.34
CA PRO D 48 71.14 -33.07 16.71
C PRO D 48 72.52 -32.75 16.16
N TRP D 49 72.64 -31.77 15.25
CA TRP D 49 73.90 -31.49 14.60
C TRP D 49 74.83 -30.59 15.42
N LEU D 50 74.44 -30.22 16.65
CA LEU D 50 75.35 -29.50 17.54
C LEU D 50 76.43 -30.41 18.10
N LEU D 51 76.07 -31.65 18.43
CA LEU D 51 76.87 -32.53 19.27
C LEU D 51 77.86 -33.39 18.48
N SER D 52 78.22 -32.98 17.27
CA SER D 52 79.12 -33.78 16.46
C SER D 52 80.32 -33.01 15.91
N GLN D 53 80.25 -31.69 15.86
CA GLN D 53 81.38 -30.87 15.41
C GLN D 53 81.51 -29.67 16.35
N ASN D 54 82.50 -28.83 16.08
CA ASN D 54 82.73 -27.62 16.84
C ASN D 54 81.60 -26.62 16.61
N LEU D 55 81.38 -25.75 17.60
CA LEU D 55 80.31 -24.78 17.57
C LEU D 55 80.86 -23.38 17.81
N VAL D 56 80.25 -22.37 17.19
CA VAL D 56 80.54 -20.97 17.48
C VAL D 56 79.24 -20.29 17.91
N VAL D 57 79.36 -19.32 18.80
CA VAL D 57 78.23 -18.62 19.39
C VAL D 57 78.51 -17.12 19.35
N LYS D 58 77.54 -16.35 18.84
CA LYS D 58 77.70 -14.92 18.62
C LYS D 58 76.44 -14.20 19.06
N PRO D 59 76.54 -12.95 19.53
CA PRO D 59 75.34 -12.25 20.01
C PRO D 59 74.48 -11.74 18.86
N ASP D 60 73.26 -12.28 18.77
CA ASP D 60 72.25 -11.82 17.82
C ASP D 60 71.38 -10.76 18.49
N GLN D 61 71.99 -9.59 18.70
CA GLN D 61 71.31 -8.45 19.30
C GLN D 61 71.74 -7.14 18.64
N LEU D 62 72.26 -7.24 17.41
CA LEU D 62 72.68 -6.11 16.57
C LEU D 62 73.74 -5.27 17.27
N ILE D 63 74.91 -5.87 17.40
CA ILE D 63 76.13 -5.20 17.82
C ILE D 63 77.15 -5.45 16.72
N LYS D 64 77.89 -4.42 16.32
CA LYS D 64 78.81 -4.53 15.20
C LYS D 64 80.25 -4.69 15.68
N ARG D 65 81.02 -5.46 14.89
CA ARG D 65 82.45 -5.73 15.10
C ARG D 65 82.71 -6.35 16.47
N ARG D 66 82.02 -7.47 16.72
CA ARG D 66 82.02 -8.07 18.04
C ARG D 66 83.23 -8.96 18.29
N GLY D 67 83.92 -9.39 17.23
CA GLY D 67 85.18 -10.09 17.43
C GLY D 67 86.25 -9.17 17.99
N LYS D 68 86.19 -7.89 17.60
CA LYS D 68 87.10 -6.89 18.17
C LYS D 68 86.65 -6.42 19.55
N LEU D 69 85.46 -6.82 20.01
CA LEU D 69 85.00 -6.52 21.36
C LEU D 69 85.15 -7.68 22.32
N GLY D 70 85.39 -8.89 21.82
CA GLY D 70 85.62 -10.03 22.70
C GLY D 70 84.39 -10.58 23.38
N LEU D 71 83.21 -10.43 22.76
CA LEU D 71 81.98 -10.99 23.29
C LEU D 71 81.43 -12.10 22.41
N VAL D 72 82.28 -12.72 21.60
CA VAL D 72 81.90 -13.84 20.74
C VAL D 72 82.53 -15.12 21.28
N GLY D 73 81.78 -16.22 21.19
CA GLY D 73 82.28 -17.51 21.61
C GLY D 73 82.93 -18.24 20.45
N VAL D 74 84.26 -18.19 20.40
CA VAL D 74 85.01 -18.63 19.23
C VAL D 74 85.56 -20.03 19.46
N ASN D 75 85.15 -20.96 18.58
CA ASN D 75 85.77 -22.27 18.36
C ASN D 75 85.74 -23.14 19.62
N LEU D 76 84.52 -23.50 20.03
CA LEU D 76 84.32 -24.25 21.26
C LEU D 76 83.38 -25.43 21.02
N THR D 77 83.34 -26.31 22.02
CA THR D 77 82.57 -27.55 21.96
C THR D 77 81.18 -27.35 22.54
N LEU D 78 80.49 -28.47 22.79
CA LEU D 78 79.11 -28.44 23.29
C LEU D 78 79.00 -27.78 24.66
N ASP D 79 79.66 -28.35 25.67
CA ASP D 79 79.66 -27.73 26.98
C ASP D 79 80.70 -26.61 27.11
N GLY D 80 81.48 -26.36 26.06
CA GLY D 80 82.37 -25.22 26.08
C GLY D 80 81.64 -23.89 25.99
N VAL D 81 80.58 -23.84 25.17
CA VAL D 81 79.84 -22.60 25.01
C VAL D 81 78.83 -22.41 26.14
N LYS D 82 78.33 -23.50 26.72
CA LYS D 82 77.35 -23.37 27.81
C LYS D 82 77.99 -22.78 29.06
N SER D 83 79.20 -23.21 29.39
CA SER D 83 79.96 -22.55 30.45
C SER D 83 80.36 -21.14 30.04
N TRP D 84 80.62 -20.92 28.76
CA TRP D 84 80.85 -19.58 28.24
C TRP D 84 79.60 -18.73 28.30
N LEU D 85 78.42 -19.35 28.21
CA LEU D 85 77.15 -18.64 28.35
C LEU D 85 76.69 -18.52 29.80
N LYS D 86 77.60 -18.66 30.78
CA LYS D 86 77.21 -18.33 32.15
C LYS D 86 77.16 -16.82 32.38
N PRO D 87 78.28 -16.03 32.20
CA PRO D 87 78.18 -14.61 32.61
C PRO D 87 77.70 -13.69 31.51
N ARG D 88 77.17 -14.25 30.42
CA ARG D 88 76.85 -13.44 29.24
C ARG D 88 75.41 -13.61 28.79
N LEU D 89 74.81 -14.75 29.08
CA LEU D 89 73.43 -15.04 28.68
C LEU D 89 72.48 -14.43 29.70
N GLY D 90 72.12 -13.16 29.47
CA GLY D 90 71.15 -12.46 30.29
C GLY D 90 71.73 -11.44 31.25
N GLN D 91 73.04 -11.44 31.48
CA GLN D 91 73.66 -10.60 32.48
C GLN D 91 73.91 -9.19 31.94
N GLU D 92 74.27 -8.30 32.86
CA GLU D 92 74.63 -6.94 32.49
C GLU D 92 76.00 -6.91 31.85
N ALA D 93 76.13 -6.19 30.74
CA ALA D 93 77.41 -6.02 30.08
C ALA D 93 77.40 -4.71 29.31
N THR D 94 78.59 -4.31 28.86
CA THR D 94 78.77 -3.03 28.18
C THR D 94 79.53 -3.25 26.87
N VAL D 95 78.99 -2.71 25.77
CA VAL D 95 79.73 -2.54 24.53
C VAL D 95 79.60 -1.08 24.10
N GLY D 96 80.66 -0.56 23.47
CA GLY D 96 80.69 0.79 22.95
C GLY D 96 80.50 1.88 23.99
N LYS D 97 79.34 2.55 23.92
CA LYS D 97 78.97 3.59 24.86
C LYS D 97 77.67 3.29 25.60
N ALA D 98 77.26 2.02 25.66
CA ALA D 98 75.97 1.65 26.20
C ALA D 98 76.05 0.35 26.99
N THR D 99 75.36 0.30 28.11
CA THR D 99 75.23 -0.90 28.93
C THR D 99 73.91 -1.59 28.64
N GLY D 100 73.68 -2.71 29.30
CA GLY D 100 72.39 -3.38 29.21
C GLY D 100 72.54 -4.88 29.35
N PHE D 101 71.41 -5.55 29.20
CA PHE D 101 71.34 -7.00 29.25
C PHE D 101 71.67 -7.59 27.88
N LEU D 102 71.93 -8.90 27.86
CA LEU D 102 72.27 -9.64 26.64
C LEU D 102 71.50 -10.95 26.66
N LYS D 103 70.30 -10.96 26.06
CA LYS D 103 69.36 -12.06 26.22
C LYS D 103 69.21 -12.91 24.97
N ASN D 104 70.03 -12.71 23.94
CA ASN D 104 69.85 -13.44 22.70
C ASN D 104 71.20 -13.73 22.06
N PHE D 105 71.42 -14.98 21.67
CA PHE D 105 72.67 -15.43 21.07
C PHE D 105 72.38 -16.48 20.01
N LEU D 106 73.22 -16.52 18.97
CA LEU D 106 73.00 -17.38 17.81
C LEU D 106 74.09 -18.44 17.71
N ILE D 107 73.69 -19.68 17.42
CA ILE D 107 74.58 -20.84 17.44
C ILE D 107 74.64 -21.46 16.05
N GLU D 108 75.85 -21.61 15.51
CA GLU D 108 76.07 -22.28 14.24
C GLU D 108 77.33 -23.13 14.36
N PRO D 109 77.39 -24.30 13.70
CA PRO D 109 78.60 -25.12 13.78
C PRO D 109 79.80 -24.52 13.07
N PHE D 110 80.95 -24.61 13.73
CA PHE D 110 82.22 -24.26 13.11
C PHE D 110 82.60 -25.26 12.03
N VAL D 111 82.94 -24.75 10.85
CA VAL D 111 83.54 -25.54 9.78
C VAL D 111 84.88 -24.91 9.48
N PRO D 112 85.98 -25.67 9.49
CA PRO D 112 87.31 -25.08 9.30
C PRO D 112 87.53 -24.56 7.89
N HIS D 113 88.57 -23.73 7.76
CA HIS D 113 88.86 -23.06 6.50
C HIS D 113 90.33 -22.64 6.49
N SER D 114 90.74 -22.00 5.40
CA SER D 114 92.03 -21.34 5.29
C SER D 114 91.81 -19.84 5.20
N GLN D 115 92.90 -19.09 5.35
CA GLN D 115 92.82 -17.65 5.23
C GLN D 115 92.58 -17.20 3.79
N ALA D 116 93.04 -17.97 2.81
CA ALA D 116 92.79 -17.67 1.41
C ALA D 116 91.39 -18.05 0.96
N GLU D 117 90.62 -18.71 1.81
CA GLU D 117 89.23 -19.03 1.52
C GLU D 117 88.26 -18.11 2.27
N GLU D 118 88.77 -17.12 2.99
CA GLU D 118 87.94 -16.12 3.64
C GLU D 118 87.75 -14.94 2.70
N PHE D 119 86.53 -14.41 2.65
CA PHE D 119 86.18 -13.38 1.69
C PHE D 119 85.36 -12.27 2.35
N TYR D 120 85.29 -11.15 1.64
CA TYR D 120 84.45 -10.02 2.00
C TYR D 120 83.57 -9.69 0.81
N VAL D 121 82.26 -9.64 1.02
CA VAL D 121 81.32 -9.21 0.00
C VAL D 121 80.32 -8.26 0.63
N CYS D 122 79.91 -7.23 -0.12
CA CYS D 122 78.97 -6.24 0.36
C CYS D 122 78.13 -5.71 -0.78
N ILE D 123 76.84 -5.52 -0.54
CA ILE D 123 75.94 -4.88 -1.49
C ILE D 123 75.06 -3.89 -0.73
N TYR D 124 75.14 -2.62 -1.09
CA TYR D 124 74.31 -1.60 -0.43
C TYR D 124 73.60 -0.75 -1.46
N ALA D 125 72.51 -0.13 -1.03
CA ALA D 125 71.64 0.65 -1.91
C ALA D 125 71.96 2.13 -1.82
N THR D 126 72.14 2.75 -2.98
CA THR D 126 72.26 4.20 -3.11
C THR D 126 71.05 4.69 -3.89
N ARG D 127 70.96 6.02 -4.03
CA ARG D 127 69.87 6.59 -4.82
C ARG D 127 70.10 6.36 -6.32
N GLU D 128 71.33 6.51 -6.78
CA GLU D 128 71.66 6.40 -8.20
C GLU D 128 71.93 4.97 -8.65
N GLY D 129 71.87 4.00 -7.74
CA GLY D 129 72.08 2.61 -8.11
C GLY D 129 72.46 1.80 -6.88
N ASP D 130 73.14 0.68 -7.13
CA ASP D 130 73.63 -0.19 -6.08
C ASP D 130 75.13 -0.40 -6.28
N TYR D 131 75.86 -0.49 -5.17
CA TYR D 131 77.24 -0.94 -5.18
C TYR D 131 77.28 -2.43 -4.90
N VAL D 132 78.07 -3.18 -5.67
CA VAL D 132 78.55 -4.47 -5.22
C VAL D 132 80.02 -4.29 -4.84
N LEU D 133 80.35 -4.65 -3.61
CA LEU D 133 81.63 -4.30 -3.00
C LEU D 133 82.25 -5.59 -2.45
N PHE D 134 83.40 -5.97 -3.00
CA PHE D 134 83.99 -7.28 -2.77
C PHE D 134 85.49 -7.15 -2.53
N HIS D 135 85.99 -7.92 -1.56
CA HIS D 135 87.41 -8.13 -1.35
C HIS D 135 87.67 -9.61 -1.12
N HIS D 136 88.83 -10.07 -1.58
CA HIS D 136 89.21 -11.47 -1.53
C HIS D 136 89.73 -11.92 -0.17
N GLU D 137 89.76 -11.04 0.82
CA GLU D 137 89.98 -11.42 2.21
C GLU D 137 89.03 -10.62 3.08
N GLY D 138 88.35 -11.31 4.00
CA GLY D 138 87.33 -10.71 4.82
C GLY D 138 87.55 -10.92 6.31
N GLY D 139 86.46 -11.22 7.01
CA GLY D 139 86.52 -11.33 8.45
C GLY D 139 86.43 -9.98 9.13
N VAL D 140 86.80 -9.98 10.41
CA VAL D 140 86.78 -8.74 11.19
C VAL D 140 87.97 -7.85 10.91
N ASP D 141 88.93 -8.30 10.09
CA ASP D 141 90.15 -7.55 9.81
C ASP D 141 90.06 -6.72 8.53
N VAL D 142 88.87 -6.27 8.14
CA VAL D 142 88.79 -5.43 6.94
C VAL D 142 89.26 -4.01 7.24
N GLY D 143 88.96 -3.48 8.43
CA GLY D 143 89.39 -2.13 8.78
C GLY D 143 88.70 -1.08 7.93
N ASP D 144 89.49 -0.14 7.41
CA ASP D 144 89.01 0.83 6.44
C ASP D 144 88.83 0.10 5.12
N VAL D 145 87.59 -0.32 4.86
CA VAL D 145 87.34 -1.26 3.77
C VAL D 145 86.78 -0.57 2.53
N ASP D 146 86.11 0.58 2.68
CA ASP D 146 85.52 1.27 1.54
C ASP D 146 86.57 1.94 0.65
N ALA D 147 87.81 2.05 1.12
CA ALA D 147 88.89 2.62 0.34
C ALA D 147 89.80 1.58 -0.30
N LYS D 148 89.47 0.28 -0.19
CA LYS D 148 90.34 -0.76 -0.73
C LYS D 148 89.64 -1.80 -1.60
N ALA D 149 88.36 -2.07 -1.40
CA ALA D 149 87.73 -3.21 -2.05
C ALA D 149 87.34 -2.88 -3.48
N GLN D 150 86.90 -3.91 -4.21
CA GLN D 150 86.53 -3.78 -5.62
C GLN D 150 85.13 -3.20 -5.75
N LYS D 151 84.98 -2.28 -6.71
CA LYS D 151 83.73 -1.58 -6.95
C LYS D 151 83.15 -2.01 -8.30
N LEU D 152 81.82 -2.05 -8.37
CA LEU D 152 81.12 -2.15 -9.65
C LEU D 152 79.72 -1.57 -9.44
N LEU D 153 79.40 -0.49 -10.15
CA LEU D 153 78.08 0.13 -10.05
C LEU D 153 77.07 -0.66 -10.88
N VAL D 154 76.05 -1.19 -10.20
CA VAL D 154 74.88 -1.74 -10.87
C VAL D 154 73.71 -0.78 -10.65
N GLY D 155 72.85 -0.65 -11.66
CA GLY D 155 71.75 0.29 -11.60
C GLY D 155 70.42 -0.36 -11.28
N VAL D 156 69.43 0.51 -11.06
CA VAL D 156 68.06 0.03 -10.82
C VAL D 156 67.45 -0.46 -12.13
N ASP D 157 66.56 -1.45 -12.01
CA ASP D 157 65.92 -2.15 -13.14
C ASP D 157 66.95 -2.77 -14.08
N GLU D 158 68.08 -3.20 -13.53
CA GLU D 158 69.19 -3.70 -14.32
C GLU D 158 69.65 -5.04 -13.77
N LYS D 159 70.11 -5.89 -14.68
CA LYS D 159 70.63 -7.21 -14.33
C LYS D 159 72.14 -7.18 -14.34
N LEU D 160 72.75 -8.13 -13.62
CA LEU D 160 74.19 -8.18 -13.48
C LEU D 160 74.76 -9.28 -14.37
N ASN D 161 75.78 -8.93 -15.15
CA ASN D 161 76.41 -9.89 -16.05
C ASN D 161 77.61 -10.50 -15.37
N PRO D 162 77.90 -11.79 -15.59
CA PRO D 162 79.17 -12.36 -15.10
C PRO D 162 80.39 -11.81 -15.81
N GLU D 163 80.24 -11.26 -17.02
CA GLU D 163 81.39 -10.81 -17.80
C GLU D 163 82.01 -9.53 -17.23
N ASP D 164 81.22 -8.73 -16.50
CA ASP D 164 81.80 -7.59 -15.81
C ASP D 164 82.38 -8.02 -14.46
N ILE D 165 81.86 -9.12 -13.91
CA ILE D 165 82.42 -9.65 -12.67
C ILE D 165 83.82 -10.23 -12.92
N LYS D 166 84.00 -10.95 -14.02
CA LYS D 166 85.30 -11.53 -14.34
C LYS D 166 86.31 -10.47 -14.75
N LYS D 167 85.86 -9.40 -15.39
CA LYS D 167 86.78 -8.38 -15.88
C LYS D 167 87.08 -7.30 -14.85
N HIS D 168 86.08 -6.84 -14.10
CA HIS D 168 86.25 -5.76 -13.14
C HIS D 168 86.30 -6.25 -11.70
N LEU D 169 85.38 -7.13 -11.31
CA LEU D 169 85.27 -7.52 -9.92
C LEU D 169 86.31 -8.56 -9.54
N LEU D 170 86.55 -9.54 -10.42
CA LEU D 170 87.47 -10.63 -10.15
C LEU D 170 88.83 -10.44 -10.82
N VAL D 171 89.32 -9.20 -10.90
CA VAL D 171 90.64 -8.97 -11.48
C VAL D 171 91.75 -9.10 -10.44
N HIS D 172 91.43 -9.00 -9.15
CA HIS D 172 92.37 -9.23 -8.07
C HIS D 172 92.01 -10.46 -7.25
N ALA D 173 91.10 -11.28 -7.76
CA ALA D 173 90.55 -12.46 -7.11
C ALA D 173 91.36 -13.71 -7.48
N PRO D 174 91.23 -14.78 -6.70
CA PRO D 174 91.79 -16.07 -7.13
C PRO D 174 91.19 -16.57 -8.43
N GLU D 175 92.06 -16.98 -9.35
CA GLU D 175 91.62 -17.48 -10.64
C GLU D 175 91.00 -18.86 -10.53
N ASP D 176 91.50 -19.68 -9.60
CA ASP D 176 90.94 -21.02 -9.40
C ASP D 176 89.60 -20.98 -8.67
N LYS D 177 89.25 -19.85 -8.05
CA LYS D 177 87.96 -19.67 -7.40
C LYS D 177 87.04 -18.75 -8.18
N LYS D 178 87.31 -18.53 -9.46
CA LYS D 178 86.55 -17.53 -10.22
C LYS D 178 85.18 -18.05 -10.60
N GLU D 179 84.97 -19.37 -10.61
CA GLU D 179 83.65 -19.91 -10.89
C GLU D 179 82.78 -19.84 -9.64
N ILE D 180 83.33 -20.25 -8.50
CA ILE D 180 82.54 -20.35 -7.27
C ILE D 180 82.27 -18.96 -6.69
N LEU D 181 83.10 -17.97 -7.04
CA LEU D 181 82.82 -16.60 -6.64
C LEU D 181 81.69 -16.01 -7.46
N ALA D 182 81.87 -15.96 -8.79
CA ALA D 182 80.96 -15.22 -9.67
C ALA D 182 79.58 -15.87 -9.77
N SER D 183 79.51 -17.21 -9.66
CA SER D 183 78.20 -17.86 -9.70
C SER D 183 77.43 -17.66 -8.41
N PHE D 184 78.14 -17.60 -7.29
CA PHE D 184 77.50 -17.24 -6.02
C PHE D 184 77.05 -15.78 -6.02
N ILE D 185 77.75 -14.92 -6.75
CA ILE D 185 77.37 -13.52 -6.85
C ILE D 185 76.07 -13.39 -7.63
N SER D 186 75.93 -14.19 -8.70
CA SER D 186 74.71 -14.15 -9.50
C SER D 186 73.51 -14.71 -8.75
N GLY D 187 73.75 -15.60 -7.78
CA GLY D 187 72.65 -16.08 -6.95
C GLY D 187 72.25 -15.10 -5.87
N LEU D 188 73.20 -14.31 -5.37
CA LEU D 188 72.89 -13.30 -4.37
C LEU D 188 72.32 -12.04 -5.02
N PHE D 189 72.61 -11.82 -6.30
CA PHE D 189 72.10 -10.63 -6.99
C PHE D 189 70.59 -10.70 -7.17
N ASN D 190 70.08 -11.84 -7.62
CA ASN D 190 68.63 -12.03 -7.67
C ASN D 190 68.04 -12.16 -6.27
N PHE D 191 68.84 -12.60 -5.31
CA PHE D 191 68.41 -12.58 -3.91
C PHE D 191 68.28 -11.14 -3.40
N TYR D 192 69.15 -10.24 -3.87
CA TYR D 192 69.13 -8.84 -3.45
C TYR D 192 68.10 -8.01 -4.19
N GLU D 193 68.01 -8.13 -5.52
CA GLU D 193 67.23 -7.20 -6.32
C GLU D 193 65.73 -7.42 -6.15
N ASP D 194 65.27 -8.66 -6.35
CA ASP D 194 63.85 -8.94 -6.40
C ASP D 194 63.19 -8.90 -5.01
N LEU D 195 63.95 -9.09 -3.94
CA LEU D 195 63.40 -9.07 -2.59
C LEU D 195 63.59 -7.73 -1.89
N TYR D 196 64.06 -6.72 -2.61
CA TYR D 196 64.05 -5.31 -2.18
C TYR D 196 64.91 -5.09 -0.93
N PHE D 197 66.09 -5.71 -0.91
CA PHE D 197 67.05 -5.49 0.17
C PHE D 197 67.75 -4.15 -0.01
N THR D 198 68.28 -3.63 1.10
CA THR D 198 68.94 -2.32 1.07
C THR D 198 70.42 -2.38 1.36
N TYR D 199 70.85 -3.07 2.41
CA TYR D 199 72.26 -3.08 2.79
C TYR D 199 72.64 -4.49 3.22
N LEU D 200 73.40 -5.18 2.38
CA LEU D 200 73.83 -6.55 2.65
C LEU D 200 75.34 -6.64 2.61
N GLU D 201 75.90 -7.33 3.61
CA GLU D 201 77.33 -7.56 3.73
C GLU D 201 77.54 -8.88 4.45
N ILE D 202 78.55 -9.63 4.03
CA ILE D 202 78.86 -10.94 4.61
C ILE D 202 80.30 -10.92 5.09
N ASN D 203 80.51 -11.21 6.37
CA ASN D 203 81.86 -11.38 6.91
C ASN D 203 81.83 -12.32 8.11
N PRO D 204 82.66 -13.38 8.12
CA PRO D 204 83.49 -13.78 6.98
C PRO D 204 82.76 -14.73 6.03
N LEU D 205 82.82 -14.43 4.73
CA LEU D 205 82.29 -15.32 3.71
C LEU D 205 83.34 -16.38 3.45
N VAL D 206 83.07 -17.60 3.88
CA VAL D 206 83.99 -18.71 3.75
C VAL D 206 83.62 -19.45 2.46
N VAL D 207 84.45 -19.29 1.43
CA VAL D 207 84.29 -20.09 0.23
C VAL D 207 85.43 -21.10 0.21
N THR D 208 85.20 -22.25 0.84
CA THR D 208 86.22 -23.28 0.95
C THR D 208 86.13 -24.22 -0.24
N LYS D 209 86.89 -25.30 -0.21
CA LYS D 209 86.82 -26.29 -1.28
C LYS D 209 85.71 -27.30 -1.07
N ASP D 210 84.94 -27.18 0.02
CA ASP D 210 83.68 -27.90 0.14
C ASP D 210 82.52 -27.18 -0.54
N GLY D 211 82.61 -25.85 -0.66
CA GLY D 211 81.57 -25.06 -1.29
C GLY D 211 81.57 -23.61 -0.83
N VAL D 212 80.38 -23.08 -0.53
CA VAL D 212 80.24 -21.73 -0.02
C VAL D 212 79.62 -21.80 1.38
N TYR D 213 80.09 -20.91 2.26
CA TYR D 213 79.66 -20.90 3.66
C TYR D 213 79.63 -19.48 4.17
N VAL D 214 78.68 -19.19 5.07
CA VAL D 214 78.61 -17.91 5.75
C VAL D 214 78.78 -18.16 7.24
N LEU D 215 79.75 -17.48 7.86
CA LEU D 215 79.92 -17.60 9.31
C LEU D 215 79.16 -16.51 10.06
N ASP D 216 79.04 -15.31 9.49
CA ASP D 216 78.24 -14.24 10.05
C ASP D 216 77.78 -13.31 8.93
N LEU D 217 76.58 -12.74 9.10
CA LEU D 217 75.86 -12.01 8.07
C LEU D 217 75.61 -10.58 8.56
N ALA D 218 75.27 -9.69 7.62
CA ALA D 218 74.82 -8.35 7.96
C ALA D 218 73.80 -7.91 6.92
N ALA D 219 72.61 -7.52 7.37
CA ALA D 219 71.51 -7.23 6.45
C ALA D 219 70.68 -6.04 6.92
N LYS D 220 70.20 -5.26 5.94
CA LYS D 220 69.17 -4.25 6.15
C LYS D 220 68.19 -4.32 4.99
N VAL D 221 66.90 -4.49 5.29
CA VAL D 221 65.87 -4.56 4.27
C VAL D 221 64.85 -3.46 4.53
N ASP D 222 64.18 -3.01 3.47
CA ASP D 222 63.09 -2.06 3.58
C ASP D 222 61.91 -2.70 4.30
N ALA D 223 61.16 -1.86 5.01
CA ALA D 223 59.95 -2.31 5.69
C ALA D 223 58.67 -1.85 5.01
N THR D 224 58.78 -0.97 4.02
CA THR D 224 57.57 -0.45 3.37
C THR D 224 57.01 -1.42 2.33
N ALA D 225 57.82 -2.34 1.83
CA ALA D 225 57.40 -3.25 0.78
C ALA D 225 56.69 -4.49 1.32
N ASP D 226 56.18 -4.44 2.56
CA ASP D 226 55.55 -5.62 3.17
CA ASP D 226 55.57 -5.63 3.15
C ASP D 226 54.21 -5.94 2.52
N TYR D 227 53.59 -4.96 1.85
CA TYR D 227 52.34 -5.21 1.14
C TYR D 227 52.53 -6.13 -0.06
N ILE D 228 53.76 -6.26 -0.57
CA ILE D 228 54.05 -7.33 -1.51
C ILE D 228 54.70 -8.52 -0.81
N CYS D 229 55.49 -8.28 0.24
CA CYS D 229 56.37 -9.30 0.80
C CYS D 229 55.93 -9.78 2.17
N LYS D 230 54.63 -9.71 2.48
CA LYS D 230 54.17 -10.36 3.70
C LYS D 230 54.09 -11.87 3.51
N VAL D 231 53.66 -12.31 2.32
CA VAL D 231 53.44 -13.73 2.07
C VAL D 231 54.76 -14.49 1.91
N LYS D 232 55.82 -13.84 1.44
CA LYS D 232 57.11 -14.50 1.27
C LYS D 232 57.95 -14.47 2.54
N TRP D 233 57.96 -13.35 3.27
CA TRP D 233 58.72 -13.27 4.51
C TRP D 233 58.04 -13.99 5.67
N GLY D 234 56.81 -14.47 5.48
CA GLY D 234 56.09 -15.10 6.58
C GLY D 234 55.70 -14.07 7.62
N ASP D 235 55.96 -14.40 8.88
CA ASP D 235 55.86 -13.42 9.96
C ASP D 235 57.28 -12.99 10.32
N ILE D 236 57.81 -12.08 9.52
CA ILE D 236 59.16 -11.57 9.75
C ILE D 236 59.12 -10.61 10.94
N GLU D 237 60.15 -10.68 11.79
CA GLU D 237 60.25 -9.83 12.97
C GLU D 237 61.55 -9.06 12.92
N PHE D 238 61.46 -7.73 13.07
CA PHE D 238 62.63 -6.90 13.21
C PHE D 238 62.73 -6.44 14.66
N PRO D 239 63.62 -7.00 15.46
CA PRO D 239 63.77 -6.52 16.83
C PRO D 239 64.50 -5.19 16.86
N PRO D 240 64.31 -4.40 17.91
CA PRO D 240 65.04 -3.12 18.03
C PRO D 240 66.52 -3.35 18.28
N PRO D 241 67.36 -2.33 18.08
CA PRO D 241 68.78 -2.46 18.40
C PRO D 241 69.04 -2.61 19.90
N PHE D 242 70.31 -2.85 20.21
CA PHE D 242 70.74 -3.14 21.58
C PHE D 242 70.60 -1.91 22.47
N GLY D 243 70.14 -2.13 23.70
CA GLY D 243 70.03 -1.07 24.69
C GLY D 243 69.37 -1.50 25.98
N ARG D 244 68.82 -0.53 26.70
CA ARG D 244 68.18 -0.77 27.99
C ARG D 244 66.77 -1.33 27.81
N GLU D 245 66.13 -1.64 28.93
CA GLU D 245 64.78 -2.18 28.95
C GLU D 245 63.74 -1.07 29.08
N ALA D 246 62.51 -1.41 28.72
CA ALA D 246 61.46 -0.40 28.57
C ALA D 246 60.76 -0.11 29.89
N TYR D 247 60.43 1.16 30.08
CA TYR D 247 59.59 1.59 31.18
C TYR D 247 58.15 1.06 30.98
N PRO D 248 57.38 0.87 32.07
CA PRO D 248 56.07 0.20 31.92
C PRO D 248 55.02 1.00 31.16
N GLU D 249 54.80 2.28 31.49
CA GLU D 249 53.80 3.06 30.78
C GLU D 249 54.29 3.57 29.44
N GLU D 250 55.61 3.53 29.22
CA GLU D 250 56.19 4.13 28.03
C GLU D 250 56.03 3.23 26.81
N ALA D 251 56.18 1.92 26.99
CA ALA D 251 55.87 1.00 25.90
C ALA D 251 54.36 0.81 25.73
N TYR D 252 53.56 1.23 26.72
CA TYR D 252 52.12 1.08 26.63
C TYR D 252 51.52 2.05 25.60
N ILE D 253 52.16 3.21 25.42
CA ILE D 253 51.70 4.17 24.43
C ILE D 253 51.91 3.61 23.02
N ALA D 254 52.95 2.80 22.83
CA ALA D 254 53.17 2.13 21.55
C ALA D 254 52.10 1.10 21.25
N ASP D 255 51.41 0.59 22.27
CA ASP D 255 50.27 -0.28 22.02
C ASP D 255 49.06 0.52 21.53
N LEU D 256 48.98 1.80 21.93
CA LEU D 256 47.99 2.67 21.32
C LEU D 256 48.41 3.09 19.92
N ASP D 257 49.72 3.14 19.67
CA ASP D 257 50.25 3.48 18.36
C ASP D 257 49.87 2.43 17.31
N ALA D 258 49.84 1.16 17.72
CA ALA D 258 49.46 0.08 16.82
C ALA D 258 47.94 -0.03 16.63
N LYS D 259 47.16 0.79 17.33
CA LYS D 259 45.70 0.71 17.20
C LYS D 259 45.21 1.48 15.99
N SER D 260 45.45 2.78 15.95
CA SER D 260 44.92 3.65 14.91
C SER D 260 46.04 4.11 13.98
N GLY D 261 45.67 4.87 12.95
CA GLY D 261 46.65 5.46 12.05
C GLY D 261 47.44 6.59 12.65
N ALA D 262 47.00 7.12 13.78
CA ALA D 262 47.73 8.17 14.49
C ALA D 262 49.04 7.62 15.04
N SER D 263 50.11 8.38 14.81
CA SER D 263 51.47 7.96 15.15
C SER D 263 51.94 8.74 16.37
N LEU D 264 51.95 8.08 17.52
CA LEU D 264 52.25 8.72 18.80
C LEU D 264 53.52 8.09 19.35
N LYS D 265 54.52 8.93 19.67
CA LYS D 265 55.82 8.42 20.06
C LYS D 265 56.24 9.10 21.36
N LEU D 266 56.86 8.32 22.25
CA LEU D 266 57.23 8.79 23.58
C LEU D 266 58.62 8.27 23.94
N THR D 267 59.56 9.19 24.17
CA THR D 267 60.96 8.86 24.42
C THR D 267 61.53 9.81 25.47
N LEU D 268 61.84 9.27 26.64
CA LEU D 268 62.45 10.07 27.70
C LEU D 268 63.95 10.21 27.47
N LEU D 269 64.52 11.25 28.06
CA LEU D 269 65.96 11.33 28.25
C LEU D 269 66.35 11.35 29.73
N ASN D 270 65.55 12.01 30.57
CA ASN D 270 65.74 12.06 32.00
C ASN D 270 64.42 11.72 32.67
N PRO D 271 64.36 10.73 33.56
CA PRO D 271 63.09 10.38 34.20
C PRO D 271 62.59 11.40 35.22
N LYS D 272 63.40 12.36 35.64
CA LYS D 272 62.99 13.36 36.61
C LYS D 272 63.47 14.77 36.25
N GLY D 273 63.26 15.16 35.00
CA GLY D 273 63.63 16.51 34.59
C GLY D 273 62.63 17.56 35.06
N ARG D 274 62.83 18.80 34.58
CA ARG D 274 61.90 19.88 34.85
C ARG D 274 61.23 20.45 33.60
N ILE D 275 61.89 20.38 32.45
CA ILE D 275 61.28 20.80 31.19
C ILE D 275 60.54 19.59 30.64
N TRP D 276 59.22 19.68 30.57
CA TRP D 276 58.37 18.61 30.07
C TRP D 276 57.67 19.06 28.80
N THR D 277 57.78 18.27 27.74
CA THR D 277 57.31 18.65 26.42
C THR D 277 56.09 17.81 26.03
N MET D 278 55.09 18.49 25.46
CA MET D 278 53.91 17.85 24.87
C MET D 278 53.64 18.59 23.57
N VAL D 279 54.21 18.09 22.48
CA VAL D 279 54.36 18.83 21.24
C VAL D 279 53.54 18.15 20.16
N ALA D 280 52.85 18.95 19.33
CA ALA D 280 52.06 18.46 18.22
C ALA D 280 52.78 18.72 16.91
N GLY D 281 52.94 17.68 16.10
CA GLY D 281 53.59 17.81 14.81
C GLY D 281 54.86 16.99 14.66
N GLY D 282 55.17 16.59 13.44
CA GLY D 282 56.34 15.79 13.16
C GLY D 282 57.64 16.56 13.31
N GLY D 283 57.84 17.59 12.50
CA GLY D 283 59.05 18.38 12.53
C GLY D 283 59.12 19.38 13.67
N ALA D 284 58.13 19.40 14.55
CA ALA D 284 58.13 20.39 15.63
C ALA D 284 58.91 19.88 16.85
N SER D 285 58.97 18.57 17.04
CA SER D 285 59.52 18.04 18.28
C SER D 285 61.04 17.98 18.28
N VAL D 286 61.66 17.75 17.13
CA VAL D 286 63.13 17.72 17.08
C VAL D 286 63.68 19.14 17.04
N VAL D 287 62.83 20.13 16.78
CA VAL D 287 63.30 21.51 16.68
C VAL D 287 63.16 22.24 18.01
N TYR D 288 62.11 21.93 18.79
CA TYR D 288 62.02 22.43 20.16
C TYR D 288 63.14 21.90 21.04
N SER D 289 63.42 20.59 20.94
CA SER D 289 64.51 20.00 21.70
C SER D 289 65.87 20.50 21.22
N ASP D 290 65.96 20.97 19.97
CA ASP D 290 67.16 21.64 19.50
C ASP D 290 67.39 22.95 20.23
N THR D 291 66.30 23.63 20.61
CA THR D 291 66.44 24.91 21.29
C THR D 291 66.61 24.75 22.80
N ILE D 292 66.32 23.57 23.33
CA ILE D 292 66.50 23.35 24.77
C ILE D 292 67.96 23.06 25.08
N CYS D 293 68.61 22.20 24.28
CA CYS D 293 70.03 21.93 24.47
C CYS D 293 70.90 23.12 24.10
N ASP D 294 70.41 24.01 23.23
CA ASP D 294 71.12 25.23 22.90
C ASP D 294 71.10 26.23 24.04
N LEU D 295 70.07 26.18 24.88
CA LEU D 295 69.95 27.05 26.05
C LEU D 295 70.41 26.35 27.33
N GLY D 296 71.18 25.27 27.20
CA GLY D 296 71.78 24.61 28.34
C GLY D 296 70.94 23.56 29.02
N GLY D 297 69.72 23.33 28.56
CA GLY D 297 68.82 22.41 29.24
C GLY D 297 68.92 20.97 28.78
N VAL D 298 70.12 20.51 28.45
CA VAL D 298 70.29 19.12 28.05
C VAL D 298 70.19 18.18 29.25
N ASN D 299 70.46 18.70 30.46
CA ASN D 299 70.47 17.86 31.65
C ASN D 299 69.06 17.64 32.20
N GLU D 300 68.25 18.69 32.28
CA GLU D 300 66.95 18.61 32.94
C GLU D 300 65.80 18.56 31.95
N LEU D 301 66.07 18.32 30.67
CA LEU D 301 65.00 17.97 29.74
C LEU D 301 64.54 16.54 30.05
N ALA D 302 63.25 16.37 30.27
CA ALA D 302 62.74 15.08 30.70
C ALA D 302 62.34 14.18 29.53
N ASN D 303 61.55 14.70 28.59
CA ASN D 303 60.99 13.88 27.54
C ASN D 303 61.10 14.61 26.21
N TYR D 304 61.08 13.83 25.13
CA TYR D 304 60.80 14.35 23.80
C TYR D 304 59.84 13.39 23.12
N GLY D 305 58.80 13.92 22.52
CA GLY D 305 57.80 13.09 21.90
C GLY D 305 56.80 13.93 21.15
N GLU D 306 55.86 13.25 20.51
CA GLU D 306 54.87 13.92 19.68
C GLU D 306 53.65 13.03 19.54
N TYR D 307 52.66 13.56 18.84
CA TYR D 307 51.46 12.82 18.46
C TYR D 307 51.03 13.37 17.10
N SER D 308 50.89 12.49 16.12
CA SER D 308 50.63 12.90 14.75
C SER D 308 49.52 12.02 14.19
N GLY D 309 49.26 12.16 12.89
CA GLY D 309 48.29 11.31 12.23
C GLY D 309 46.85 11.55 12.62
N ALA D 310 46.42 12.83 12.71
CA ALA D 310 45.10 13.30 13.12
C ALA D 310 44.71 12.71 14.49
N PRO D 311 45.29 13.23 15.58
CA PRO D 311 45.10 12.60 16.88
C PRO D 311 43.71 12.84 17.45
N SER D 312 43.11 11.77 17.98
CA SER D 312 41.77 11.85 18.51
C SER D 312 41.80 12.39 19.93
N GLU D 313 40.61 12.56 20.52
CA GLU D 313 40.52 12.99 21.91
C GLU D 313 41.00 11.89 22.84
N GLN D 314 40.44 10.68 22.70
CA GLN D 314 40.73 9.59 23.63
C GLN D 314 42.18 9.13 23.50
N GLN D 315 42.76 9.28 22.31
CA GLN D 315 44.18 8.97 22.15
C GLN D 315 45.06 10.10 22.66
N THR D 316 44.56 11.35 22.68
CA THR D 316 45.33 12.40 23.34
C THR D 316 44.89 12.58 24.79
N TYR D 317 43.77 11.96 25.18
CA TYR D 317 43.47 11.84 26.60
C TYR D 317 44.45 10.88 27.28
N ASP D 318 44.85 9.83 26.56
CA ASP D 318 45.76 8.83 27.13
C ASP D 318 47.20 9.32 27.11
N TYR D 319 47.61 9.99 26.01
CA TYR D 319 48.95 10.54 25.91
C TYR D 319 49.17 11.67 26.91
N ALA D 320 48.11 12.38 27.28
CA ALA D 320 48.25 13.41 28.30
C ALA D 320 48.27 12.80 29.69
N LYS D 321 47.26 11.98 30.03
CA LYS D 321 47.08 11.52 31.41
C LYS D 321 48.16 10.55 31.87
N THR D 322 48.89 9.94 30.93
CA THR D 322 49.99 9.06 31.34
C THR D 322 51.16 9.88 31.86
N ILE D 323 51.55 10.94 31.13
CA ILE D 323 52.79 11.63 31.45
C ILE D 323 52.61 12.62 32.59
N LEU D 324 51.40 13.16 32.78
CA LEU D 324 51.15 13.92 33.99
C LEU D 324 51.04 13.03 35.22
N SER D 325 50.74 11.75 35.04
CA SER D 325 50.82 10.81 36.14
C SER D 325 52.25 10.32 36.35
N LEU D 326 53.08 10.34 35.30
CA LEU D 326 54.47 9.95 35.46
C LEU D 326 55.32 11.08 36.04
N MET D 327 54.92 12.33 35.86
CA MET D 327 55.67 13.46 36.36
C MET D 327 55.28 13.84 37.79
N THR D 328 54.49 13.01 38.46
CA THR D 328 54.14 13.28 39.85
C THR D 328 54.53 12.15 40.80
N ARG D 329 55.37 11.20 40.34
CA ARG D 329 55.86 10.16 41.23
C ARG D 329 56.86 10.74 42.24
N GLU D 330 57.85 11.47 41.76
CA GLU D 330 58.82 12.14 42.61
C GLU D 330 58.72 13.66 42.41
N LYS D 331 59.10 14.39 43.45
CA LYS D 331 59.05 15.84 43.43
C LYS D 331 60.42 16.42 43.11
N HIS D 332 60.48 17.74 43.03
CA HIS D 332 61.73 18.45 42.79
C HIS D 332 61.61 19.86 43.33
N PRO D 333 62.53 20.30 44.20
CA PRO D 333 62.48 21.69 44.69
C PRO D 333 62.78 22.73 43.63
N ASP D 334 63.46 22.37 42.53
CA ASP D 334 63.60 23.24 41.39
C ASP D 334 62.37 23.22 40.49
N GLY D 335 61.37 22.40 40.82
CA GLY D 335 60.09 22.45 40.14
C GLY D 335 60.08 21.74 38.81
N LYS D 336 59.02 22.00 38.06
CA LYS D 336 58.85 21.49 36.71
C LYS D 336 58.22 22.57 35.83
N ILE D 337 58.40 22.44 34.53
CA ILE D 337 57.81 23.34 33.54
C ILE D 337 57.26 22.48 32.41
N LEU D 338 55.99 22.67 32.07
CA LEU D 338 55.34 21.92 31.00
C LEU D 338 55.33 22.79 29.74
N ILE D 339 55.73 22.20 28.62
CA ILE D 339 55.78 22.86 27.32
C ILE D 339 54.73 22.23 26.42
N ILE D 340 53.77 23.05 25.96
CA ILE D 340 52.77 22.59 25.00
C ILE D 340 52.87 23.46 23.76
N GLY D 341 53.66 23.02 22.78
CA GLY D 341 53.80 23.73 21.53
C GLY D 341 52.86 23.22 20.46
N GLY D 342 53.18 23.57 19.23
CA GLY D 342 52.40 23.10 18.11
C GLY D 342 52.66 23.93 16.87
N SER D 343 52.48 23.29 15.72
CA SER D 343 52.61 23.92 14.43
C SER D 343 51.23 24.17 13.84
N ILE D 344 51.19 24.68 12.61
CA ILE D 344 49.94 24.90 11.90
C ILE D 344 49.42 23.55 11.42
N ALA D 345 48.37 23.05 12.07
CA ALA D 345 47.71 21.85 11.59
C ALA D 345 46.81 22.19 10.41
N ASN D 346 46.74 21.28 9.43
CA ASN D 346 46.01 21.58 8.22
C ASN D 346 44.50 21.45 8.42
N PHE D 347 44.03 20.28 8.83
CA PHE D 347 42.59 20.01 8.77
C PHE D 347 41.99 19.49 10.07
N THR D 348 42.71 19.43 11.17
CA THR D 348 42.10 19.01 12.43
C THR D 348 41.82 20.19 13.34
N ASN D 349 40.80 20.06 14.18
CA ASN D 349 40.43 21.13 15.08
C ASN D 349 41.42 21.23 16.25
N VAL D 350 41.62 22.45 16.74
CA VAL D 350 42.55 22.67 17.85
C VAL D 350 41.93 22.19 19.16
N ALA D 351 40.81 22.80 19.57
CA ALA D 351 40.33 22.63 20.93
C ALA D 351 39.74 21.25 21.18
N ALA D 352 39.20 20.61 20.14
CA ALA D 352 38.73 19.24 20.30
C ALA D 352 39.91 18.29 20.47
N THR D 353 41.05 18.63 19.87
CA THR D 353 42.27 17.90 20.15
C THR D 353 42.89 18.36 21.46
N PHE D 354 42.41 19.45 22.04
CA PHE D 354 42.78 19.86 23.38
C PHE D 354 41.69 19.57 24.40
N LYS D 355 40.58 18.95 23.98
CA LYS D 355 39.54 18.55 24.92
C LYS D 355 40.00 17.41 25.82
N GLY D 356 40.91 16.56 25.33
CA GLY D 356 41.44 15.52 26.18
C GLY D 356 42.44 16.03 27.19
N ILE D 357 43.23 17.04 26.81
CA ILE D 357 44.27 17.55 27.70
C ILE D 357 43.66 18.48 28.76
N VAL D 358 42.46 19.01 28.51
CA VAL D 358 41.79 19.78 29.54
C VAL D 358 41.05 18.83 30.49
N ARG D 359 40.85 17.57 30.07
CA ARG D 359 40.26 16.58 30.94
C ARG D 359 41.30 15.84 31.77
N ALA D 360 42.46 15.56 31.18
CA ALA D 360 43.51 14.84 31.88
C ALA D 360 44.16 15.69 32.97
N ILE D 361 44.12 17.02 32.84
CA ILE D 361 44.58 17.87 33.93
C ILE D 361 43.56 17.88 35.06
N ARG D 362 42.29 17.63 34.75
CA ARG D 362 41.26 17.62 35.77
C ARG D 362 41.34 16.40 36.66
N ASP D 363 41.96 15.31 36.18
CA ASP D 363 42.08 14.10 36.99
C ASP D 363 43.23 14.19 37.99
N TYR D 364 44.30 14.91 37.66
CA TYR D 364 45.44 15.08 38.55
C TYR D 364 45.76 16.55 38.79
N GLN D 365 44.74 17.40 38.93
CA GLN D 365 44.95 18.80 39.25
C GLN D 365 45.52 19.01 40.65
N GLY D 366 45.34 18.05 41.55
CA GLY D 366 45.86 18.11 42.90
C GLY D 366 47.37 18.19 42.98
N PRO D 367 48.07 17.11 42.60
CA PRO D 367 49.54 17.13 42.68
C PRO D 367 50.20 18.01 41.64
N LEU D 368 49.49 18.42 40.58
CA LEU D 368 50.07 19.35 39.62
C LEU D 368 50.16 20.75 40.21
N LYS D 369 49.32 21.07 41.20
CA LYS D 369 49.52 22.28 41.97
C LYS D 369 50.71 22.16 42.90
N GLU D 370 50.95 20.97 43.44
CA GLU D 370 51.95 20.78 44.49
C GLU D 370 53.35 20.63 43.95
N HIS D 371 53.51 20.15 42.71
CA HIS D 371 54.83 20.08 42.10
C HIS D 371 55.30 21.42 41.55
N GLU D 372 54.47 22.46 41.65
CA GLU D 372 54.78 23.87 41.33
C GLU D 372 55.23 24.01 39.87
N VAL D 373 54.31 23.69 38.98
CA VAL D 373 54.58 23.69 37.56
C VAL D 373 54.04 24.98 36.96
N THR D 374 54.74 25.49 35.94
CA THR D 374 54.32 26.64 35.16
C THR D 374 54.22 26.23 33.71
N ILE D 375 53.06 26.45 33.11
CA ILE D 375 52.71 25.88 31.81
C ILE D 375 52.64 27.01 30.78
N PHE D 376 53.19 26.75 29.60
CA PHE D 376 53.06 27.62 28.44
C PHE D 376 52.37 26.86 27.32
N VAL D 377 51.57 27.57 26.53
CA VAL D 377 50.86 26.96 25.42
C VAL D 377 50.86 27.92 24.22
N ARG D 378 51.26 27.41 23.06
CA ARG D 378 51.25 28.15 21.81
C ARG D 378 50.94 27.18 20.68
N ARG D 379 49.82 27.42 19.99
CA ARG D 379 49.27 26.45 19.06
C ARG D 379 48.49 27.20 17.98
N GLY D 380 48.64 26.77 16.73
CA GLY D 380 47.99 27.44 15.63
C GLY D 380 47.35 26.46 14.67
N GLY D 381 46.43 26.99 13.87
CA GLY D 381 45.71 26.19 12.91
C GLY D 381 44.26 26.61 12.77
N PRO D 382 43.36 25.65 12.56
CA PRO D 382 41.94 25.97 12.36
C PRO D 382 41.28 26.35 13.67
N ASN D 383 41.01 27.65 13.85
CA ASN D 383 40.35 28.25 15.02
C ASN D 383 41.10 27.93 16.31
N TYR D 384 42.32 28.48 16.36
CA TYR D 384 43.20 28.28 17.50
C TYR D 384 42.79 29.09 18.71
N GLN D 385 42.18 30.27 18.50
CA GLN D 385 42.01 31.22 19.58
C GLN D 385 40.94 30.80 20.58
N GLU D 386 39.93 30.05 20.14
CA GLU D 386 38.99 29.50 21.11
C GLU D 386 39.62 28.37 21.91
N GLY D 387 40.56 27.64 21.30
CA GLY D 387 41.35 26.71 22.06
C GLY D 387 42.31 27.42 23.00
N LEU D 388 42.74 28.62 22.64
CA LEU D 388 43.60 29.39 23.52
C LEU D 388 42.80 30.03 24.66
N ARG D 389 41.56 30.44 24.39
CA ARG D 389 40.78 31.15 25.40
C ARG D 389 40.34 30.23 26.52
N VAL D 390 39.86 29.03 26.18
CA VAL D 390 39.40 28.10 27.21
C VAL D 390 40.58 27.56 28.01
N MET D 391 41.72 27.33 27.35
CA MET D 391 42.88 26.81 28.05
C MET D 391 43.52 27.85 28.95
N GLY D 392 43.43 29.13 28.57
CA GLY D 392 43.85 30.19 29.47
C GLY D 392 42.89 30.36 30.64
N GLU D 393 41.62 30.02 30.44
CA GLU D 393 40.65 30.10 31.53
C GLU D 393 40.85 28.99 32.54
N VAL D 394 41.13 27.76 32.07
CA VAL D 394 41.18 26.60 32.96
C VAL D 394 42.43 26.63 33.84
N GLY D 395 43.44 27.42 33.48
CA GLY D 395 44.56 27.62 34.38
C GLY D 395 44.17 28.38 35.63
N LYS D 396 43.29 29.37 35.49
CA LYS D 396 42.86 30.15 36.64
C LYS D 396 41.89 29.38 37.53
N THR D 397 41.22 28.36 37.00
CA THR D 397 40.34 27.54 37.82
C THR D 397 41.14 26.65 38.75
N THR D 398 42.19 26.00 38.25
CA THR D 398 43.01 25.12 39.06
C THR D 398 44.07 25.87 39.87
N GLY D 399 44.25 27.16 39.63
CA GLY D 399 45.15 27.98 40.41
C GLY D 399 46.55 28.12 39.84
N ILE D 400 46.91 27.32 38.84
CA ILE D 400 48.26 27.35 38.29
C ILE D 400 48.33 28.30 37.10
N PRO D 401 49.34 29.16 37.03
CA PRO D 401 49.38 30.15 35.93
C PRO D 401 49.81 29.54 34.60
N ILE D 402 48.87 29.42 33.67
CA ILE D 402 49.19 28.97 32.33
C ILE D 402 49.23 30.20 31.43
N HIS D 403 50.40 30.49 30.88
CA HIS D 403 50.60 31.67 30.05
C HIS D 403 50.49 31.25 28.58
N VAL D 404 49.50 31.79 27.91
CA VAL D 404 49.17 31.40 26.55
C VAL D 404 49.94 32.27 25.57
N PHE D 405 49.98 31.83 24.32
CA PHE D 405 50.62 32.57 23.25
C PHE D 405 49.99 32.21 21.92
N GLY D 406 49.83 33.21 21.05
CA GLY D 406 49.20 33.02 19.77
C GLY D 406 50.19 32.79 18.65
N THR D 407 49.68 32.81 17.42
CA THR D 407 50.52 32.67 16.25
C THR D 407 51.34 33.90 15.94
N GLU D 408 50.95 35.05 16.50
CA GLU D 408 51.68 36.29 16.32
C GLU D 408 53.06 36.26 16.96
N THR D 409 53.27 35.43 17.97
CA THR D 409 54.59 35.29 18.57
C THR D 409 55.36 34.18 17.86
N HIS D 410 56.65 34.11 18.15
CA HIS D 410 57.50 33.13 17.49
C HIS D 410 57.26 31.74 18.07
N MET D 411 57.64 30.72 17.30
CA MET D 411 57.26 29.35 17.61
C MET D 411 57.99 28.82 18.84
N THR D 412 59.33 28.89 18.84
CA THR D 412 60.12 28.43 19.97
C THR D 412 60.34 29.52 21.01
N ALA D 413 59.55 30.58 20.98
CA ALA D 413 59.74 31.69 21.91
C ALA D 413 59.38 31.31 23.34
N ILE D 414 58.47 30.35 23.53
CA ILE D 414 58.03 30.02 24.88
C ILE D 414 59.06 29.23 25.67
N VAL D 415 60.01 28.56 24.99
CA VAL D 415 61.07 27.89 25.75
C VAL D 415 62.12 28.90 26.17
N GLY D 416 62.20 30.04 25.48
CA GLY D 416 62.94 31.17 26.01
C GLY D 416 62.23 31.80 27.19
N MET D 417 60.90 31.70 27.22
CA MET D 417 60.14 32.22 28.34
C MET D 417 59.84 31.15 29.39
N ALA D 418 60.18 29.90 29.13
CA ALA D 418 60.02 28.86 30.15
C ALA D 418 61.09 28.98 31.22
N LEU D 419 62.36 28.94 30.82
CA LEU D 419 63.48 29.03 31.74
C LEU D 419 63.90 30.47 32.02
N GLY D 420 63.12 31.45 31.57
CA GLY D 420 63.40 32.84 31.89
C GLY D 420 64.54 33.47 31.12
N HIS D 421 64.80 33.00 29.89
CA HIS D 421 65.78 33.68 29.05
C HIS D 421 65.29 35.02 28.55
N ARG D 422 63.97 35.23 28.54
CA ARG D 422 63.37 36.48 28.09
C ARG D 422 62.09 36.70 28.87
N PRO D 423 61.68 37.95 29.09
CA PRO D 423 60.43 38.19 29.82
C PRO D 423 59.20 37.86 28.98
N ILE D 424 58.06 37.87 29.65
CA ILE D 424 56.81 37.36 29.11
C ILE D 424 55.91 38.54 28.78
N PRO D 425 55.66 38.84 27.49
CA PRO D 425 54.68 39.88 27.13
C PRO D 425 53.24 39.40 27.32
N GLY D 487 65.13 18.16 -20.55
CA GLY D 487 63.98 18.65 -21.28
C GLY D 487 62.81 19.07 -20.41
N LYS D 488 63.08 19.95 -19.44
CA LYS D 488 62.07 20.44 -18.51
C LYS D 488 61.65 21.85 -18.89
N SER D 489 60.53 22.28 -18.34
CA SER D 489 60.16 23.68 -18.36
C SER D 489 60.91 24.43 -17.28
N THR D 490 60.73 25.75 -17.25
CA THR D 490 61.31 26.60 -16.22
C THR D 490 60.24 27.19 -15.31
N THR D 491 59.17 27.72 -15.88
CA THR D 491 58.04 28.24 -15.11
C THR D 491 57.00 27.13 -14.99
N LEU D 492 56.89 26.57 -13.79
CA LEU D 492 56.06 25.39 -13.60
C LEU D 492 54.58 25.72 -13.57
N PHE D 493 54.20 26.81 -12.90
CA PHE D 493 52.79 27.15 -12.72
C PHE D 493 52.58 28.61 -13.07
N SER D 494 51.32 28.96 -13.34
CA SER D 494 50.97 30.30 -13.79
C SER D 494 49.48 30.53 -13.52
N ARG D 495 48.98 31.65 -14.01
CA ARG D 495 47.56 31.97 -13.94
C ARG D 495 46.72 31.21 -14.95
N HIS D 496 47.34 30.41 -15.81
CA HIS D 496 46.63 29.67 -16.85
C HIS D 496 46.88 28.18 -16.74
N THR D 497 47.29 27.72 -15.56
CA THR D 497 47.64 26.33 -15.35
C THR D 497 46.38 25.52 -15.06
N LYS D 498 46.29 24.33 -15.64
CA LYS D 498 45.21 23.39 -15.36
C LYS D 498 45.80 22.04 -15.00
N ALA D 499 45.15 21.35 -14.05
CA ALA D 499 45.67 20.09 -13.52
C ALA D 499 44.54 19.10 -13.32
N ILE D 500 44.90 17.82 -13.27
CA ILE D 500 43.94 16.73 -13.12
C ILE D 500 44.40 15.87 -11.95
N VAL D 501 43.52 15.62 -11.01
CA VAL D 501 43.82 14.85 -9.82
C VAL D 501 43.36 13.40 -10.04
N TRP D 502 43.98 12.48 -9.32
CA TRP D 502 43.65 11.07 -9.36
C TRP D 502 43.16 10.63 -7.98
N GLY D 503 42.01 10.00 -7.93
CA GLY D 503 41.47 9.51 -6.68
C GLY D 503 40.33 10.39 -6.17
N MET D 504 39.30 9.76 -5.64
CA MET D 504 38.11 10.46 -5.15
C MET D 504 38.46 11.15 -3.84
N GLN D 505 38.98 12.37 -3.96
CA GLN D 505 39.45 13.16 -2.83
C GLN D 505 38.82 14.55 -2.91
N THR D 506 37.48 14.56 -3.04
CA THR D 506 36.73 15.74 -3.46
C THR D 506 36.87 16.92 -2.50
N ARG D 507 37.17 16.66 -1.24
CA ARG D 507 37.42 17.75 -0.29
C ARG D 507 38.68 18.52 -0.68
N ALA D 508 39.75 17.80 -1.03
CA ALA D 508 40.96 18.47 -1.46
C ALA D 508 40.79 19.11 -2.84
N VAL D 509 39.90 18.55 -3.66
CA VAL D 509 39.54 19.23 -4.89
C VAL D 509 38.79 20.51 -4.58
N GLN D 510 37.89 20.46 -3.60
CA GLN D 510 37.27 21.68 -3.11
C GLN D 510 38.28 22.56 -2.40
N GLY D 511 39.23 21.94 -1.70
CA GLY D 511 40.30 22.67 -1.06
C GLY D 511 41.26 23.32 -2.04
N MET D 512 41.28 22.85 -3.28
CA MET D 512 42.07 23.52 -4.31
C MET D 512 41.27 24.60 -5.02
N LEU D 513 39.96 24.37 -5.21
CA LEU D 513 39.16 25.24 -6.07
C LEU D 513 38.93 26.60 -5.45
N ASP D 514 38.78 26.66 -4.13
CA ASP D 514 38.53 27.93 -3.45
C ASP D 514 39.74 28.83 -3.47
N PHE D 515 40.94 28.25 -3.59
CA PHE D 515 42.15 29.04 -3.71
C PHE D 515 42.19 29.81 -5.02
N ASP D 516 41.56 29.28 -6.06
CA ASP D 516 41.41 30.02 -7.30
C ASP D 516 40.47 31.20 -7.14
N TYR D 517 39.49 31.09 -6.24
CA TYR D 517 38.53 32.17 -6.08
C TYR D 517 39.11 33.35 -5.30
N VAL D 518 39.94 33.09 -4.30
CA VAL D 518 40.49 34.20 -3.53
C VAL D 518 41.60 34.91 -4.28
N CYS D 519 42.26 34.24 -5.22
CA CYS D 519 43.22 34.93 -6.06
C CYS D 519 42.56 35.52 -7.31
N SER D 520 41.25 35.32 -7.47
CA SER D 520 40.44 35.86 -8.57
C SER D 520 40.96 35.40 -9.93
N ARG D 521 41.35 34.13 -10.00
CA ARG D 521 41.73 33.55 -11.28
C ARG D 521 40.50 33.39 -12.16
N ASP D 522 40.70 33.58 -13.46
CA ASP D 522 39.61 33.68 -14.41
C ASP D 522 38.88 32.36 -14.63
N GLU D 523 39.59 31.25 -14.62
CA GLU D 523 39.02 29.94 -14.90
C GLU D 523 39.41 28.97 -13.80
N PRO D 524 38.59 27.96 -13.55
CA PRO D 524 39.00 26.91 -12.61
C PRO D 524 40.16 26.10 -13.16
N SER D 525 40.88 25.43 -12.26
CA SER D 525 42.11 24.76 -12.63
C SER D 525 41.97 23.24 -12.69
N VAL D 526 40.97 22.66 -12.03
CA VAL D 526 40.84 21.21 -11.98
C VAL D 526 39.97 20.77 -13.14
N ALA D 527 40.59 20.10 -14.11
CA ALA D 527 39.92 19.74 -15.36
C ALA D 527 39.11 18.46 -15.23
N ALA D 528 39.68 17.44 -14.60
CA ALA D 528 39.01 16.15 -14.49
C ALA D 528 39.50 15.43 -13.25
N MET D 529 38.69 14.46 -12.82
CA MET D 529 39.06 13.53 -11.77
C MET D 529 39.10 12.14 -12.37
N VAL D 530 40.25 11.48 -12.30
CA VAL D 530 40.43 10.18 -12.92
C VAL D 530 40.24 9.12 -11.84
N TYR D 531 39.15 8.39 -11.94
CA TYR D 531 38.89 7.29 -11.03
C TYR D 531 38.26 6.15 -11.82
N PRO D 532 38.91 5.00 -11.90
CA PRO D 532 38.45 3.95 -12.81
C PRO D 532 37.36 3.06 -12.25
N PHE D 533 36.91 3.28 -11.02
CA PHE D 533 35.96 2.39 -10.37
C PHE D 533 34.56 2.98 -10.30
N THR D 534 34.33 4.11 -10.98
CA THR D 534 33.00 4.65 -11.20
C THR D 534 32.75 4.75 -12.70
N GLY D 535 31.63 5.36 -13.07
CA GLY D 535 31.32 5.61 -14.46
C GLY D 535 31.93 6.91 -14.93
N ASP D 536 31.37 7.45 -16.01
CA ASP D 536 31.73 8.76 -16.54
C ASP D 536 30.56 9.71 -16.29
N HIS D 537 30.70 10.60 -15.33
CA HIS D 537 29.67 11.61 -15.11
C HIS D 537 30.36 12.90 -14.66
N LYS D 538 29.57 13.84 -14.14
CA LYS D 538 30.03 15.17 -13.79
C LYS D 538 29.77 15.42 -12.31
N GLN D 539 30.82 15.81 -11.59
CA GLN D 539 30.74 16.00 -10.15
C GLN D 539 30.49 17.48 -9.83
N LYS D 540 29.63 17.73 -8.86
CA LYS D 540 29.23 19.08 -8.51
C LYS D 540 30.20 19.69 -7.50
N PHE D 541 30.55 20.95 -7.72
CA PHE D 541 31.35 21.71 -6.76
C PHE D 541 30.83 23.14 -6.73
N TYR D 542 31.48 23.97 -5.91
CA TYR D 542 31.02 25.33 -5.69
C TYR D 542 32.15 26.30 -5.95
N TRP D 543 32.18 26.85 -7.16
CA TRP D 543 33.06 27.94 -7.53
C TRP D 543 32.39 29.21 -7.00
N GLY D 544 32.81 29.64 -5.82
CA GLY D 544 32.19 30.79 -5.20
C GLY D 544 30.85 30.42 -4.60
N HIS D 545 29.77 30.86 -5.23
CA HIS D 545 28.43 30.48 -4.85
C HIS D 545 27.74 29.59 -5.86
N LYS D 546 28.13 29.66 -7.12
CA LYS D 546 27.46 28.90 -8.17
C LYS D 546 27.83 27.42 -8.08
N GLU D 547 27.21 26.63 -8.93
CA GLU D 547 27.53 25.22 -9.05
C GLU D 547 28.30 24.99 -10.33
N ILE D 548 29.38 24.22 -10.24
CA ILE D 548 30.19 23.90 -11.39
C ILE D 548 30.22 22.38 -11.53
N LEU D 549 30.38 21.91 -12.75
CA LEU D 549 30.32 20.49 -13.06
C LEU D 549 31.67 20.06 -13.60
N ILE D 550 32.43 19.34 -12.79
CA ILE D 550 33.73 18.80 -13.20
C ILE D 550 33.54 17.34 -13.56
N PRO D 551 34.00 16.89 -14.72
CA PRO D 551 33.78 15.50 -15.12
C PRO D 551 34.66 14.54 -14.35
N VAL D 552 34.12 13.35 -14.09
CA VAL D 552 34.91 12.24 -13.57
C VAL D 552 35.08 11.23 -14.70
N PHE D 553 36.32 10.84 -14.96
CA PHE D 553 36.64 9.94 -16.04
C PHE D 553 37.10 8.59 -15.50
N LYS D 554 37.17 7.60 -16.40
CA LYS D 554 37.49 6.23 -16.02
C LYS D 554 38.88 5.81 -16.46
N ASN D 555 39.32 6.24 -17.64
CA ASN D 555 40.65 5.89 -18.14
C ASN D 555 41.46 7.15 -18.39
N MET D 556 42.78 6.98 -18.46
CA MET D 556 43.67 8.12 -18.62
C MET D 556 43.73 8.65 -20.05
N ALA D 557 43.43 7.81 -21.05
CA ALA D 557 43.47 8.27 -22.43
C ALA D 557 42.28 9.19 -22.74
N ASP D 558 41.13 8.92 -22.12
CA ASP D 558 39.98 9.81 -22.31
C ASP D 558 40.13 11.12 -21.55
N ALA D 559 41.08 11.19 -20.62
CA ALA D 559 41.46 12.49 -20.09
C ALA D 559 42.23 13.30 -21.13
N MET D 560 42.90 12.63 -22.06
CA MET D 560 43.71 13.31 -23.06
C MET D 560 42.90 13.79 -24.26
N ARG D 561 41.80 13.12 -24.58
CA ARG D 561 41.13 13.30 -25.87
C ARG D 561 40.44 14.66 -25.98
N LYS D 562 39.45 14.91 -25.12
CA LYS D 562 38.75 16.19 -25.20
C LYS D 562 39.57 17.34 -24.64
N HIS D 563 40.50 17.06 -23.73
CA HIS D 563 41.27 18.10 -23.05
C HIS D 563 42.74 17.71 -23.02
N PRO D 564 43.50 18.06 -24.05
CA PRO D 564 44.96 17.83 -24.03
C PRO D 564 45.78 18.98 -23.49
N GLU D 565 45.15 20.04 -23.00
CA GLU D 565 45.84 21.22 -22.51
C GLU D 565 46.29 21.09 -21.05
N VAL D 566 45.99 19.97 -20.42
CA VAL D 566 46.42 19.70 -19.05
C VAL D 566 47.88 19.29 -19.08
N ASP D 567 48.70 19.92 -18.24
CA ASP D 567 50.13 19.65 -18.21
C ASP D 567 50.64 19.18 -16.86
N VAL D 568 49.80 19.21 -15.82
CA VAL D 568 50.20 18.82 -14.47
C VAL D 568 49.26 17.71 -14.00
N LEU D 569 49.83 16.55 -13.69
CA LEU D 569 49.06 15.41 -13.20
C LEU D 569 49.49 15.01 -11.80
N ILE D 570 48.49 14.77 -10.96
CA ILE D 570 48.64 14.53 -9.53
C ILE D 570 48.05 13.16 -9.24
N ASN D 571 48.62 12.46 -8.26
CA ASN D 571 48.06 11.21 -7.76
C ASN D 571 47.84 11.32 -6.26
N PHE D 572 46.63 11.00 -5.81
CA PHE D 572 46.32 10.92 -4.39
C PHE D 572 45.92 9.52 -3.95
N ALA D 573 46.26 8.50 -4.72
CA ALA D 573 45.93 7.14 -4.31
C ALA D 573 46.89 6.70 -3.20
N SER D 574 46.54 5.57 -2.58
CA SER D 574 47.34 5.04 -1.49
C SER D 574 48.59 4.34 -2.02
N LEU D 575 49.33 3.72 -1.11
CA LEU D 575 50.59 3.08 -1.47
C LEU D 575 50.39 1.85 -2.34
N ARG D 576 49.23 1.21 -2.24
CA ARG D 576 48.99 -0.08 -2.86
C ARG D 576 48.72 0.01 -4.35
N SER D 577 48.49 1.22 -4.87
CA SER D 577 48.30 1.39 -6.30
C SER D 577 49.02 2.61 -6.84
N ALA D 578 50.07 3.07 -6.16
CA ALA D 578 50.72 4.31 -6.57
C ALA D 578 51.60 4.11 -7.80
N TYR D 579 52.21 2.93 -7.95
CA TYR D 579 53.25 2.76 -8.95
C TYR D 579 52.67 2.58 -10.34
N ASP D 580 51.61 1.78 -10.45
CA ASP D 580 51.00 1.53 -11.77
C ASP D 580 50.28 2.76 -12.29
N SER D 581 49.82 3.64 -11.40
CA SER D 581 49.20 4.88 -11.84
C SER D 581 50.22 5.89 -12.34
N THR D 582 51.51 5.65 -12.12
CA THR D 582 52.55 6.58 -12.52
C THR D 582 53.29 6.16 -13.78
N MET D 583 53.57 4.87 -13.95
CA MET D 583 54.39 4.44 -15.07
C MET D 583 53.65 4.55 -16.40
N GLU D 584 52.35 4.29 -16.40
CA GLU D 584 51.56 4.52 -17.60
C GLU D 584 51.37 6.01 -17.87
N THR D 585 51.47 6.84 -16.83
CA THR D 585 51.18 8.26 -16.98
C THR D 585 52.26 8.98 -17.78
N MET D 586 53.52 8.72 -17.47
CA MET D 586 54.61 9.46 -18.09
C MET D 586 54.88 9.05 -19.54
N ASN D 587 54.23 8.00 -20.03
CA ASN D 587 54.22 7.72 -21.45
C ASN D 587 53.56 8.82 -22.26
N TYR D 588 52.50 9.43 -21.74
CA TYR D 588 51.88 10.60 -22.36
C TYR D 588 52.76 11.80 -22.03
N ALA D 589 53.44 12.34 -23.04
CA ALA D 589 54.43 13.37 -22.80
C ALA D 589 53.85 14.76 -22.69
N GLN D 590 52.54 14.94 -22.83
CA GLN D 590 51.95 16.27 -22.73
C GLN D 590 51.95 16.77 -21.29
N ILE D 591 52.04 15.86 -20.32
CA ILE D 591 52.14 16.24 -18.93
C ILE D 591 53.57 16.68 -18.65
N ARG D 592 53.73 17.83 -17.99
CA ARG D 592 55.05 18.36 -17.72
C ARG D 592 55.45 18.31 -16.25
N THR D 593 54.51 18.09 -15.33
CA THR D 593 54.83 18.08 -13.91
C THR D 593 54.00 17.01 -13.22
N ILE D 594 54.64 16.19 -12.39
CA ILE D 594 53.99 15.14 -11.65
C ILE D 594 54.47 15.18 -10.21
N ALA D 595 53.51 15.17 -9.27
CA ALA D 595 53.82 15.18 -7.85
C ALA D 595 53.07 14.05 -7.17
N ILE D 596 53.76 13.33 -6.29
CA ILE D 596 53.22 12.15 -5.61
C ILE D 596 53.11 12.45 -4.14
N ILE D 597 51.98 12.07 -3.54
CA ILE D 597 51.70 12.37 -2.15
C ILE D 597 51.84 11.14 -1.25
N ALA D 598 51.61 9.94 -1.78
CA ALA D 598 51.42 8.71 -1.01
C ALA D 598 52.64 8.35 -0.15
N GLU D 599 52.38 7.59 0.92
CA GLU D 599 53.33 7.35 1.98
C GLU D 599 53.40 5.86 2.28
N GLY D 600 54.58 5.27 2.09
CA GLY D 600 54.75 3.84 2.28
C GLY D 600 55.34 3.16 1.05
N ILE D 601 56.01 3.93 0.21
CA ILE D 601 56.52 3.45 -1.07
C ILE D 601 57.89 2.82 -0.85
N PRO D 602 58.17 1.65 -1.45
CA PRO D 602 59.52 1.09 -1.41
C PRO D 602 60.55 1.98 -2.09
N GLU D 603 61.80 1.84 -1.64
CA GLU D 603 62.87 2.69 -2.15
C GLU D 603 63.29 2.30 -3.55
N ALA D 604 63.01 1.07 -3.98
CA ALA D 604 63.23 0.72 -5.38
C ALA D 604 62.16 1.34 -6.27
N LEU D 605 60.89 1.28 -5.85
CA LEU D 605 59.82 1.97 -6.56
C LEU D 605 60.02 3.47 -6.52
N THR D 606 60.68 3.98 -5.47
CA THR D 606 61.15 5.36 -5.48
C THR D 606 62.15 5.59 -6.60
N ARG D 607 63.15 4.71 -6.72
CA ARG D 607 64.17 4.91 -7.73
C ARG D 607 63.79 4.36 -9.10
N LYS D 608 62.67 3.65 -9.20
CA LYS D 608 62.20 3.23 -10.53
C LYS D 608 61.65 4.41 -11.32
N LEU D 609 61.10 5.41 -10.63
CA LEU D 609 60.41 6.49 -11.32
C LEU D 609 61.38 7.53 -11.89
N ILE D 610 62.58 7.64 -11.30
CA ILE D 610 63.43 8.77 -11.60
C ILE D 610 64.11 8.61 -12.95
N LYS D 611 64.27 7.38 -13.43
CA LYS D 611 64.94 7.15 -14.71
C LYS D 611 64.08 7.66 -15.87
N LYS D 612 62.77 7.52 -15.74
CA LYS D 612 61.88 7.80 -16.87
C LYS D 612 61.72 9.29 -17.10
N ALA D 613 61.63 10.08 -16.02
CA ALA D 613 61.47 11.52 -16.17
C ALA D 613 62.80 12.22 -16.42
N ASP D 614 63.92 11.52 -16.18
CA ASP D 614 65.23 12.10 -16.46
C ASP D 614 65.44 12.33 -17.95
N GLN D 615 65.06 11.36 -18.78
CA GLN D 615 65.27 11.51 -20.22
C GLN D 615 64.16 12.33 -20.86
N LYS D 616 63.01 12.41 -20.19
CA LYS D 616 61.87 13.11 -20.74
C LYS D 616 61.73 14.53 -20.22
N GLY D 617 62.10 14.79 -18.97
CA GLY D 617 62.11 16.14 -18.46
C GLY D 617 60.86 16.57 -17.71
N VAL D 618 60.39 15.78 -16.75
CA VAL D 618 59.27 16.16 -15.91
C VAL D 618 59.73 16.21 -14.46
N THR D 619 59.50 17.34 -13.80
CA THR D 619 59.97 17.54 -12.44
C THR D 619 59.10 16.76 -11.45
N ILE D 620 59.74 15.91 -10.64
CA ILE D 620 59.04 15.05 -9.70
C ILE D 620 59.20 15.62 -8.30
N ILE D 621 58.07 15.79 -7.61
CA ILE D 621 58.01 16.40 -6.30
C ILE D 621 57.40 15.33 -5.41
N GLY D 622 57.90 14.10 -5.56
CA GLY D 622 57.23 12.91 -5.10
C GLY D 622 57.17 12.70 -3.60
N PRO D 623 57.22 11.43 -3.17
CA PRO D 623 56.41 10.96 -2.03
C PRO D 623 56.78 11.56 -0.69
N ALA D 624 55.86 11.32 0.26
CA ALA D 624 55.86 11.89 1.62
C ALA D 624 55.86 13.41 1.58
N THR D 625 55.04 13.97 0.70
CA THR D 625 55.00 15.40 0.46
C THR D 625 53.59 15.90 0.73
N VAL D 626 53.50 17.07 1.37
CA VAL D 626 52.23 17.73 1.63
C VAL D 626 51.85 18.52 0.39
N GLY D 627 52.84 19.13 -0.26
CA GLY D 627 52.63 19.76 -1.55
C GLY D 627 53.32 21.11 -1.69
N GLY D 628 52.92 21.89 -2.68
CA GLY D 628 53.59 23.15 -2.95
C GLY D 628 52.58 24.24 -3.23
N ILE D 629 53.06 25.48 -3.14
CA ILE D 629 52.19 26.65 -3.22
C ILE D 629 52.86 27.67 -4.12
N LYS D 630 52.11 28.21 -5.07
CA LYS D 630 52.52 29.42 -5.77
C LYS D 630 51.41 30.45 -5.60
N PRO D 631 51.52 31.35 -4.61
CA PRO D 631 50.39 32.22 -4.26
C PRO D 631 50.02 33.19 -5.36
N GLY D 632 48.72 33.45 -5.47
CA GLY D 632 48.16 34.19 -6.57
C GLY D 632 47.87 33.36 -7.80
N CYS D 633 48.53 32.22 -7.95
CA CYS D 633 48.43 31.42 -9.17
C CYS D 633 47.83 30.03 -8.92
N PHE D 634 48.41 29.25 -8.01
CA PHE D 634 48.17 27.81 -8.02
C PHE D 634 48.60 27.21 -6.69
N LYS D 635 47.92 26.12 -6.31
CA LYS D 635 48.16 25.48 -5.03
C LYS D 635 47.89 23.99 -5.15
N ILE D 636 48.77 23.18 -4.58
CA ILE D 636 48.65 21.73 -4.60
C ILE D 636 48.24 21.26 -3.21
N GLY D 637 47.21 20.42 -3.16
CA GLY D 637 46.94 19.65 -1.96
C GLY D 637 46.32 20.49 -0.86
N ASN D 638 46.35 19.96 0.35
CA ASN D 638 45.82 20.64 1.53
C ASN D 638 46.89 21.50 2.21
N THR D 639 47.85 21.99 1.42
CA THR D 639 48.82 22.96 1.89
C THR D 639 48.11 24.23 2.36
N GLY D 640 48.38 24.61 3.61
CA GLY D 640 47.71 25.72 4.24
C GLY D 640 46.46 25.32 5.02
N GLY D 641 45.86 24.18 4.69
CA GLY D 641 44.67 23.76 5.39
C GLY D 641 43.44 24.50 4.89
N MET D 642 42.53 24.83 5.79
CA MET D 642 41.37 25.58 5.37
C MET D 642 41.75 27.06 5.24
N LEU D 643 40.78 27.88 4.82
CA LEU D 643 41.07 29.22 4.32
C LEU D 643 41.43 30.22 5.41
N ASP D 644 41.43 29.82 6.68
CA ASP D 644 41.79 30.74 7.75
C ASP D 644 43.27 31.09 7.70
N ASN D 645 44.12 30.12 7.36
CA ASN D 645 45.55 30.39 7.23
C ASN D 645 45.84 31.23 6.00
N ILE D 646 45.05 31.05 4.94
CA ILE D 646 45.29 31.75 3.68
C ILE D 646 44.91 33.21 3.81
N LEU D 647 44.01 33.52 4.74
CA LEU D 647 43.76 34.91 5.08
C LEU D 647 44.64 35.40 6.22
N ALA D 648 45.28 34.49 6.96
CA ALA D 648 46.17 34.90 8.04
C ALA D 648 47.58 35.22 7.55
N SER D 649 48.04 34.54 6.50
CA SER D 649 49.37 34.77 5.97
C SER D 649 49.32 35.29 4.53
N LYS D 650 48.12 35.61 4.05
CA LYS D 650 47.89 36.37 2.81
C LYS D 650 48.50 35.67 1.58
N LEU D 651 48.16 34.40 1.41
CA LEU D 651 48.68 33.63 0.29
C LEU D 651 47.81 33.71 -0.95
N TYR D 652 46.99 34.75 -1.09
CA TYR D 652 46.22 34.88 -2.31
C TYR D 652 46.92 35.78 -3.33
N ARG D 653 48.09 36.29 -3.02
CA ARG D 653 48.89 37.13 -3.89
C ARG D 653 50.35 36.78 -3.69
N PRO D 654 51.20 36.97 -4.72
CA PRO D 654 52.61 36.65 -4.56
C PRO D 654 53.32 37.66 -3.67
N GLY D 655 54.49 37.25 -3.18
CA GLY D 655 55.41 38.16 -2.53
C GLY D 655 56.71 38.19 -3.30
N SER D 656 57.82 37.97 -2.62
CA SER D 656 59.08 37.78 -3.33
C SER D 656 59.99 36.74 -2.69
N VAL D 657 59.46 35.88 -1.80
CA VAL D 657 60.28 35.01 -0.97
C VAL D 657 60.04 33.56 -1.39
N ALA D 658 61.12 32.82 -1.60
CA ALA D 658 61.07 31.42 -2.01
C ALA D 658 61.74 30.54 -0.96
N TYR D 659 61.17 29.35 -0.76
CA TYR D 659 61.71 28.41 0.22
C TYR D 659 61.54 26.99 -0.29
N VAL D 660 62.42 26.10 0.18
CA VAL D 660 62.33 24.67 -0.10
C VAL D 660 62.61 23.93 1.21
N SER D 661 61.75 22.98 1.56
CA SER D 661 61.93 22.19 2.77
C SER D 661 61.64 20.72 2.48
N ARG D 662 61.70 19.89 3.52
CA ARG D 662 61.34 18.47 3.38
C ARG D 662 59.89 18.20 3.75
N SER D 663 59.53 18.46 5.00
CA SER D 663 58.23 18.07 5.53
C SER D 663 57.27 19.26 5.55
N GLY D 664 56.09 19.04 6.11
CA GLY D 664 55.00 20.00 5.99
C GLY D 664 54.81 20.95 7.15
N GLY D 665 55.02 20.48 8.38
CA GLY D 665 54.82 21.33 9.55
C GLY D 665 55.83 22.46 9.62
N MET D 666 57.05 22.21 9.16
CA MET D 666 58.03 23.27 9.00
C MET D 666 57.66 24.24 7.88
N SER D 667 56.93 23.76 6.86
CA SER D 667 56.63 24.59 5.70
C SER D 667 55.64 25.70 6.05
N ASN D 668 54.60 25.38 6.82
CA ASN D 668 53.64 26.40 7.19
C ASN D 668 54.20 27.33 8.27
N GLU D 669 55.16 26.85 9.06
CA GLU D 669 55.78 27.70 10.07
C GLU D 669 56.60 28.81 9.45
N LEU D 670 57.22 28.57 8.30
CA LEU D 670 57.85 29.65 7.55
C LEU D 670 56.80 30.64 7.07
N ASN D 671 55.65 30.14 6.60
CA ASN D 671 54.59 30.99 6.09
C ASN D 671 53.93 31.82 7.18
N ASN D 672 54.06 31.41 8.44
CA ASN D 672 53.72 32.32 9.52
C ASN D 672 54.77 33.41 9.66
N ILE D 673 56.05 33.04 9.61
CA ILE D 673 57.12 33.98 9.92
C ILE D 673 57.35 34.95 8.77
N ILE D 674 57.41 34.43 7.54
CA ILE D 674 57.76 35.25 6.38
C ILE D 674 56.66 36.25 6.06
N SER D 675 55.39 35.88 6.26
CA SER D 675 54.27 36.76 5.96
C SER D 675 54.19 37.98 6.86
N ARG D 676 54.79 37.94 8.05
CA ARG D 676 54.82 39.11 8.92
C ARG D 676 56.12 39.88 8.84
N THR D 677 57.02 39.48 7.94
CA THR D 677 58.31 40.16 7.79
C THR D 677 58.55 40.70 6.39
N THR D 678 57.98 40.10 5.35
CA THR D 678 58.20 40.49 3.97
C THR D 678 56.88 40.90 3.35
N ASP D 679 56.90 41.09 2.03
CA ASP D 679 55.67 41.36 1.29
C ASP D 679 54.77 40.13 1.20
N GLY D 680 55.35 38.94 1.33
CA GLY D 680 54.61 37.71 1.16
C GLY D 680 55.53 36.64 0.61
N VAL D 681 54.91 35.56 0.13
CA VAL D 681 55.64 34.43 -0.42
C VAL D 681 55.48 34.42 -1.93
N TYR D 682 56.57 34.11 -2.65
CA TYR D 682 56.50 34.00 -4.11
C TYR D 682 56.23 32.57 -4.54
N GLU D 683 57.10 31.64 -4.16
CA GLU D 683 57.01 30.27 -4.64
C GLU D 683 57.75 29.37 -3.68
N GLY D 684 57.01 28.52 -2.99
CA GLY D 684 57.61 27.64 -2.01
C GLY D 684 57.02 26.25 -2.06
N VAL D 685 57.85 25.23 -1.89
CA VAL D 685 57.43 23.86 -2.07
C VAL D 685 58.30 22.93 -1.24
N ALA D 686 57.67 21.98 -0.56
CA ALA D 686 58.38 20.93 0.16
C ALA D 686 58.62 19.76 -0.78
N ILE D 687 59.69 19.00 -0.51
CA ILE D 687 60.00 17.88 -1.38
C ILE D 687 59.56 16.53 -0.79
N GLY D 688 59.77 16.31 0.49
CA GLY D 688 59.40 15.04 1.08
C GLY D 688 60.26 14.60 2.25
N GLY D 689 59.71 13.76 3.11
CA GLY D 689 60.39 13.37 4.33
C GLY D 689 60.88 11.93 4.31
N ASP D 690 60.89 11.33 3.13
CA ASP D 690 61.38 9.97 2.96
C ASP D 690 62.90 9.91 3.06
N ARG D 691 63.43 8.70 2.93
CA ARG D 691 64.88 8.55 2.81
C ARG D 691 65.38 8.99 1.44
N TYR D 692 64.61 8.75 0.38
CA TYR D 692 65.00 9.10 -0.98
C TYR D 692 64.04 10.14 -1.51
N PRO D 693 64.44 11.42 -1.49
CA PRO D 693 63.57 12.48 -2.02
C PRO D 693 63.43 12.40 -3.52
N GLY D 694 62.32 12.94 -4.02
CA GLY D 694 62.07 12.93 -5.45
C GLY D 694 62.98 13.84 -6.23
N SER D 695 63.43 14.93 -5.64
CA SER D 695 64.31 15.87 -6.31
C SER D 695 65.23 16.49 -5.26
N THR D 696 66.38 16.95 -5.72
CA THR D 696 67.34 17.55 -4.81
C THR D 696 66.94 18.98 -4.47
N PHE D 697 67.74 19.62 -3.61
CA PHE D 697 67.54 21.03 -3.33
C PHE D 697 68.00 21.87 -4.51
N MET D 698 68.98 21.37 -5.26
CA MET D 698 69.63 22.18 -6.29
C MET D 698 68.71 22.44 -7.48
N ASP D 699 67.84 21.49 -7.80
CA ASP D 699 67.01 21.54 -9.01
C ASP D 699 66.02 22.71 -8.99
N HIS D 700 65.55 23.12 -7.82
CA HIS D 700 64.63 24.25 -7.73
C HIS D 700 65.36 25.57 -7.49
N VAL D 701 66.49 25.54 -6.77
CA VAL D 701 67.18 26.80 -6.50
C VAL D 701 67.98 27.29 -7.70
N LEU D 702 68.38 26.41 -8.62
CA LEU D 702 68.83 26.90 -9.92
C LEU D 702 67.63 27.36 -10.74
N ARG D 703 66.49 26.68 -10.59
CA ARG D 703 65.27 27.15 -11.24
C ARG D 703 64.78 28.44 -10.59
N TYR D 704 65.00 28.61 -9.29
CA TYR D 704 64.81 29.89 -8.64
C TYR D 704 65.68 30.99 -9.24
N GLN D 705 66.93 30.67 -9.58
CA GLN D 705 67.81 31.62 -10.25
C GLN D 705 67.30 31.95 -11.65
N ASP D 706 66.68 30.99 -12.31
CA ASP D 706 66.13 31.21 -13.65
C ASP D 706 64.72 31.78 -13.62
N THR D 707 64.19 32.14 -12.45
CA THR D 707 62.92 32.84 -12.37
C THR D 707 63.17 34.30 -12.04
N PRO D 708 62.61 35.24 -12.80
CA PRO D 708 62.92 36.66 -12.56
C PRO D 708 62.19 37.26 -11.37
N GLY D 709 61.08 36.66 -10.94
CA GLY D 709 60.22 37.32 -9.97
C GLY D 709 60.78 37.32 -8.56
N VAL D 710 61.42 36.21 -8.15
CA VAL D 710 62.04 36.15 -6.84
C VAL D 710 63.25 37.07 -6.80
N LYS D 711 63.48 37.65 -5.62
CA LYS D 711 64.67 38.44 -5.38
C LYS D 711 65.60 37.80 -4.37
N MET D 712 65.18 36.76 -3.67
CA MET D 712 66.05 36.06 -2.74
C MET D 712 65.64 34.59 -2.67
N ILE D 713 66.48 33.80 -2.01
CA ILE D 713 66.27 32.36 -1.83
C ILE D 713 66.45 32.05 -0.35
N VAL D 714 65.46 31.40 0.24
CA VAL D 714 65.57 30.86 1.59
C VAL D 714 65.64 29.34 1.48
N VAL D 715 66.52 28.73 2.27
CA VAL D 715 66.75 27.29 2.26
C VAL D 715 66.53 26.78 3.68
N LEU D 716 65.92 25.59 3.80
CA LEU D 716 65.83 24.89 5.07
C LEU D 716 66.41 23.49 4.91
N GLY D 717 67.56 23.24 5.54
CA GLY D 717 68.24 21.97 5.43
C GLY D 717 68.05 21.09 6.65
N GLU D 718 68.36 19.81 6.48
CA GLU D 718 68.13 18.80 7.49
C GLU D 718 69.36 17.92 7.64
N ILE D 719 69.41 17.19 8.77
CA ILE D 719 70.53 16.30 9.03
C ILE D 719 70.44 15.07 8.15
N GLY D 720 71.57 14.63 7.61
CA GLY D 720 71.63 13.47 6.76
C GLY D 720 71.62 13.81 5.29
N GLY D 721 72.46 13.13 4.51
CA GLY D 721 72.55 13.39 3.09
C GLY D 721 73.58 14.44 2.75
N THR D 722 74.35 14.22 1.69
CA THR D 722 75.39 15.16 1.26
C THR D 722 74.87 16.15 0.23
N GLU D 723 73.75 16.79 0.54
CA GLU D 723 73.10 17.67 -0.42
C GLU D 723 73.52 19.12 -0.29
N GLU D 724 73.53 19.65 0.95
CA GLU D 724 73.79 21.07 1.19
C GLU D 724 75.22 21.47 0.84
N TYR D 725 76.14 20.51 0.78
CA TYR D 725 77.47 20.81 0.26
C TYR D 725 77.45 21.13 -1.22
N LYS D 726 76.48 20.61 -1.99
CA LYS D 726 76.37 21.00 -3.39
C LYS D 726 75.92 22.44 -3.52
N ILE D 727 74.97 22.86 -2.68
CA ILE D 727 74.59 24.27 -2.60
C ILE D 727 75.77 25.09 -2.10
N CYS D 728 76.54 24.54 -1.15
CA CYS D 728 77.80 25.16 -0.74
C CYS D 728 78.78 25.22 -1.90
N ARG D 729 78.88 24.14 -2.68
CA ARG D 729 79.70 24.19 -3.89
C ARG D 729 79.02 25.01 -4.99
N GLY D 730 77.70 25.16 -4.93
CA GLY D 730 76.98 25.97 -5.89
C GLY D 730 77.24 27.46 -5.73
N ILE D 731 77.40 27.91 -4.49
CA ILE D 731 77.75 29.31 -4.27
C ILE D 731 79.26 29.51 -4.39
N LYS D 732 80.05 28.46 -4.17
CA LYS D 732 81.49 28.58 -4.40
C LYS D 732 81.83 28.56 -5.89
N GLU D 733 80.98 27.96 -6.73
CA GLU D 733 81.22 27.99 -8.16
C GLU D 733 80.61 29.20 -8.83
N GLY D 734 80.01 30.11 -8.08
CA GLY D 734 79.41 31.29 -8.65
C GLY D 734 78.07 31.08 -9.30
N ARG D 735 77.51 29.86 -9.23
CA ARG D 735 76.18 29.62 -9.78
C ARG D 735 75.12 30.36 -8.99
N LEU D 736 75.27 30.42 -7.67
CA LEU D 736 74.35 31.13 -6.81
C LEU D 736 74.76 32.60 -6.76
N THR D 737 73.95 33.45 -7.37
CA THR D 737 74.15 34.90 -7.31
C THR D 737 73.11 35.61 -6.46
N LYS D 738 71.91 35.03 -6.35
CA LYS D 738 70.84 35.61 -5.55
C LYS D 738 71.17 35.51 -4.06
N PRO D 739 70.50 36.29 -3.22
CA PRO D 739 70.66 36.11 -1.77
C PRO D 739 70.18 34.74 -1.30
N ILE D 740 71.07 34.04 -0.61
CA ILE D 740 70.80 32.70 -0.08
C ILE D 740 70.82 32.76 1.43
N VAL D 741 69.80 32.19 2.07
CA VAL D 741 69.74 32.03 3.51
C VAL D 741 69.40 30.58 3.80
N CYS D 742 70.27 29.91 4.54
CA CYS D 742 70.07 28.51 4.86
C CYS D 742 70.21 28.27 6.36
N TRP D 743 69.80 27.08 6.76
CA TRP D 743 69.88 26.62 8.15
C TRP D 743 69.73 25.11 8.09
N CYS D 744 70.44 24.41 8.96
CA CYS D 744 70.25 22.97 9.11
C CYS D 744 69.64 22.72 10.48
N ILE D 745 68.64 21.86 10.53
CA ILE D 745 67.93 21.61 11.77
C ILE D 745 68.66 20.53 12.56
N GLY D 746 68.51 20.58 13.88
CA GLY D 746 68.84 19.46 14.74
C GLY D 746 70.31 19.09 14.87
N THR D 747 71.10 19.91 15.57
CA THR D 747 72.45 19.48 15.92
C THR D 747 72.39 18.31 16.90
N CYS D 748 71.90 18.57 18.12
CA CYS D 748 71.47 17.62 19.15
C CYS D 748 72.49 16.52 19.40
N ALA D 749 73.77 16.88 19.40
CA ALA D 749 74.87 15.91 19.46
C ALA D 749 75.21 15.56 20.90
N THR D 750 74.21 15.12 21.66
CA THR D 750 74.40 14.79 23.07
C THR D 750 73.89 13.38 23.37
N GLN D 767 81.16 8.86 9.56
CA GLN D 767 81.63 10.05 8.86
C GLN D 767 81.07 11.32 9.52
N ALA D 768 81.82 12.41 9.43
CA ALA D 768 81.38 13.71 9.93
C ALA D 768 80.67 14.54 8.88
N SER D 769 80.44 13.99 7.69
CA SER D 769 79.74 14.70 6.63
C SER D 769 78.22 14.54 6.71
N GLU D 770 77.73 13.73 7.63
CA GLU D 770 76.30 13.51 7.78
C GLU D 770 75.68 14.22 8.98
N THR D 771 76.49 14.87 9.80
CA THR D 771 75.94 15.56 10.96
C THR D 771 75.48 16.96 10.60
N ALA D 772 74.76 17.58 11.53
CA ALA D 772 74.36 18.97 11.37
C ALA D 772 75.49 19.92 11.69
N VAL D 773 76.54 19.43 12.36
CA VAL D 773 77.60 20.28 12.89
C VAL D 773 78.42 20.90 11.77
N ALA D 774 79.01 20.05 10.92
CA ALA D 774 79.80 20.54 9.80
C ALA D 774 78.93 21.28 8.78
N LYS D 775 77.66 20.86 8.64
CA LYS D 775 76.75 21.55 7.73
C LYS D 775 76.40 22.94 8.23
N ASN D 776 76.42 23.14 9.56
CA ASN D 776 76.26 24.49 10.09
C ASN D 776 77.51 25.32 9.84
N GLN D 777 78.68 24.67 9.77
CA GLN D 777 79.93 25.43 9.65
C GLN D 777 80.43 25.55 8.20
N ALA D 778 80.31 24.50 7.39
CA ALA D 778 80.88 24.55 6.04
C ALA D 778 80.09 25.50 5.15
N LEU D 779 78.77 25.52 5.32
CA LEU D 779 77.93 26.48 4.63
C LEU D 779 78.17 27.90 5.11
N LYS D 780 78.70 28.08 6.32
CA LYS D 780 78.74 29.40 6.95
C LYS D 780 79.80 30.30 6.31
N GLU D 781 81.01 29.80 6.12
CA GLU D 781 82.07 30.61 5.51
C GLU D 781 82.12 30.47 4.00
N ALA D 782 81.05 29.99 3.37
CA ALA D 782 80.89 30.15 1.93
C ALA D 782 80.33 31.52 1.57
N GLY D 783 79.77 32.24 2.53
CA GLY D 783 79.13 33.51 2.30
C GLY D 783 77.64 33.53 2.52
N VAL D 784 77.12 32.70 3.42
CA VAL D 784 75.69 32.52 3.61
C VAL D 784 75.29 33.18 4.93
N PHE D 785 74.22 33.96 4.91
CA PHE D 785 73.56 34.38 6.13
C PHE D 785 73.07 33.14 6.87
N VAL D 786 73.63 32.88 8.05
CA VAL D 786 73.31 31.65 8.78
C VAL D 786 72.76 32.00 10.15
N PRO D 787 71.54 31.59 10.47
CA PRO D 787 71.05 31.71 11.85
C PRO D 787 71.78 30.79 12.81
N ARG D 788 71.89 31.27 14.06
CA ARG D 788 72.56 30.48 15.09
C ARG D 788 71.57 29.69 15.93
N SER D 789 70.29 30.07 15.91
CA SER D 789 69.23 29.35 16.60
C SER D 789 67.99 29.37 15.72
N PHE D 790 66.89 28.85 16.26
CA PHE D 790 65.64 28.88 15.52
C PHE D 790 64.82 30.12 15.86
N ASP D 791 65.01 30.65 17.08
CA ASP D 791 64.36 31.89 17.46
C ASP D 791 64.91 33.09 16.70
N GLU D 792 66.18 33.06 16.32
CA GLU D 792 66.79 34.14 15.54
C GLU D 792 66.48 34.03 14.06
N LEU D 793 65.85 32.94 13.64
CA LEU D 793 65.59 32.71 12.22
C LEU D 793 64.58 33.73 11.68
N GLY D 794 63.70 34.22 12.56
CA GLY D 794 62.86 35.34 12.21
C GLY D 794 63.62 36.63 11.97
N GLU D 795 64.71 36.85 12.70
CA GLU D 795 65.49 38.08 12.51
C GLU D 795 66.43 38.00 11.33
N ILE D 796 66.87 36.78 10.97
CA ILE D 796 67.75 36.61 9.83
C ILE D 796 67.05 37.00 8.54
N ILE D 797 65.81 36.54 8.35
CA ILE D 797 65.04 36.93 7.18
C ILE D 797 64.60 38.38 7.30
N GLN D 798 64.40 38.88 8.52
CA GLN D 798 64.07 40.28 8.73
C GLN D 798 65.22 41.18 8.33
N SER D 799 66.44 40.82 8.73
CA SER D 799 67.62 41.62 8.43
C SER D 799 67.92 41.63 6.94
N VAL D 800 67.85 40.47 6.29
CA VAL D 800 68.21 40.40 4.87
C VAL D 800 67.14 41.06 4.01
N TYR D 801 65.89 41.11 4.50
CA TYR D 801 64.86 41.81 3.75
C TYR D 801 65.04 43.32 3.85
N GLU D 802 65.57 43.80 4.98
CA GLU D 802 65.89 45.21 5.11
C GLU D 802 67.03 45.62 4.18
N ASP D 803 67.99 44.73 3.95
CA ASP D 803 69.08 45.03 3.04
C ASP D 803 68.62 44.98 1.58
N LEU D 804 67.70 44.08 1.25
CA LEU D 804 67.20 43.93 -0.10
C LEU D 804 66.19 45.03 -0.47
N VAL D 805 65.68 45.77 0.50
CA VAL D 805 64.88 46.95 0.19
C VAL D 805 65.68 48.24 0.31
N ALA D 806 66.92 48.17 0.80
CA ALA D 806 67.74 49.38 0.92
C ALA D 806 68.17 49.89 -0.45
N ASN D 807 68.57 49.00 -1.35
CA ASN D 807 68.90 49.37 -2.72
C ASN D 807 67.67 49.51 -3.62
N GLY D 808 66.49 49.19 -3.12
CA GLY D 808 65.26 49.39 -3.87
C GLY D 808 65.00 48.40 -4.98
N VAL D 809 65.66 47.24 -4.95
CA VAL D 809 65.36 46.22 -5.95
C VAL D 809 64.04 45.51 -5.64
N ILE D 810 63.62 45.50 -4.37
CA ILE D 810 62.29 45.05 -3.98
C ILE D 810 61.46 46.30 -3.77
N VAL D 811 60.49 46.53 -4.64
CA VAL D 811 59.58 47.67 -4.51
C VAL D 811 58.44 47.24 -3.56
N PRO D 812 57.94 48.13 -2.72
CA PRO D 812 56.83 47.74 -1.82
C PRO D 812 55.52 47.57 -2.56
N ALA D 813 54.95 46.37 -2.52
CA ALA D 813 53.70 46.12 -3.22
C ALA D 813 52.52 46.62 -2.41
N GLN D 814 51.51 47.13 -3.11
CA GLN D 814 50.30 47.59 -2.45
C GLN D 814 49.38 46.41 -2.14
N GLU D 815 48.51 46.59 -1.14
CA GLU D 815 47.52 45.58 -0.82
C GLU D 815 46.25 45.81 -1.63
N VAL D 816 45.66 44.71 -2.10
CA VAL D 816 44.34 44.71 -2.73
C VAL D 816 43.46 43.70 -1.99
N PRO D 817 42.33 44.15 -1.46
CA PRO D 817 41.53 43.28 -0.57
C PRO D 817 40.86 42.16 -1.34
N PRO D 818 40.79 40.96 -0.76
CA PRO D 818 40.43 39.78 -1.53
C PRO D 818 38.93 39.57 -1.58
N PRO D 819 38.44 38.73 -2.48
CA PRO D 819 37.04 38.30 -2.40
C PRO D 819 36.81 37.39 -1.20
N THR D 820 35.65 37.54 -0.57
CA THR D 820 35.30 36.73 0.58
C THR D 820 34.35 35.62 0.14
N VAL D 821 34.54 34.43 0.70
CA VAL D 821 33.97 33.19 0.19
C VAL D 821 33.19 32.48 1.29
N PRO D 822 32.07 31.84 0.98
CA PRO D 822 31.42 30.97 1.96
C PRO D 822 32.21 29.67 2.08
N MET D 823 32.29 29.15 3.31
CA MET D 823 33.26 28.10 3.59
C MET D 823 32.84 26.67 3.19
N ASP D 824 31.86 26.07 3.87
CA ASP D 824 31.09 24.83 3.66
C ASP D 824 30.23 24.65 4.89
N TYR D 825 29.30 23.70 4.82
CA TYR D 825 28.47 23.42 5.99
C TYR D 825 29.09 22.35 6.89
N SER D 826 29.28 21.15 6.34
CA SER D 826 29.60 19.97 7.14
C SER D 826 30.94 20.09 7.84
N TRP D 827 31.88 20.82 7.25
CA TRP D 827 33.11 21.11 7.95
C TRP D 827 32.91 22.19 9.00
N ALA D 828 32.01 23.14 8.76
CA ALA D 828 31.77 24.20 9.73
C ALA D 828 31.07 23.68 10.95
N ARG D 829 30.07 22.82 10.77
CA ARG D 829 29.36 22.28 11.91
C ARG D 829 30.21 21.27 12.68
N GLU D 830 31.26 20.74 12.06
CA GLU D 830 32.10 19.75 12.72
C GLU D 830 32.86 20.36 13.88
N LEU D 831 33.36 21.58 13.71
CA LEU D 831 33.97 22.27 14.83
C LEU D 831 32.98 23.17 15.55
N GLY D 832 31.70 23.05 15.22
CA GLY D 832 30.62 23.53 16.06
C GLY D 832 30.54 25.03 16.27
N LEU D 833 30.22 25.78 15.22
CA LEU D 833 30.10 27.22 15.39
C LEU D 833 28.74 27.76 15.01
N ILE D 834 27.80 26.97 14.49
CA ILE D 834 26.65 27.66 13.91
C ILE D 834 25.34 27.51 14.72
N ARG D 835 24.61 26.38 14.58
CA ARG D 835 23.58 25.74 15.41
C ARG D 835 22.88 24.81 14.43
N LYS D 836 21.88 24.01 14.87
CA LYS D 836 20.77 23.59 14.02
C LYS D 836 19.66 23.04 14.89
N PRO D 837 18.41 23.43 14.64
CA PRO D 837 17.28 22.73 15.29
C PRO D 837 17.14 21.32 14.75
N ALA D 838 16.46 20.47 15.51
CA ALA D 838 16.44 19.05 15.19
C ALA D 838 15.02 18.51 15.25
N SER D 839 14.57 17.93 14.13
CA SER D 839 13.35 17.16 14.07
C SER D 839 13.70 15.71 14.39
N PHE D 840 12.78 14.78 14.11
CA PHE D 840 13.06 13.34 14.08
C PHE D 840 13.55 12.80 15.43
N MET D 841 12.65 12.75 16.40
CA MET D 841 13.04 12.46 17.78
C MET D 841 13.65 11.06 17.92
N THR D 842 12.93 10.02 17.48
CA THR D 842 13.33 8.59 17.33
C THR D 842 14.25 8.03 18.42
N SER D 843 13.68 7.82 19.61
CA SER D 843 14.41 7.26 20.73
C SER D 843 14.37 5.72 20.67
N ILE D 844 15.03 5.18 19.64
CA ILE D 844 15.25 3.74 19.52
C ILE D 844 16.42 3.52 18.58
N CYS D 845 17.24 2.52 18.91
CA CYS D 845 18.21 1.89 18.00
C CYS D 845 19.26 2.89 17.52
N ASP D 846 20.13 3.25 18.45
CA ASP D 846 21.39 3.89 18.11
C ASP D 846 22.17 3.00 17.14
N GLU D 847 22.45 3.53 15.95
CA GLU D 847 23.10 2.73 14.93
C GLU D 847 24.50 3.20 14.57
N ARG D 848 24.88 4.41 14.93
CA ARG D 848 26.23 4.85 14.61
C ARG D 848 27.11 4.73 15.84
N GLY D 849 28.40 4.51 15.57
CA GLY D 849 29.33 4.03 16.58
C GLY D 849 29.88 2.68 16.18
N GLN D 850 30.15 1.85 17.17
CA GLN D 850 30.74 0.55 16.90
C GLN D 850 29.79 -0.61 17.10
N GLU D 851 28.78 -0.46 17.95
CA GLU D 851 27.85 -1.54 18.23
C GLU D 851 26.45 -0.96 18.28
N LEU D 852 25.50 -1.65 17.65
CA LEU D 852 24.13 -1.19 17.62
C LEU D 852 23.52 -1.34 19.00
N ILE D 853 23.30 -0.23 19.68
CA ILE D 853 22.65 -0.25 20.97
C ILE D 853 21.15 -0.27 20.73
N TYR D 854 20.46 -1.14 21.43
CA TYR D 854 19.00 -1.13 21.41
C TYR D 854 18.53 -0.21 22.53
N ALA D 855 17.27 -0.32 22.94
CA ALA D 855 16.63 0.65 23.83
C ALA D 855 17.35 0.80 25.17
N GLY D 856 18.04 -0.24 25.62
CA GLY D 856 18.95 -0.06 26.73
C GLY D 856 20.20 -0.90 26.66
N MET D 857 20.51 -1.46 25.50
CA MET D 857 21.45 -2.57 25.51
C MET D 857 22.14 -2.75 24.17
N PRO D 858 23.43 -3.08 24.17
CA PRO D 858 24.08 -3.46 22.91
C PRO D 858 23.60 -4.81 22.42
N ILE D 859 23.96 -5.11 21.18
CA ILE D 859 23.48 -6.33 20.50
C ILE D 859 24.04 -7.58 21.16
N THR D 860 25.32 -7.58 21.54
CA THR D 860 25.95 -8.79 22.03
C THR D 860 25.50 -9.13 23.43
N GLU D 861 25.12 -8.12 24.21
CA GLU D 861 24.63 -8.36 25.56
C GLU D 861 23.26 -9.01 25.58
N VAL D 862 22.54 -8.96 24.46
CA VAL D 862 21.22 -9.59 24.38
C VAL D 862 21.37 -11.11 24.41
N PHE D 863 22.35 -11.64 23.68
CA PHE D 863 22.52 -13.09 23.65
C PHE D 863 23.27 -13.63 24.86
N LYS D 864 23.92 -12.78 25.64
CA LYS D 864 24.52 -13.25 26.88
C LYS D 864 23.46 -13.52 27.93
N GLU D 865 22.39 -12.72 27.96
CA GLU D 865 21.20 -13.14 28.68
C GLU D 865 20.42 -14.18 27.90
N GLU D 866 20.61 -14.19 26.57
CA GLU D 866 19.96 -15.11 25.63
C GLU D 866 18.44 -15.06 25.78
N MET D 867 17.87 -13.89 25.52
CA MET D 867 16.44 -13.78 25.46
C MET D 867 15.96 -14.05 24.04
N GLY D 868 14.71 -14.49 23.92
CA GLY D 868 14.12 -14.74 22.62
C GLY D 868 13.71 -13.46 21.94
N ILE D 869 12.99 -13.60 20.82
CA ILE D 869 12.57 -12.40 20.10
C ILE D 869 11.40 -11.73 20.79
N GLY D 870 10.78 -12.39 21.77
CA GLY D 870 9.96 -11.64 22.71
C GLY D 870 10.78 -10.65 23.51
N GLY D 871 12.04 -10.98 23.78
CA GLY D 871 12.91 -10.05 24.50
C GLY D 871 13.18 -8.78 23.72
N VAL D 872 13.43 -8.90 22.41
CA VAL D 872 13.53 -7.68 21.63
C VAL D 872 12.17 -7.07 21.40
N LEU D 873 11.10 -7.86 21.53
CA LEU D 873 9.76 -7.30 21.41
C LEU D 873 9.40 -6.46 22.62
N GLY D 874 10.03 -6.70 23.75
CA GLY D 874 9.91 -5.77 24.85
C GLY D 874 10.69 -4.50 24.58
N LEU D 875 11.92 -4.64 24.10
CA LEU D 875 12.83 -3.50 23.96
C LEU D 875 12.39 -2.57 22.85
N LEU D 876 12.15 -3.11 21.66
CA LEU D 876 11.84 -2.27 20.51
C LEU D 876 10.45 -1.67 20.57
N TRP D 877 9.58 -2.18 21.42
CA TRP D 877 8.26 -1.60 21.55
C TRP D 877 8.05 -0.83 22.83
N PHE D 878 8.53 -1.35 23.94
CA PHE D 878 8.19 -0.78 25.22
C PHE D 878 9.38 -0.19 25.96
N GLN D 879 10.60 -0.45 25.47
CA GLN D 879 11.84 0.16 25.97
C GLN D 879 12.12 -0.16 27.43
N LYS D 880 11.58 -1.28 27.91
CA LYS D 880 11.88 -1.76 29.24
C LYS D 880 12.43 -3.16 29.12
N ARG D 881 13.35 -3.50 30.02
CA ARG D 881 13.86 -4.86 30.06
C ARG D 881 12.76 -5.77 30.60
N LEU D 882 12.03 -6.38 29.71
CA LEU D 882 10.93 -7.20 30.15
C LEU D 882 11.46 -8.55 30.65
N PRO D 883 11.04 -8.98 31.84
CA PRO D 883 11.57 -10.23 32.41
C PRO D 883 11.06 -11.46 31.67
N LYS D 884 11.92 -12.48 31.65
CA LYS D 884 11.79 -13.61 30.73
C LYS D 884 10.77 -14.66 31.18
N TYR D 885 9.89 -14.36 32.12
CA TYR D 885 8.72 -15.21 32.30
C TYR D 885 7.59 -14.78 31.38
N SER D 886 7.60 -13.52 30.98
CA SER D 886 6.59 -12.96 30.09
C SER D 886 7.10 -12.75 28.68
N CYS D 887 8.43 -12.75 28.49
CA CYS D 887 9.00 -12.83 27.15
C CYS D 887 8.51 -14.05 26.41
N GLN D 888 8.41 -15.18 27.10
CA GLN D 888 7.85 -16.38 26.49
C GLN D 888 6.35 -16.32 26.35
N PHE D 889 5.68 -15.36 27.01
CA PHE D 889 4.25 -15.23 26.81
C PHE D 889 3.94 -14.53 25.50
N ILE D 890 4.63 -13.41 25.22
CA ILE D 890 4.32 -12.66 24.02
C ILE D 890 4.88 -13.38 22.79
N GLU D 891 5.88 -14.24 22.98
CA GLU D 891 6.28 -15.14 21.91
C GLU D 891 5.21 -16.19 21.68
N MET D 892 4.63 -16.72 22.76
CA MET D 892 3.52 -17.63 22.62
C MET D 892 2.26 -16.92 22.13
N CYS D 893 2.20 -15.61 22.32
CA CYS D 893 0.97 -14.89 21.99
C CYS D 893 0.81 -14.69 20.49
N LEU D 894 1.89 -14.38 19.78
CA LEU D 894 1.78 -14.29 18.34
C LEU D 894 1.90 -15.65 17.67
N MET D 895 2.33 -16.68 18.41
CA MET D 895 2.41 -18.01 17.83
C MET D 895 1.03 -18.63 17.63
N VAL D 896 0.02 -18.18 18.38
CA VAL D 896 -1.32 -18.71 18.22
C VAL D 896 -2.20 -17.81 17.39
N THR D 897 -1.79 -16.58 17.13
CA THR D 897 -2.51 -15.66 16.24
C THR D 897 -1.87 -15.62 14.87
N ALA D 898 -1.44 -16.78 14.38
CA ALA D 898 -0.92 -16.91 13.04
C ALA D 898 -2.08 -16.91 12.04
N ASP D 899 -1.81 -17.37 10.83
CA ASP D 899 -2.84 -17.47 9.80
C ASP D 899 -3.98 -18.40 10.20
N HIS D 900 -5.15 -18.14 9.64
CA HIS D 900 -6.41 -18.69 10.10
C HIS D 900 -7.21 -19.28 8.94
N GLY D 901 -6.52 -19.60 7.85
CA GLY D 901 -7.18 -20.17 6.70
C GLY D 901 -7.45 -19.16 5.62
N PRO D 902 -7.52 -19.63 4.37
CA PRO D 902 -7.62 -18.73 3.22
C PRO D 902 -9.00 -18.15 2.99
N ALA D 903 -9.97 -18.40 3.85
CA ALA D 903 -11.27 -17.85 3.58
C ALA D 903 -11.39 -16.39 3.99
N VAL D 904 -10.62 -15.99 5.01
CA VAL D 904 -10.86 -14.73 5.67
C VAL D 904 -10.42 -13.59 4.76
N SER D 905 -11.14 -12.46 4.82
CA SER D 905 -10.94 -11.36 3.88
C SER D 905 -9.59 -10.68 4.02
N GLY D 906 -8.83 -10.98 5.07
CA GLY D 906 -7.44 -10.55 5.10
C GLY D 906 -6.59 -11.38 4.16
N ALA D 907 -6.61 -12.70 4.33
CA ALA D 907 -5.77 -13.55 3.50
C ALA D 907 -6.30 -13.70 2.09
N HIS D 908 -7.54 -13.31 1.84
CA HIS D 908 -8.13 -13.48 0.52
C HIS D 908 -7.56 -12.49 -0.48
N ASN D 909 -7.20 -11.30 -0.03
CA ASN D 909 -6.54 -10.36 -0.94
C ASN D 909 -5.18 -10.85 -1.37
N THR D 910 -4.38 -11.35 -0.43
CA THR D 910 -2.99 -11.62 -0.76
C THR D 910 -2.82 -12.89 -1.56
N ILE D 911 -3.88 -13.69 -1.70
CA ILE D 911 -3.85 -14.72 -2.74
C ILE D 911 -4.05 -14.10 -4.11
N ILE D 912 -4.92 -13.09 -4.20
CA ILE D 912 -5.26 -12.50 -5.50
C ILE D 912 -4.06 -11.79 -6.08
N CYS D 913 -3.39 -10.98 -5.27
CA CYS D 913 -2.17 -10.34 -5.70
C CYS D 913 -0.99 -11.30 -5.74
N ALA D 914 -1.20 -12.56 -5.37
CA ALA D 914 -0.20 -13.57 -5.68
C ALA D 914 -0.46 -14.17 -7.05
N ARG D 915 -1.73 -14.37 -7.40
CA ARG D 915 -2.03 -14.95 -8.69
C ARG D 915 -1.73 -13.99 -9.81
N ALA D 916 -1.85 -12.69 -9.58
CA ALA D 916 -1.38 -11.71 -10.54
C ALA D 916 0.12 -11.65 -10.63
N GLY D 917 0.85 -12.24 -9.70
CA GLY D 917 2.27 -12.46 -9.84
C GLY D 917 3.13 -11.23 -9.71
N LYS D 918 2.92 -10.43 -8.67
CA LYS D 918 3.70 -9.20 -8.57
C LYS D 918 5.09 -9.46 -8.03
N ASP D 919 5.19 -9.76 -6.73
CA ASP D 919 6.39 -10.20 -6.02
C ASP D 919 5.94 -10.59 -4.62
N LEU D 920 6.88 -10.75 -3.71
CA LEU D 920 6.50 -10.95 -2.32
C LEU D 920 5.95 -9.67 -1.71
N VAL D 921 6.75 -8.60 -1.68
CA VAL D 921 6.47 -7.54 -0.72
C VAL D 921 5.52 -6.48 -1.25
N SER D 922 5.21 -6.47 -2.54
CA SER D 922 4.05 -5.71 -2.97
C SER D 922 2.78 -6.53 -2.90
N SER D 923 2.88 -7.81 -2.55
CA SER D 923 1.71 -8.63 -2.31
C SER D 923 1.59 -9.05 -0.85
N LEU D 924 2.50 -8.59 -0.01
CA LEU D 924 2.24 -8.59 1.41
C LEU D 924 1.48 -7.35 1.80
N THR D 925 1.79 -6.23 1.16
CA THR D 925 1.17 -4.97 1.52
C THR D 925 -0.27 -4.84 1.05
N SER D 926 -0.71 -5.68 0.13
CA SER D 926 -2.12 -5.64 -0.23
C SER D 926 -2.94 -6.44 0.74
N GLY D 927 -2.30 -7.12 1.67
CA GLY D 927 -2.99 -7.94 2.63
C GLY D 927 -3.07 -7.31 3.99
N LEU D 928 -2.05 -6.55 4.38
CA LEU D 928 -2.17 -5.83 5.65
C LEU D 928 -2.97 -4.54 5.53
N LEU D 929 -3.67 -4.31 4.43
CA LEU D 929 -4.48 -3.11 4.33
C LEU D 929 -5.88 -3.39 4.83
N THR D 930 -6.17 -4.64 5.11
CA THR D 930 -7.50 -5.01 5.52
C THR D 930 -7.68 -5.08 7.03
N ILE D 931 -6.62 -4.94 7.81
CA ILE D 931 -6.78 -4.97 9.26
C ILE D 931 -7.33 -3.61 9.68
N GLY D 932 -8.63 -3.57 9.97
CA GLY D 932 -9.27 -2.30 10.20
C GLY D 932 -10.33 -2.36 11.26
N ASP D 933 -11.52 -1.87 10.97
CA ASP D 933 -12.58 -1.80 11.97
C ASP D 933 -13.73 -2.78 11.70
N ARG D 934 -13.60 -3.67 10.73
CA ARG D 934 -14.56 -4.75 10.58
C ARG D 934 -13.92 -6.10 10.33
N PHE D 935 -12.60 -6.20 10.33
CA PHE D 935 -11.91 -7.48 10.43
C PHE D 935 -10.64 -7.28 11.23
N GLY D 936 -10.40 -8.19 12.18
CA GLY D 936 -9.09 -8.37 12.77
C GLY D 936 -8.68 -7.34 13.79
N GLY D 937 -9.30 -6.17 13.82
CA GLY D 937 -9.12 -5.21 14.86
C GLY D 937 -10.03 -5.43 16.04
N ALA D 938 -10.64 -6.63 16.14
CA ALA D 938 -11.45 -6.96 17.29
C ALA D 938 -10.64 -7.09 18.57
N LEU D 939 -9.32 -7.26 18.45
CA LEU D 939 -8.43 -7.11 19.61
C LEU D 939 -8.61 -5.76 20.27
N ASP D 940 -8.66 -4.70 19.47
CA ASP D 940 -8.74 -3.36 20.03
C ASP D 940 -10.10 -3.10 20.68
N ALA D 941 -11.16 -3.71 20.18
CA ALA D 941 -12.44 -3.57 20.86
C ALA D 941 -12.55 -4.48 22.07
N ALA D 942 -11.89 -5.63 22.07
CA ALA D 942 -11.92 -6.54 23.22
C ALA D 942 -10.85 -6.23 24.25
N ALA D 943 -10.29 -5.02 24.23
CA ALA D 943 -9.55 -4.49 25.36
C ALA D 943 -10.18 -3.22 25.89
N LYS D 944 -10.59 -2.31 25.01
CA LYS D 944 -11.17 -1.05 25.45
C LYS D 944 -12.65 -1.16 25.77
N MET D 945 -13.25 -2.34 25.64
CA MET D 945 -14.57 -2.55 26.22
C MET D 945 -14.44 -3.05 27.66
N PHE D 946 -13.32 -3.68 27.98
CA PHE D 946 -13.15 -4.27 29.30
C PHE D 946 -12.28 -3.42 30.20
N SER D 947 -11.28 -2.74 29.64
CA SER D 947 -10.42 -1.88 30.46
C SER D 947 -11.17 -0.65 30.93
N LYS D 948 -12.15 -0.19 30.17
CA LYS D 948 -13.03 0.85 30.69
C LYS D 948 -13.95 0.29 31.78
N ALA D 949 -14.61 -0.84 31.50
CA ALA D 949 -15.64 -1.37 32.38
C ALA D 949 -15.06 -2.21 33.52
N PHE D 950 -13.77 -2.07 33.81
CA PHE D 950 -13.24 -2.56 35.07
C PHE D 950 -12.61 -1.46 35.90
N ASP D 951 -11.77 -0.62 35.30
CA ASP D 951 -11.10 0.43 36.06
C ASP D 951 -12.08 1.49 36.51
N SER D 952 -13.04 1.85 35.66
CA SER D 952 -14.18 2.66 36.07
C SER D 952 -15.41 1.78 36.14
N GLY D 953 -15.22 0.56 36.65
CA GLY D 953 -16.09 -0.55 36.37
C GLY D 953 -17.32 -0.66 37.25
N ILE D 954 -18.08 -1.71 36.96
CA ILE D 954 -19.34 -2.03 37.59
C ILE D 954 -19.40 -3.55 37.74
N ILE D 955 -20.44 -4.04 38.39
CA ILE D 955 -20.67 -5.48 38.58
C ILE D 955 -20.85 -6.18 37.24
N PRO D 956 -20.55 -7.49 37.16
CA PRO D 956 -20.76 -8.21 35.89
C PRO D 956 -22.20 -8.25 35.42
N MET D 957 -23.15 -8.56 36.30
CA MET D 957 -24.55 -8.61 35.86
C MET D 957 -25.25 -7.26 35.99
N GLU D 958 -24.56 -6.21 35.59
CA GLU D 958 -25.15 -4.98 35.07
C GLU D 958 -24.39 -4.45 33.87
N PHE D 959 -23.12 -4.83 33.72
CA PHE D 959 -22.38 -4.62 32.49
C PHE D 959 -23.08 -5.27 31.31
N VAL D 960 -23.48 -6.54 31.46
CA VAL D 960 -24.23 -7.23 30.42
C VAL D 960 -25.62 -6.63 30.28
N ASN D 961 -26.20 -6.21 31.41
CA ASN D 961 -27.51 -5.58 31.37
C ASN D 961 -27.47 -4.21 30.70
N LYS D 962 -26.37 -3.46 30.86
CA LYS D 962 -26.25 -2.17 30.21
C LYS D 962 -26.15 -2.32 28.70
N MET D 963 -25.39 -3.29 28.23
CA MET D 963 -25.20 -3.46 26.79
C MET D 963 -26.47 -3.99 26.14
N LYS D 964 -27.18 -4.89 26.80
CA LYS D 964 -28.33 -5.54 26.20
C LYS D 964 -29.62 -4.73 26.39
N LYS D 965 -29.47 -3.43 26.59
CA LYS D 965 -30.54 -2.48 26.36
C LYS D 965 -30.14 -1.45 25.30
N GLU D 966 -29.03 -1.69 24.59
CA GLU D 966 -28.53 -0.73 23.61
C GLU D 966 -28.19 -1.36 22.26
N GLY D 967 -28.11 -2.68 22.16
CA GLY D 967 -27.41 -3.32 21.06
C GLY D 967 -25.99 -3.64 21.47
N LYS D 968 -25.02 -3.24 20.64
CA LYS D 968 -23.57 -3.20 20.89
C LYS D 968 -23.00 -4.42 21.61
N LEU D 969 -23.03 -5.57 20.92
CA LEU D 969 -22.62 -6.85 21.48
C LEU D 969 -21.16 -6.84 21.96
N ILE D 970 -20.88 -7.69 22.94
CA ILE D 970 -19.56 -7.74 23.55
C ILE D 970 -18.55 -8.28 22.56
N MET D 971 -17.57 -7.46 22.22
CA MET D 971 -16.57 -7.89 21.26
C MET D 971 -15.58 -8.84 21.90
N GLY D 972 -14.97 -9.70 21.09
CA GLY D 972 -14.15 -10.77 21.59
C GLY D 972 -14.91 -11.99 21.99
N ILE D 973 -16.24 -11.97 21.87
CA ILE D 973 -17.11 -13.06 22.29
C ILE D 973 -18.06 -13.39 21.15
N GLY D 974 -18.08 -14.66 20.75
CA GLY D 974 -18.93 -15.11 19.66
C GLY D 974 -18.16 -16.08 18.79
N HIS D 975 -18.70 -17.27 18.60
CA HIS D 975 -17.99 -18.33 17.91
C HIS D 975 -19.01 -19.29 17.35
N ARG D 976 -18.85 -19.65 16.08
CA ARG D 976 -19.90 -20.37 15.40
C ARG D 976 -19.91 -21.87 15.67
N VAL D 977 -18.83 -22.45 16.18
CA VAL D 977 -18.73 -23.90 16.13
C VAL D 977 -18.66 -24.54 17.52
N LYS D 978 -17.62 -24.26 18.29
CA LYS D 978 -17.35 -25.01 19.52
C LYS D 978 -17.27 -24.06 20.70
N SER D 979 -18.29 -24.08 21.57
CA SER D 979 -18.25 -23.23 22.74
C SER D 979 -18.30 -23.98 24.07
N ILE D 980 -19.36 -24.75 24.32
CA ILE D 980 -19.66 -25.27 25.64
C ILE D 980 -19.63 -26.79 25.57
N ASN D 981 -18.96 -27.41 26.56
CA ASN D 981 -18.64 -28.83 26.69
C ASN D 981 -17.67 -29.30 25.61
N ASN D 982 -17.11 -28.37 24.85
CA ASN D 982 -16.31 -28.62 23.67
C ASN D 982 -15.54 -27.34 23.37
N PRO D 983 -14.41 -27.11 24.01
CA PRO D 983 -13.67 -25.86 23.82
C PRO D 983 -12.91 -25.86 22.50
N ASP D 984 -12.37 -24.69 22.15
CA ASP D 984 -11.66 -24.52 20.89
C ASP D 984 -10.21 -25.02 20.96
N MET D 985 -9.79 -25.55 22.10
CA MET D 985 -8.54 -26.27 22.36
C MET D 985 -7.29 -25.40 22.25
N ARG D 986 -7.40 -24.13 21.88
CA ARG D 986 -6.27 -23.21 21.94
C ARG D 986 -6.54 -22.00 22.81
N VAL D 987 -7.80 -21.62 23.02
CA VAL D 987 -8.11 -20.64 24.04
C VAL D 987 -7.80 -21.18 25.44
N GLN D 988 -7.87 -22.50 25.61
CA GLN D 988 -7.47 -23.12 26.86
C GLN D 988 -5.97 -23.35 26.94
N ILE D 989 -5.28 -23.34 25.80
CA ILE D 989 -3.82 -23.44 25.80
C ILE D 989 -3.20 -22.26 26.51
N LEU D 990 -3.68 -21.05 26.20
CA LEU D 990 -3.19 -19.89 26.91
C LEU D 990 -3.72 -19.83 28.34
N LYS D 991 -4.78 -20.57 28.65
CA LYS D 991 -5.48 -20.39 29.92
C LYS D 991 -4.65 -20.89 31.09
N ASP D 992 -3.86 -21.95 30.89
CA ASP D 992 -2.99 -22.35 31.99
C ASP D 992 -1.68 -21.56 32.02
N TYR D 993 -1.20 -21.11 30.86
CA TYR D 993 0.06 -20.38 30.84
C TYR D 993 -0.11 -18.98 31.40
N VAL D 994 -1.35 -18.48 31.44
CA VAL D 994 -1.60 -17.26 32.19
C VAL D 994 -1.93 -17.62 33.65
N ARG D 995 -2.22 -18.89 33.93
CA ARG D 995 -2.49 -19.26 35.32
C ARG D 995 -1.23 -19.50 36.13
N GLN D 996 -0.12 -19.91 35.51
CA GLN D 996 1.04 -20.22 36.33
C GLN D 996 1.86 -18.99 36.62
N HIS D 997 2.45 -18.42 35.58
CA HIS D 997 3.48 -17.40 35.77
C HIS D 997 2.89 -16.01 35.68
N PHE D 998 1.81 -15.72 36.39
CA PHE D 998 1.16 -14.42 36.29
C PHE D 998 0.42 -14.14 37.56
N PRO D 999 1.07 -13.53 38.54
CA PRO D 999 0.34 -13.01 39.69
C PRO D 999 -0.43 -11.76 39.31
N ALA D 1000 -1.41 -11.42 40.17
CA ALA D 1000 -2.19 -10.19 40.13
C ALA D 1000 -2.92 -10.03 38.78
N THR D 1001 -3.92 -10.89 38.60
CA THR D 1001 -4.74 -10.82 37.39
C THR D 1001 -6.15 -10.33 37.72
N PRO D 1002 -6.39 -9.02 37.73
CA PRO D 1002 -7.75 -8.53 37.98
C PRO D 1002 -8.65 -8.71 36.78
N LEU D 1003 -8.13 -8.44 35.58
CA LEU D 1003 -8.97 -8.37 34.39
C LEU D 1003 -9.44 -9.74 33.96
N LEU D 1004 -8.55 -10.73 33.96
CA LEU D 1004 -8.91 -12.03 33.40
C LEU D 1004 -9.87 -12.77 34.31
N ASP D 1005 -9.74 -12.61 35.62
CA ASP D 1005 -10.75 -13.14 36.52
C ASP D 1005 -12.04 -12.34 36.44
N TYR D 1006 -11.94 -11.06 36.07
CA TYR D 1006 -13.13 -10.31 35.69
C TYR D 1006 -13.61 -10.70 34.30
N ALA D 1007 -12.72 -11.22 33.46
CA ALA D 1007 -13.14 -11.66 32.13
C ALA D 1007 -13.94 -12.96 32.21
N LEU D 1008 -13.48 -13.91 33.03
CA LEU D 1008 -14.18 -15.18 33.17
C LEU D 1008 -15.54 -15.02 33.84
N GLU D 1009 -15.72 -13.99 34.66
CA GLU D 1009 -17.01 -13.80 35.31
C GLU D 1009 -18.02 -13.14 34.39
N VAL D 1010 -17.56 -12.51 33.30
CA VAL D 1010 -18.50 -12.10 32.26
C VAL D 1010 -18.83 -13.31 31.39
N GLU D 1011 -17.96 -14.30 31.37
CA GLU D 1011 -18.22 -15.51 30.60
C GLU D 1011 -19.32 -16.35 31.23
N LYS D 1012 -19.24 -16.57 32.55
CA LYS D 1012 -20.09 -17.53 33.24
C LYS D 1012 -21.57 -17.13 33.22
N ILE D 1013 -21.84 -15.84 33.31
CA ILE D 1013 -23.21 -15.35 33.16
C ILE D 1013 -23.69 -15.56 31.73
N THR D 1014 -22.81 -15.37 30.76
CA THR D 1014 -23.24 -15.45 29.36
C THR D 1014 -23.32 -16.87 28.85
N THR D 1015 -22.46 -17.77 29.35
CA THR D 1015 -22.55 -19.17 28.96
C THR D 1015 -23.85 -19.81 29.44
N SER D 1016 -24.39 -19.33 30.55
CA SER D 1016 -25.74 -19.74 30.92
C SER D 1016 -26.78 -19.11 30.01
N LYS D 1017 -26.48 -17.94 29.44
CA LYS D 1017 -27.46 -17.26 28.60
C LYS D 1017 -27.57 -17.87 27.22
N LYS D 1018 -26.46 -18.36 26.67
CA LYS D 1018 -26.45 -18.94 25.33
C LYS D 1018 -25.47 -20.10 25.29
N PRO D 1019 -25.75 -21.12 24.46
CA PRO D 1019 -24.78 -22.22 24.34
C PRO D 1019 -23.52 -21.85 23.59
N ASN D 1020 -23.55 -20.74 22.87
CA ASN D 1020 -22.35 -20.14 22.30
C ASN D 1020 -21.80 -19.13 23.29
N LEU D 1021 -21.00 -18.18 22.80
CA LEU D 1021 -20.51 -17.01 23.55
C LEU D 1021 -19.52 -17.40 24.64
N ILE D 1022 -18.51 -18.12 24.24
CA ILE D 1022 -17.29 -18.25 25.02
C ILE D 1022 -16.37 -17.09 24.64
N LEU D 1023 -15.39 -16.78 25.48
CA LEU D 1023 -14.31 -15.88 25.06
C LEU D 1023 -13.56 -16.46 23.89
N ASN D 1024 -13.44 -15.66 22.83
CA ASN D 1024 -12.72 -16.11 21.65
C ASN D 1024 -11.22 -16.01 21.90
N VAL D 1025 -10.44 -16.53 20.95
CA VAL D 1025 -9.00 -16.44 21.07
C VAL D 1025 -8.55 -14.99 20.90
N ASP D 1026 -9.32 -14.20 20.16
CA ASP D 1026 -9.01 -12.78 20.06
C ASP D 1026 -9.48 -12.05 21.30
N GLY D 1027 -10.50 -12.58 21.99
CA GLY D 1027 -10.99 -11.93 23.19
C GLY D 1027 -10.08 -12.10 24.38
N LEU D 1028 -9.51 -13.31 24.55
CA LEU D 1028 -8.59 -13.56 25.66
C LEU D 1028 -7.32 -12.75 25.51
N ILE D 1029 -6.78 -12.70 24.30
CA ILE D 1029 -5.57 -11.94 24.03
C ILE D 1029 -5.82 -10.44 24.17
N GLY D 1030 -7.07 -10.03 23.97
CA GLY D 1030 -7.45 -8.66 24.29
C GLY D 1030 -7.35 -8.34 25.77
N VAL D 1031 -7.41 -9.35 26.63
CA VAL D 1031 -7.24 -9.10 28.07
C VAL D 1031 -6.00 -9.78 28.63
N ALA D 1032 -5.50 -10.83 27.97
CA ALA D 1032 -4.26 -11.43 28.45
C ALA D 1032 -3.05 -10.56 28.19
N PHE D 1033 -3.16 -9.61 27.26
CA PHE D 1033 -2.06 -8.71 27.02
C PHE D 1033 -2.08 -7.51 27.94
N VAL D 1034 -3.27 -7.01 28.30
CA VAL D 1034 -3.30 -5.91 29.26
C VAL D 1034 -3.07 -6.42 30.67
N ASP D 1035 -3.30 -7.72 30.89
CA ASP D 1035 -2.93 -8.32 32.15
C ASP D 1035 -1.44 -8.67 32.15
N MET D 1036 -0.79 -8.58 31.00
CA MET D 1036 0.66 -8.67 31.00
C MET D 1036 1.27 -7.36 31.46
N LEU D 1037 0.63 -6.24 31.13
CA LEU D 1037 1.24 -4.95 31.41
C LEU D 1037 1.13 -4.58 32.88
N ARG D 1038 -0.09 -4.41 33.39
CA ARG D 1038 -0.29 -3.86 34.73
C ARG D 1038 -0.17 -4.90 35.83
N ASN D 1039 0.35 -6.09 35.53
CA ASN D 1039 0.76 -7.05 36.53
C ASN D 1039 2.26 -7.23 36.61
N CYS D 1040 2.96 -7.12 35.49
CA CYS D 1040 4.41 -7.15 35.51
C CYS D 1040 4.94 -5.83 36.05
N GLY D 1041 6.21 -5.84 36.43
CA GLY D 1041 6.88 -4.64 36.86
C GLY D 1041 7.24 -3.74 35.71
N SER D 1042 7.89 -2.62 36.05
CA SER D 1042 8.45 -1.60 35.15
C SER D 1042 7.42 -0.90 34.26
N PHE D 1043 6.14 -1.14 34.50
CA PHE D 1043 5.08 -0.38 33.85
C PHE D 1043 4.07 -0.03 34.93
N THR D 1044 3.95 1.26 35.24
CA THR D 1044 3.22 1.58 36.45
C THR D 1044 1.71 1.64 36.25
N ARG D 1045 1.23 2.76 35.74
CA ARG D 1045 -0.17 2.91 35.35
C ARG D 1045 -0.30 3.82 34.14
N GLU D 1046 0.80 4.32 33.58
CA GLU D 1046 0.75 5.36 32.59
C GLU D 1046 1.33 4.94 31.26
N GLU D 1047 2.26 4.00 31.27
CA GLU D 1047 2.65 3.30 30.06
C GLU D 1047 1.79 2.07 29.82
N ALA D 1048 0.97 1.69 30.81
CA ALA D 1048 0.12 0.52 30.64
C ALA D 1048 -1.14 0.86 29.86
N ASP D 1049 -1.66 2.07 30.04
CA ASP D 1049 -2.91 2.42 29.39
C ASP D 1049 -2.70 3.15 28.08
N GLU D 1050 -1.66 3.97 27.99
CA GLU D 1050 -1.40 4.73 26.78
C GLU D 1050 -0.93 3.83 25.66
N TYR D 1051 -0.23 2.74 25.98
CA TYR D 1051 0.24 1.86 24.94
C TYR D 1051 -0.85 0.96 24.42
N ILE D 1052 -1.97 0.87 25.14
CA ILE D 1052 -3.15 0.30 24.52
C ILE D 1052 -3.92 1.38 23.80
N ASP D 1053 -3.71 2.64 24.17
CA ASP D 1053 -4.45 3.74 23.56
C ASP D 1053 -3.88 4.08 22.18
N ILE D 1054 -2.55 4.02 22.02
CA ILE D 1054 -1.93 4.26 20.72
C ILE D 1054 -2.31 3.16 19.74
N GLY D 1055 -2.31 1.92 20.19
CA GLY D 1055 -2.68 0.83 19.33
C GLY D 1055 -1.56 -0.16 19.15
N ALA D 1056 -0.69 -0.29 20.17
CA ALA D 1056 0.37 -1.29 20.11
C ALA D 1056 -0.16 -2.70 20.18
N LEU D 1057 -1.39 -2.88 20.66
CA LEU D 1057 -2.01 -4.18 20.66
C LEU D 1057 -2.42 -4.62 19.26
N ASN D 1058 -2.70 -3.67 18.35
CA ASN D 1058 -2.76 -4.01 16.93
C ASN D 1058 -1.41 -4.48 16.42
N GLY D 1059 -0.32 -4.02 17.05
CA GLY D 1059 0.99 -4.43 16.64
C GLY D 1059 1.26 -5.91 16.86
N ILE D 1060 0.60 -6.52 17.85
CA ILE D 1060 0.73 -7.96 18.01
C ILE D 1060 0.04 -8.68 16.86
N PHE D 1061 -1.07 -8.11 16.39
CA PHE D 1061 -1.84 -8.78 15.36
C PHE D 1061 -1.16 -8.71 14.01
N VAL D 1062 -0.83 -7.50 13.55
CA VAL D 1062 -0.27 -7.39 12.21
C VAL D 1062 1.19 -7.75 12.15
N LEU D 1063 1.80 -8.06 13.28
CA LEU D 1063 3.03 -8.83 13.22
C LEU D 1063 2.72 -10.31 13.14
N GLY D 1064 1.58 -10.73 13.68
CA GLY D 1064 1.27 -12.13 13.75
C GLY D 1064 0.74 -12.66 12.44
N ARG D 1065 -0.31 -12.01 11.92
CA ARG D 1065 -0.91 -12.40 10.67
C ARG D 1065 -0.01 -12.11 9.47
N SER D 1066 1.06 -11.35 9.67
CA SER D 1066 2.00 -11.12 8.59
C SER D 1066 2.84 -12.36 8.31
N MET D 1067 3.09 -13.21 9.30
CA MET D 1067 3.92 -14.37 9.01
C MET D 1067 3.12 -15.46 8.31
N GLY D 1068 1.80 -15.40 8.42
CA GLY D 1068 0.99 -16.36 7.69
C GLY D 1068 0.68 -15.95 6.28
N PHE D 1069 0.59 -14.65 6.02
CA PHE D 1069 0.29 -14.16 4.68
C PHE D 1069 1.38 -14.54 3.70
N ILE D 1070 2.63 -14.40 4.13
CA ILE D 1070 3.73 -14.84 3.30
C ILE D 1070 3.69 -16.34 3.14
N GLY D 1071 3.30 -17.05 4.19
CA GLY D 1071 3.10 -18.48 4.07
C GLY D 1071 1.93 -18.84 3.19
N HIS D 1072 0.89 -18.00 3.19
CA HIS D 1072 -0.13 -18.12 2.15
C HIS D 1072 0.45 -17.79 0.79
N TYR D 1073 1.36 -16.82 0.73
CA TYR D 1073 1.87 -16.37 -0.55
C TYR D 1073 2.80 -17.39 -1.18
N LEU D 1074 3.74 -17.93 -0.40
CA LEU D 1074 4.72 -18.87 -0.93
C LEU D 1074 4.07 -20.16 -1.39
N ASP D 1075 2.97 -20.55 -0.77
CA ASP D 1075 2.18 -21.65 -1.27
C ASP D 1075 1.54 -21.30 -2.60
N GLN D 1076 1.11 -20.06 -2.77
CA GLN D 1076 0.43 -19.66 -4.00
C GLN D 1076 1.39 -19.40 -5.14
N LYS D 1077 2.69 -19.52 -4.92
CA LYS D 1077 3.62 -19.38 -6.03
C LYS D 1077 4.34 -20.68 -6.33
N ARG D 1078 4.43 -21.59 -5.36
CA ARG D 1078 5.04 -22.88 -5.65
C ARG D 1078 4.17 -23.70 -6.57
N LEU D 1079 2.86 -23.66 -6.37
CA LEU D 1079 1.95 -24.46 -7.19
C LEU D 1079 1.75 -23.89 -8.58
N LYS D 1080 2.26 -22.68 -8.85
CA LYS D 1080 2.33 -22.06 -10.18
C LYS D 1080 0.95 -21.90 -10.80
N GLN D 1081 0.12 -21.12 -10.14
CA GLN D 1081 -1.24 -20.92 -10.58
C GLN D 1081 -1.33 -19.76 -11.56
N GLY D 1082 -2.42 -19.73 -12.32
CA GLY D 1082 -2.67 -18.67 -13.27
C GLY D 1082 -3.57 -17.58 -12.72
N LEU D 1083 -3.91 -16.63 -13.58
CA LEU D 1083 -4.64 -15.44 -13.15
C LEU D 1083 -6.08 -15.79 -12.82
N TYR D 1084 -6.61 -15.18 -11.75
CA TYR D 1084 -7.98 -15.41 -11.31
C TYR D 1084 -8.92 -14.41 -11.96
N ARG D 1085 -10.19 -14.78 -12.08
CA ARG D 1085 -11.14 -14.02 -12.88
C ARG D 1085 -12.48 -13.75 -12.19
N HIS D 1086 -12.89 -14.56 -11.20
CA HIS D 1086 -14.15 -14.43 -10.45
C HIS D 1086 -15.37 -14.36 -11.33
N PRO D 1087 -15.88 -15.50 -11.84
CA PRO D 1087 -16.82 -15.52 -12.97
C PRO D 1087 -18.12 -14.77 -12.77
N TRP D 1088 -18.80 -14.51 -13.90
CA TRP D 1088 -19.91 -13.55 -13.94
C TRP D 1088 -21.12 -14.02 -13.16
N ASP D 1089 -21.27 -15.32 -12.94
CA ASP D 1089 -22.50 -15.81 -12.31
C ASP D 1089 -22.50 -15.67 -10.79
N ASP D 1090 -22.16 -14.50 -10.29
CA ASP D 1090 -22.55 -14.06 -8.97
C ASP D 1090 -22.85 -12.57 -8.96
N ILE D 1091 -22.71 -11.88 -10.09
CA ILE D 1091 -22.59 -10.42 -10.07
C ILE D 1091 -23.95 -9.74 -9.98
N SER D 1092 -24.83 -10.01 -10.94
CA SER D 1092 -26.21 -9.49 -10.98
C SER D 1092 -26.22 -7.95 -10.97
N TYR D 1093 -25.81 -7.40 -12.11
CA TYR D 1093 -25.72 -5.96 -12.33
C TYR D 1093 -27.06 -5.25 -12.14
N VAL D 1094 -27.02 -4.10 -11.47
CA VAL D 1094 -28.21 -3.38 -11.05
C VAL D 1094 -28.17 -1.98 -11.67
N LEU D 1095 -27.71 -1.91 -12.91
CA LEU D 1095 -27.71 -0.63 -13.63
C LEU D 1095 -29.13 -0.11 -13.80
N PRO D 1096 -29.34 1.21 -13.72
CA PRO D 1096 -30.69 1.75 -13.88
C PRO D 1096 -31.16 1.76 -15.33
N GLU D 1097 -32.31 2.39 -15.58
CA GLU D 1097 -32.98 2.28 -16.88
C GLU D 1097 -32.23 3.03 -17.98
N HIS D 1098 -32.18 4.36 -17.88
CA HIS D 1098 -31.57 5.17 -18.93
C HIS D 1098 -31.19 6.52 -18.35
N MET D 1099 -30.04 7.03 -18.79
CA MET D 1099 -29.51 8.29 -18.28
C MET D 1099 -28.69 9.01 -19.34
#